data_3TXX
#
_entry.id   3TXX
#
_cell.length_a   273.856
_cell.length_b   87.791
_cell.length_c   241.299
_cell.angle_alpha   90.000
_cell.angle_beta   114.080
_cell.angle_gamma   90.000
#
_symmetry.space_group_name_H-M   'C 1 2 1'
#
loop_
_entity.id
_entity.type
_entity.pdbx_description
1 polymer 'Putrescine carbamoyltransferase'
2 non-polymer 'SULFATE ION'
#
_entity_poly.entity_id   1
_entity_poly.type   'polypeptide(L)'
_entity_poly.pdbx_seq_one_letter_code
;MGSSHHHHHHSSGLVPRGSHMKRDYVTTETYTKEEMHYLVDLSLKIKEAIKNGYYPQLLKNKSLGMIFQQSSTRTRVSFE
TAMEQLGGHGEYLAPGQIQLGGHETIEDTSRVLSRLVDILMARVERHHSIVDLANCATIPVINGMSDYNHPTQELGDLCT
MVEHLPEGKKLEDCKVVFVGDATQVCFSLGLITTKMGMNFVHFGPEGFQLNEEHQAKLAKNCEVSGGSFLVTDDASSVEG
ADFLYTDVWYGLYEAELSEEERMKVFYPKYQVNQEMMDRAGANCKFMHCLPATRGEEVTDEVIDGKNSICFDEAENRLTS
IRGLLVYLMNDYEAKNPYDLIKQAEAKKELEVFLDTQSI
;
_entity_poly.pdbx_strand_id   A,B,C,D,E,F,G,H,I,J,K,L
#
loop_
_chem_comp.id
_chem_comp.type
_chem_comp.name
_chem_comp.formula
SO4 non-polymer 'SULFATE ION' 'O4 S -2'
#
# COMPACT_ATOMS: atom_id res chain seq x y z
N HIS A 20 -39.63 -32.68 -11.58
CA HIS A 20 -39.09 -32.90 -12.93
C HIS A 20 -37.71 -33.53 -12.86
N MET A 21 -37.50 -34.69 -13.49
CA MET A 21 -36.16 -35.04 -13.99
C MET A 21 -35.03 -34.20 -13.38
N LYS A 22 -34.83 -34.37 -12.07
CA LYS A 22 -33.86 -33.62 -11.25
C LYS A 22 -34.44 -33.58 -9.85
N ARG A 23 -33.63 -33.18 -8.88
CA ARG A 23 -34.14 -33.02 -7.52
C ARG A 23 -33.40 -31.93 -6.80
N ASP A 24 -34.11 -31.19 -5.95
CA ASP A 24 -33.51 -30.09 -5.21
C ASP A 24 -33.31 -30.47 -3.74
N TYR A 25 -32.69 -29.57 -2.99
CA TYR A 25 -32.50 -29.74 -1.56
C TYR A 25 -32.83 -28.43 -0.86
N VAL A 26 -34.11 -28.17 -0.67
CA VAL A 26 -34.53 -26.89 -0.10
C VAL A 26 -34.89 -27.02 1.35
N THR A 27 -35.60 -28.11 1.69
CA THR A 27 -35.75 -28.50 3.10
C THR A 27 -35.89 -30.00 3.22
N THR A 28 -35.51 -30.52 4.41
CA THR A 28 -35.57 -31.95 4.66
C THR A 28 -36.99 -32.46 4.80
N GLU A 29 -37.94 -31.56 4.61
CA GLU A 29 -39.35 -31.93 4.71
C GLU A 29 -39.72 -32.80 3.53
N THR A 30 -38.94 -32.70 2.45
CA THR A 30 -39.18 -33.46 1.24
C THR A 30 -38.43 -34.80 1.23
N TYR A 31 -37.63 -35.05 2.27
CA TYR A 31 -36.85 -36.30 2.35
C TYR A 31 -37.35 -37.20 3.47
N THR A 32 -37.37 -38.51 3.19
CA THR A 32 -37.80 -39.50 4.16
C THR A 32 -36.64 -39.85 5.09
N LYS A 33 -36.96 -40.42 6.25
CA LYS A 33 -35.91 -40.86 7.17
C LYS A 33 -34.87 -41.70 6.43
N GLU A 34 -35.34 -42.63 5.61
CA GLU A 34 -34.44 -43.56 4.91
C GLU A 34 -33.53 -42.81 3.97
N GLU A 35 -34.10 -41.85 3.25
CA GLU A 35 -33.32 -41.04 2.32
C GLU A 35 -32.22 -40.29 3.07
N MET A 36 -32.55 -39.77 4.26
CA MET A 36 -31.56 -39.03 5.03
C MET A 36 -30.49 -40.01 5.48
N HIS A 37 -30.91 -41.22 5.87
CA HIS A 37 -29.93 -42.24 6.21
C HIS A 37 -28.95 -42.43 5.06
N TYR A 38 -29.49 -42.70 3.86
CA TYR A 38 -28.65 -42.81 2.67
C TYR A 38 -27.61 -41.70 2.62
N LEU A 39 -28.08 -40.47 2.66
CA LEU A 39 -27.21 -39.32 2.62
C LEU A 39 -26.09 -39.38 3.67
N VAL A 40 -26.45 -39.67 4.92
CA VAL A 40 -25.44 -39.74 5.96
C VAL A 40 -24.39 -40.79 5.61
N ASP A 41 -24.84 -41.95 5.14
CA ASP A 41 -23.93 -43.04 4.80
C ASP A 41 -23.01 -42.63 3.66
N LEU A 42 -23.60 -42.16 2.57
CA LEU A 42 -22.83 -41.66 1.45
C LEU A 42 -21.82 -40.60 1.91
N SER A 43 -22.29 -39.57 2.63
CA SER A 43 -21.44 -38.52 3.12
C SER A 43 -20.24 -39.03 3.90
N LEU A 44 -20.52 -39.98 4.79
CA LEU A 44 -19.52 -40.54 5.67
C LEU A 44 -18.53 -41.49 4.95
N LYS A 45 -19.02 -42.33 4.04
CA LYS A 45 -18.15 -43.21 3.24
C LYS A 45 -17.11 -42.36 2.48
N ILE A 46 -17.58 -41.27 1.88
CA ILE A 46 -16.74 -40.31 1.20
C ILE A 46 -15.77 -39.66 2.19
N LYS A 47 -16.27 -39.29 3.37
CA LYS A 47 -15.40 -38.70 4.37
C LYS A 47 -14.22 -39.62 4.66
N GLU A 48 -14.52 -40.90 4.85
CA GLU A 48 -13.48 -41.85 5.21
C GLU A 48 -12.44 -42.04 4.10
N ALA A 49 -12.88 -41.95 2.86
CA ALA A 49 -11.96 -42.04 1.74
C ALA A 49 -11.01 -40.83 1.73
N ILE A 50 -11.58 -39.65 1.84
CA ILE A 50 -10.77 -38.47 1.73
C ILE A 50 -9.91 -38.37 2.96
N LYS A 51 -10.45 -38.79 4.09
CA LYS A 51 -9.71 -38.76 5.34
C LYS A 51 -8.40 -39.54 5.18
N ASN A 52 -8.42 -40.49 4.24
CA ASN A 52 -7.29 -41.40 4.09
C ASN A 52 -6.53 -41.29 2.77
N GLY A 53 -6.73 -40.19 2.07
CA GLY A 53 -5.90 -39.88 0.93
C GLY A 53 -6.47 -40.23 -0.43
N TYR A 54 -7.69 -40.79 -0.44
CA TYR A 54 -8.34 -41.09 -1.70
C TYR A 54 -9.36 -40.00 -1.97
N TYR A 55 -9.20 -39.28 -3.07
CA TYR A 55 -10.15 -38.26 -3.45
C TYR A 55 -11.03 -38.73 -4.60
N PRO A 56 -12.22 -39.24 -4.26
CA PRO A 56 -13.24 -39.73 -5.21
C PRO A 56 -13.64 -38.65 -6.21
N GLN A 57 -13.23 -38.78 -7.46
CA GLN A 57 -13.55 -37.76 -8.46
C GLN A 57 -14.95 -37.98 -9.03
N LEU A 58 -15.97 -37.81 -8.20
CA LEU A 58 -17.34 -38.12 -8.61
C LEU A 58 -17.94 -36.97 -9.40
N LEU A 59 -17.32 -35.79 -9.32
CA LEU A 59 -17.87 -34.61 -9.99
C LEU A 59 -16.91 -33.99 -11.01
N LYS A 60 -16.15 -34.82 -11.72
CA LYS A 60 -15.14 -34.31 -12.66
C LYS A 60 -15.76 -33.30 -13.63
N ASN A 61 -15.16 -32.12 -13.69
CA ASN A 61 -15.53 -31.11 -14.71
C ASN A 61 -16.87 -30.40 -14.49
N LYS A 62 -17.55 -30.76 -13.40
CA LYS A 62 -18.87 -30.19 -13.14
C LYS A 62 -18.73 -28.85 -12.46
N SER A 63 -19.59 -27.92 -12.85
CA SER A 63 -19.53 -26.56 -12.34
C SER A 63 -20.70 -26.26 -11.43
N LEU A 64 -20.39 -25.78 -10.24
CA LEU A 64 -21.40 -25.37 -9.27
C LEU A 64 -21.44 -23.86 -9.15
N GLY A 65 -22.62 -23.28 -9.29
CA GLY A 65 -22.75 -21.86 -9.11
C GLY A 65 -23.24 -21.54 -7.73
N MET A 66 -22.47 -20.71 -7.02
CA MET A 66 -22.80 -20.33 -5.65
C MET A 66 -23.30 -18.90 -5.58
N ILE A 67 -24.53 -18.73 -5.10
CA ILE A 67 -25.15 -17.44 -5.02
C ILE A 67 -25.28 -17.04 -3.57
N PHE A 68 -24.58 -16.00 -3.16
CA PHE A 68 -24.70 -15.50 -1.80
C PHE A 68 -25.33 -14.13 -1.81
N GLN A 69 -26.27 -13.89 -0.91
CA GLN A 69 -26.87 -12.57 -0.78
C GLN A 69 -26.38 -11.97 0.50
N GLN A 70 -25.79 -12.84 1.31
CA GLN A 70 -25.17 -12.44 2.55
C GLN A 70 -23.92 -13.28 2.64
N SER A 71 -22.76 -12.63 2.51
CA SER A 71 -21.50 -13.37 2.56
C SER A 71 -21.42 -14.38 3.71
N SER A 72 -20.85 -15.54 3.43
CA SER A 72 -20.68 -16.56 4.46
C SER A 72 -19.46 -17.43 4.17
N THR A 73 -18.32 -17.02 4.70
CA THR A 73 -17.07 -17.72 4.51
C THR A 73 -17.15 -19.23 4.81
N ARG A 74 -17.57 -19.60 6.02
CA ARG A 74 -17.72 -21.02 6.36
C ARG A 74 -18.48 -21.78 5.27
N THR A 75 -19.62 -21.24 4.84
CA THR A 75 -20.44 -21.87 3.80
C THR A 75 -19.79 -21.81 2.42
N ARG A 76 -19.17 -20.68 2.09
CA ARG A 76 -18.47 -20.56 0.83
C ARG A 76 -17.34 -21.58 0.69
N VAL A 77 -16.37 -21.55 1.62
CA VAL A 77 -15.17 -22.36 1.46
C VAL A 77 -15.54 -23.83 1.55
N SER A 78 -16.61 -24.11 2.27
CA SER A 78 -17.04 -25.50 2.37
C SER A 78 -17.39 -26.02 0.99
N PHE A 79 -18.20 -25.27 0.25
CA PHE A 79 -18.63 -25.68 -1.10
C PHE A 79 -17.47 -25.65 -2.09
N GLU A 80 -16.74 -24.54 -2.07
CA GLU A 80 -15.63 -24.31 -2.98
C GLU A 80 -14.66 -25.48 -2.89
N THR A 81 -14.37 -25.88 -1.65
CA THR A 81 -13.54 -27.04 -1.35
C THR A 81 -14.16 -28.38 -1.73
N ALA A 82 -15.35 -28.68 -1.22
CA ALA A 82 -16.05 -29.91 -1.58
C ALA A 82 -15.92 -30.18 -3.08
N MET A 83 -16.18 -29.16 -3.90
CA MET A 83 -16.09 -29.28 -5.34
C MET A 83 -14.70 -29.67 -5.81
N GLU A 84 -13.68 -28.95 -5.36
CA GLU A 84 -12.30 -29.28 -5.73
C GLU A 84 -11.94 -30.75 -5.46
N GLN A 85 -12.27 -31.24 -4.27
CA GLN A 85 -11.92 -32.60 -3.85
C GLN A 85 -12.55 -33.63 -4.77
N LEU A 86 -13.75 -33.33 -5.25
CA LEU A 86 -14.46 -34.27 -6.10
C LEU A 86 -14.18 -34.08 -7.60
N GLY A 87 -13.25 -33.19 -7.93
CA GLY A 87 -12.87 -32.97 -9.31
C GLY A 87 -13.65 -31.88 -10.04
N GLY A 88 -14.31 -31.03 -9.27
CA GLY A 88 -15.13 -29.96 -9.84
C GLY A 88 -14.65 -28.56 -9.48
N HIS A 89 -15.53 -27.59 -9.66
CA HIS A 89 -15.21 -26.21 -9.40
C HIS A 89 -16.41 -25.52 -8.80
N GLY A 90 -16.16 -24.61 -7.85
CA GLY A 90 -17.23 -23.76 -7.33
C GLY A 90 -17.11 -22.31 -7.72
N GLU A 91 -18.15 -21.80 -8.36
CA GLU A 91 -18.15 -20.42 -8.87
C GLU A 91 -18.88 -19.49 -7.93
N TYR A 92 -18.18 -18.47 -7.45
CA TYR A 92 -18.73 -17.53 -6.45
C TYR A 92 -19.34 -16.28 -7.05
N LEU A 93 -20.66 -16.16 -6.95
CA LEU A 93 -21.35 -14.96 -7.38
C LEU A 93 -21.62 -14.11 -6.16
N ALA A 94 -20.67 -13.24 -5.84
CA ALA A 94 -20.74 -12.40 -4.64
C ALA A 94 -22.10 -11.73 -4.49
N PRO A 95 -22.43 -11.34 -3.25
CA PRO A 95 -23.71 -10.70 -2.90
C PRO A 95 -24.24 -9.73 -3.96
N GLY A 96 -23.38 -8.81 -4.39
CA GLY A 96 -23.76 -7.87 -5.42
C GLY A 96 -23.60 -8.43 -6.83
N GLN A 97 -22.56 -9.25 -7.03
CA GLN A 97 -22.30 -9.83 -8.34
C GLN A 97 -23.62 -10.30 -8.96
N ILE A 98 -24.41 -11.05 -8.20
CA ILE A 98 -25.68 -11.57 -8.69
C ILE A 98 -26.78 -10.56 -8.62
N GLN A 99 -28.01 -11.08 -8.58
CA GLN A 99 -29.22 -10.26 -8.75
C GLN A 99 -30.54 -10.86 -8.23
N LEU A 100 -30.79 -12.15 -8.44
CA LEU A 100 -32.07 -12.80 -8.07
C LEU A 100 -33.20 -11.81 -7.74
N GLU A 104 -34.20 -8.31 -13.51
CA GLU A 104 -34.34 -9.55 -14.26
C GLU A 104 -35.07 -10.61 -13.40
N THR A 105 -36.26 -11.01 -13.82
CA THR A 105 -37.08 -11.94 -13.04
C THR A 105 -36.36 -13.24 -12.74
N ILE A 106 -36.64 -13.81 -11.58
CA ILE A 106 -36.04 -15.08 -11.21
C ILE A 106 -36.28 -16.12 -12.32
N GLU A 107 -37.43 -16.05 -13.00
CA GLU A 107 -37.70 -16.94 -14.12
C GLU A 107 -36.57 -16.90 -15.13
N ASP A 108 -36.15 -15.69 -15.50
CA ASP A 108 -35.03 -15.47 -16.42
C ASP A 108 -33.71 -15.93 -15.83
N THR A 109 -33.33 -15.37 -14.68
CA THR A 109 -32.10 -15.77 -14.01
C THR A 109 -31.97 -17.29 -13.88
N SER A 110 -33.03 -17.95 -13.43
CA SER A 110 -33.04 -19.40 -13.30
C SER A 110 -32.81 -20.07 -14.64
N ARG A 111 -33.51 -19.63 -15.67
CA ARG A 111 -33.45 -20.28 -16.97
C ARG A 111 -32.05 -20.25 -17.57
N VAL A 112 -31.36 -19.12 -17.41
CA VAL A 112 -30.06 -18.95 -18.05
C VAL A 112 -28.92 -19.52 -17.21
N LEU A 113 -29.08 -19.46 -15.89
CA LEU A 113 -28.13 -20.14 -15.00
C LEU A 113 -28.10 -21.64 -15.27
N SER A 114 -29.23 -22.20 -15.67
CA SER A 114 -29.34 -23.61 -15.95
C SER A 114 -28.54 -24.03 -17.16
N ARG A 115 -28.22 -23.07 -18.02
CA ARG A 115 -27.42 -23.36 -19.22
C ARG A 115 -25.94 -23.14 -18.98
N LEU A 116 -25.55 -22.65 -17.81
CA LEU A 116 -24.16 -22.26 -17.58
C LEU A 116 -23.45 -22.99 -16.45
N VAL A 117 -24.21 -23.61 -15.57
CA VAL A 117 -23.62 -24.46 -14.57
C VAL A 117 -24.42 -25.76 -14.42
N ASP A 118 -23.86 -26.70 -13.67
CA ASP A 118 -24.39 -28.05 -13.59
C ASP A 118 -25.32 -28.18 -12.40
N ILE A 119 -25.09 -27.33 -11.39
CA ILE A 119 -25.85 -27.37 -10.14
C ILE A 119 -25.75 -26.03 -9.40
N LEU A 120 -26.73 -25.77 -8.53
CA LEU A 120 -26.85 -24.44 -7.92
C LEU A 120 -27.03 -24.48 -6.41
N MET A 121 -26.36 -23.56 -5.74
CA MET A 121 -26.56 -23.35 -4.32
C MET A 121 -26.81 -21.86 -4.08
N ALA A 122 -27.60 -21.53 -3.06
CA ALA A 122 -27.94 -20.13 -2.83
C ALA A 122 -28.22 -19.82 -1.38
N ARG A 123 -27.42 -18.91 -0.81
CA ARG A 123 -27.62 -18.37 0.55
C ARG A 123 -28.48 -17.15 0.39
N VAL A 124 -29.80 -17.34 0.46
CA VAL A 124 -30.73 -16.28 0.14
C VAL A 124 -31.29 -15.63 1.42
N GLU A 125 -31.72 -14.38 1.31
CA GLU A 125 -32.19 -13.63 2.46
C GLU A 125 -33.59 -14.08 2.82
N ARG A 126 -34.47 -14.08 1.83
CA ARG A 126 -35.85 -14.50 2.01
C ARG A 126 -36.07 -15.87 1.39
N HIS A 127 -36.52 -16.81 2.20
CA HIS A 127 -36.68 -18.19 1.74
C HIS A 127 -37.49 -18.28 0.47
N HIS A 128 -38.57 -17.52 0.39
CA HIS A 128 -39.43 -17.60 -0.79
C HIS A 128 -38.59 -17.69 -2.09
N SER A 129 -37.49 -16.93 -2.16
CA SER A 129 -36.79 -16.79 -3.42
C SER A 129 -35.87 -17.98 -3.68
N ILE A 130 -35.47 -18.66 -2.63
CA ILE A 130 -34.67 -19.87 -2.81
C ILE A 130 -35.49 -20.96 -3.48
N VAL A 131 -36.78 -21.02 -3.15
CA VAL A 131 -37.63 -22.04 -3.75
C VAL A 131 -38.09 -21.62 -5.14
N ASP A 132 -38.38 -20.32 -5.32
CA ASP A 132 -38.64 -19.78 -6.65
C ASP A 132 -37.51 -20.19 -7.61
N LEU A 133 -36.30 -20.14 -7.10
CA LEU A 133 -35.14 -20.55 -7.87
C LEU A 133 -35.18 -22.05 -8.15
N ALA A 134 -35.42 -22.84 -7.10
CA ALA A 134 -35.48 -24.28 -7.25
C ALA A 134 -36.58 -24.69 -8.22
N ASN A 135 -37.65 -23.90 -8.28
CA ASN A 135 -38.79 -24.25 -9.12
C ASN A 135 -38.55 -23.92 -10.58
N CYS A 136 -37.78 -22.86 -10.82
CA CYS A 136 -37.60 -22.36 -12.17
C CYS A 136 -36.31 -22.84 -12.84
N ALA A 137 -35.39 -23.36 -12.05
CA ALA A 137 -34.17 -23.94 -12.61
C ALA A 137 -34.39 -25.37 -13.04
N THR A 138 -33.66 -25.80 -14.06
CA THR A 138 -33.78 -27.16 -14.55
C THR A 138 -32.69 -28.03 -13.95
N ILE A 139 -31.75 -27.39 -13.26
CA ILE A 139 -30.68 -28.09 -12.56
C ILE A 139 -30.94 -28.11 -11.06
N PRO A 140 -30.33 -29.07 -10.34
CA PRO A 140 -30.55 -29.19 -8.90
C PRO A 140 -30.17 -27.93 -8.16
N VAL A 141 -31.00 -27.55 -7.18
CA VAL A 141 -30.77 -26.37 -6.36
C VAL A 141 -30.61 -26.72 -4.88
N ILE A 142 -29.63 -26.11 -4.22
CA ILE A 142 -29.36 -26.40 -2.82
C ILE A 142 -29.52 -25.14 -2.02
N ASN A 143 -30.17 -25.27 -0.87
CA ASN A 143 -30.44 -24.13 -0.01
C ASN A 143 -29.29 -23.89 0.99
N GLY A 144 -28.43 -22.93 0.68
CA GLY A 144 -27.31 -22.59 1.52
C GLY A 144 -27.73 -22.16 2.90
N MET A 145 -28.92 -21.54 2.96
CA MET A 145 -29.57 -21.10 4.20
C MET A 145 -30.44 -19.89 3.94
N SER A 146 -31.67 -19.96 4.40
CA SER A 146 -32.60 -18.86 4.20
C SER A 146 -32.98 -18.30 5.56
N ASP A 147 -34.02 -17.49 5.58
CA ASP A 147 -34.52 -16.94 6.84
C ASP A 147 -35.36 -17.99 7.56
N TYR A 148 -35.60 -19.12 6.88
CA TYR A 148 -36.55 -20.14 7.33
C TYR A 148 -35.89 -21.37 7.91
N ASN A 149 -34.96 -21.94 7.16
CA ASN A 149 -34.24 -23.11 7.60
C ASN A 149 -32.79 -23.15 7.11
N HIS A 150 -32.06 -24.17 7.55
CA HIS A 150 -30.66 -24.34 7.19
C HIS A 150 -30.41 -25.82 6.99
N PRO A 151 -30.80 -26.36 5.83
CA PRO A 151 -30.93 -27.81 5.62
C PRO A 151 -29.60 -28.51 5.42
N THR A 152 -28.65 -27.77 4.86
CA THR A 152 -27.28 -28.24 4.66
C THR A 152 -26.56 -28.34 6.02
N GLN A 153 -27.14 -27.73 7.05
CA GLN A 153 -26.62 -27.84 8.42
C GLN A 153 -27.35 -28.97 9.15
N GLU A 154 -28.65 -29.13 8.88
CA GLU A 154 -29.39 -30.25 9.45
C GLU A 154 -28.56 -31.51 9.18
N LEU A 155 -28.06 -31.67 7.94
CA LEU A 155 -27.37 -32.89 7.57
C LEU A 155 -25.95 -32.97 8.15
N GLY A 156 -25.24 -31.85 8.16
CA GLY A 156 -23.93 -31.81 8.77
C GLY A 156 -24.01 -32.23 10.22
N ASP A 157 -25.07 -31.82 10.90
CA ASP A 157 -25.23 -32.12 12.31
C ASP A 157 -25.68 -33.57 12.55
N LEU A 158 -26.50 -34.11 11.67
CA LEU A 158 -26.91 -35.50 11.76
C LEU A 158 -25.67 -36.37 11.72
N CYS A 159 -24.82 -36.15 10.72
CA CYS A 159 -23.56 -36.90 10.60
C CYS A 159 -22.77 -36.81 11.89
N THR A 160 -22.69 -35.61 12.47
CA THR A 160 -21.94 -35.40 13.68
C THR A 160 -22.47 -36.26 14.85
N MET A 161 -23.79 -36.25 15.02
CA MET A 161 -24.39 -36.99 16.10
C MET A 161 -24.19 -38.50 15.93
N VAL A 162 -24.34 -38.98 14.70
CA VAL A 162 -24.07 -40.37 14.38
C VAL A 162 -22.67 -40.80 14.83
N GLU A 163 -21.68 -39.98 14.48
CA GLU A 163 -20.29 -40.24 14.86
C GLU A 163 -20.06 -40.19 16.37
N HIS A 164 -21.08 -39.81 17.14
CA HIS A 164 -20.89 -39.58 18.56
C HIS A 164 -22.01 -40.08 19.47
N LEU A 165 -22.39 -41.35 19.39
CA LEU A 165 -23.57 -41.83 20.13
C LEU A 165 -23.39 -42.18 21.61
N PRO A 166 -22.12 -42.30 22.05
CA PRO A 166 -21.73 -43.10 23.22
C PRO A 166 -22.73 -44.16 23.71
N GLU A 167 -22.24 -45.40 23.72
CA GLU A 167 -22.81 -46.50 24.49
C GLU A 167 -24.23 -46.94 24.18
N GLY A 168 -24.36 -47.85 23.23
CA GLY A 168 -25.60 -48.58 23.01
C GLY A 168 -26.87 -47.76 23.07
N LYS A 169 -26.75 -46.46 22.94
CA LYS A 169 -27.89 -45.64 22.57
C LYS A 169 -27.86 -45.68 21.04
N LYS A 170 -29.02 -45.83 20.41
CA LYS A 170 -29.07 -46.07 18.98
C LYS A 170 -29.50 -44.87 18.13
N LEU A 171 -29.58 -43.70 18.75
CA LEU A 171 -29.96 -42.45 18.09
C LEU A 171 -31.45 -42.23 18.28
N GLU A 172 -32.25 -43.13 17.75
CA GLU A 172 -33.70 -43.02 17.86
C GLU A 172 -34.13 -42.74 19.30
N ASP A 173 -33.20 -42.95 20.24
CA ASP A 173 -33.49 -42.78 21.66
C ASP A 173 -32.49 -41.85 22.33
N CYS A 174 -31.84 -41.01 21.54
CA CYS A 174 -31.05 -39.93 22.10
C CYS A 174 -31.91 -38.68 22.32
N LYS A 175 -31.50 -37.84 23.28
CA LYS A 175 -32.20 -36.60 23.55
C LYS A 175 -31.36 -35.42 23.11
N VAL A 176 -31.93 -34.61 22.21
CA VAL A 176 -31.24 -33.44 21.67
C VAL A 176 -31.95 -32.21 22.20
N VAL A 177 -31.22 -31.32 22.85
CA VAL A 177 -31.80 -30.12 23.45
C VAL A 177 -31.18 -28.86 22.89
N PHE A 178 -32.02 -27.97 22.39
CA PHE A 178 -31.56 -26.68 21.90
C PHE A 178 -31.87 -25.53 22.87
N VAL A 179 -30.83 -24.79 23.28
CA VAL A 179 -31.01 -23.67 24.21
C VAL A 179 -30.89 -22.30 23.54
N GLY A 180 -31.87 -21.45 23.78
CA GLY A 180 -31.82 -20.09 23.30
C GLY A 180 -32.93 -19.72 22.34
N ASP A 181 -32.57 -18.84 21.40
CA ASP A 181 -33.50 -18.22 20.47
C ASP A 181 -33.99 -19.22 19.41
N ALA A 182 -35.22 -19.02 18.95
CA ALA A 182 -35.76 -19.88 17.91
C ALA A 182 -35.26 -19.46 16.51
N THR A 183 -33.96 -19.60 16.28
CA THR A 183 -33.35 -19.28 15.00
C THR A 183 -33.64 -20.39 13.97
N GLN A 184 -33.34 -20.15 12.70
CA GLN A 184 -33.62 -21.19 11.68
C GLN A 184 -32.77 -22.42 11.93
N VAL A 185 -31.58 -22.19 12.48
CA VAL A 185 -30.72 -23.28 12.91
C VAL A 185 -31.48 -24.15 13.91
N CYS A 186 -32.06 -23.49 14.91
CA CYS A 186 -32.91 -24.16 15.89
C CYS A 186 -34.00 -25.00 15.23
N PHE A 187 -34.87 -24.35 14.47
CA PHE A 187 -35.96 -25.03 13.78
C PHE A 187 -35.46 -26.21 12.95
N SER A 188 -34.39 -26.00 12.21
CA SER A 188 -33.83 -27.06 11.38
C SER A 188 -33.44 -28.27 12.22
N LEU A 189 -32.80 -28.02 13.35
CA LEU A 189 -32.39 -29.09 14.25
C LEU A 189 -33.57 -29.94 14.67
N GLY A 190 -34.71 -29.31 14.92
CA GLY A 190 -35.89 -30.03 15.37
C GLY A 190 -36.48 -30.78 14.19
N LEU A 191 -36.40 -30.13 13.05
CA LEU A 191 -36.95 -30.67 11.83
C LEU A 191 -36.25 -31.97 11.45
N ILE A 192 -34.98 -32.09 11.82
CA ILE A 192 -34.18 -33.24 11.41
C ILE A 192 -34.19 -34.32 12.47
N THR A 193 -34.12 -33.93 13.74
CA THR A 193 -34.12 -34.89 14.82
C THR A 193 -35.45 -35.62 14.91
N THR A 194 -36.54 -34.91 14.71
CA THR A 194 -37.84 -35.54 14.67
C THR A 194 -37.97 -36.46 13.46
N LYS A 195 -37.35 -36.06 12.36
CA LYS A 195 -37.32 -36.85 11.12
C LYS A 195 -36.79 -38.24 11.40
N MET A 196 -35.76 -38.30 12.23
CA MET A 196 -35.03 -39.53 12.54
C MET A 196 -35.59 -40.26 13.76
N GLY A 197 -36.70 -39.78 14.31
CA GLY A 197 -37.36 -40.46 15.39
C GLY A 197 -36.69 -40.26 16.73
N MET A 198 -35.99 -39.14 16.88
CA MET A 198 -35.32 -38.83 18.13
C MET A 198 -36.19 -38.00 19.06
N ASN A 199 -35.62 -37.66 20.21
CA ASN A 199 -36.32 -36.87 21.21
C ASN A 199 -35.76 -35.46 21.20
N PHE A 200 -36.56 -34.53 20.68
CA PHE A 200 -36.14 -33.14 20.56
C PHE A 200 -36.78 -32.27 21.64
N VAL A 201 -36.11 -31.18 21.97
CA VAL A 201 -36.68 -30.19 22.87
C VAL A 201 -35.99 -28.88 22.63
N HIS A 202 -36.80 -27.85 22.42
CA HIS A 202 -36.32 -26.48 22.42
C HIS A 202 -36.78 -25.86 23.72
N PHE A 203 -35.84 -25.49 24.58
CA PHE A 203 -36.22 -24.69 25.73
C PHE A 203 -35.70 -23.29 25.52
N GLY A 204 -36.48 -22.32 25.96
CA GLY A 204 -36.18 -20.94 25.63
C GLY A 204 -37.30 -20.08 26.13
N PRO A 205 -37.04 -18.78 26.23
CA PRO A 205 -37.85 -17.76 26.88
C PRO A 205 -39.25 -17.70 26.30
N GLU A 206 -40.25 -17.37 27.10
CA GLU A 206 -41.63 -17.36 26.63
C GLU A 206 -41.72 -16.65 25.30
N GLY A 207 -40.90 -15.63 25.12
CA GLY A 207 -40.95 -14.83 23.91
C GLY A 207 -40.27 -15.41 22.68
N PHE A 208 -39.37 -16.35 22.88
CA PHE A 208 -38.52 -16.77 21.78
C PHE A 208 -38.55 -18.26 21.52
N GLN A 209 -39.72 -18.86 21.68
CA GLN A 209 -39.87 -20.29 21.46
C GLN A 209 -40.31 -20.53 20.03
N LEU A 210 -40.11 -21.73 19.51
CA LEU A 210 -40.64 -22.07 18.21
C LEU A 210 -42.16 -21.89 18.23
N ASN A 211 -42.73 -21.28 17.20
CA ASN A 211 -44.18 -21.02 17.21
C ASN A 211 -45.03 -22.23 16.83
N GLU A 212 -46.33 -22.13 17.06
CA GLU A 212 -47.24 -23.24 16.85
C GLU A 212 -47.24 -23.70 15.39
N GLU A 213 -47.06 -22.76 14.46
CA GLU A 213 -47.00 -23.11 13.05
C GLU A 213 -45.76 -23.97 12.79
N HIS A 214 -44.71 -23.72 13.56
CA HIS A 214 -43.47 -24.49 13.43
C HIS A 214 -43.61 -25.84 14.11
N GLN A 215 -44.14 -25.83 15.34
CA GLN A 215 -44.32 -27.07 16.09
C GLN A 215 -45.26 -27.99 15.35
N ALA A 216 -46.21 -27.39 14.64
CA ALA A 216 -47.13 -28.14 13.80
C ALA A 216 -46.36 -29.09 12.92
N LYS A 217 -45.29 -28.55 12.32
CA LYS A 217 -44.41 -29.32 11.44
C LYS A 217 -43.68 -30.41 12.20
N LEU A 218 -43.13 -30.05 13.36
CA LEU A 218 -42.44 -30.99 14.24
C LEU A 218 -43.36 -32.12 14.66
N ALA A 219 -44.56 -31.76 15.06
CA ALA A 219 -45.57 -32.75 15.41
C ALA A 219 -45.77 -33.73 14.28
N LYS A 220 -46.08 -33.21 13.09
CA LYS A 220 -46.27 -34.05 11.90
C LYS A 220 -45.13 -35.05 11.70
N ASN A 221 -43.90 -34.59 11.91
CA ASN A 221 -42.71 -35.45 11.83
C ASN A 221 -42.77 -36.66 12.76
N CYS A 222 -43.18 -36.43 14.01
CA CYS A 222 -43.19 -37.49 15.02
C CYS A 222 -44.36 -38.44 14.87
N GLU A 223 -45.45 -37.96 14.26
CA GLU A 223 -46.58 -38.83 13.98
C GLU A 223 -46.16 -39.90 12.98
N VAL A 224 -44.90 -39.84 12.56
CA VAL A 224 -44.40 -40.75 11.56
C VAL A 224 -43.15 -41.46 12.05
N SER A 225 -42.43 -40.87 13.00
CA SER A 225 -41.11 -41.38 13.41
C SER A 225 -40.98 -41.84 14.87
N GLY A 226 -41.83 -41.32 15.75
CA GLY A 226 -41.76 -41.62 17.17
C GLY A 226 -40.84 -40.66 17.92
N GLY A 227 -41.06 -39.36 17.74
CA GLY A 227 -40.15 -38.36 18.30
C GLY A 227 -40.74 -37.65 19.49
N SER A 228 -40.57 -36.33 19.56
CA SER A 228 -41.05 -35.55 20.72
C SER A 228 -40.58 -34.10 20.66
N PHE A 229 -41.10 -33.22 21.54
CA PHE A 229 -40.52 -31.87 21.68
C PHE A 229 -40.93 -30.91 22.82
N LEU A 230 -40.05 -29.93 23.11
CA LEU A 230 -40.33 -28.64 23.80
C LEU A 230 -40.57 -28.61 25.34
N VAL A 231 -40.22 -27.43 25.90
CA VAL A 231 -40.67 -26.84 27.18
C VAL A 231 -40.16 -25.38 27.33
N THR A 232 -40.40 -24.77 28.49
CA THR A 232 -39.93 -23.40 28.78
C THR A 232 -39.03 -23.35 29.99
N ASP A 233 -39.32 -24.19 30.97
CA ASP A 233 -38.59 -24.20 32.24
C ASP A 233 -37.28 -24.93 32.08
N ASP A 234 -36.19 -24.19 32.14
CA ASP A 234 -34.87 -24.77 31.89
C ASP A 234 -34.50 -25.87 32.86
N ALA A 235 -33.34 -25.70 33.47
CA ALA A 235 -32.86 -26.58 34.52
C ALA A 235 -33.80 -27.73 34.82
N SER A 236 -34.15 -28.49 33.79
CA SER A 236 -34.95 -29.69 33.97
C SER A 236 -35.15 -30.41 32.66
N SER A 237 -35.21 -29.64 31.58
CA SER A 237 -35.39 -30.26 30.28
C SER A 237 -34.03 -30.61 29.71
N VAL A 238 -32.99 -30.00 30.26
CA VAL A 238 -31.62 -30.36 29.90
C VAL A 238 -31.26 -31.73 30.47
N GLU A 239 -31.92 -32.13 31.55
CA GLU A 239 -31.60 -33.39 32.20
C GLU A 239 -31.73 -34.54 31.22
N GLY A 240 -30.75 -35.43 31.25
CA GLY A 240 -30.77 -36.61 30.41
C GLY A 240 -30.53 -36.34 28.94
N ALA A 241 -30.11 -35.12 28.63
CA ALA A 241 -29.80 -34.76 27.26
C ALA A 241 -28.51 -35.45 26.83
N ASP A 242 -28.49 -35.93 25.60
CA ASP A 242 -27.31 -36.58 25.06
C ASP A 242 -26.50 -35.54 24.28
N PHE A 243 -27.22 -34.57 23.74
CA PHE A 243 -26.63 -33.48 22.97
C PHE A 243 -27.24 -32.14 23.36
N LEU A 244 -26.38 -31.18 23.70
CA LEU A 244 -26.83 -29.84 24.07
C LEU A 244 -26.35 -28.87 23.02
N TYR A 245 -27.28 -28.18 22.37
CA TYR A 245 -27.02 -27.40 21.16
C TYR A 245 -27.47 -25.97 21.35
N THR A 246 -26.65 -25.00 20.96
CA THR A 246 -27.06 -23.60 21.01
C THR A 246 -26.56 -22.80 19.81
N ASP A 247 -27.17 -21.65 19.60
CA ASP A 247 -26.78 -20.71 18.55
C ASP A 247 -26.67 -19.36 19.26
N VAL A 248 -26.58 -18.27 18.50
CA VAL A 248 -26.35 -16.98 19.11
C VAL A 248 -27.65 -16.22 19.40
N TRP A 249 -27.55 -15.17 20.21
CA TRP A 249 -28.75 -14.48 20.70
C TRP A 249 -29.17 -13.27 19.87
N TYR A 250 -28.31 -12.75 19.00
CA TYR A 250 -28.69 -11.68 18.10
C TYR A 250 -30.05 -12.02 17.50
N GLY A 251 -30.76 -11.02 17.01
CA GLY A 251 -32.07 -11.25 16.43
C GLY A 251 -32.02 -11.72 14.98
N LEU A 252 -32.91 -11.17 14.17
CA LEU A 252 -33.12 -11.59 12.80
C LEU A 252 -32.47 -10.63 11.78
N TYR A 253 -31.14 -10.60 11.74
CA TYR A 253 -30.38 -9.71 10.83
C TYR A 253 -31.17 -8.52 10.28
N GLU A 254 -31.88 -7.82 11.16
CA GLU A 254 -32.72 -6.69 10.79
C GLU A 254 -33.27 -6.04 12.05
N ALA A 255 -33.65 -6.86 13.02
CA ALA A 255 -33.94 -6.40 14.36
C ALA A 255 -32.83 -7.13 15.09
N GLU A 256 -31.63 -6.72 14.66
CA GLU A 256 -30.36 -7.24 15.12
C GLU A 256 -30.22 -6.67 16.50
N LEU A 257 -30.55 -7.53 17.43
CA LEU A 257 -30.95 -7.15 18.75
C LEU A 257 -29.84 -6.50 19.55
N SER A 258 -29.99 -5.21 19.82
CA SER A 258 -29.61 -4.64 21.10
C SER A 258 -28.49 -5.39 21.78
N GLU A 259 -27.53 -4.68 22.32
CA GLU A 259 -26.40 -5.32 22.98
C GLU A 259 -26.77 -5.87 24.37
N GLU A 260 -27.03 -4.97 25.31
CA GLU A 260 -27.38 -5.36 26.67
C GLU A 260 -28.85 -5.74 26.76
N GLU A 261 -29.55 -5.73 25.63
CA GLU A 261 -30.95 -6.15 25.59
C GLU A 261 -31.04 -7.65 25.35
N ARG A 262 -30.12 -8.19 24.56
CA ARG A 262 -29.94 -9.63 24.44
C ARG A 262 -29.67 -10.21 25.82
N MET A 263 -28.68 -9.65 26.49
CA MET A 263 -28.33 -10.09 27.84
C MET A 263 -29.54 -10.04 28.78
N LYS A 264 -30.37 -9.02 28.63
CA LYS A 264 -31.54 -8.85 29.49
C LYS A 264 -32.39 -10.12 29.48
N VAL A 265 -32.69 -10.62 28.29
CA VAL A 265 -33.63 -11.73 28.15
C VAL A 265 -33.02 -13.10 28.39
N PHE A 266 -31.78 -13.30 27.95
CA PHE A 266 -31.16 -14.63 27.99
C PHE A 266 -30.16 -14.92 29.13
N TYR A 267 -29.44 -13.91 29.62
CA TYR A 267 -28.39 -14.17 30.62
C TYR A 267 -28.83 -14.57 32.04
N PRO A 268 -30.14 -14.61 32.30
CA PRO A 268 -30.37 -15.47 33.45
C PRO A 268 -29.81 -16.86 33.12
N LYS A 269 -30.71 -17.79 32.82
CA LYS A 269 -30.36 -19.14 32.43
C LYS A 269 -29.79 -19.15 31.04
N TYR A 270 -30.44 -19.92 30.17
CA TYR A 270 -30.19 -19.93 28.71
C TYR A 270 -28.72 -19.85 28.24
N GLN A 271 -27.79 -19.61 29.16
CA GLN A 271 -26.35 -19.68 28.85
C GLN A 271 -25.78 -21.05 29.19
N VAL A 272 -25.05 -21.63 28.25
CA VAL A 272 -24.52 -22.96 28.46
C VAL A 272 -23.16 -22.88 29.13
N ASN A 273 -23.15 -23.19 30.43
CA ASN A 273 -21.95 -23.18 31.25
C ASN A 273 -21.73 -24.57 31.79
N GLN A 274 -20.62 -24.80 32.50
CA GLN A 274 -20.36 -26.15 33.01
C GLN A 274 -21.52 -26.64 33.87
N GLU A 275 -22.03 -25.77 34.73
CA GLU A 275 -23.14 -26.15 35.60
C GLU A 275 -24.28 -26.69 34.74
N MET A 276 -24.65 -25.92 33.72
CA MET A 276 -25.70 -26.32 32.82
C MET A 276 -25.37 -27.65 32.15
N MET A 277 -24.08 -27.86 31.89
CA MET A 277 -23.62 -29.05 31.19
C MET A 277 -23.78 -30.24 32.09
N ASP A 278 -23.31 -30.08 33.33
CA ASP A 278 -23.37 -31.11 34.33
C ASP A 278 -24.81 -31.51 34.57
N ARG A 279 -25.68 -30.51 34.62
CA ARG A 279 -27.09 -30.72 34.87
C ARG A 279 -27.72 -31.62 33.82
N ALA A 280 -27.14 -31.59 32.62
CA ALA A 280 -27.67 -32.34 31.49
C ALA A 280 -27.28 -33.79 31.56
N GLY A 281 -26.00 -34.03 31.75
CA GLY A 281 -25.51 -35.40 31.83
C GLY A 281 -24.01 -35.45 32.00
N ALA A 282 -23.52 -36.56 32.48
CA ALA A 282 -22.10 -36.72 32.68
C ALA A 282 -21.35 -36.56 31.37
N ASN A 283 -21.83 -37.22 30.31
CA ASN A 283 -21.16 -37.17 29.01
C ASN A 283 -22.08 -36.63 27.92
N CYS A 284 -22.80 -35.57 28.25
CA CYS A 284 -23.57 -34.87 27.25
C CYS A 284 -22.60 -34.08 26.39
N LYS A 285 -22.62 -34.33 25.09
CA LYS A 285 -21.74 -33.62 24.16
C LYS A 285 -22.34 -32.26 23.77
N PHE A 286 -21.48 -31.25 23.62
CA PHE A 286 -21.91 -29.90 23.27
C PHE A 286 -21.79 -29.55 21.77
N MET A 287 -22.83 -28.92 21.23
CA MET A 287 -22.85 -28.55 19.82
C MET A 287 -23.21 -27.08 19.61
N HIS A 288 -22.59 -26.47 18.61
CA HIS A 288 -22.80 -25.08 18.26
C HIS A 288 -22.48 -24.95 16.78
N CYS A 289 -23.39 -24.33 16.03
CA CYS A 289 -23.22 -24.21 14.58
C CYS A 289 -22.18 -23.16 14.20
N LEU A 290 -21.78 -22.39 15.22
CA LEU A 290 -20.78 -21.34 15.06
C LEU A 290 -21.29 -20.28 14.09
N PRO A 291 -20.81 -19.03 14.25
CA PRO A 291 -19.72 -18.62 15.15
C PRO A 291 -20.24 -18.42 16.57
N ALA A 292 -19.37 -18.55 17.55
CA ALA A 292 -19.82 -18.41 18.92
C ALA A 292 -19.31 -17.15 19.59
N THR A 293 -20.23 -16.39 20.18
CA THR A 293 -19.86 -15.28 21.05
C THR A 293 -19.60 -15.82 22.43
N ARG A 294 -18.36 -16.18 22.70
CA ARG A 294 -17.97 -16.72 23.99
C ARG A 294 -18.34 -15.78 25.14
N GLY A 295 -18.85 -16.32 26.22
CA GLY A 295 -19.28 -15.49 27.32
C GLY A 295 -20.77 -15.28 27.33
N GLU A 296 -21.37 -15.24 26.14
CA GLU A 296 -22.81 -15.08 26.05
C GLU A 296 -23.57 -16.39 26.08
N GLU A 297 -23.81 -17.01 24.92
CA GLU A 297 -24.59 -18.26 24.88
C GLU A 297 -23.84 -19.49 25.37
N VAL A 298 -22.53 -19.37 25.59
CA VAL A 298 -21.74 -20.47 26.11
C VAL A 298 -20.43 -19.98 26.72
N THR A 299 -20.06 -20.53 27.87
CA THR A 299 -18.79 -20.17 28.51
C THR A 299 -17.65 -20.90 27.81
N ASP A 300 -16.43 -20.36 27.95
CA ASP A 300 -15.27 -20.96 27.31
C ASP A 300 -14.95 -22.37 27.81
N GLU A 301 -15.10 -22.59 29.11
CA GLU A 301 -14.81 -23.89 29.69
C GLU A 301 -15.65 -25.01 29.08
N VAL A 302 -16.80 -24.67 28.51
CA VAL A 302 -17.68 -25.64 27.87
C VAL A 302 -17.29 -25.90 26.42
N ILE A 303 -17.26 -24.84 25.63
CA ILE A 303 -16.95 -24.96 24.21
C ILE A 303 -15.54 -25.50 23.96
N ASP A 304 -14.60 -25.17 24.83
CA ASP A 304 -13.24 -25.70 24.71
C ASP A 304 -13.06 -26.97 25.56
N GLY A 305 -14.17 -27.50 26.10
CA GLY A 305 -14.15 -28.65 26.98
C GLY A 305 -14.05 -30.00 26.32
N LYS A 306 -13.84 -31.02 27.14
CA LYS A 306 -13.63 -32.38 26.66
C LYS A 306 -14.89 -32.93 25.99
N ASN A 307 -16.03 -32.34 26.30
CA ASN A 307 -17.30 -32.81 25.76
C ASN A 307 -17.82 -31.97 24.60
N SER A 308 -16.99 -31.05 24.12
CA SER A 308 -17.38 -30.23 22.97
C SER A 308 -17.01 -30.90 21.64
N ILE A 309 -17.98 -30.94 20.73
CA ILE A 309 -17.78 -31.53 19.43
C ILE A 309 -18.10 -30.49 18.36
N CYS A 310 -18.18 -29.23 18.78
CA CYS A 310 -18.62 -28.18 17.88
C CYS A 310 -17.70 -28.01 16.66
N PHE A 311 -16.45 -28.42 16.80
CA PHE A 311 -15.50 -28.31 15.69
C PHE A 311 -15.51 -29.52 14.76
N ASP A 312 -15.76 -30.72 15.28
CA ASP A 312 -16.04 -31.85 14.42
C ASP A 312 -17.28 -31.49 13.61
N GLU A 313 -18.30 -31.00 14.30
CA GLU A 313 -19.54 -30.58 13.68
C GLU A 313 -19.26 -29.62 12.55
N ALA A 314 -18.36 -28.69 12.82
CA ALA A 314 -17.90 -27.73 11.83
C ALA A 314 -17.32 -28.41 10.60
N GLU A 315 -16.36 -29.29 10.80
CA GLU A 315 -15.78 -30.05 9.70
C GLU A 315 -16.86 -30.78 8.91
N ASN A 316 -17.86 -31.29 9.64
CA ASN A 316 -18.96 -32.01 9.01
C ASN A 316 -19.85 -31.15 8.14
N ARG A 317 -19.77 -29.82 8.29
CA ARG A 317 -20.49 -28.93 7.40
C ARG A 317 -20.10 -29.26 5.98
N LEU A 318 -18.80 -29.52 5.81
CA LEU A 318 -18.20 -29.96 4.56
C LEU A 318 -18.55 -31.41 4.27
N THR A 319 -18.27 -32.28 5.24
CA THR A 319 -18.56 -33.71 5.15
C THR A 319 -19.88 -34.01 4.44
N SER A 320 -20.89 -33.19 4.78
CA SER A 320 -22.26 -33.36 4.32
C SER A 320 -22.53 -32.70 2.96
N ILE A 321 -21.99 -31.50 2.73
CA ILE A 321 -22.21 -30.87 1.43
C ILE A 321 -21.44 -31.67 0.38
N ARG A 322 -20.32 -32.26 0.80
CA ARG A 322 -19.55 -33.17 -0.04
C ARG A 322 -20.49 -34.24 -0.60
N GLY A 323 -21.24 -34.89 0.28
CA GLY A 323 -22.09 -35.98 -0.14
C GLY A 323 -23.38 -35.50 -0.76
N LEU A 324 -23.85 -34.36 -0.30
CA LEU A 324 -25.11 -33.83 -0.78
C LEU A 324 -24.99 -33.57 -2.30
N LEU A 325 -23.84 -33.01 -2.69
CA LEU A 325 -23.53 -32.65 -4.08
C LEU A 325 -23.49 -33.88 -4.97
N VAL A 326 -22.77 -34.88 -4.50
CA VAL A 326 -22.73 -36.16 -5.18
C VAL A 326 -24.14 -36.72 -5.40
N TYR A 327 -24.95 -36.81 -4.34
CA TYR A 327 -26.30 -37.33 -4.50
C TYR A 327 -27.05 -36.61 -5.63
N LEU A 328 -27.16 -35.29 -5.51
CA LEU A 328 -28.01 -34.54 -6.39
C LEU A 328 -27.60 -34.75 -7.84
N MET A 329 -26.29 -34.80 -8.04
CA MET A 329 -25.71 -34.91 -9.35
C MET A 329 -25.91 -36.28 -9.95
N ASN A 330 -25.58 -37.30 -9.18
CA ASN A 330 -25.81 -38.69 -9.58
C ASN A 330 -27.28 -38.85 -9.96
N ASP A 331 -28.14 -38.31 -9.10
CA ASP A 331 -29.57 -38.39 -9.32
C ASP A 331 -29.91 -37.70 -10.61
N TYR A 332 -29.29 -36.53 -10.83
CA TYR A 332 -29.55 -35.79 -12.04
C TYR A 332 -29.12 -36.56 -13.28
N GLU A 333 -28.06 -37.36 -13.16
CA GLU A 333 -27.54 -38.09 -14.31
C GLU A 333 -28.42 -39.26 -14.71
N ALA A 334 -28.78 -40.10 -13.75
CA ALA A 334 -29.95 -40.93 -13.97
C ALA A 334 -30.98 -39.88 -14.29
N LYS A 335 -31.98 -40.20 -15.09
CA LYS A 335 -33.00 -39.19 -15.43
C LYS A 335 -32.59 -38.40 -16.66
N ASN A 336 -31.29 -38.17 -16.77
CA ASN A 336 -30.71 -37.34 -17.82
C ASN A 336 -29.39 -37.94 -18.32
N PRO A 337 -29.44 -39.19 -18.76
CA PRO A 337 -28.26 -40.00 -18.98
C PRO A 337 -27.73 -39.82 -20.38
N TYR A 338 -26.42 -39.84 -20.53
CA TYR A 338 -25.78 -39.56 -21.81
C TYR A 338 -25.89 -40.74 -22.78
N ASP A 339 -26.14 -40.44 -24.05
CA ASP A 339 -26.11 -41.46 -25.09
C ASP A 339 -24.66 -41.82 -25.38
N LEU A 340 -24.24 -42.99 -24.91
CA LEU A 340 -22.83 -43.35 -25.02
C LEU A 340 -22.34 -43.39 -26.45
N ILE A 341 -23.26 -43.68 -27.35
CA ILE A 341 -22.99 -43.65 -28.78
C ILE A 341 -22.78 -42.23 -29.27
N LYS A 342 -23.81 -41.39 -29.13
CA LYS A 342 -23.73 -39.98 -29.49
C LYS A 342 -22.46 -39.38 -28.93
N GLN A 343 -22.16 -39.74 -27.69
CA GLN A 343 -20.96 -39.28 -27.01
C GLN A 343 -19.70 -39.75 -27.73
N ALA A 344 -19.63 -41.04 -28.04
CA ALA A 344 -18.48 -41.56 -28.73
C ALA A 344 -18.22 -40.86 -30.07
N GLU A 345 -19.28 -40.62 -30.84
CA GLU A 345 -19.16 -39.97 -32.15
C GLU A 345 -18.72 -38.53 -31.97
N ALA A 346 -19.42 -37.83 -31.08
CA ALA A 346 -19.12 -36.43 -30.77
C ALA A 346 -17.63 -36.28 -30.48
N LYS A 347 -17.09 -37.25 -29.77
CA LYS A 347 -15.67 -37.23 -29.43
C LYS A 347 -14.80 -37.45 -30.65
N LYS A 348 -15.15 -38.45 -31.48
CA LYS A 348 -14.38 -38.72 -32.70
C LYS A 348 -14.45 -37.51 -33.60
N GLU A 349 -15.67 -37.04 -33.81
CA GLU A 349 -15.87 -35.87 -34.63
C GLU A 349 -14.92 -34.75 -34.20
N LEU A 350 -14.84 -34.51 -32.90
CA LEU A 350 -14.00 -33.44 -32.38
C LEU A 350 -12.53 -33.70 -32.67
N GLU A 351 -12.10 -34.94 -32.39
CA GLU A 351 -10.72 -35.36 -32.64
C GLU A 351 -10.31 -35.10 -34.09
N VAL A 352 -11.16 -35.55 -35.01
CA VAL A 352 -10.87 -35.42 -36.41
C VAL A 352 -10.72 -33.96 -36.73
N PHE A 353 -11.70 -33.16 -36.30
CA PHE A 353 -11.66 -31.73 -36.57
C PHE A 353 -10.36 -31.10 -36.10
N LEU A 354 -9.98 -31.38 -34.87
CA LEU A 354 -8.76 -30.82 -34.33
C LEU A 354 -7.51 -31.32 -35.06
N ASP A 355 -7.53 -32.59 -35.48
CA ASP A 355 -6.39 -33.23 -36.12
C ASP A 355 -6.17 -32.72 -37.54
N THR A 356 -7.20 -32.13 -38.15
CA THR A 356 -7.19 -31.91 -39.60
C THR A 356 -7.45 -30.47 -40.06
N GLN A 357 -8.14 -29.71 -39.22
CA GLN A 357 -8.57 -28.35 -39.59
C GLN A 357 -7.75 -27.29 -38.86
N SER A 358 -7.53 -26.16 -39.51
CA SER A 358 -6.86 -25.05 -38.85
C SER A 358 -7.16 -23.71 -39.54
N ILE A 359 -6.69 -22.63 -38.92
CA ILE A 359 -6.71 -21.31 -39.55
C ILE A 359 -5.43 -20.51 -39.32
N HIS B 7 3.98 5.91 -24.30
CA HIS B 7 3.17 5.58 -25.46
C HIS B 7 4.03 5.05 -26.60
N HIS B 8 3.42 4.35 -27.56
CA HIS B 8 4.18 3.94 -28.74
C HIS B 8 4.55 5.14 -29.64
N HIS B 9 3.91 6.28 -29.40
CA HIS B 9 4.16 7.52 -30.16
C HIS B 9 3.71 7.35 -31.64
N HIS B 10 3.04 6.23 -31.89
CA HIS B 10 2.44 5.96 -33.18
C HIS B 10 1.08 6.61 -33.26
N SER B 11 0.05 5.79 -33.51
CA SER B 11 -1.29 6.32 -33.69
C SER B 11 -2.36 5.46 -33.02
N SER B 12 -2.59 4.26 -33.57
CA SER B 12 -3.43 3.28 -32.90
C SER B 12 -4.72 3.94 -32.43
N GLY B 13 -5.80 3.51 -33.06
CA GLY B 13 -7.13 3.66 -32.53
C GLY B 13 -7.75 2.42 -31.88
N LEU B 14 -8.53 1.66 -32.66
CA LEU B 14 -9.43 0.68 -32.05
C LEU B 14 -9.01 -0.77 -32.21
N VAL B 15 -7.97 -1.04 -32.98
CA VAL B 15 -7.46 -2.41 -32.99
C VAL B 15 -6.06 -2.54 -32.40
N PRO B 16 -5.70 -3.76 -32.06
CA PRO B 16 -4.37 -3.88 -31.48
C PRO B 16 -3.39 -4.22 -32.55
N ARG B 17 -2.17 -3.76 -32.32
CA ARG B 17 -0.98 -4.20 -33.01
C ARG B 17 -0.96 -5.73 -32.92
N GLY B 18 -0.76 -6.39 -34.06
CA GLY B 18 -0.62 -7.85 -34.07
C GLY B 18 0.74 -8.32 -33.57
N SER B 19 0.81 -9.58 -33.16
CA SER B 19 2.09 -10.13 -32.74
C SER B 19 2.37 -11.33 -33.61
N HIS B 20 3.63 -11.60 -33.87
CA HIS B 20 3.91 -12.74 -34.73
C HIS B 20 3.83 -14.05 -33.95
N MET B 21 3.74 -13.92 -32.63
CA MET B 21 3.76 -15.10 -31.79
C MET B 21 2.71 -15.04 -30.72
N LYS B 22 1.45 -15.02 -31.15
CA LYS B 22 0.28 -15.01 -30.28
C LYS B 22 -0.80 -14.31 -31.05
N ARG B 23 -2.05 -14.45 -30.62
CA ARG B 23 -3.13 -13.72 -31.26
C ARG B 23 -4.19 -13.33 -30.26
N ASP B 24 -4.77 -12.14 -30.43
CA ASP B 24 -5.79 -11.66 -29.51
C ASP B 24 -7.19 -11.79 -30.13
N TYR B 25 -8.21 -11.42 -29.36
CA TYR B 25 -9.58 -11.38 -29.84
C TYR B 25 -10.24 -10.09 -29.32
N VAL B 26 -9.95 -8.96 -29.94
CA VAL B 26 -10.46 -7.69 -29.49
C VAL B 26 -11.65 -7.23 -30.31
N THR B 27 -11.60 -7.43 -31.63
CA THR B 27 -12.78 -7.31 -32.45
C THR B 27 -12.70 -8.18 -33.68
N THR B 28 -13.86 -8.53 -34.23
CA THR B 28 -13.91 -9.48 -35.34
C THR B 28 -13.46 -8.83 -36.63
N GLU B 29 -12.97 -7.60 -36.51
CA GLU B 29 -12.56 -6.85 -37.68
C GLU B 29 -11.25 -7.42 -38.15
N THR B 30 -10.56 -8.10 -37.23
CA THR B 30 -9.28 -8.75 -37.52
C THR B 30 -9.42 -10.20 -37.99
N TYR B 31 -10.64 -10.72 -38.04
CA TYR B 31 -10.87 -12.09 -38.48
C TYR B 31 -11.62 -12.16 -39.80
N THR B 32 -11.24 -13.11 -40.65
CA THR B 32 -11.87 -13.27 -41.95
C THR B 32 -13.12 -14.12 -41.81
N LYS B 33 -13.96 -14.11 -42.82
CA LYS B 33 -15.17 -14.92 -42.80
C LYS B 33 -14.80 -16.37 -42.50
N GLU B 34 -13.78 -16.87 -43.17
CA GLU B 34 -13.40 -18.27 -43.04
C GLU B 34 -12.94 -18.57 -41.62
N GLU B 35 -12.18 -17.64 -41.04
CA GLU B 35 -11.68 -17.79 -39.69
C GLU B 35 -12.85 -17.89 -38.74
N MET B 36 -13.86 -17.04 -38.93
CA MET B 36 -15.02 -17.10 -38.06
C MET B 36 -15.75 -18.41 -38.25
N HIS B 37 -15.81 -18.88 -39.49
CA HIS B 37 -16.44 -20.18 -39.73
C HIS B 37 -15.71 -21.23 -38.92
N TYR B 38 -14.38 -21.25 -39.00
CA TYR B 38 -13.57 -22.17 -38.18
C TYR B 38 -14.00 -22.17 -36.74
N LEU B 39 -13.96 -20.99 -36.12
CA LEU B 39 -14.41 -20.79 -34.76
C LEU B 39 -15.81 -21.37 -34.47
N VAL B 40 -16.81 -21.04 -35.28
CA VAL B 40 -18.13 -21.64 -35.10
C VAL B 40 -18.11 -23.18 -35.09
N ASP B 41 -17.46 -23.78 -36.08
CA ASP B 41 -17.32 -25.24 -36.14
C ASP B 41 -16.62 -25.80 -34.91
N LEU B 42 -15.44 -25.28 -34.59
CA LEU B 42 -14.74 -25.69 -33.37
C LEU B 42 -15.65 -25.56 -32.16
N SER B 43 -16.23 -24.38 -31.95
CA SER B 43 -17.11 -24.15 -30.82
C SER B 43 -18.25 -25.15 -30.71
N LEU B 44 -18.88 -25.40 -31.85
CA LEU B 44 -19.99 -26.33 -31.92
C LEU B 44 -19.59 -27.81 -31.75
N LYS B 45 -18.43 -28.21 -32.26
CA LYS B 45 -17.96 -29.60 -32.13
C LYS B 45 -17.72 -29.92 -30.67
N ILE B 46 -17.17 -28.94 -29.98
CA ILE B 46 -16.94 -28.98 -28.54
C ILE B 46 -18.28 -29.01 -27.82
N LYS B 47 -19.21 -28.16 -28.23
CA LYS B 47 -20.51 -28.18 -27.59
C LYS B 47 -21.09 -29.60 -27.63
N GLU B 48 -21.06 -30.23 -28.80
CA GLU B 48 -21.69 -31.54 -28.96
C GLU B 48 -21.03 -32.62 -28.09
N ALA B 49 -19.73 -32.49 -27.88
CA ALA B 49 -19.01 -33.41 -27.02
C ALA B 49 -19.46 -33.25 -25.59
N ILE B 50 -19.43 -32.04 -25.09
CA ILE B 50 -19.78 -31.78 -23.71
C ILE B 50 -21.27 -32.05 -23.49
N LYS B 51 -22.10 -31.67 -24.47
CA LYS B 51 -23.54 -31.97 -24.41
C LYS B 51 -23.78 -33.45 -24.15
N ASN B 52 -22.83 -34.29 -24.55
CA ASN B 52 -23.02 -35.73 -24.47
C ASN B 52 -22.09 -36.45 -23.52
N GLY B 53 -21.45 -35.69 -22.63
CA GLY B 53 -20.75 -36.27 -21.51
C GLY B 53 -19.25 -36.39 -21.66
N TYR B 54 -18.73 -35.97 -22.80
CA TYR B 54 -17.28 -35.96 -22.99
C TYR B 54 -16.75 -34.56 -22.76
N TYR B 55 -15.89 -34.42 -21.77
CA TYR B 55 -15.29 -33.12 -21.48
C TYR B 55 -13.84 -33.04 -22.01
N PRO B 56 -13.68 -32.51 -23.23
CA PRO B 56 -12.38 -32.33 -23.88
C PRO B 56 -11.44 -31.51 -23.02
N GLN B 57 -10.43 -32.15 -22.45
CA GLN B 57 -9.46 -31.46 -21.63
C GLN B 57 -8.40 -30.74 -22.44
N LEU B 58 -8.82 -29.77 -23.25
CA LEU B 58 -7.90 -29.09 -24.15
C LEU B 58 -7.06 -28.03 -23.46
N LEU B 59 -7.46 -27.65 -22.25
CA LEU B 59 -6.76 -26.59 -21.52
C LEU B 59 -6.24 -27.00 -20.15
N LYS B 60 -5.83 -28.26 -20.02
CA LYS B 60 -5.32 -28.78 -18.74
C LYS B 60 -4.32 -27.82 -18.08
N ASN B 61 -4.61 -27.41 -16.84
CA ASN B 61 -3.65 -26.71 -15.99
C ASN B 61 -3.41 -25.28 -16.41
N LYS B 62 -4.09 -24.84 -17.46
CA LYS B 62 -3.94 -23.48 -17.97
C LYS B 62 -4.73 -22.50 -17.13
N SER B 63 -4.13 -21.35 -16.83
CA SER B 63 -4.75 -20.34 -16.00
C SER B 63 -5.21 -19.12 -16.80
N LEU B 64 -6.49 -18.79 -16.69
CA LEU B 64 -7.05 -17.61 -17.35
C LEU B 64 -7.26 -16.51 -16.32
N GLY B 65 -6.72 -15.33 -16.58
CA GLY B 65 -7.01 -14.17 -15.75
C GLY B 65 -8.19 -13.35 -16.26
N MET B 66 -9.18 -13.15 -15.42
CA MET B 66 -10.37 -12.39 -15.79
C MET B 66 -10.39 -11.05 -15.08
N ILE B 67 -10.40 -9.97 -15.87
CA ILE B 67 -10.37 -8.62 -15.34
C ILE B 67 -11.69 -7.96 -15.61
N PHE B 68 -12.44 -7.66 -14.55
CA PHE B 68 -13.71 -6.97 -14.72
C PHE B 68 -13.60 -5.57 -14.15
N GLN B 69 -14.10 -4.57 -14.86
CA GLN B 69 -14.12 -3.23 -14.34
C GLN B 69 -15.57 -2.87 -14.08
N GLN B 70 -16.44 -3.71 -14.61
CA GLN B 70 -17.85 -3.62 -14.34
C GLN B 70 -18.32 -5.05 -14.19
N SER B 71 -18.73 -5.42 -12.99
CA SER B 71 -19.14 -6.79 -12.73
C SER B 71 -20.10 -7.31 -13.80
N SER B 72 -19.95 -8.56 -14.18
CA SER B 72 -20.88 -9.18 -15.11
C SER B 72 -20.97 -10.69 -14.91
N THR B 73 -21.94 -11.10 -14.10
CA THR B 73 -22.15 -12.50 -13.76
C THR B 73 -22.25 -13.42 -14.98
N ARG B 74 -23.17 -13.16 -15.89
CA ARG B 74 -23.28 -13.96 -17.10
C ARG B 74 -21.92 -14.16 -17.77
N THR B 75 -21.18 -13.08 -17.95
CA THR B 75 -19.85 -13.17 -18.55
C THR B 75 -18.84 -13.88 -17.65
N ARG B 76 -18.85 -13.58 -16.35
CA ARG B 76 -17.94 -14.24 -15.41
C ARG B 76 -18.13 -15.74 -15.35
N VAL B 77 -19.34 -16.19 -15.03
CA VAL B 77 -19.55 -17.63 -14.86
C VAL B 77 -19.36 -18.35 -16.17
N SER B 78 -19.62 -17.68 -17.28
CA SER B 78 -19.39 -18.31 -18.56
C SER B 78 -17.93 -18.71 -18.71
N PHE B 79 -17.02 -17.79 -18.44
CA PHE B 79 -15.58 -18.07 -18.52
C PHE B 79 -15.11 -19.06 -17.47
N GLU B 80 -15.42 -18.74 -16.21
CA GLU B 80 -15.05 -19.56 -15.06
C GLU B 80 -15.40 -21.03 -15.34
N THR B 81 -16.60 -21.25 -15.89
CA THR B 81 -17.09 -22.57 -16.28
C THR B 81 -16.36 -23.14 -17.50
N ALA B 82 -16.30 -22.38 -18.59
CA ALA B 82 -15.63 -22.84 -19.79
C ALA B 82 -14.29 -23.43 -19.41
N MET B 83 -13.53 -22.70 -18.60
CA MET B 83 -12.24 -23.18 -18.14
C MET B 83 -12.31 -24.53 -17.41
N GLU B 84 -13.15 -24.62 -16.38
CA GLU B 84 -13.29 -25.89 -15.67
C GLU B 84 -13.54 -27.10 -16.58
N GLN B 85 -14.48 -26.97 -17.50
CA GLN B 85 -14.83 -28.04 -18.39
C GLN B 85 -13.64 -28.50 -19.21
N LEU B 86 -12.75 -27.59 -19.53
CA LEU B 86 -11.62 -27.90 -20.40
C LEU B 86 -10.36 -28.21 -19.61
N GLY B 87 -10.51 -28.37 -18.30
CA GLY B 87 -9.39 -28.75 -17.48
C GLY B 87 -8.55 -27.59 -16.96
N GLY B 88 -9.11 -26.40 -16.98
CA GLY B 88 -8.38 -25.22 -16.54
C GLY B 88 -9.05 -24.50 -15.40
N HIS B 89 -8.64 -23.26 -15.20
CA HIS B 89 -9.13 -22.46 -14.08
C HIS B 89 -9.34 -21.03 -14.51
N GLY B 90 -10.41 -20.41 -14.04
CA GLY B 90 -10.61 -18.98 -14.22
C GLY B 90 -10.39 -18.15 -12.96
N GLU B 91 -9.44 -17.22 -13.03
CA GLU B 91 -9.12 -16.33 -11.92
C GLU B 91 -9.83 -14.96 -12.00
N TYR B 92 -10.64 -14.65 -11.01
CA TYR B 92 -11.45 -13.42 -11.03
C TYR B 92 -10.76 -12.28 -10.31
N LEU B 93 -10.39 -11.27 -11.08
CA LEU B 93 -9.86 -10.06 -10.48
C LEU B 93 -10.98 -9.01 -10.44
N ALA B 94 -11.72 -9.01 -9.34
CA ALA B 94 -12.88 -8.13 -9.18
C ALA B 94 -12.59 -6.69 -9.58
N PRO B 95 -13.63 -5.94 -9.93
CA PRO B 95 -13.53 -4.54 -10.39
C PRO B 95 -12.47 -3.73 -9.66
N GLY B 96 -12.48 -3.78 -8.33
CA GLY B 96 -11.48 -3.08 -7.53
C GLY B 96 -10.20 -3.87 -7.36
N GLN B 97 -10.32 -5.18 -7.28
CA GLN B 97 -9.16 -6.04 -7.09
C GLN B 97 -8.03 -5.59 -8.02
N ILE B 98 -8.35 -5.42 -9.30
CA ILE B 98 -7.37 -4.98 -10.30
C ILE B 98 -7.08 -3.48 -10.14
N GLN B 99 -6.24 -2.90 -10.99
CA GLN B 99 -6.16 -1.45 -11.04
C GLN B 99 -6.11 -1.06 -12.50
N LEU B 100 -5.49 -1.93 -13.30
CA LEU B 100 -5.26 -1.74 -14.73
C LEU B 100 -4.50 -0.41 -15.03
N GLY B 101 -5.11 0.72 -14.72
CA GLY B 101 -4.45 2.01 -14.89
C GLY B 101 -4.48 2.88 -13.65
N GLY B 102 -4.47 2.24 -12.48
CA GLY B 102 -4.68 2.91 -11.20
C GLY B 102 -3.52 3.72 -10.64
N HIS B 103 -2.30 3.34 -11.02
CA HIS B 103 -1.09 4.06 -10.61
C HIS B 103 0.09 3.35 -11.24
N GLU B 104 -0.18 2.12 -11.67
CA GLU B 104 0.76 1.27 -12.38
C GLU B 104 0.35 1.22 -13.86
N THR B 105 1.25 1.67 -14.75
CA THR B 105 0.93 1.76 -16.16
C THR B 105 0.49 0.44 -16.74
N ILE B 106 -0.44 0.48 -17.68
CA ILE B 106 -0.86 -0.73 -18.35
C ILE B 106 0.36 -1.51 -18.86
N GLU B 107 1.40 -0.80 -19.30
CA GLU B 107 2.63 -1.43 -19.75
C GLU B 107 3.17 -2.38 -18.69
N ASP B 108 3.21 -1.91 -17.44
CA ASP B 108 3.62 -2.72 -16.32
C ASP B 108 2.62 -3.85 -16.04
N THR B 109 1.38 -3.49 -15.79
CA THR B 109 0.34 -4.49 -15.52
C THR B 109 0.31 -5.59 -16.57
N SER B 110 0.40 -5.21 -17.84
CA SER B 110 0.42 -6.18 -18.93
C SER B 110 1.63 -7.09 -18.87
N ARG B 111 2.79 -6.51 -18.62
CA ARG B 111 4.02 -7.28 -18.62
C ARG B 111 4.05 -8.35 -17.51
N VAL B 112 3.56 -7.99 -16.32
CA VAL B 112 3.63 -8.92 -15.20
C VAL B 112 2.49 -9.93 -15.20
N LEU B 113 1.32 -9.53 -15.69
CA LEU B 113 0.22 -10.47 -15.87
C LEU B 113 0.60 -11.57 -16.85
N SER B 114 1.51 -11.26 -17.75
CA SER B 114 1.92 -12.22 -18.78
C SER B 114 2.78 -13.33 -18.20
N ARG B 115 3.38 -13.07 -17.04
CA ARG B 115 4.19 -14.06 -16.33
C ARG B 115 3.39 -14.89 -15.34
N LEU B 116 2.12 -14.55 -15.13
CA LEU B 116 1.34 -15.20 -14.07
C LEU B 116 0.11 -15.95 -14.55
N VAL B 117 -0.35 -15.67 -15.77
CA VAL B 117 -1.43 -16.47 -16.33
C VAL B 117 -1.11 -16.78 -17.77
N ASP B 118 -1.87 -17.72 -18.33
CA ASP B 118 -1.64 -18.24 -19.67
C ASP B 118 -2.41 -17.45 -20.75
N ILE B 119 -3.48 -16.77 -20.34
CA ILE B 119 -4.35 -16.05 -21.26
C ILE B 119 -5.15 -15.01 -20.46
N LEU B 120 -5.64 -13.97 -21.13
CA LEU B 120 -6.32 -12.85 -20.47
C LEU B 120 -7.65 -12.47 -21.08
N MET B 121 -8.61 -12.14 -20.22
CA MET B 121 -9.89 -11.61 -20.67
C MET B 121 -10.17 -10.34 -19.86
N ALA B 122 -10.84 -9.36 -20.45
CA ALA B 122 -11.11 -8.13 -19.72
C ALA B 122 -12.40 -7.50 -20.16
N ARG B 123 -13.30 -7.25 -19.21
CA ARG B 123 -14.51 -6.46 -19.43
C ARG B 123 -14.16 -5.04 -19.01
N VAL B 124 -13.75 -4.24 -19.98
CA VAL B 124 -13.21 -2.93 -19.67
C VAL B 124 -14.27 -1.84 -19.92
N GLU B 125 -14.09 -0.67 -19.29
CA GLU B 125 -15.03 0.42 -19.43
C GLU B 125 -14.80 1.16 -20.74
N ARG B 126 -13.57 1.58 -20.95
CA ARG B 126 -13.18 2.24 -22.19
C ARG B 126 -12.42 1.27 -23.09
N HIS B 127 -12.90 1.07 -24.30
CA HIS B 127 -12.26 0.17 -25.25
C HIS B 127 -10.76 0.44 -25.36
N HIS B 128 -10.37 1.70 -25.45
CA HIS B 128 -8.96 2.00 -25.67
C HIS B 128 -8.06 1.11 -24.79
N SER B 129 -8.46 0.89 -23.54
CA SER B 129 -7.59 0.18 -22.60
C SER B 129 -7.60 -1.33 -22.76
N ILE B 130 -8.61 -1.87 -23.38
CA ILE B 130 -8.60 -3.30 -23.70
C ILE B 130 -7.57 -3.57 -24.78
N VAL B 131 -7.38 -2.63 -25.70
CA VAL B 131 -6.44 -2.88 -26.77
C VAL B 131 -5.03 -2.57 -26.28
N ASP B 132 -4.91 -1.54 -25.47
CA ASP B 132 -3.64 -1.24 -24.81
C ASP B 132 -3.10 -2.50 -24.12
N LEU B 133 -4.01 -3.24 -23.52
CA LEU B 133 -3.70 -4.47 -22.83
C LEU B 133 -3.28 -5.55 -23.84
N ALA B 134 -4.08 -5.73 -24.88
CA ALA B 134 -3.76 -6.69 -25.92
C ALA B 134 -2.42 -6.40 -26.58
N ASN B 135 -2.05 -5.13 -26.62
CA ASN B 135 -0.83 -4.72 -27.30
C ASN B 135 0.40 -4.95 -26.44
N CYS B 136 0.25 -4.79 -25.15
CA CYS B 136 1.37 -4.85 -24.24
C CYS B 136 1.57 -6.21 -23.59
N ALA B 137 0.56 -7.06 -23.67
CA ALA B 137 0.68 -8.41 -23.13
C ALA B 137 1.31 -9.35 -24.15
N THR B 138 2.01 -10.36 -23.65
CA THR B 138 2.65 -11.35 -24.50
C THR B 138 1.77 -12.58 -24.66
N ILE B 139 0.69 -12.64 -23.89
CA ILE B 139 -0.25 -13.73 -23.94
C ILE B 139 -1.52 -13.24 -24.60
N PRO B 140 -2.31 -14.16 -25.17
CA PRO B 140 -3.56 -13.80 -25.85
C PRO B 140 -4.48 -13.01 -24.95
N VAL B 141 -5.15 -12.01 -25.53
CA VAL B 141 -6.11 -11.20 -24.80
C VAL B 141 -7.48 -11.26 -25.42
N ILE B 142 -8.52 -11.46 -24.60
CA ILE B 142 -9.90 -11.50 -25.08
C ILE B 142 -10.71 -10.31 -24.54
N ASN B 143 -11.51 -9.72 -25.40
CA ASN B 143 -12.32 -8.57 -25.04
C ASN B 143 -13.69 -9.01 -24.50
N GLY B 144 -13.82 -9.00 -23.17
CA GLY B 144 -15.07 -9.35 -22.50
C GLY B 144 -16.24 -8.49 -22.93
N MET B 145 -15.93 -7.22 -23.20
CA MET B 145 -16.84 -6.24 -23.75
C MET B 145 -16.36 -4.87 -23.34
N SER B 146 -16.34 -3.95 -24.30
CA SER B 146 -15.92 -2.57 -24.02
C SER B 146 -17.08 -1.65 -24.33
N ASP B 147 -16.80 -0.35 -24.38
CA ASP B 147 -17.82 0.62 -24.70
C ASP B 147 -18.08 0.61 -26.20
N TYR B 148 -17.25 -0.14 -26.93
CA TYR B 148 -17.23 -0.11 -28.39
C TYR B 148 -17.90 -1.30 -29.05
N ASN B 149 -17.47 -2.49 -28.65
CA ASN B 149 -18.06 -3.71 -29.18
C ASN B 149 -18.12 -4.84 -28.14
N HIS B 150 -18.73 -5.94 -28.56
CA HIS B 150 -18.89 -7.11 -27.73
C HIS B 150 -18.64 -8.36 -28.56
N PRO B 151 -17.37 -8.72 -28.76
CA PRO B 151 -16.97 -9.65 -29.83
C PRO B 151 -17.22 -11.10 -29.45
N THR B 152 -17.14 -11.34 -28.14
CA THR B 152 -17.39 -12.65 -27.58
C THR B 152 -18.90 -12.94 -27.68
N GLN B 153 -19.69 -11.91 -27.95
CA GLN B 153 -21.13 -12.07 -28.14
C GLN B 153 -21.40 -12.20 -29.62
N GLU B 154 -20.67 -11.46 -30.45
CA GLU B 154 -20.84 -11.61 -31.88
C GLU B 154 -20.78 -13.11 -32.18
N LEU B 155 -19.85 -13.82 -31.56
CA LEU B 155 -19.61 -15.24 -31.92
C LEU B 155 -20.65 -16.17 -31.32
N GLY B 156 -21.07 -15.88 -30.09
CA GLY B 156 -22.12 -16.64 -29.46
C GLY B 156 -23.38 -16.57 -30.29
N ASP B 157 -23.65 -15.40 -30.83
CA ASP B 157 -24.85 -15.21 -31.61
C ASP B 157 -24.74 -15.82 -33.00
N LEU B 158 -23.54 -15.81 -33.57
CA LEU B 158 -23.33 -16.48 -34.85
C LEU B 158 -23.67 -17.95 -34.72
N CYS B 159 -23.15 -18.58 -33.66
CA CYS B 159 -23.40 -20.00 -33.41
C CYS B 159 -24.89 -20.23 -33.30
N THR B 160 -25.55 -19.35 -32.56
CA THR B 160 -26.98 -19.48 -32.36
C THR B 160 -27.75 -19.48 -33.68
N MET B 161 -27.41 -18.55 -34.56
CA MET B 161 -28.12 -18.41 -35.84
C MET B 161 -27.90 -19.62 -36.73
N VAL B 162 -26.67 -20.12 -36.71
CA VAL B 162 -26.32 -21.33 -37.44
C VAL B 162 -27.21 -22.50 -37.06
N GLU B 163 -27.31 -22.72 -35.74
CA GLU B 163 -28.17 -23.75 -35.19
C GLU B 163 -29.67 -23.58 -35.52
N HIS B 164 -30.04 -22.46 -36.15
CA HIS B 164 -31.44 -22.12 -36.33
C HIS B 164 -31.78 -21.47 -37.68
N LEU B 165 -31.44 -22.11 -38.80
CA LEU B 165 -31.66 -21.50 -40.12
C LEU B 165 -33.10 -21.57 -40.74
N PRO B 166 -33.94 -22.45 -40.17
CA PRO B 166 -35.07 -23.02 -40.89
C PRO B 166 -35.03 -22.96 -42.42
N GLU B 167 -35.08 -24.15 -43.01
CA GLU B 167 -35.48 -24.37 -44.40
C GLU B 167 -34.62 -23.74 -45.48
N GLY B 168 -33.61 -24.47 -45.90
CA GLY B 168 -32.89 -24.16 -47.13
C GLY B 168 -32.53 -22.71 -47.34
N LYS B 169 -32.58 -21.93 -46.28
CA LYS B 169 -31.91 -20.64 -46.30
C LYS B 169 -30.53 -20.98 -45.79
N LYS B 170 -29.50 -20.41 -46.40
CA LYS B 170 -28.12 -20.83 -46.15
C LYS B 170 -27.30 -19.89 -45.27
N LEU B 171 -27.96 -18.87 -44.71
CA LEU B 171 -27.33 -17.90 -43.81
C LEU B 171 -26.95 -16.66 -44.58
N GLU B 172 -26.08 -16.82 -45.57
CA GLU B 172 -25.68 -15.73 -46.44
C GLU B 172 -26.89 -14.97 -46.98
N ASP B 173 -28.06 -15.59 -46.89
CA ASP B 173 -29.27 -14.97 -47.41
C ASP B 173 -30.38 -14.89 -46.36
N CYS B 174 -29.99 -14.90 -45.10
CA CYS B 174 -30.90 -14.59 -44.02
C CYS B 174 -30.93 -13.09 -43.75
N LYS B 175 -32.02 -12.59 -43.17
CA LYS B 175 -32.14 -11.18 -42.82
C LYS B 175 -32.16 -11.02 -41.31
N VAL B 176 -31.21 -10.27 -40.79
CA VAL B 176 -31.10 -10.05 -39.36
C VAL B 176 -31.43 -8.61 -39.06
N VAL B 177 -32.40 -8.39 -38.20
CA VAL B 177 -32.84 -7.03 -37.90
C VAL B 177 -32.68 -6.69 -36.44
N PHE B 178 -32.05 -5.55 -36.16
CA PHE B 178 -31.88 -5.10 -34.80
C PHE B 178 -32.77 -3.89 -34.49
N VAL B 179 -33.63 -4.00 -33.48
CA VAL B 179 -34.51 -2.89 -33.10
C VAL B 179 -34.09 -2.19 -31.82
N GLY B 180 -34.03 -0.87 -31.89
CA GLY B 180 -33.74 -0.05 -30.73
C GLY B 180 -32.46 0.77 -30.80
N ASP B 181 -31.81 0.91 -29.65
CA ASP B 181 -30.66 1.80 -29.48
C ASP B 181 -29.41 1.23 -30.16
N ALA B 182 -28.52 2.10 -30.61
CA ALA B 182 -27.30 1.64 -31.23
C ALA B 182 -26.25 1.30 -30.19
N THR B 183 -26.52 0.27 -29.39
CA THR B 183 -25.59 -0.15 -28.34
C THR B 183 -24.42 -0.91 -28.97
N GLN B 184 -23.39 -1.24 -28.18
CA GLN B 184 -22.25 -1.97 -28.75
C GLN B 184 -22.65 -3.36 -29.18
N VAL B 185 -23.63 -3.92 -28.49
CA VAL B 185 -24.21 -5.19 -28.88
C VAL B 185 -24.77 -5.04 -30.29
N CYS B 186 -25.53 -3.97 -30.52
CA CYS B 186 -26.07 -3.68 -31.84
C CYS B 186 -24.98 -3.64 -32.88
N PHE B 187 -24.00 -2.75 -32.67
CA PHE B 187 -22.89 -2.58 -33.61
C PHE B 187 -22.21 -3.90 -33.91
N SER B 188 -21.94 -4.66 -32.85
CA SER B 188 -21.29 -5.95 -33.00
C SER B 188 -22.09 -6.89 -33.87
N LEU B 189 -23.39 -6.91 -33.70
CA LEU B 189 -24.25 -7.76 -34.51
C LEU B 189 -24.12 -7.44 -35.99
N GLY B 190 -23.97 -6.16 -36.31
CA GLY B 190 -23.86 -5.75 -37.69
C GLY B 190 -22.50 -6.08 -38.22
N LEU B 191 -21.54 -5.92 -37.34
CA LEU B 191 -20.15 -6.18 -37.66
C LEU B 191 -19.92 -7.66 -38.01
N ILE B 192 -20.72 -8.54 -37.44
CA ILE B 192 -20.54 -9.99 -37.64
C ILE B 192 -21.41 -10.52 -38.77
N THR B 193 -22.63 -10.00 -38.89
CA THR B 193 -23.55 -10.49 -39.91
C THR B 193 -23.06 -10.06 -41.29
N THR B 194 -22.54 -8.85 -41.38
CA THR B 194 -21.96 -8.36 -42.61
C THR B 194 -20.71 -9.15 -42.96
N LYS B 195 -19.94 -9.53 -41.92
CA LYS B 195 -18.73 -10.35 -42.05
C LYS B 195 -19.04 -11.62 -42.81
N MET B 196 -20.20 -12.18 -42.51
CA MET B 196 -20.63 -13.48 -43.02
C MET B 196 -21.47 -13.37 -44.28
N GLY B 197 -21.64 -12.16 -44.78
CA GLY B 197 -22.31 -11.94 -46.05
C GLY B 197 -23.82 -12.00 -45.97
N MET B 198 -24.32 -11.73 -44.77
CA MET B 198 -25.76 -11.70 -44.53
C MET B 198 -26.40 -10.33 -44.82
N ASN B 199 -27.70 -10.25 -44.60
CA ASN B 199 -28.40 -9.00 -44.78
C ASN B 199 -28.77 -8.41 -43.43
N PHE B 200 -28.09 -7.33 -43.08
CA PHE B 200 -28.28 -6.68 -41.79
C PHE B 200 -29.10 -5.42 -41.94
N VAL B 201 -29.76 -5.02 -40.85
CA VAL B 201 -30.48 -3.77 -40.79
C VAL B 201 -30.66 -3.38 -39.35
N HIS B 202 -30.29 -2.15 -39.04
CA HIS B 202 -30.59 -1.57 -37.75
C HIS B 202 -31.67 -0.58 -38.01
N PHE B 203 -32.86 -0.79 -37.45
CA PHE B 203 -33.86 0.26 -37.50
C PHE B 203 -34.00 0.83 -36.11
N GLY B 204 -34.22 2.13 -36.04
CA GLY B 204 -34.18 2.81 -34.77
C GLY B 204 -34.31 4.28 -35.03
N PRO B 205 -34.66 5.02 -33.98
CA PRO B 205 -35.04 6.45 -33.95
C PRO B 205 -33.96 7.34 -34.55
N GLU B 206 -34.37 8.41 -35.22
CA GLU B 206 -33.43 9.28 -35.91
C GLU B 206 -32.25 9.59 -35.02
N GLY B 207 -32.52 9.67 -33.72
CA GLY B 207 -31.48 10.01 -32.78
C GLY B 207 -30.50 8.92 -32.40
N PHE B 208 -30.91 7.66 -32.54
CA PHE B 208 -30.15 6.57 -31.97
C PHE B 208 -29.77 5.50 -32.98
N GLN B 209 -29.44 5.93 -34.19
CA GLN B 209 -29.01 5.00 -35.22
C GLN B 209 -27.50 4.84 -35.18
N LEU B 210 -26.99 3.78 -35.78
CA LEU B 210 -25.56 3.61 -35.89
C LEU B 210 -25.01 4.77 -36.71
N ASN B 211 -23.90 5.37 -36.28
CA ASN B 211 -23.36 6.53 -36.97
C ASN B 211 -22.57 6.22 -38.24
N GLU B 212 -22.30 7.26 -39.04
CA GLU B 212 -21.67 7.09 -40.34
C GLU B 212 -20.32 6.47 -40.18
N GLU B 213 -19.67 6.77 -39.06
CA GLU B 213 -18.33 6.23 -38.79
C GLU B 213 -18.42 4.74 -38.53
N HIS B 214 -19.56 4.32 -38.01
CA HIS B 214 -19.81 2.91 -37.77
C HIS B 214 -20.29 2.22 -39.04
N GLN B 215 -21.25 2.83 -39.75
CA GLN B 215 -21.72 2.25 -40.99
C GLN B 215 -20.55 2.11 -41.97
N ALA B 216 -19.59 3.02 -41.85
CA ALA B 216 -18.42 3.02 -42.69
C ALA B 216 -17.78 1.66 -42.64
N LYS B 217 -17.71 1.13 -41.42
CA LYS B 217 -17.13 -0.20 -41.16
C LYS B 217 -18.01 -1.33 -41.70
N LEU B 218 -19.31 -1.23 -41.47
CA LEU B 218 -20.28 -2.17 -42.04
C LEU B 218 -20.21 -2.21 -43.57
N ALA B 219 -20.18 -1.02 -44.18
CA ALA B 219 -20.04 -0.93 -45.62
C ALA B 219 -18.82 -1.70 -46.08
N LYS B 220 -17.67 -1.40 -45.49
CA LYS B 220 -16.41 -2.07 -45.83
C LYS B 220 -16.60 -3.58 -45.81
N ASN B 221 -17.28 -4.07 -44.79
CA ASN B 221 -17.53 -5.49 -44.65
C ASN B 221 -18.24 -6.11 -45.86
N CYS B 222 -19.27 -5.43 -46.35
CA CYS B 222 -20.06 -5.99 -47.43
C CYS B 222 -19.38 -5.85 -48.78
N GLU B 223 -18.46 -4.91 -48.88
CA GLU B 223 -17.72 -4.74 -50.12
C GLU B 223 -16.88 -5.97 -50.32
N VAL B 224 -16.94 -6.87 -49.34
CA VAL B 224 -16.12 -8.06 -49.35
C VAL B 224 -16.95 -9.33 -49.27
N SER B 225 -18.17 -9.23 -48.72
CA SER B 225 -18.96 -10.41 -48.41
C SER B 225 -20.28 -10.51 -49.16
N GLY B 226 -20.86 -9.39 -49.56
CA GLY B 226 -22.17 -9.39 -50.19
C GLY B 226 -23.32 -9.18 -49.21
N GLY B 227 -23.23 -8.15 -48.39
CA GLY B 227 -24.15 -7.95 -47.29
C GLY B 227 -25.08 -6.79 -47.53
N SER B 228 -25.35 -5.96 -46.51
CA SER B 228 -26.33 -4.89 -46.62
C SER B 228 -26.59 -4.22 -45.27
N PHE B 229 -27.29 -3.08 -45.26
CA PHE B 229 -27.78 -2.52 -43.97
C PHE B 229 -28.80 -1.35 -43.90
N LEU B 230 -29.51 -1.25 -42.76
CA LEU B 230 -30.16 -0.03 -42.23
C LEU B 230 -31.46 0.51 -42.88
N VAL B 231 -32.24 1.19 -42.01
CA VAL B 231 -33.33 2.18 -42.30
C VAL B 231 -33.78 2.87 -40.99
N THR B 232 -34.84 3.67 -41.06
CA THR B 232 -35.42 4.34 -39.87
C THR B 232 -36.89 4.02 -39.68
N ASP B 233 -37.59 3.80 -40.80
CA ASP B 233 -39.03 3.59 -40.76
C ASP B 233 -39.29 2.15 -40.43
N ASP B 234 -39.83 1.89 -39.24
CA ASP B 234 -40.04 0.53 -38.76
C ASP B 234 -40.99 -0.27 -39.64
N ALA B 235 -41.98 -0.87 -39.00
CA ALA B 235 -43.06 -1.56 -39.69
C ALA B 235 -42.87 -1.66 -41.20
N SER B 236 -41.69 -2.14 -41.62
CA SER B 236 -41.44 -2.40 -43.04
C SER B 236 -40.06 -3.03 -43.25
N SER B 237 -39.11 -2.65 -42.39
CA SER B 237 -37.78 -3.24 -42.48
C SER B 237 -37.74 -4.53 -41.71
N VAL B 238 -38.70 -4.72 -40.81
CA VAL B 238 -38.85 -5.98 -40.11
C VAL B 238 -39.39 -7.06 -41.04
N GLU B 239 -40.05 -6.64 -42.11
CA GLU B 239 -40.66 -7.58 -43.03
C GLU B 239 -39.58 -8.52 -43.60
N GLY B 240 -39.88 -9.82 -43.61
CA GLY B 240 -39.00 -10.80 -44.21
C GLY B 240 -37.77 -11.10 -43.37
N ALA B 241 -37.77 -10.61 -42.14
CA ALA B 241 -36.64 -10.85 -41.26
C ALA B 241 -36.67 -12.29 -40.84
N ASP B 242 -35.49 -12.90 -40.74
CA ASP B 242 -35.36 -14.27 -40.28
C ASP B 242 -35.04 -14.28 -38.78
N PHE B 243 -34.35 -13.22 -38.36
CA PHE B 243 -33.99 -13.02 -36.97
C PHE B 243 -34.27 -11.59 -36.51
N LEU B 244 -34.99 -11.44 -35.41
CA LEU B 244 -35.28 -10.12 -34.85
C LEU B 244 -34.58 -10.02 -33.52
N TYR B 245 -33.74 -9.00 -33.38
CA TYR B 245 -32.82 -8.91 -32.26
C TYR B 245 -32.98 -7.56 -31.58
N THR B 246 -33.01 -7.53 -30.26
CA THR B 246 -33.04 -6.27 -29.54
C THR B 246 -32.20 -6.32 -28.26
N ASP B 247 -31.89 -5.14 -27.72
CA ASP B 247 -31.17 -4.99 -26.47
C ASP B 247 -32.01 -4.01 -25.65
N VAL B 248 -31.46 -3.45 -24.59
CA VAL B 248 -32.21 -2.56 -23.73
C VAL B 248 -32.07 -1.09 -24.13
N TRP B 249 -32.94 -0.25 -23.56
CA TRP B 249 -33.04 1.16 -23.96
C TRP B 249 -32.23 2.13 -23.09
N TYR B 250 -31.82 1.70 -21.89
CA TYR B 250 -30.95 2.53 -21.06
C TYR B 250 -29.88 3.13 -21.99
N GLY B 251 -29.26 4.22 -21.54
CA GLY B 251 -28.22 4.87 -22.33
C GLY B 251 -26.86 4.23 -22.15
N LEU B 252 -25.83 5.06 -22.01
CA LEU B 252 -24.42 4.64 -21.98
C LEU B 252 -23.79 4.63 -20.57
N TYR B 253 -24.24 3.71 -19.70
CA TYR B 253 -23.79 3.58 -18.30
C TYR B 253 -23.12 4.83 -17.75
N GLU B 254 -23.74 5.98 -18.00
CA GLU B 254 -23.21 7.28 -17.59
C GLU B 254 -24.26 8.36 -17.88
N ALA B 255 -24.93 8.24 -19.01
CA ALA B 255 -26.10 9.05 -19.31
C ALA B 255 -27.21 8.04 -19.52
N GLU B 256 -27.83 7.61 -18.45
CA GLU B 256 -28.63 6.42 -18.59
C GLU B 256 -30.10 6.70 -18.31
N LEU B 257 -30.64 5.77 -17.54
CA LEU B 257 -31.85 5.90 -16.75
C LEU B 257 -32.41 7.31 -16.57
N SER B 258 -32.84 7.95 -17.66
CA SER B 258 -34.11 8.64 -17.59
C SER B 258 -35.09 7.49 -17.68
N GLU B 259 -36.02 7.41 -16.74
CA GLU B 259 -36.98 6.33 -16.70
C GLU B 259 -38.03 6.50 -17.80
N GLU B 260 -38.92 7.48 -17.61
CA GLU B 260 -40.00 7.71 -18.55
C GLU B 260 -39.50 8.47 -19.77
N GLU B 261 -38.19 8.76 -19.80
CA GLU B 261 -37.60 9.42 -20.95
C GLU B 261 -37.18 8.38 -22.00
N ARG B 262 -36.77 7.21 -21.53
CA ARG B 262 -36.57 6.08 -22.42
C ARG B 262 -37.86 5.75 -23.12
N MET B 263 -38.91 5.59 -22.34
CA MET B 263 -40.23 5.33 -22.88
C MET B 263 -40.66 6.37 -23.91
N LYS B 264 -40.34 7.64 -23.65
CA LYS B 264 -40.72 8.74 -24.53
C LYS B 264 -40.26 8.47 -25.97
N VAL B 265 -39.00 8.08 -26.13
CA VAL B 265 -38.39 7.94 -27.44
C VAL B 265 -38.71 6.62 -28.13
N PHE B 266 -38.76 5.53 -27.38
CA PHE B 266 -38.88 4.21 -27.96
C PHE B 266 -40.27 3.57 -27.93
N TYR B 267 -41.09 3.88 -26.92
CA TYR B 267 -42.36 3.16 -26.76
C TYR B 267 -43.47 3.44 -27.78
N PRO B 268 -43.24 4.38 -28.71
CA PRO B 268 -44.12 4.16 -29.85
C PRO B 268 -43.89 2.73 -30.38
N LYS B 269 -43.18 2.65 -31.51
CA LYS B 269 -42.81 1.39 -32.13
C LYS B 269 -41.73 0.75 -31.32
N TYR B 270 -40.62 0.44 -31.98
CA TYR B 270 -39.35 -0.01 -31.36
C TYR B 270 -39.46 -1.07 -30.24
N GLN B 271 -40.69 -1.37 -29.81
CA GLN B 271 -40.93 -2.46 -28.88
C GLN B 271 -41.31 -3.72 -29.64
N VAL B 272 -40.67 -4.82 -29.30
CA VAL B 272 -40.91 -6.08 -29.97
C VAL B 272 -42.05 -6.84 -29.30
N ASN B 273 -43.23 -6.77 -29.92
CA ASN B 273 -44.42 -7.43 -29.43
C ASN B 273 -44.86 -8.45 -30.46
N GLN B 274 -45.92 -9.21 -30.18
CA GLN B 274 -46.35 -10.21 -31.15
C GLN B 274 -46.68 -9.59 -32.51
N GLU B 275 -47.34 -8.44 -32.49
CA GLU B 275 -47.69 -7.78 -33.73
C GLU B 275 -46.44 -7.51 -34.55
N MET B 276 -45.44 -6.93 -33.90
CA MET B 276 -44.15 -6.68 -34.51
C MET B 276 -43.52 -7.95 -35.05
N MET B 277 -43.69 -9.04 -34.29
CA MET B 277 -43.14 -10.34 -34.62
C MET B 277 -43.79 -10.90 -35.88
N ASP B 278 -45.12 -10.87 -35.88
CA ASP B 278 -45.92 -11.34 -37.01
C ASP B 278 -45.59 -10.55 -38.27
N ARG B 279 -45.39 -9.26 -38.08
CA ARG B 279 -45.08 -8.37 -39.19
C ARG B 279 -43.81 -8.79 -39.90
N ALA B 280 -42.89 -9.38 -39.12
CA ALA B 280 -41.58 -9.75 -39.61
C ALA B 280 -41.65 -11.02 -40.44
N GLY B 281 -42.29 -12.04 -39.90
CA GLY B 281 -42.39 -13.31 -40.59
C GLY B 281 -43.07 -14.34 -39.74
N ALA B 282 -43.61 -15.37 -40.39
CA ALA B 282 -44.30 -16.43 -39.68
C ALA B 282 -43.37 -17.09 -38.66
N ASN B 283 -42.17 -17.44 -39.09
CA ASN B 283 -41.23 -18.11 -38.21
C ASN B 283 -39.93 -17.33 -38.04
N CYS B 284 -40.06 -16.04 -37.85
CA CYS B 284 -38.93 -15.22 -37.49
C CYS B 284 -38.57 -15.53 -36.05
N LYS B 285 -37.34 -15.94 -35.79
CA LYS B 285 -36.92 -16.26 -34.42
C LYS B 285 -36.49 -14.98 -33.69
N PHE B 286 -36.73 -14.91 -32.38
CA PHE B 286 -36.40 -13.72 -31.60
C PHE B 286 -35.12 -13.89 -30.78
N MET B 287 -34.30 -12.84 -30.76
CA MET B 287 -33.04 -12.87 -30.05
C MET B 287 -32.85 -11.65 -29.15
N HIS B 288 -32.22 -11.86 -28.01
CA HIS B 288 -31.95 -10.82 -27.03
C HIS B 288 -30.72 -11.24 -26.22
N CYS B 289 -29.75 -10.34 -26.10
CA CYS B 289 -28.49 -10.67 -25.45
C CYS B 289 -28.65 -10.75 -23.96
N LEU B 290 -29.80 -10.30 -23.49
CA LEU B 290 -30.14 -10.26 -22.08
C LEU B 290 -29.17 -9.35 -21.34
N PRO B 291 -29.63 -8.76 -20.22
CA PRO B 291 -30.88 -9.06 -19.53
C PRO B 291 -32.00 -8.28 -20.16
N ALA B 292 -33.22 -8.77 -20.03
CA ALA B 292 -34.34 -8.10 -20.67
C ALA B 292 -35.28 -7.45 -19.65
N THR B 293 -35.55 -6.16 -19.85
CA THR B 293 -36.61 -5.48 -19.11
C THR B 293 -37.93 -5.76 -19.80
N ARG B 294 -38.61 -6.81 -19.38
CA ARG B 294 -39.88 -7.20 -19.99
C ARG B 294 -40.90 -6.09 -19.91
N GLY B 295 -41.66 -5.91 -20.98
CA GLY B 295 -42.61 -4.82 -21.02
C GLY B 295 -42.09 -3.60 -21.77
N GLU B 296 -40.77 -3.39 -21.71
CA GLU B 296 -40.15 -2.30 -22.45
C GLU B 296 -39.75 -2.71 -23.88
N GLU B 297 -38.54 -3.20 -24.07
CA GLU B 297 -38.08 -3.51 -25.44
C GLU B 297 -38.72 -4.76 -26.05
N VAL B 298 -39.41 -5.53 -25.22
CA VAL B 298 -40.07 -6.74 -25.70
C VAL B 298 -41.16 -7.17 -24.71
N THR B 299 -42.30 -7.62 -25.24
CA THR B 299 -43.41 -8.09 -24.41
C THR B 299 -43.12 -9.52 -24.03
N ASP B 300 -43.76 -9.98 -22.95
CA ASP B 300 -43.52 -11.32 -22.45
C ASP B 300 -43.95 -12.41 -23.43
N GLU B 301 -45.08 -12.21 -24.10
CA GLU B 301 -45.59 -13.20 -25.05
C GLU B 301 -44.60 -13.54 -26.18
N VAL B 302 -43.66 -12.63 -26.42
CA VAL B 302 -42.67 -12.81 -27.47
C VAL B 302 -41.46 -13.54 -26.93
N ILE B 303 -40.86 -12.98 -25.88
CA ILE B 303 -39.65 -13.55 -25.30
C ILE B 303 -39.88 -14.96 -24.74
N ASP B 304 -41.08 -15.22 -24.22
CA ASP B 304 -41.40 -16.55 -23.72
C ASP B 304 -42.13 -17.37 -24.79
N GLY B 305 -42.18 -16.84 -26.00
CA GLY B 305 -42.84 -17.50 -27.12
C GLY B 305 -42.12 -18.66 -27.78
N LYS B 306 -42.85 -19.33 -28.66
CA LYS B 306 -42.35 -20.50 -29.36
C LYS B 306 -41.20 -20.14 -30.30
N ASN B 307 -41.14 -18.87 -30.71
CA ASN B 307 -40.11 -18.45 -31.64
C ASN B 307 -38.92 -17.78 -30.97
N SER B 308 -38.89 -17.78 -29.65
CA SER B 308 -37.79 -17.17 -28.93
C SER B 308 -36.63 -18.14 -28.76
N ILE B 309 -35.42 -17.69 -29.10
CA ILE B 309 -34.24 -18.50 -28.96
C ILE B 309 -33.24 -17.80 -28.05
N CYS B 310 -33.73 -16.80 -27.32
CA CYS B 310 -32.83 -15.94 -26.56
C CYS B 310 -32.06 -16.71 -25.47
N PHE B 311 -32.62 -17.86 -25.08
CA PHE B 311 -32.00 -18.64 -24.04
C PHE B 311 -30.99 -19.64 -24.58
N ASP B 312 -31.24 -20.17 -25.78
CA ASP B 312 -30.22 -20.96 -26.46
C ASP B 312 -29.04 -20.03 -26.68
N GLU B 313 -29.34 -18.85 -27.21
CA GLU B 313 -28.35 -17.84 -27.45
C GLU B 313 -27.54 -17.60 -26.21
N ALA B 314 -28.22 -17.53 -25.07
CA ALA B 314 -27.58 -17.33 -23.78
C ALA B 314 -26.59 -18.46 -23.45
N GLU B 315 -27.03 -19.70 -23.60
CA GLU B 315 -26.16 -20.84 -23.43
C GLU B 315 -24.96 -20.73 -24.34
N ASN B 316 -25.21 -20.31 -25.58
CA ASN B 316 -24.15 -20.17 -26.57
C ASN B 316 -23.10 -19.12 -26.24
N ARG B 317 -23.39 -18.24 -25.29
CA ARG B 317 -22.38 -17.29 -24.81
C ARG B 317 -21.18 -18.08 -24.32
N LEU B 318 -21.49 -19.17 -23.62
CA LEU B 318 -20.50 -20.14 -23.18
C LEU B 318 -19.99 -20.98 -24.35
N THR B 319 -20.90 -21.59 -25.10
CA THR B 319 -20.54 -22.38 -26.28
C THR B 319 -19.39 -21.82 -27.07
N SER B 320 -19.38 -20.49 -27.19
CA SER B 320 -18.45 -19.77 -28.03
C SER B 320 -17.19 -19.39 -27.29
N ILE B 321 -17.31 -19.01 -26.01
CA ILE B 321 -16.09 -18.69 -25.25
C ILE B 321 -15.30 -19.97 -25.00
N ARG B 322 -16.03 -21.07 -24.88
CA ARG B 322 -15.44 -22.39 -24.76
C ARG B 322 -14.47 -22.56 -25.95
N GLY B 323 -14.96 -22.35 -27.17
CA GLY B 323 -14.15 -22.59 -28.36
C GLY B 323 -13.13 -21.52 -28.62
N LEU B 324 -13.44 -20.31 -28.20
CA LEU B 324 -12.58 -19.17 -28.45
C LEU B 324 -11.27 -19.35 -27.67
N LEU B 325 -11.41 -19.85 -26.43
CA LEU B 325 -10.28 -20.09 -25.53
C LEU B 325 -9.36 -21.14 -26.08
N VAL B 326 -9.95 -22.24 -26.53
CA VAL B 326 -9.22 -23.31 -27.18
C VAL B 326 -8.43 -22.77 -28.39
N TYR B 327 -9.08 -22.06 -29.32
CA TYR B 327 -8.39 -21.49 -30.47
C TYR B 327 -7.15 -20.68 -30.07
N LEU B 328 -7.38 -19.66 -29.26
CA LEU B 328 -6.32 -18.75 -28.90
C LEU B 328 -5.10 -19.44 -28.30
N MET B 329 -5.38 -20.46 -27.48
CA MET B 329 -4.36 -21.22 -26.76
C MET B 329 -3.61 -22.17 -27.67
N ASN B 330 -4.36 -22.97 -28.43
CA ASN B 330 -3.76 -23.80 -29.46
C ASN B 330 -2.84 -22.99 -30.35
N ASP B 331 -3.37 -21.89 -30.87
CA ASP B 331 -2.60 -20.96 -31.68
C ASP B 331 -1.36 -20.50 -30.94
N TYR B 332 -1.51 -20.17 -29.66
CA TYR B 332 -0.37 -19.70 -28.90
C TYR B 332 0.70 -20.78 -28.80
N GLU B 333 0.28 -22.04 -28.79
CA GLU B 333 1.22 -23.14 -28.58
C GLU B 333 2.05 -23.44 -29.81
N ALA B 334 1.39 -23.59 -30.96
CA ALA B 334 2.11 -23.38 -32.20
C ALA B 334 2.65 -22.00 -31.97
N LYS B 335 3.79 -21.67 -32.55
CA LYS B 335 4.36 -20.36 -32.33
C LYS B 335 5.25 -20.33 -31.11
N ASN B 336 4.87 -21.12 -30.09
CA ASN B 336 5.57 -21.13 -28.82
C ASN B 336 5.61 -22.54 -28.26
N PRO B 337 6.09 -23.50 -29.07
CA PRO B 337 5.94 -24.93 -28.84
C PRO B 337 7.01 -25.44 -27.90
N TYR B 338 6.67 -26.46 -27.10
CA TYR B 338 7.58 -26.92 -26.07
C TYR B 338 8.65 -27.85 -26.63
N ASP B 339 9.88 -27.70 -26.15
CA ASP B 339 10.93 -28.64 -26.51
C ASP B 339 10.70 -29.97 -25.79
N LEU B 340 10.21 -30.97 -26.52
CA LEU B 340 9.84 -32.22 -25.88
C LEU B 340 10.99 -32.90 -25.13
N ILE B 341 12.20 -32.66 -25.62
CA ILE B 341 13.41 -33.12 -24.97
C ILE B 341 13.65 -32.38 -23.66
N LYS B 342 13.80 -31.04 -23.75
CA LYS B 342 13.97 -30.19 -22.57
C LYS B 342 12.90 -30.52 -21.54
N GLN B 343 11.70 -30.77 -22.04
CA GLN B 343 10.57 -31.13 -21.21
C GLN B 343 10.80 -32.47 -20.51
N ALA B 344 11.14 -33.48 -21.29
CA ALA B 344 11.44 -34.78 -20.71
C ALA B 344 12.52 -34.72 -19.63
N GLU B 345 13.60 -33.97 -19.86
CA GLU B 345 14.69 -33.87 -18.89
C GLU B 345 14.24 -33.13 -17.65
N ALA B 346 13.56 -32.00 -17.86
CA ALA B 346 13.05 -31.18 -16.78
C ALA B 346 12.23 -32.03 -15.86
N LYS B 347 11.47 -32.95 -16.45
CA LYS B 347 10.63 -33.86 -15.68
C LYS B 347 11.43 -34.88 -14.87
N LYS B 348 12.38 -35.56 -15.52
CA LYS B 348 13.28 -36.49 -14.81
C LYS B 348 14.04 -35.77 -13.71
N GLU B 349 14.64 -34.63 -14.04
CA GLU B 349 15.36 -33.83 -13.06
C GLU B 349 14.50 -33.62 -11.81
N LEU B 350 13.25 -33.25 -12.02
CA LEU B 350 12.34 -33.00 -10.90
C LEU B 350 12.10 -34.27 -10.12
N GLU B 351 11.81 -35.36 -10.82
CA GLU B 351 11.56 -36.67 -10.19
C GLU B 351 12.70 -37.05 -9.27
N VAL B 352 13.90 -36.96 -9.82
CA VAL B 352 15.08 -37.35 -9.08
C VAL B 352 15.23 -36.52 -7.84
N PHE B 353 15.10 -35.19 -8.00
CA PHE B 353 15.17 -34.26 -6.87
C PHE B 353 14.20 -34.65 -5.77
N LEU B 354 12.94 -34.84 -6.15
CA LEU B 354 11.90 -35.22 -5.20
C LEU B 354 12.16 -36.58 -4.55
N ASP B 355 12.69 -37.52 -5.32
CA ASP B 355 12.94 -38.89 -4.87
C ASP B 355 14.13 -38.98 -3.93
N THR B 356 15.00 -37.98 -3.94
CA THR B 356 16.29 -38.10 -3.29
C THR B 356 16.67 -37.01 -2.29
N GLN B 357 16.09 -35.82 -2.44
CA GLN B 357 16.45 -34.69 -1.59
C GLN B 357 15.36 -34.35 -0.59
N SER B 358 15.77 -33.85 0.58
CA SER B 358 14.80 -33.43 1.60
C SER B 358 15.41 -32.44 2.59
N ILE B 359 14.56 -31.88 3.45
CA ILE B 359 15.03 -31.09 4.59
C ILE B 359 14.27 -31.40 5.89
N HIS C 20 4.83 -29.08 15.14
CA HIS C 20 5.91 -30.06 15.18
C HIS C 20 5.59 -31.27 14.30
N MET C 21 4.30 -31.46 14.06
CA MET C 21 3.76 -32.27 12.97
C MET C 21 3.11 -31.35 11.93
N LYS C 22 3.95 -30.52 11.31
CA LYS C 22 3.57 -29.52 10.31
C LYS C 22 4.63 -28.43 10.38
N ARG C 23 4.70 -27.60 9.35
CA ARG C 23 5.58 -26.45 9.39
C ARG C 23 4.98 -25.23 8.69
N ASP C 24 5.26 -24.06 9.24
CA ASP C 24 4.75 -22.82 8.66
C ASP C 24 5.85 -22.06 7.93
N TYR C 25 5.47 -20.96 7.29
CA TYR C 25 6.41 -20.10 6.59
C TYR C 25 6.01 -18.66 6.95
N VAL C 26 6.43 -18.21 8.13
CA VAL C 26 6.09 -16.85 8.57
C VAL C 26 7.24 -15.87 8.40
N THR C 27 8.45 -16.31 8.76
CA THR C 27 9.65 -15.57 8.34
C THR C 27 10.79 -16.52 8.11
N THR C 28 11.76 -16.09 7.29
CA THR C 28 12.92 -16.91 6.95
C THR C 28 13.90 -16.99 8.10
N GLU C 29 13.51 -16.43 9.24
CA GLU C 29 14.37 -16.46 10.41
C GLU C 29 14.36 -17.86 10.98
N THR C 30 13.33 -18.63 10.63
CA THR C 30 13.18 -20.01 11.08
C THR C 30 13.82 -21.03 10.10
N TYR C 31 14.32 -20.56 8.97
CA TYR C 31 14.95 -21.43 7.99
C TYR C 31 16.46 -21.23 7.89
N THR C 32 17.19 -22.33 7.74
CA THR C 32 18.64 -22.27 7.63
C THR C 32 19.02 -21.99 6.19
N LYS C 33 20.26 -21.57 5.97
CA LYS C 33 20.74 -21.31 4.61
C LYS C 33 20.51 -22.52 3.70
N GLU C 34 20.76 -23.70 4.23
CA GLU C 34 20.65 -24.93 3.45
C GLU C 34 19.19 -25.16 3.07
N GLU C 35 18.30 -24.96 4.04
CA GLU C 35 16.88 -25.11 3.80
C GLU C 35 16.45 -24.17 2.66
N MET C 36 16.91 -22.92 2.71
CA MET C 36 16.54 -21.96 1.69
C MET C 36 17.09 -22.46 0.36
N HIS C 37 18.30 -22.99 0.38
CA HIS C 37 18.88 -23.52 -0.85
C HIS C 37 17.97 -24.59 -1.43
N TYR C 38 17.54 -25.53 -0.58
CA TYR C 38 16.58 -26.57 -0.99
C TYR C 38 15.38 -25.96 -1.70
N LEU C 39 14.73 -25.03 -1.03
CA LEU C 39 13.60 -24.31 -1.59
C LEU C 39 13.89 -23.72 -2.98
N VAL C 40 14.96 -22.96 -3.13
CA VAL C 40 15.33 -22.41 -4.42
C VAL C 40 15.44 -23.49 -5.50
N ASP C 41 16.18 -24.56 -5.19
CA ASP C 41 16.31 -25.68 -6.12
C ASP C 41 14.96 -26.31 -6.47
N LEU C 42 14.16 -26.63 -5.47
CA LEU C 42 12.85 -27.21 -5.73
C LEU C 42 12.05 -26.28 -6.63
N SER C 43 11.98 -25.01 -6.23
CA SER C 43 11.21 -24.00 -6.95
C SER C 43 11.60 -23.92 -8.41
N LEU C 44 12.89 -23.87 -8.64
CA LEU C 44 13.46 -23.77 -9.98
C LEU C 44 13.28 -25.04 -10.82
N LYS C 45 13.38 -26.23 -10.22
CA LYS C 45 13.22 -27.51 -10.94
C LYS C 45 11.80 -27.59 -11.45
N ILE C 46 10.88 -27.17 -10.59
CA ILE C 46 9.48 -27.06 -10.95
C ILE C 46 9.31 -26.03 -12.06
N LYS C 47 9.94 -24.87 -11.91
CA LYS C 47 9.85 -23.84 -12.94
C LYS C 47 10.21 -24.40 -14.31
N GLU C 48 11.34 -25.09 -14.39
CA GLU C 48 11.81 -25.61 -15.65
C GLU C 48 10.86 -26.64 -16.28
N ALA C 49 10.19 -27.40 -15.42
CA ALA C 49 9.25 -28.40 -15.89
C ALA C 49 8.06 -27.70 -16.51
N ILE C 50 7.52 -26.74 -15.78
CA ILE C 50 6.34 -26.03 -16.26
C ILE C 50 6.72 -25.19 -17.46
N LYS C 51 7.88 -24.55 -17.40
CA LYS C 51 8.36 -23.77 -18.54
C LYS C 51 8.33 -24.58 -19.83
N ASN C 52 8.39 -25.90 -19.71
CA ASN C 52 8.52 -26.74 -20.87
C ASN C 52 7.37 -27.70 -21.08
N GLY C 53 6.26 -27.44 -20.41
CA GLY C 53 5.02 -28.09 -20.77
C GLY C 53 4.63 -29.25 -19.89
N TYR C 54 5.45 -29.53 -18.88
CA TYR C 54 5.11 -30.55 -17.91
C TYR C 54 4.56 -29.88 -16.66
N TYR C 55 3.32 -30.20 -16.31
CA TYR C 55 2.71 -29.64 -15.12
C TYR C 55 2.64 -30.66 -13.99
N PRO C 56 3.66 -30.66 -13.11
CA PRO C 56 3.81 -31.57 -11.97
C PRO C 56 2.61 -31.52 -11.06
N GLN C 57 1.78 -32.54 -11.04
CA GLN C 57 0.59 -32.53 -10.20
C GLN C 57 0.89 -32.94 -8.76
N LEU C 58 1.70 -32.15 -8.09
CA LEU C 58 2.12 -32.47 -6.74
C LEU C 58 1.04 -32.17 -5.71
N LEU C 59 0.05 -31.36 -6.07
CA LEU C 59 -0.95 -30.95 -5.11
C LEU C 59 -2.38 -31.36 -5.46
N LYS C 60 -2.52 -32.50 -6.14
CA LYS C 60 -3.83 -32.94 -6.63
C LYS C 60 -4.92 -32.84 -5.55
N ASN C 61 -6.00 -32.12 -5.85
CA ASN C 61 -7.18 -32.11 -4.99
C ASN C 61 -7.02 -31.34 -3.68
N LYS C 62 -5.83 -30.79 -3.48
CA LYS C 62 -5.56 -30.03 -2.26
C LYS C 62 -6.13 -28.61 -2.31
N SER C 63 -6.71 -28.17 -1.19
CA SER C 63 -7.37 -26.86 -1.13
C SER C 63 -6.56 -25.87 -0.32
N LEU C 64 -6.22 -24.74 -0.92
CA LEU C 64 -5.53 -23.66 -0.22
C LEU C 64 -6.47 -22.51 0.08
N GLY C 65 -6.49 -22.07 1.32
CA GLY C 65 -7.32 -20.94 1.70
C GLY C 65 -6.49 -19.66 1.75
N MET C 66 -6.92 -18.67 0.96
CA MET C 66 -6.21 -17.39 0.89
C MET C 66 -6.99 -16.31 1.62
N ILE C 67 -6.35 -15.72 2.61
CA ILE C 67 -6.98 -14.70 3.44
C ILE C 67 -6.30 -13.39 3.17
N PHE C 68 -7.03 -12.44 2.60
CA PHE C 68 -6.45 -11.12 2.37
C PHE C 68 -7.17 -10.12 3.23
N GLN C 69 -6.42 -9.23 3.86
CA GLN C 69 -7.04 -8.15 4.62
C GLN C 69 -6.82 -6.86 3.87
N GLN C 70 -5.93 -6.92 2.89
CA GLN C 70 -5.68 -5.81 1.99
C GLN C 70 -5.50 -6.45 0.63
N SER C 71 -6.44 -6.18 -0.28
CA SER C 71 -6.42 -6.83 -1.58
C SER C 71 -5.04 -6.74 -2.25
N SER C 72 -4.64 -7.80 -2.93
CA SER C 72 -3.37 -7.80 -3.64
C SER C 72 -3.41 -8.73 -4.81
N THR C 73 -3.78 -8.20 -5.96
CA THR C 73 -3.87 -8.97 -7.20
C THR C 73 -2.60 -9.80 -7.52
N ARG C 74 -1.44 -9.17 -7.59
CA ARG C 74 -0.21 -9.91 -7.88
C ARG C 74 -0.05 -11.15 -6.98
N THR C 75 -0.22 -10.95 -5.68
CA THR C 75 -0.14 -12.05 -4.73
C THR C 75 -1.30 -13.05 -4.88
N ARG C 76 -2.53 -12.56 -5.06
CA ARG C 76 -3.66 -13.46 -5.27
C ARG C 76 -3.51 -14.35 -6.49
N VAL C 77 -3.26 -13.76 -7.67
CA VAL C 77 -3.27 -14.57 -8.88
C VAL C 77 -2.06 -15.45 -8.90
N SER C 78 -1.01 -15.02 -8.22
CA SER C 78 0.15 -15.89 -8.07
C SER C 78 -0.20 -17.23 -7.41
N PHE C 79 -0.82 -17.17 -6.24
CA PHE C 79 -1.27 -18.37 -5.53
C PHE C 79 -2.32 -19.13 -6.31
N GLU C 80 -3.43 -18.46 -6.63
CA GLU C 80 -4.56 -19.04 -7.34
C GLU C 80 -4.01 -19.88 -8.50
N THR C 81 -3.02 -19.33 -9.19
CA THR C 81 -2.39 -19.97 -10.36
C THR C 81 -1.51 -21.15 -9.96
N ALA C 82 -0.57 -20.88 -9.06
CA ALA C 82 0.32 -21.90 -8.55
C ALA C 82 -0.45 -23.17 -8.25
N MET C 83 -1.54 -23.03 -7.50
CA MET C 83 -2.38 -24.18 -7.17
C MET C 83 -2.89 -24.88 -8.41
N GLU C 84 -3.47 -24.15 -9.37
CA GLU C 84 -4.04 -24.78 -10.56
C GLU C 84 -3.01 -25.64 -11.30
N GLN C 85 -1.81 -25.10 -11.48
CA GLN C 85 -0.75 -25.79 -12.20
C GLN C 85 -0.38 -27.09 -11.55
N LEU C 86 -0.44 -27.12 -10.22
CA LEU C 86 -0.07 -28.29 -9.46
C LEU C 86 -1.23 -29.25 -9.16
N GLY C 87 -2.40 -29.00 -9.76
CA GLY C 87 -3.55 -29.86 -9.59
C GLY C 87 -4.46 -29.50 -8.42
N GLY C 88 -4.31 -28.29 -7.90
CA GLY C 88 -5.08 -27.88 -6.74
C GLY C 88 -5.99 -26.71 -7.01
N HIS C 89 -6.41 -26.04 -5.93
CA HIS C 89 -7.35 -24.93 -6.03
C HIS C 89 -7.03 -23.89 -4.99
N GLY C 90 -7.15 -22.62 -5.36
CA GLY C 90 -6.99 -21.54 -4.40
C GLY C 90 -8.31 -20.85 -4.07
N GLU C 91 -8.67 -20.86 -2.79
CA GLU C 91 -9.92 -20.26 -2.34
C GLU C 91 -9.72 -18.84 -1.80
N TYR C 92 -10.40 -17.86 -2.41
CA TYR C 92 -10.23 -16.46 -2.03
C TYR C 92 -11.24 -15.98 -1.01
N LEU C 93 -10.75 -15.69 0.19
CA LEU C 93 -11.58 -15.07 1.23
C LEU C 93 -11.28 -13.58 1.24
N ALA C 94 -12.02 -12.84 0.41
CA ALA C 94 -11.83 -11.40 0.26
C ALA C 94 -11.71 -10.69 1.60
N PRO C 95 -11.08 -9.50 1.60
CA PRO C 95 -10.83 -8.69 2.79
C PRO C 95 -11.96 -8.69 3.83
N GLY C 96 -13.19 -8.44 3.36
CA GLY C 96 -14.35 -8.50 4.23
C GLY C 96 -14.92 -9.89 4.42
N GLN C 97 -14.84 -10.71 3.37
CA GLN C 97 -15.34 -12.08 3.45
C GLN C 97 -14.91 -12.71 4.77
N ILE C 98 -13.63 -12.65 5.08
CA ILE C 98 -13.10 -13.22 6.33
C ILE C 98 -13.40 -12.31 7.52
N GLN C 99 -12.67 -12.53 8.61
CA GLN C 99 -12.74 -11.62 9.75
C GLN C 99 -11.59 -11.89 10.73
N LEU C 100 -10.66 -12.76 10.35
CA LEU C 100 -9.52 -13.15 11.20
C LEU C 100 -9.78 -13.02 12.72
N GLY C 101 -9.98 -11.79 13.19
CA GLY C 101 -10.30 -11.55 14.60
C GLY C 101 -11.65 -10.89 14.85
N GLY C 102 -12.59 -11.07 13.91
CA GLY C 102 -13.91 -10.47 14.00
C GLY C 102 -14.91 -11.20 14.89
N HIS C 103 -15.04 -10.72 16.12
CA HIS C 103 -15.92 -11.30 17.15
C HIS C 103 -15.67 -12.79 17.41
N GLU C 104 -15.10 -13.47 16.41
CA GLU C 104 -14.70 -14.88 16.53
C GLU C 104 -13.17 -14.95 16.71
N THR C 105 -12.72 -15.39 17.89
CA THR C 105 -11.30 -15.39 18.21
C THR C 105 -10.48 -16.14 17.18
N ILE C 106 -9.26 -15.67 16.95
CA ILE C 106 -8.38 -16.36 16.02
C ILE C 106 -8.30 -17.85 16.37
N GLU C 107 -8.33 -18.15 17.67
CA GLU C 107 -8.30 -19.53 18.12
C GLU C 107 -9.39 -20.33 17.43
N ASP C 108 -10.60 -19.78 17.40
CA ASP C 108 -11.74 -20.41 16.73
C ASP C 108 -11.53 -20.45 15.21
N THR C 109 -11.31 -19.29 14.62
CA THR C 109 -11.12 -19.24 13.18
C THR C 109 -10.06 -20.22 12.71
N SER C 110 -8.94 -20.27 13.43
CA SER C 110 -7.84 -21.16 13.11
C SER C 110 -8.30 -22.61 13.17
N ARG C 111 -8.96 -22.96 14.25
CA ARG C 111 -9.35 -24.34 14.47
C ARG C 111 -10.27 -24.88 13.36
N VAL C 112 -11.21 -24.05 12.91
CA VAL C 112 -12.20 -24.54 11.96
C VAL C 112 -11.71 -24.43 10.52
N LEU C 113 -10.88 -23.44 10.25
CA LEU C 113 -10.24 -23.36 8.95
C LEU C 113 -9.39 -24.61 8.71
N SER C 114 -8.82 -25.17 9.78
CA SER C 114 -7.96 -26.35 9.67
C SER C 114 -8.72 -27.60 9.24
N ARG C 115 -10.04 -27.58 9.42
CA ARG C 115 -10.90 -28.70 9.01
C ARG C 115 -11.45 -28.51 7.62
N LEU C 116 -11.19 -27.36 7.00
CA LEU C 116 -11.84 -27.06 5.73
C LEU C 116 -10.89 -26.84 4.56
N VAL C 117 -9.63 -26.57 4.85
CA VAL C 117 -8.62 -26.53 3.81
C VAL C 117 -7.34 -27.26 4.23
N ASP C 118 -6.46 -27.47 3.26
CA ASP C 118 -5.28 -28.27 3.45
C ASP C 118 -4.09 -27.41 3.90
N ILE C 119 -4.15 -26.14 3.57
CA ILE C 119 -3.06 -25.20 3.81
C ILE C 119 -3.59 -23.74 3.77
N LEU C 120 -2.85 -22.83 4.38
CA LEU C 120 -3.34 -21.48 4.57
C LEU C 120 -2.31 -20.41 4.23
N MET C 121 -2.76 -19.35 3.59
CA MET C 121 -1.94 -18.19 3.32
C MET C 121 -2.72 -16.96 3.77
N ALA C 122 -2.03 -15.94 4.26
CA ALA C 122 -2.72 -14.73 4.72
C ALA C 122 -1.88 -13.48 4.54
N ARG C 123 -2.43 -12.51 3.80
CA ARG C 123 -1.89 -11.16 3.68
C ARG C 123 -2.54 -10.33 4.78
N VAL C 124 -1.87 -10.26 5.92
CA VAL C 124 -2.47 -9.66 7.10
C VAL C 124 -1.94 -8.24 7.30
N GLU C 125 -2.69 -7.42 8.03
CA GLU C 125 -2.32 -6.04 8.24
C GLU C 125 -1.28 -5.95 9.32
N ARG C 126 -1.59 -6.55 10.46
CA ARG C 126 -0.65 -6.59 11.59
C ARG C 126 0.00 -7.97 11.70
N HIS C 127 1.33 -7.99 11.67
CA HIS C 127 2.06 -9.25 11.69
C HIS C 127 1.62 -10.15 12.82
N HIS C 128 1.44 -9.58 14.00
CA HIS C 128 1.10 -10.37 15.18
C HIS C 128 0.03 -11.43 14.83
N SER C 129 -0.96 -11.05 14.04
CA SER C 129 -2.09 -11.94 13.79
C SER C 129 -1.77 -13.05 12.77
N ILE C 130 -0.81 -12.81 11.90
CA ILE C 130 -0.37 -13.88 11.00
C ILE C 130 0.27 -15.01 11.78
N VAL C 131 1.00 -14.69 12.83
CA VAL C 131 1.65 -15.73 13.62
C VAL C 131 0.66 -16.38 14.56
N ASP C 132 -0.24 -15.58 15.13
CA ASP C 132 -1.32 -16.12 15.94
C ASP C 132 -2.04 -17.22 15.17
N LEU C 133 -2.22 -16.96 13.87
CA LEU C 133 -2.87 -17.91 12.97
C LEU C 133 -2.01 -19.15 12.79
N ALA C 134 -0.73 -18.94 12.51
CA ALA C 134 0.23 -20.02 12.34
C ALA C 134 0.29 -20.90 13.57
N ASN C 135 0.14 -20.28 14.74
CA ASN C 135 0.27 -21.00 16.01
C ASN C 135 -0.95 -21.81 16.32
N CYS C 136 -2.11 -21.33 15.91
CA CYS C 136 -3.37 -21.97 16.31
C CYS C 136 -3.96 -22.92 15.25
N ALA C 137 -3.41 -22.85 14.04
CA ALA C 137 -3.86 -23.74 12.99
C ALA C 137 -3.04 -25.01 13.02
N THR C 138 -3.67 -26.11 12.64
CA THR C 138 -3.00 -27.40 12.59
C THR C 138 -2.40 -27.65 11.22
N ILE C 139 -2.73 -26.79 10.26
CA ILE C 139 -2.25 -26.93 8.90
C ILE C 139 -1.21 -25.85 8.64
N PRO C 140 -0.34 -26.08 7.67
CA PRO C 140 0.75 -25.12 7.40
C PRO C 140 0.19 -23.75 7.08
N VAL C 141 0.86 -22.71 7.57
CA VAL C 141 0.46 -21.35 7.30
C VAL C 141 1.55 -20.56 6.58
N ILE C 142 1.18 -19.82 5.54
CA ILE C 142 2.12 -18.99 4.79
C ILE C 142 1.82 -17.51 4.95
N ASN C 143 2.85 -16.72 5.15
CA ASN C 143 2.71 -15.28 5.31
C ASN C 143 2.76 -14.52 3.97
N GLY C 144 1.58 -14.17 3.47
CA GLY C 144 1.44 -13.45 2.21
C GLY C 144 2.15 -12.11 2.25
N MET C 145 2.18 -11.51 3.43
CA MET C 145 2.93 -10.29 3.74
C MET C 145 2.25 -9.59 4.89
N SER C 146 3.04 -9.16 5.86
CA SER C 146 2.52 -8.43 6.99
C SER C 146 3.12 -7.04 7.01
N ASP C 147 2.94 -6.33 8.12
CA ASP C 147 3.55 -5.02 8.28
C ASP C 147 5.04 -5.15 8.59
N TYR C 148 5.48 -6.39 8.82
CA TYR C 148 6.82 -6.68 9.34
C TYR C 148 7.78 -7.17 8.27
N ASN C 149 7.37 -8.21 7.55
CA ASN C 149 8.19 -8.78 6.49
C ASN C 149 7.36 -9.31 5.34
N HIS C 150 8.05 -9.80 4.32
CA HIS C 150 7.43 -10.31 3.11
C HIS C 150 8.24 -11.50 2.66
N PRO C 151 8.01 -12.65 3.28
CA PRO C 151 8.93 -13.78 3.20
C PRO C 151 8.77 -14.55 1.88
N THR C 152 7.56 -14.51 1.34
CA THR C 152 7.27 -15.14 0.07
C THR C 152 7.93 -14.36 -1.07
N GLN C 153 8.37 -13.14 -0.76
CA GLN C 153 9.09 -12.29 -1.71
C GLN C 153 10.59 -12.48 -1.51
N GLU C 154 11.03 -12.61 -0.27
CA GLU C 154 12.44 -12.93 -0.03
C GLU C 154 12.83 -14.06 -0.96
N LEU C 155 11.99 -15.11 -1.04
CA LEU C 155 12.33 -16.30 -1.82
C LEU C 155 12.22 -16.10 -3.32
N GLY C 156 11.20 -15.38 -3.76
CA GLY C 156 11.06 -15.07 -5.17
C GLY C 156 12.28 -14.30 -5.66
N ASP C 157 12.82 -13.45 -4.80
CA ASP C 157 13.94 -12.63 -5.18
C ASP C 157 15.25 -13.39 -5.12
N LEU C 158 15.34 -14.31 -4.18
CA LEU C 158 16.50 -15.19 -4.12
C LEU C 158 16.62 -15.95 -5.44
N CYS C 159 15.53 -16.58 -5.87
CA CYS C 159 15.52 -17.33 -7.12
C CYS C 159 15.99 -16.44 -8.26
N THR C 160 15.52 -15.20 -8.26
CA THR C 160 15.82 -14.26 -9.33
C THR C 160 17.32 -13.97 -9.40
N MET C 161 17.92 -13.73 -8.24
CA MET C 161 19.34 -13.41 -8.18
C MET C 161 20.22 -14.59 -8.59
N VAL C 162 19.85 -15.80 -8.17
CA VAL C 162 20.48 -17.03 -8.60
C VAL C 162 20.53 -17.15 -10.13
N GLU C 163 19.36 -16.99 -10.75
CA GLU C 163 19.26 -17.01 -12.21
C GLU C 163 20.07 -15.90 -12.91
N HIS C 164 20.64 -14.97 -12.15
CA HIS C 164 21.30 -13.81 -12.74
C HIS C 164 22.65 -13.40 -12.09
N LEU C 165 23.61 -14.30 -11.97
CA LEU C 165 24.85 -13.97 -11.24
C LEU C 165 25.94 -13.19 -11.98
N PRO C 166 25.84 -13.11 -13.32
CA PRO C 166 26.96 -12.89 -14.22
C PRO C 166 28.36 -13.18 -13.68
N GLU C 167 29.03 -14.10 -14.37
CA GLU C 167 30.48 -14.26 -14.33
C GLU C 167 31.12 -14.63 -12.99
N GLY C 168 31.24 -15.93 -12.76
CA GLY C 168 32.09 -16.44 -11.69
C GLY C 168 32.02 -15.71 -10.37
N LYS C 169 30.99 -14.91 -10.18
CA LYS C 169 30.60 -14.49 -8.83
C LYS C 169 29.66 -15.59 -8.36
N LYS C 170 29.81 -16.01 -7.10
CA LYS C 170 29.12 -17.21 -6.63
C LYS C 170 27.91 -16.94 -5.74
N LEU C 171 27.54 -15.67 -5.63
CA LEU C 171 26.40 -15.24 -4.81
C LEU C 171 26.89 -14.79 -3.45
N GLU C 172 27.53 -15.69 -2.72
CA GLU C 172 28.05 -15.39 -1.40
C GLU C 172 28.92 -14.14 -1.43
N ASP C 173 29.31 -13.73 -2.63
CA ASP C 173 30.18 -12.57 -2.79
C ASP C 173 29.59 -11.54 -3.75
N CYS C 174 28.27 -11.59 -3.92
CA CYS C 174 27.56 -10.53 -4.63
C CYS C 174 27.17 -9.41 -3.65
N LYS C 175 27.03 -8.19 -4.18
CA LYS C 175 26.61 -7.05 -3.38
C LYS C 175 25.20 -6.63 -3.76
N VAL C 176 24.29 -6.67 -2.79
CA VAL C 176 22.90 -6.28 -3.02
C VAL C 176 22.64 -4.98 -2.29
N VAL C 177 22.17 -3.97 -3.01
CA VAL C 177 21.94 -2.65 -2.41
C VAL C 177 20.50 -2.22 -2.54
N PHE C 178 19.90 -1.85 -1.42
CA PHE C 178 18.53 -1.37 -1.41
C PHE C 178 18.48 0.15 -1.21
N VAL C 179 17.84 0.85 -2.15
CA VAL C 179 17.69 2.32 -2.06
C VAL C 179 16.28 2.77 -1.67
N GLY C 180 16.21 3.65 -0.68
CA GLY C 180 14.95 4.25 -0.29
C GLY C 180 14.51 3.97 1.13
N ASP C 181 13.19 3.87 1.29
CA ASP C 181 12.54 3.73 2.59
C ASP C 181 12.74 2.33 3.19
N ALA C 182 12.79 2.25 4.51
CA ALA C 182 12.92 0.95 5.17
C ALA C 182 11.59 0.19 5.25
N THR C 183 11.09 -0.25 4.09
CA THR C 183 9.81 -0.96 4.01
C THR C 183 10.03 -2.41 4.41
N GLN C 184 8.97 -3.18 4.63
CA GLN C 184 9.14 -4.59 5.00
C GLN C 184 9.83 -5.36 3.89
N VAL C 185 9.60 -4.93 2.64
CA VAL C 185 10.27 -5.50 1.50
C VAL C 185 11.78 -5.29 1.67
N CYS C 186 12.15 -4.07 2.02
CA CYS C 186 13.54 -3.76 2.32
C CYS C 186 14.12 -4.72 3.38
N PHE C 187 13.54 -4.69 4.58
CA PHE C 187 13.98 -5.55 5.67
C PHE C 187 14.10 -7.01 5.23
N SER C 188 13.08 -7.51 4.54
CA SER C 188 13.08 -8.89 4.09
C SER C 188 14.28 -9.18 3.20
N LEU C 189 14.56 -8.27 2.28
CA LEU C 189 15.71 -8.41 1.39
C LEU C 189 17.02 -8.60 2.17
N GLY C 190 17.19 -7.86 3.26
CA GLY C 190 18.41 -7.93 4.05
C GLY C 190 18.39 -9.21 4.84
N LEU C 191 17.21 -9.55 5.31
CA LEU C 191 17.00 -10.76 6.08
C LEU C 191 17.39 -12.02 5.30
N ILE C 192 17.19 -11.98 3.99
CA ILE C 192 17.45 -13.14 3.12
C ILE C 192 18.86 -13.14 2.53
N THR C 193 19.39 -11.97 2.20
CA THR C 193 20.72 -11.89 1.63
C THR C 193 21.79 -12.20 2.67
N THR C 194 21.59 -11.69 3.88
CA THR C 194 22.48 -12.04 4.98
C THR C 194 22.39 -13.53 5.29
N LYS C 195 21.17 -14.09 5.21
CA LYS C 195 20.94 -15.53 5.40
C LYS C 195 21.87 -16.37 4.53
N MET C 196 22.06 -15.89 3.30
CA MET C 196 22.81 -16.59 2.26
C MET C 196 24.28 -16.17 2.20
N GLY C 197 24.72 -15.35 3.15
CA GLY C 197 26.12 -14.99 3.29
C GLY C 197 26.59 -13.96 2.28
N MET C 198 25.63 -13.17 1.80
CA MET C 198 25.91 -12.13 0.83
C MET C 198 26.27 -10.81 1.51
N ASN C 199 26.56 -9.81 0.68
CA ASN C 199 26.88 -8.49 1.16
C ASN C 199 25.69 -7.59 0.92
N PHE C 200 25.02 -7.22 2.00
CA PHE C 200 23.83 -6.37 1.94
C PHE C 200 24.16 -4.93 2.38
N VAL C 201 23.37 -4.00 1.88
CA VAL C 201 23.45 -2.61 2.30
C VAL C 201 22.13 -1.94 2.00
N HIS C 202 21.60 -1.28 3.02
CA HIS C 202 20.47 -0.39 2.85
C HIS C 202 21.03 1.00 2.97
N PHE C 203 20.96 1.78 1.89
CA PHE C 203 21.25 3.20 2.02
C PHE C 203 19.96 3.99 1.90
N GLY C 204 19.87 5.05 2.66
CA GLY C 204 18.61 5.75 2.79
C GLY C 204 18.78 6.84 3.80
N PRO C 205 17.85 7.78 3.81
CA PRO C 205 17.84 9.05 4.55
C PRO C 205 17.92 8.80 6.03
N GLU C 206 18.62 9.67 6.76
CA GLU C 206 18.81 9.51 8.20
C GLU C 206 17.52 9.08 8.89
N GLY C 207 16.39 9.56 8.36
CA GLY C 207 15.10 9.30 8.97
C GLY C 207 14.48 7.95 8.64
N PHE C 208 14.92 7.35 7.54
CA PHE C 208 14.24 6.16 7.05
C PHE C 208 15.12 4.92 6.87
N GLN C 209 16.08 4.74 7.78
CA GLN C 209 16.97 3.61 7.69
C GLN C 209 16.39 2.48 8.53
N LEU C 210 16.86 1.26 8.28
CA LEU C 210 16.45 0.14 9.11
C LEU C 210 16.91 0.41 10.55
N ASN C 211 16.05 0.15 11.53
CA ASN C 211 16.41 0.47 12.92
C ASN C 211 17.35 -0.53 13.58
N GLU C 212 17.89 -0.16 14.73
CA GLU C 212 18.87 -0.99 15.42
C GLU C 212 18.29 -2.34 15.81
N GLU C 213 17.00 -2.37 16.11
CA GLU C 213 16.33 -3.62 16.46
C GLU C 213 16.28 -4.53 15.23
N HIS C 214 16.23 -3.93 14.05
CA HIS C 214 16.20 -4.67 12.80
C HIS C 214 17.63 -5.09 12.40
N GLN C 215 18.57 -4.17 12.50
CA GLN C 215 19.96 -4.49 12.17
C GLN C 215 20.47 -5.55 13.12
N ALA C 216 19.95 -5.55 14.34
CA ALA C 216 20.30 -6.57 15.33
C ALA C 216 20.10 -7.95 14.73
N LYS C 217 18.98 -8.11 14.03
CA LYS C 217 18.64 -9.37 13.38
C LYS C 217 19.56 -9.68 12.20
N LEU C 218 19.83 -8.65 11.38
CA LEU C 218 20.75 -8.77 10.26
C LEU C 218 22.13 -9.16 10.75
N ALA C 219 22.59 -8.48 11.80
CA ALA C 219 23.88 -8.78 12.40
C ALA C 219 23.94 -10.26 12.75
N LYS C 220 22.94 -10.72 13.51
CA LYS C 220 22.86 -12.10 13.96
C LYS C 220 23.01 -13.05 12.78
N ASN C 221 22.37 -12.72 11.66
CA ASN C 221 22.47 -13.51 10.43
C ASN C 221 23.89 -13.67 9.90
N CYS C 222 24.67 -12.61 9.97
CA CYS C 222 26.01 -12.61 9.41
C CYS C 222 27.00 -13.28 10.35
N GLU C 223 26.69 -13.29 11.64
CA GLU C 223 27.53 -13.95 12.60
C GLU C 223 27.51 -15.45 12.31
N VAL C 224 26.73 -15.81 11.31
CA VAL C 224 26.53 -17.21 10.96
C VAL C 224 26.87 -17.51 9.51
N SER C 225 26.79 -16.50 8.64
CA SER C 225 26.90 -16.72 7.21
C SER C 225 28.06 -15.99 6.51
N GLY C 226 28.58 -14.92 7.12
CA GLY C 226 29.65 -14.12 6.54
C GLY C 226 29.14 -13.02 5.63
N GLY C 227 28.21 -12.21 6.14
CA GLY C 227 27.52 -11.19 5.36
C GLY C 227 28.00 -9.77 5.64
N SER C 228 27.08 -8.82 5.69
CA SER C 228 27.45 -7.42 5.95
C SER C 228 26.23 -6.50 5.82
N PHE C 229 26.37 -5.21 6.16
CA PHE C 229 25.29 -4.25 5.87
C PHE C 229 25.50 -2.70 6.08
N LEU C 230 24.71 -1.91 5.32
CA LEU C 230 24.31 -0.50 5.63
C LEU C 230 25.32 0.63 5.41
N VAL C 231 24.76 1.82 5.09
CA VAL C 231 25.33 3.19 5.24
C VAL C 231 24.23 4.25 5.03
N THR C 232 24.60 5.52 4.99
CA THR C 232 23.65 6.63 4.72
C THR C 232 24.04 7.45 3.50
N ASP C 233 25.34 7.59 3.28
CA ASP C 233 25.86 8.41 2.18
C ASP C 233 25.76 7.63 0.88
N ASP C 234 24.90 8.08 -0.02
CA ASP C 234 24.65 7.36 -1.27
C ASP C 234 25.88 7.29 -2.16
N ALA C 235 25.71 7.69 -3.42
CA ALA C 235 26.80 7.81 -4.36
C ALA C 235 28.14 7.31 -3.83
N SER C 236 28.16 6.07 -3.34
CA SER C 236 29.41 5.44 -2.91
C SER C 236 29.16 4.02 -2.41
N SER C 237 27.99 3.79 -1.80
CA SER C 237 27.64 2.46 -1.36
C SER C 237 27.03 1.66 -2.52
N VAL C 238 26.57 2.38 -3.53
CA VAL C 238 26.06 1.73 -4.74
C VAL C 238 27.21 1.16 -5.54
N GLU C 239 28.40 1.71 -5.34
CA GLU C 239 29.54 1.29 -6.12
C GLU C 239 29.77 -0.21 -5.92
N GLY C 240 30.00 -0.91 -7.02
CA GLY C 240 30.34 -2.32 -6.98
C GLY C 240 29.16 -3.19 -6.65
N ALA C 241 27.97 -2.62 -6.69
CA ALA C 241 26.75 -3.38 -6.45
C ALA C 241 26.49 -4.28 -7.65
N ASP C 242 26.04 -5.50 -7.36
CA ASP C 242 25.70 -6.47 -8.40
C ASP C 242 24.20 -6.40 -8.66
N PHE C 243 23.47 -6.00 -7.62
CA PHE C 243 22.04 -5.85 -7.68
C PHE C 243 21.61 -4.56 -7.01
N LEU C 244 20.85 -3.74 -7.73
CA LEU C 244 20.27 -2.52 -7.15
C LEU C 244 18.75 -2.67 -7.06
N TYR C 245 18.22 -2.50 -5.85
CA TYR C 245 16.83 -2.87 -5.55
C TYR C 245 16.14 -1.70 -4.87
N THR C 246 14.92 -1.40 -5.30
CA THR C 246 14.16 -0.34 -4.65
C THR C 246 12.68 -0.68 -4.55
N ASP C 247 11.98 0.05 -3.69
CA ASP C 247 10.54 -0.07 -3.50
C ASP C 247 10.01 1.37 -3.57
N VAL C 248 8.76 1.57 -3.19
CA VAL C 248 8.14 2.89 -3.32
C VAL C 248 8.28 3.74 -2.07
N TRP C 249 8.03 5.03 -2.21
CA TRP C 249 8.31 5.99 -1.14
C TRP C 249 7.12 6.31 -0.22
N TYR C 250 5.91 5.92 -0.63
CA TYR C 250 4.75 6.06 0.25
C TYR C 250 5.14 5.53 1.63
N GLY C 251 4.41 5.96 2.65
CA GLY C 251 4.70 5.51 4.01
C GLY C 251 4.07 4.16 4.33
N LEU C 252 3.55 4.05 5.55
CA LEU C 252 3.05 2.79 6.08
C LEU C 252 1.52 2.69 6.02
N TYR C 253 0.98 2.54 4.81
CA TYR C 253 -0.47 2.45 4.58
C TYR C 253 -1.35 2.97 5.74
N GLU C 254 -1.01 4.14 6.24
CA GLU C 254 -1.71 4.76 7.38
C GLU C 254 -1.18 6.18 7.59
N ALA C 255 0.13 6.32 7.45
CA ALA C 255 0.76 7.63 7.35
C ALA C 255 1.35 7.51 5.96
N GLU C 256 0.41 7.41 5.00
CA GLU C 256 0.67 7.12 3.59
C GLU C 256 1.40 8.32 3.01
N LEU C 257 1.92 9.14 3.93
CA LEU C 257 2.79 10.26 3.64
C LEU C 257 2.09 11.57 3.32
N SER C 258 1.93 11.85 2.03
CA SER C 258 2.11 13.19 1.52
C SER C 258 2.64 13.04 0.11
N GLU C 259 2.13 13.85 -0.81
CA GLU C 259 2.55 13.75 -2.21
C GLU C 259 3.92 14.38 -2.40
N GLU C 260 3.99 15.71 -2.30
CA GLU C 260 5.25 16.43 -2.52
C GLU C 260 6.13 16.39 -1.27
N GLU C 261 5.66 15.68 -0.25
CA GLU C 261 6.45 15.48 0.97
C GLU C 261 7.38 14.28 0.83
N ARG C 262 6.90 13.25 0.12
CA ARG C 262 7.76 12.14 -0.29
C ARG C 262 8.93 12.69 -1.11
N MET C 263 8.58 13.46 -2.13
CA MET C 263 9.59 14.06 -2.99
C MET C 263 10.60 14.88 -2.18
N LYS C 264 10.11 15.57 -1.17
CA LYS C 264 10.97 16.42 -0.35
C LYS C 264 12.16 15.63 0.17
N VAL C 265 11.87 14.47 0.78
CA VAL C 265 12.89 13.68 1.46
C VAL C 265 13.78 12.83 0.54
N PHE C 266 13.18 12.25 -0.48
CA PHE C 266 13.89 11.29 -1.34
C PHE C 266 14.42 11.83 -2.68
N TYR C 267 13.75 12.81 -3.30
CA TYR C 267 14.11 13.24 -4.67
C TYR C 267 15.44 13.99 -4.83
N PRO C 268 16.14 14.28 -3.73
CA PRO C 268 17.54 14.51 -4.06
C PRO C 268 18.08 13.25 -4.75
N LYS C 269 18.88 12.48 -4.01
CA LYS C 269 19.43 11.21 -4.48
C LYS C 269 18.34 10.18 -4.52
N TYR C 270 18.60 9.06 -3.83
CA TYR C 270 17.60 8.01 -3.57
C TYR C 270 16.69 7.57 -4.75
N GLN C 271 16.76 8.31 -5.86
CA GLN C 271 16.08 7.91 -7.09
C GLN C 271 17.01 7.14 -8.01
N VAL C 272 16.55 6.00 -8.50
CA VAL C 272 17.39 5.15 -9.33
C VAL C 272 17.26 5.55 -10.79
N ASN C 273 18.26 6.26 -11.28
CA ASN C 273 18.31 6.72 -12.66
C ASN C 273 19.53 6.11 -13.32
N GLN C 274 19.72 6.34 -14.61
CA GLN C 274 20.87 5.74 -15.28
C GLN C 274 22.18 6.14 -14.61
N GLU C 275 22.31 7.40 -14.22
CA GLU C 275 23.53 7.86 -13.60
C GLU C 275 23.81 7.00 -12.38
N MET C 276 22.79 6.88 -11.53
CA MET C 276 22.87 6.04 -10.34
C MET C 276 23.26 4.60 -10.72
N MET C 277 22.70 4.12 -11.83
CA MET C 277 22.92 2.76 -12.28
C MET C 277 24.37 2.56 -12.67
N ASP C 278 24.86 3.49 -13.50
CA ASP C 278 26.25 3.50 -13.98
C ASP C 278 27.22 3.57 -12.79
N ARG C 279 26.87 4.40 -11.82
CA ARG C 279 27.70 4.57 -10.64
C ARG C 279 27.90 3.25 -9.90
N ALA C 280 26.90 2.39 -10.00
CA ALA C 280 26.91 1.11 -9.30
C ALA C 280 27.84 0.11 -9.98
N GLY C 281 27.67 -0.04 -11.28
CA GLY C 281 28.44 -1.02 -12.03
C GLY C 281 28.01 -1.09 -13.48
N ALA C 282 28.89 -1.58 -14.32
CA ALA C 282 28.59 -1.71 -15.73
C ALA C 282 27.38 -2.60 -15.96
N ASN C 283 27.36 -3.76 -15.31
CA ASN C 283 26.25 -4.70 -15.47
C ASN C 283 25.56 -5.01 -14.16
N CYS C 284 25.32 -3.97 -13.37
CA CYS C 284 24.49 -4.12 -12.19
C CYS C 284 23.05 -4.27 -12.63
N LYS C 285 22.41 -5.36 -12.24
CA LYS C 285 21.02 -5.61 -12.62
C LYS C 285 20.08 -4.88 -11.66
N PHE C 286 18.95 -4.39 -12.19
CA PHE C 286 17.98 -3.63 -11.40
C PHE C 286 16.75 -4.44 -10.98
N MET C 287 16.39 -4.28 -9.70
CA MET C 287 15.27 -5.02 -9.13
C MET C 287 14.27 -4.12 -8.43
N HIS C 288 12.99 -4.47 -8.56
CA HIS C 288 11.88 -3.74 -7.97
C HIS C 288 10.75 -4.74 -7.73
N CYS C 289 10.20 -4.76 -6.52
CA CYS C 289 9.15 -5.73 -6.19
C CYS C 289 7.82 -5.36 -6.80
N LEU C 290 7.76 -4.14 -7.35
CA LEU C 290 6.58 -3.62 -8.00
C LEU C 290 5.44 -3.50 -6.99
N PRO C 291 4.50 -2.58 -7.24
CA PRO C 291 4.36 -1.77 -8.45
C PRO C 291 5.29 -0.59 -8.39
N ALA C 292 5.66 -0.07 -9.55
CA ALA C 292 6.58 1.05 -9.56
C ALA C 292 5.92 2.36 -9.99
N THR C 293 6.07 3.40 -9.17
CA THR C 293 5.74 4.77 -9.60
C THR C 293 6.88 5.37 -10.40
N ARG C 294 6.82 5.19 -11.72
CA ARG C 294 7.88 5.63 -12.60
C ARG C 294 8.07 7.14 -12.45
N GLY C 295 9.32 7.59 -12.47
CA GLY C 295 9.61 9.00 -12.29
C GLY C 295 10.02 9.32 -10.86
N GLU C 296 9.47 8.56 -9.91
CA GLU C 296 9.84 8.75 -8.50
C GLU C 296 11.06 7.92 -8.08
N GLU C 297 10.86 6.69 -7.63
CA GLU C 297 11.97 5.89 -7.12
C GLU C 297 12.85 5.33 -8.22
N VAL C 298 12.41 5.44 -9.46
CA VAL C 298 13.19 4.96 -10.59
C VAL C 298 12.73 5.61 -11.89
N THR C 299 13.68 6.01 -12.73
CA THR C 299 13.38 6.55 -14.06
C THR C 299 13.02 5.43 -15.02
N ASP C 300 12.29 5.77 -16.07
CA ASP C 300 11.87 4.78 -17.05
C ASP C 300 13.03 4.13 -17.80
N GLU C 301 14.06 4.92 -18.11
CA GLU C 301 15.20 4.40 -18.87
C GLU C 301 15.90 3.27 -18.13
N VAL C 302 15.74 3.24 -16.80
CA VAL C 302 16.33 2.18 -15.97
C VAL C 302 15.45 0.93 -15.91
N ILE C 303 14.22 1.10 -15.45
CA ILE C 303 13.30 -0.02 -15.29
C ILE C 303 12.97 -0.70 -16.61
N ASP C 304 13.00 0.03 -17.72
CA ASP C 304 12.77 -0.57 -19.03
C ASP C 304 14.09 -0.87 -19.73
N GLY C 305 15.19 -0.71 -19.00
CA GLY C 305 16.53 -0.91 -19.54
C GLY C 305 17.00 -2.34 -19.69
N LYS C 306 18.13 -2.50 -20.37
CA LYS C 306 18.69 -3.81 -20.66
C LYS C 306 19.12 -4.52 -19.38
N ASN C 307 19.34 -3.76 -18.32
CA ASN C 307 19.80 -4.36 -17.06
C ASN C 307 18.68 -4.54 -16.03
N SER C 308 17.44 -4.35 -16.45
CA SER C 308 16.33 -4.53 -15.54
C SER C 308 15.83 -5.95 -15.56
N ILE C 309 15.66 -6.54 -14.38
CA ILE C 309 15.19 -7.91 -14.27
C ILE C 309 13.90 -7.91 -13.45
N CYS C 310 13.34 -6.72 -13.24
CA CYS C 310 12.23 -6.62 -12.31
C CYS C 310 11.02 -7.44 -12.73
N PHE C 311 10.93 -7.75 -14.01
CA PHE C 311 9.82 -8.55 -14.50
C PHE C 311 10.06 -10.06 -14.40
N ASP C 312 11.30 -10.49 -14.59
CA ASP C 312 11.65 -11.86 -14.29
C ASP C 312 11.33 -12.06 -12.81
N GLU C 313 11.80 -11.11 -12.01
CA GLU C 313 11.59 -11.15 -10.57
C GLU C 313 10.12 -11.31 -10.23
N ALA C 314 9.30 -10.59 -10.98
CA ALA C 314 7.85 -10.66 -10.87
C ALA C 314 7.31 -12.06 -11.16
N GLU C 315 7.71 -12.63 -12.30
CA GLU C 315 7.34 -14.00 -12.60
C GLU C 315 7.75 -14.93 -11.46
N ASN C 316 8.94 -14.71 -10.92
CA ASN C 316 9.46 -15.55 -9.85
C ASN C 316 8.66 -15.49 -8.56
N ARG C 317 7.82 -14.47 -8.40
CA ARG C 317 6.94 -14.41 -7.26
C ARG C 317 6.12 -15.68 -7.22
N LEU C 318 5.72 -16.10 -8.41
CA LEU C 318 4.99 -17.35 -8.61
C LEU C 318 5.94 -18.55 -8.55
N THR C 319 7.05 -18.46 -9.28
CA THR C 319 8.07 -19.51 -9.27
C THR C 319 8.35 -20.06 -7.89
N SER C 320 8.38 -19.15 -6.92
CA SER C 320 8.71 -19.45 -5.53
C SER C 320 7.53 -19.93 -4.70
N ILE C 321 6.36 -19.32 -4.87
CA ILE C 321 5.20 -19.79 -4.11
C ILE C 321 4.80 -21.17 -4.63
N ARG C 322 5.05 -21.41 -5.92
CA ARG C 322 4.86 -22.72 -6.54
C ARG C 322 5.62 -23.77 -5.71
N GLY C 323 6.90 -23.53 -5.45
CA GLY C 323 7.70 -24.50 -4.74
C GLY C 323 7.45 -24.49 -3.25
N LEU C 324 7.12 -23.32 -2.71
CA LEU C 324 6.92 -23.17 -1.28
C LEU C 324 5.74 -24.03 -0.85
N LEU C 325 4.68 -24.00 -1.63
CA LEU C 325 3.47 -24.78 -1.39
C LEU C 325 3.74 -26.27 -1.41
N VAL C 326 4.48 -26.71 -2.43
CA VAL C 326 4.92 -28.09 -2.52
C VAL C 326 5.72 -28.52 -1.26
N TYR C 327 6.78 -27.80 -0.92
CA TYR C 327 7.51 -28.13 0.32
C TYR C 327 6.58 -28.32 1.51
N LEU C 328 5.80 -27.29 1.84
CA LEU C 328 5.00 -27.31 3.08
C LEU C 328 4.05 -28.49 3.13
N MET C 329 3.48 -28.83 1.98
CA MET C 329 2.52 -29.91 1.87
C MET C 329 3.17 -31.28 1.96
N ASN C 330 4.24 -31.49 1.18
CA ASN C 330 5.05 -32.71 1.26
C ASN C 330 5.49 -32.94 2.71
N ASP C 331 6.01 -31.87 3.33
CA ASP C 331 6.43 -31.93 4.71
C ASP C 331 5.27 -32.32 5.59
N TYR C 332 4.12 -31.75 5.33
CA TYR C 332 2.96 -32.05 6.14
C TYR C 332 2.54 -33.51 5.98
N GLU C 333 2.80 -34.11 4.81
CA GLU C 333 2.35 -35.49 4.58
C GLU C 333 3.24 -36.52 5.26
N ALA C 334 4.55 -36.40 5.11
CA ALA C 334 5.44 -36.96 6.11
C ALA C 334 4.89 -36.33 7.36
N LYS C 335 4.97 -37.02 8.48
CA LYS C 335 4.44 -36.46 9.72
C LYS C 335 2.99 -36.82 9.91
N ASN C 336 2.27 -36.93 8.80
CA ASN C 336 0.83 -37.14 8.82
C ASN C 336 0.42 -38.04 7.66
N PRO C 337 1.09 -39.18 7.52
CA PRO C 337 1.05 -40.05 6.34
C PRO C 337 -0.16 -40.95 6.35
N TYR C 338 -0.67 -41.26 5.18
CA TYR C 338 -1.93 -42.00 5.08
C TYR C 338 -1.71 -43.49 5.28
N ASP C 339 -2.64 -44.13 5.99
CA ASP C 339 -2.60 -45.58 6.10
C ASP C 339 -3.05 -46.18 4.78
N LEU C 340 -2.11 -46.66 3.99
CA LEU C 340 -2.46 -47.16 2.65
C LEU C 340 -3.50 -48.25 2.68
N ILE C 341 -3.53 -49.01 3.78
CA ILE C 341 -4.52 -50.06 4.00
C ILE C 341 -5.89 -49.47 4.27
N LYS C 342 -5.99 -48.70 5.36
CA LYS C 342 -7.20 -47.98 5.66
C LYS C 342 -7.73 -47.27 4.40
N GLN C 343 -6.83 -46.65 3.68
CA GLN C 343 -7.16 -45.97 2.44
C GLN C 343 -7.77 -46.93 1.42
N ALA C 344 -7.12 -48.06 1.22
CA ALA C 344 -7.62 -49.03 0.26
C ALA C 344 -9.02 -49.52 0.60
N GLU C 345 -9.28 -49.77 1.89
CA GLU C 345 -10.57 -50.29 2.33
C GLU C 345 -11.62 -49.19 2.19
N ALA C 346 -11.27 -48.00 2.67
CA ALA C 346 -12.16 -46.86 2.56
C ALA C 346 -12.64 -46.73 1.13
N LYS C 347 -11.71 -46.91 0.20
CA LYS C 347 -12.04 -46.80 -1.21
C LYS C 347 -13.00 -47.90 -1.67
N LYS C 348 -12.69 -49.16 -1.33
CA LYS C 348 -13.57 -50.28 -1.69
C LYS C 348 -14.93 -50.09 -1.06
N GLU C 349 -14.92 -49.73 0.22
CA GLU C 349 -16.15 -49.53 0.94
C GLU C 349 -17.02 -48.56 0.13
N LEU C 350 -16.41 -47.46 -0.31
CA LEU C 350 -17.14 -46.44 -1.04
C LEU C 350 -17.69 -46.99 -2.36
N GLU C 351 -16.83 -47.66 -3.12
CA GLU C 351 -17.22 -48.27 -4.39
C GLU C 351 -18.45 -49.15 -4.22
N VAL C 352 -18.39 -50.04 -3.23
CA VAL C 352 -19.46 -50.99 -3.01
C VAL C 352 -20.74 -50.24 -2.71
N PHE C 353 -20.65 -49.28 -1.79
CA PHE C 353 -21.79 -48.46 -1.44
C PHE C 353 -22.44 -47.84 -2.67
N LEU C 354 -21.61 -47.22 -3.49
CA LEU C 354 -22.08 -46.56 -4.69
C LEU C 354 -22.66 -47.55 -5.72
N ASP C 355 -22.04 -48.71 -5.81
CA ASP C 355 -22.45 -49.74 -6.77
C ASP C 355 -23.78 -50.41 -6.40
N THR C 356 -24.17 -50.34 -5.14
CA THR C 356 -25.23 -51.20 -4.60
C THR C 356 -26.38 -50.48 -3.90
N GLN C 357 -26.13 -49.28 -3.39
CA GLN C 357 -27.14 -48.57 -2.61
C GLN C 357 -27.70 -47.41 -3.41
N SER C 358 -28.97 -47.08 -3.16
CA SER C 358 -29.60 -45.91 -3.78
C SER C 358 -30.83 -45.43 -3.01
N ILE C 359 -31.37 -44.28 -3.42
CA ILE C 359 -32.66 -43.82 -2.91
C ILE C 359 -33.58 -43.24 -3.99
N GLY D 13 29.97 36.98 -30.53
CA GLY D 13 30.62 37.51 -29.34
C GLY D 13 29.75 37.36 -28.11
N LEU D 14 29.76 38.39 -27.27
CA LEU D 14 28.70 38.53 -26.29
C LEU D 14 27.77 39.68 -26.72
N VAL D 15 27.94 40.13 -27.96
CA VAL D 15 26.98 41.04 -28.58
C VAL D 15 26.44 40.45 -29.89
N PRO D 16 25.18 40.80 -30.22
CA PRO D 16 24.43 40.42 -31.43
C PRO D 16 24.94 40.91 -32.81
N ARG D 17 24.58 40.10 -33.83
CA ARG D 17 24.77 40.39 -35.25
C ARG D 17 24.17 41.75 -35.56
N GLY D 18 24.63 42.37 -36.64
CA GLY D 18 24.00 43.57 -37.11
C GLY D 18 22.82 43.27 -38.02
N SER D 19 21.62 43.64 -37.59
CA SER D 19 20.43 43.60 -38.46
C SER D 19 19.94 45.02 -38.69
N HIS D 20 19.72 45.36 -39.95
CA HIS D 20 19.34 46.71 -40.29
C HIS D 20 17.86 46.73 -40.55
N MET D 21 17.20 45.70 -40.07
CA MET D 21 15.75 45.75 -40.06
C MET D 21 15.15 45.18 -38.79
N LYS D 22 15.56 45.74 -37.67
CA LYS D 22 15.09 45.39 -36.34
C LYS D 22 16.20 45.76 -35.38
N ARG D 23 15.89 45.84 -34.09
CA ARG D 23 16.94 46.09 -33.12
C ARG D 23 16.67 45.36 -31.85
N ASP D 24 17.74 44.87 -31.20
CA ASP D 24 17.61 44.12 -29.96
C ASP D 24 18.05 44.95 -28.77
N TYR D 25 17.88 44.40 -27.57
CA TYR D 25 18.31 45.06 -26.33
C TYR D 25 19.00 44.03 -25.45
N VAL D 26 20.26 43.72 -25.75
CA VAL D 26 20.97 42.67 -25.04
C VAL D 26 21.91 43.25 -24.04
N THR D 27 22.61 44.30 -24.41
CA THR D 27 23.29 45.12 -23.43
C THR D 27 23.35 46.58 -23.84
N THR D 28 23.50 47.47 -22.86
CA THR D 28 23.52 48.90 -23.14
C THR D 28 24.82 49.34 -23.77
N GLU D 29 25.66 48.37 -24.09
CA GLU D 29 26.94 48.67 -24.70
C GLU D 29 26.71 49.08 -26.15
N THR D 30 25.56 48.67 -26.69
CA THR D 30 25.21 48.98 -28.07
C THR D 30 24.41 50.29 -28.19
N TYR D 31 24.10 50.91 -27.05
CA TYR D 31 23.35 52.18 -27.05
C TYR D 31 24.20 53.36 -26.60
N THR D 32 23.98 54.51 -27.23
CA THR D 32 24.72 55.74 -26.94
C THR D 32 24.04 56.43 -25.77
N LYS D 33 24.75 57.37 -25.15
CA LYS D 33 24.18 58.13 -24.05
C LYS D 33 22.86 58.79 -24.46
N GLU D 34 22.82 59.33 -25.67
CA GLU D 34 21.65 60.02 -26.16
C GLU D 34 20.49 59.07 -26.33
N GLU D 35 20.77 57.88 -26.88
CA GLU D 35 19.74 56.88 -27.06
C GLU D 35 19.14 56.52 -25.71
N MET D 36 19.98 56.34 -24.71
CA MET D 36 19.49 56.00 -23.38
C MET D 36 18.63 57.14 -22.89
N HIS D 37 19.07 58.37 -23.12
CA HIS D 37 18.28 59.50 -22.70
C HIS D 37 16.88 59.39 -23.32
N TYR D 38 16.83 59.20 -24.64
CA TYR D 38 15.57 58.98 -25.34
C TYR D 38 14.66 58.00 -24.59
N LEU D 39 15.19 56.78 -24.39
CA LEU D 39 14.51 55.75 -23.62
C LEU D 39 13.95 56.22 -22.25
N VAL D 40 14.79 56.86 -21.42
CA VAL D 40 14.32 57.37 -20.15
C VAL D 40 13.15 58.33 -20.33
N ASP D 41 13.27 59.28 -21.25
CA ASP D 41 12.19 60.23 -21.54
C ASP D 41 10.90 59.54 -21.99
N LEU D 42 11.01 58.74 -23.04
CA LEU D 42 9.87 57.94 -23.48
C LEU D 42 9.24 57.16 -22.31
N SER D 43 10.05 56.40 -21.57
CA SER D 43 9.59 55.59 -20.45
C SER D 43 8.83 56.40 -19.44
N LEU D 44 9.39 57.56 -19.12
CA LEU D 44 8.80 58.48 -18.13
C LEU D 44 7.53 59.19 -18.60
N LYS D 45 7.48 59.58 -19.86
CA LYS D 45 6.29 60.22 -20.44
C LYS D 45 5.10 59.28 -20.39
N ILE D 46 5.38 58.02 -20.68
CA ILE D 46 4.39 56.96 -20.61
C ILE D 46 4.00 56.76 -19.16
N LYS D 47 4.98 56.73 -18.26
CA LYS D 47 4.67 56.56 -16.85
C LYS D 47 3.67 57.62 -16.42
N GLU D 48 3.92 58.87 -16.78
CA GLU D 48 3.05 59.95 -16.33
C GLU D 48 1.63 59.82 -16.86
N ALA D 49 1.50 59.30 -18.08
CA ALA D 49 0.19 59.07 -18.67
C ALA D 49 -0.57 58.02 -17.91
N ILE D 50 0.08 56.90 -17.68
CA ILE D 50 -0.60 55.80 -17.02
C ILE D 50 -0.87 56.19 -15.57
N LYS D 51 0.08 56.90 -14.96
CA LYS D 51 -0.04 57.32 -13.57
C LYS D 51 -1.33 58.09 -13.42
N ASN D 52 -1.79 58.67 -14.52
CA ASN D 52 -2.93 59.57 -14.46
C ASN D 52 -4.15 59.09 -15.21
N GLY D 53 -4.17 57.80 -15.52
CA GLY D 53 -5.37 57.16 -16.00
C GLY D 53 -5.47 57.08 -17.50
N TYR D 54 -4.45 57.51 -18.22
CA TYR D 54 -4.43 57.34 -19.67
C TYR D 54 -3.55 56.18 -19.99
N TYR D 55 -4.13 55.15 -20.61
CA TYR D 55 -3.37 53.98 -21.02
C TYR D 55 -3.09 54.02 -22.53
N PRO D 56 -1.93 54.54 -22.93
CA PRO D 56 -1.46 54.59 -24.32
C PRO D 56 -1.45 53.20 -24.94
N GLN D 57 -2.32 52.96 -25.92
CA GLN D 57 -2.38 51.68 -26.57
C GLN D 57 -1.39 51.57 -27.74
N LEU D 58 -0.11 51.68 -27.43
CA LEU D 58 0.91 51.70 -28.46
C LEU D 58 1.20 50.31 -29.02
N LEU D 59 0.79 49.26 -28.31
CA LEU D 59 1.10 47.89 -28.71
C LEU D 59 -0.14 47.03 -28.94
N LYS D 60 -1.23 47.65 -29.40
CA LYS D 60 -2.46 46.90 -29.66
C LYS D 60 -2.20 45.57 -30.40
N ASN D 61 -2.66 44.46 -29.82
CA ASN D 61 -2.75 43.17 -30.51
C ASN D 61 -1.39 42.51 -30.70
N LYS D 62 -0.35 43.16 -30.20
CA LYS D 62 1.02 42.65 -30.33
C LYS D 62 1.30 41.60 -29.28
N SER D 63 1.96 40.53 -29.70
CA SER D 63 2.23 39.40 -28.81
C SER D 63 3.71 39.34 -28.44
N LEU D 64 3.97 39.32 -27.14
CA LEU D 64 5.33 39.18 -26.62
C LEU D 64 5.56 37.78 -26.07
N GLY D 65 6.61 37.11 -26.54
CA GLY D 65 6.95 35.82 -25.98
C GLY D 65 7.97 35.98 -24.88
N MET D 66 7.65 35.48 -23.68
CA MET D 66 8.57 35.50 -22.53
C MET D 66 9.16 34.12 -22.21
N ILE D 67 10.49 34.03 -22.29
CA ILE D 67 11.21 32.79 -22.10
C ILE D 67 11.98 32.87 -20.81
N PHE D 68 11.58 32.12 -19.81
CA PHE D 68 12.35 32.08 -18.58
C PHE D 68 13.02 30.71 -18.44
N GLN D 69 14.28 30.72 -18.01
CA GLN D 69 14.97 29.48 -17.74
C GLN D 69 15.16 29.38 -16.23
N GLN D 70 14.90 30.48 -15.57
CA GLN D 70 14.92 30.55 -14.12
C GLN D 70 13.77 31.46 -13.75
N SER D 71 12.72 30.90 -13.17
CA SER D 71 11.54 31.68 -12.82
C SER D 71 11.89 33.01 -12.14
N SER D 72 11.15 34.05 -12.48
CA SER D 72 11.34 35.34 -11.83
C SER D 72 10.07 36.17 -11.86
N THR D 73 9.31 36.05 -10.79
CA THR D 73 8.03 36.72 -10.67
C THR D 73 8.09 38.23 -10.92
N ARG D 74 8.97 38.95 -10.22
CA ARG D 74 9.12 40.39 -10.46
C ARG D 74 9.30 40.73 -11.96
N THR D 75 10.20 40.04 -12.63
CA THR D 75 10.39 40.24 -14.06
C THR D 75 9.18 39.79 -14.89
N ARG D 76 8.63 38.61 -14.61
CA ARG D 76 7.45 38.13 -15.32
C ARG D 76 6.28 39.10 -15.24
N VAL D 77 5.85 39.46 -14.04
CA VAL D 77 4.62 40.23 -13.93
C VAL D 77 4.87 41.61 -14.45
N SER D 78 6.11 42.05 -14.40
CA SER D 78 6.43 43.35 -14.99
C SER D 78 6.11 43.39 -16.48
N PHE D 79 6.59 42.40 -17.23
CA PHE D 79 6.32 42.34 -18.67
C PHE D 79 4.85 42.05 -18.93
N GLU D 80 4.32 41.02 -18.27
CA GLU D 80 2.95 40.58 -18.48
C GLU D 80 2.03 41.78 -18.38
N THR D 81 2.32 42.62 -17.39
CA THR D 81 1.57 43.86 -17.10
C THR D 81 1.82 44.96 -18.13
N ALA D 82 3.09 45.28 -18.36
CA ALA D 82 3.45 46.29 -19.34
C ALA D 82 2.68 46.05 -20.62
N MET D 83 2.67 44.80 -21.08
CA MET D 83 1.93 44.47 -22.29
C MET D 83 0.45 44.82 -22.18
N GLU D 84 -0.23 44.34 -21.14
CA GLU D 84 -1.65 44.61 -20.99
C GLU D 84 -2.00 46.10 -21.05
N GLN D 85 -1.21 46.93 -20.38
CA GLN D 85 -1.47 48.37 -20.30
C GLN D 85 -1.40 49.02 -21.67
N LEU D 86 -0.52 48.51 -22.51
CA LEU D 86 -0.31 49.08 -23.85
C LEU D 86 -1.16 48.40 -24.92
N GLY D 87 -2.10 47.55 -24.52
CA GLY D 87 -2.98 46.89 -25.46
C GLY D 87 -2.48 45.55 -26.03
N GLY D 88 -1.49 44.96 -25.39
CA GLY D 88 -0.92 43.71 -25.89
C GLY D 88 -1.06 42.56 -24.92
N HIS D 89 -0.22 41.55 -25.12
CA HIS D 89 -0.31 40.32 -24.33
C HIS D 89 1.10 39.79 -24.13
N GLY D 90 1.33 39.23 -22.94
CA GLY D 90 2.58 38.56 -22.62
C GLY D 90 2.41 37.05 -22.46
N GLU D 91 3.09 36.30 -23.30
CA GLU D 91 2.99 34.84 -23.28
C GLU D 91 4.13 34.24 -22.48
N TYR D 92 3.79 33.47 -21.45
CA TYR D 92 4.80 32.89 -20.57
C TYR D 92 5.20 31.45 -20.95
N LEU D 93 6.46 31.30 -21.35
CA LEU D 93 6.98 30.00 -21.66
C LEU D 93 7.81 29.57 -20.46
N ALA D 94 7.17 28.90 -19.51
CA ALA D 94 7.81 28.48 -18.27
C ALA D 94 9.16 27.79 -18.52
N PRO D 95 10.04 27.80 -17.50
CA PRO D 95 11.39 27.23 -17.56
C PRO D 95 11.50 25.92 -18.34
N GLY D 96 10.64 24.96 -18.01
CA GLY D 96 10.55 23.73 -18.77
C GLY D 96 9.76 23.82 -20.06
N GLN D 97 8.69 24.61 -20.06
CA GLN D 97 7.84 24.75 -21.23
C GLN D 97 8.72 24.90 -22.49
N ILE D 98 9.68 25.81 -22.45
CA ILE D 98 10.56 26.05 -23.60
C ILE D 98 11.60 24.96 -23.68
N GLN D 99 12.57 25.14 -24.54
CA GLN D 99 13.63 24.14 -24.64
C GLN D 99 14.97 24.81 -24.57
N LEU D 100 15.31 25.49 -25.66
CA LEU D 100 16.51 26.30 -25.74
C LEU D 100 17.78 25.47 -25.65
N GLY D 101 18.18 24.91 -26.79
CA GLY D 101 19.34 24.05 -26.85
C GLY D 101 18.96 22.60 -26.59
N GLY D 102 17.68 22.35 -26.35
CA GLY D 102 17.18 21.00 -26.13
C GLY D 102 16.79 20.29 -27.41
N HIS D 103 17.74 19.52 -27.95
CA HIS D 103 17.63 18.86 -29.27
C HIS D 103 16.82 19.57 -30.39
N GLU D 104 16.49 20.85 -30.20
CA GLU D 104 16.14 21.74 -31.30
C GLU D 104 17.08 22.96 -31.24
N THR D 105 17.94 23.11 -32.24
CA THR D 105 18.94 24.19 -32.24
C THR D 105 18.30 25.56 -32.08
N ILE D 106 18.99 26.44 -31.38
CA ILE D 106 18.51 27.80 -31.24
C ILE D 106 18.16 28.39 -32.64
N GLU D 107 18.93 28.03 -33.66
CA GLU D 107 18.63 28.50 -35.01
C GLU D 107 17.18 28.20 -35.37
N ASP D 108 16.76 26.96 -35.09
CA ASP D 108 15.39 26.54 -35.33
C ASP D 108 14.42 27.27 -34.41
N THR D 109 14.61 27.14 -33.11
CA THR D 109 13.74 27.82 -32.15
C THR D 109 13.56 29.29 -32.47
N SER D 110 14.66 30.00 -32.74
CA SER D 110 14.59 31.41 -33.11
C SER D 110 13.75 31.65 -34.38
N ARG D 111 13.99 30.84 -35.41
CA ARG D 111 13.33 31.05 -36.67
C ARG D 111 11.80 30.90 -36.55
N VAL D 112 11.34 29.93 -35.76
CA VAL D 112 9.90 29.66 -35.68
C VAL D 112 9.20 30.53 -34.65
N LEU D 113 9.92 30.88 -33.60
CA LEU D 113 9.39 31.87 -32.68
C LEU D 113 9.12 33.17 -33.40
N SER D 114 9.94 33.50 -34.39
CA SER D 114 9.78 34.76 -35.12
C SER D 114 8.47 34.84 -35.92
N ARG D 115 7.91 33.68 -36.24
CA ARG D 115 6.66 33.62 -36.96
C ARG D 115 5.44 33.61 -36.02
N LEU D 116 5.66 33.52 -34.72
CA LEU D 116 4.54 33.31 -33.80
C LEU D 116 4.34 34.42 -32.77
N VAL D 117 5.35 35.26 -32.59
CA VAL D 117 5.17 36.42 -31.75
C VAL D 117 5.84 37.61 -32.38
N ASP D 118 5.57 38.79 -31.82
CA ASP D 118 5.96 40.05 -32.40
C ASP D 118 7.31 40.50 -31.84
N ILE D 119 7.61 40.05 -30.62
CA ILE D 119 8.82 40.46 -29.94
C ILE D 119 9.17 39.45 -28.85
N LEU D 120 10.44 39.41 -28.44
CA LEU D 120 10.92 38.36 -27.56
C LEU D 120 11.70 38.88 -26.37
N MET D 121 11.45 38.28 -25.21
CA MET D 121 12.26 38.53 -24.03
C MET D 121 12.73 37.19 -23.44
N ALA D 122 13.91 37.15 -22.83
CA ALA D 122 14.43 35.88 -22.31
C ALA D 122 15.32 36.07 -21.11
N ARG D 123 14.96 35.44 -19.99
CA ARG D 123 15.78 35.37 -18.79
C ARG D 123 16.59 34.09 -18.87
N VAL D 124 17.77 34.20 -19.43
CA VAL D 124 18.54 33.02 -19.78
C VAL D 124 19.60 32.78 -18.72
N GLU D 125 20.06 31.53 -18.61
CA GLU D 125 21.06 31.15 -17.62
C GLU D 125 22.43 31.62 -18.08
N ARG D 126 22.81 31.21 -19.28
CA ARG D 126 24.09 31.59 -19.86
C ARG D 126 23.88 32.69 -20.89
N HIS D 127 24.56 33.81 -20.71
CA HIS D 127 24.40 34.93 -21.61
C HIS D 127 24.58 34.52 -23.06
N HIS D 128 25.58 33.70 -23.35
CA HIS D 128 25.83 33.34 -24.75
C HIS D 128 24.53 33.04 -25.50
N SER D 129 23.58 32.38 -24.85
CA SER D 129 22.39 31.92 -25.56
C SER D 129 21.34 32.99 -25.74
N ILE D 130 21.35 34.01 -24.90
CA ILE D 130 20.49 35.17 -25.13
C ILE D 130 20.87 35.92 -26.42
N VAL D 131 22.16 36.02 -26.71
CA VAL D 131 22.59 36.70 -27.90
C VAL D 131 22.41 35.81 -29.13
N ASP D 132 22.69 34.51 -28.98
CA ASP D 132 22.44 33.54 -30.04
C ASP D 132 21.00 33.69 -30.51
N LEU D 133 20.11 33.90 -29.54
CA LEU D 133 18.70 34.13 -29.81
C LEU D 133 18.47 35.45 -30.54
N ALA D 134 19.06 36.51 -30.03
CA ALA D 134 18.98 37.83 -30.64
C ALA D 134 19.51 37.81 -32.07
N ASN D 135 20.52 36.99 -32.32
CA ASN D 135 21.15 36.93 -33.63
C ASN D 135 20.30 36.20 -34.65
N CYS D 136 19.58 35.19 -34.18
CA CYS D 136 18.90 34.25 -35.06
C CYS D 136 17.43 34.54 -35.22
N ALA D 137 16.88 35.38 -34.35
CA ALA D 137 15.50 35.83 -34.49
C ALA D 137 15.40 37.03 -35.42
N THR D 138 14.28 37.15 -36.11
CA THR D 138 14.05 38.26 -37.01
C THR D 138 13.28 39.35 -36.29
N ILE D 139 12.80 39.04 -35.09
CA ILE D 139 12.08 40.00 -34.28
C ILE D 139 12.95 40.50 -33.14
N PRO D 140 12.61 41.66 -32.58
CA PRO D 140 13.44 42.24 -31.52
C PRO D 140 13.54 41.31 -30.35
N VAL D 141 14.72 41.23 -29.74
CA VAL D 141 14.93 40.39 -28.56
C VAL D 141 15.36 41.25 -27.37
N ILE D 142 14.78 41.00 -26.20
CA ILE D 142 15.16 41.70 -24.98
C ILE D 142 15.76 40.75 -23.94
N ASN D 143 16.86 41.19 -23.33
CA ASN D 143 17.56 40.39 -22.33
C ASN D 143 16.98 40.58 -20.92
N GLY D 144 16.13 39.64 -20.50
CA GLY D 144 15.53 39.65 -19.17
C GLY D 144 16.55 39.65 -18.04
N MET D 145 17.69 39.00 -18.30
CA MET D 145 18.87 39.00 -17.43
C MET D 145 19.61 37.69 -17.64
N SER D 146 20.92 37.82 -17.79
CA SER D 146 21.75 36.65 -18.01
C SER D 146 22.74 36.54 -16.87
N ASP D 147 23.73 35.67 -17.03
CA ASP D 147 24.77 35.54 -16.02
C ASP D 147 25.72 36.74 -16.10
N TYR D 148 25.54 37.55 -17.13
CA TYR D 148 26.51 38.59 -17.50
C TYR D 148 26.07 39.99 -17.11
N ASN D 149 24.87 40.36 -17.53
CA ASN D 149 24.34 41.65 -17.20
C ASN D 149 22.82 41.62 -17.02
N HIS D 150 22.27 42.77 -16.66
CA HIS D 150 20.84 42.92 -16.41
C HIS D 150 20.43 44.27 -16.98
N PRO D 151 20.21 44.35 -18.30
CA PRO D 151 20.13 45.65 -18.97
C PRO D 151 18.77 46.31 -18.75
N THR D 152 17.74 45.49 -18.64
CA THR D 152 16.39 45.99 -18.39
C THR D 152 16.30 46.58 -16.97
N GLN D 153 17.32 46.31 -16.16
CA GLN D 153 17.42 46.89 -14.82
C GLN D 153 18.31 48.14 -14.90
N GLU D 154 19.34 48.11 -15.75
CA GLU D 154 20.17 49.30 -15.89
C GLU D 154 19.21 50.47 -16.16
N LEU D 155 18.20 50.25 -17.01
CA LEU D 155 17.32 51.34 -17.42
C LEU D 155 16.30 51.69 -16.34
N GLY D 156 15.74 50.69 -15.68
CA GLY D 156 14.84 50.94 -14.58
C GLY D 156 15.49 51.79 -13.52
N ASP D 157 16.77 51.56 -13.29
CA ASP D 157 17.47 52.28 -12.24
C ASP D 157 17.88 53.67 -12.70
N LEU D 158 18.13 53.82 -14.00
CA LEU D 158 18.44 55.15 -14.54
C LEU D 158 17.24 56.06 -14.36
N CYS D 159 16.07 55.56 -14.71
CA CYS D 159 14.84 56.34 -14.53
C CYS D 159 14.72 56.73 -13.07
N THR D 160 14.99 55.79 -12.17
CA THR D 160 14.83 56.03 -10.74
C THR D 160 15.75 57.15 -10.24
N MET D 161 17.00 57.14 -10.68
CA MET D 161 17.96 58.17 -10.26
C MET D 161 17.60 59.55 -10.82
N VAL D 162 17.16 59.60 -12.05
CA VAL D 162 16.66 60.84 -12.65
C VAL D 162 15.57 61.47 -11.81
N GLU D 163 14.58 60.67 -11.45
CA GLU D 163 13.47 61.12 -10.61
C GLU D 163 13.91 61.56 -9.22
N HIS D 164 15.19 61.35 -8.88
CA HIS D 164 15.67 61.60 -7.52
C HIS D 164 17.04 62.27 -7.43
N LEU D 165 17.24 63.44 -8.05
CA LEU D 165 18.55 64.09 -8.07
C LEU D 165 18.98 64.91 -6.82
N PRO D 166 18.01 65.27 -5.98
CA PRO D 166 18.10 66.42 -5.09
C PRO D 166 19.12 67.50 -5.42
N GLU D 167 18.59 68.71 -5.62
CA GLU D 167 19.36 69.95 -5.57
C GLU D 167 20.48 70.18 -6.58
N GLY D 168 20.11 70.72 -7.73
CA GLY D 168 21.08 71.25 -8.67
C GLY D 168 22.31 70.41 -8.91
N LYS D 169 22.24 69.14 -8.56
CA LYS D 169 23.18 68.18 -9.11
C LYS D 169 22.50 67.69 -10.39
N LYS D 170 23.27 67.52 -11.47
CA LYS D 170 22.68 67.32 -12.78
C LYS D 170 22.79 65.88 -13.30
N LEU D 171 23.25 64.99 -12.42
CA LEU D 171 23.38 63.57 -12.74
C LEU D 171 24.82 63.29 -13.19
N GLU D 172 25.24 63.91 -14.28
CA GLU D 172 26.61 63.76 -14.75
C GLU D 172 27.63 63.93 -13.63
N ASP D 173 27.19 64.53 -12.53
CA ASP D 173 28.06 64.79 -11.39
C ASP D 173 27.56 64.20 -10.07
N CYS D 174 26.70 63.20 -10.18
CA CYS D 174 26.31 62.42 -9.01
C CYS D 174 27.27 61.25 -8.81
N LYS D 175 27.37 60.77 -7.58
CA LYS D 175 28.25 59.64 -7.27
C LYS D 175 27.39 58.45 -6.89
N VAL D 176 27.58 57.36 -7.61
CA VAL D 176 26.81 56.14 -7.39
C VAL D 176 27.76 55.10 -6.87
N VAL D 177 27.46 54.53 -5.70
CA VAL D 177 28.35 53.55 -5.06
C VAL D 177 27.65 52.22 -4.84
N PHE D 178 28.27 51.17 -5.34
CA PHE D 178 27.77 49.82 -5.16
C PHE D 178 28.57 49.02 -4.09
N VAL D 179 27.89 48.54 -3.06
CA VAL D 179 28.55 47.77 -2.01
C VAL D 179 28.25 46.27 -2.08
N GLY D 180 29.30 45.48 -2.02
CA GLY D 180 29.13 44.04 -1.98
C GLY D 180 29.76 43.26 -3.11
N ASP D 181 29.10 42.17 -3.50
CA ASP D 181 29.59 41.23 -4.50
C ASP D 181 29.51 41.81 -5.92
N ALA D 182 30.42 41.41 -6.79
CA ALA D 182 30.38 41.84 -8.17
C ALA D 182 29.37 41.04 -9.00
N THR D 183 28.10 41.15 -8.65
CA THR D 183 27.03 40.48 -9.38
C THR D 183 26.79 41.15 -10.74
N GLN D 184 25.96 40.56 -11.61
CA GLN D 184 25.66 41.17 -12.91
C GLN D 184 24.91 42.48 -12.75
N VAL D 185 24.11 42.56 -11.69
CA VAL D 185 23.42 43.78 -11.31
C VAL D 185 24.46 44.87 -11.02
N CYS D 186 25.47 44.53 -10.22
CA CYS D 186 26.60 45.42 -9.99
C CYS D 186 27.23 45.93 -11.28
N PHE D 187 27.74 45.00 -12.10
CA PHE D 187 28.34 45.33 -13.39
C PHE D 187 27.44 46.21 -14.24
N SER D 188 26.18 45.82 -14.35
CA SER D 188 25.24 46.61 -15.14
C SER D 188 25.14 48.03 -14.66
N LEU D 189 25.11 48.22 -13.34
CA LEU D 189 25.01 49.54 -12.77
C LEU D 189 26.17 50.40 -13.20
N GLY D 190 27.35 49.82 -13.27
CA GLY D 190 28.54 50.60 -13.62
C GLY D 190 28.51 50.88 -15.10
N LEU D 191 28.03 49.88 -15.83
CA LEU D 191 27.97 49.94 -17.27
C LEU D 191 27.05 51.09 -17.70
N ILE D 192 26.06 51.39 -16.88
CA ILE D 192 25.05 52.41 -17.23
C ILE D 192 25.43 53.78 -16.71
N THR D 193 26.00 53.82 -15.50
CA THR D 193 26.34 55.09 -14.89
C THR D 193 27.51 55.72 -15.61
N THR D 194 28.48 54.91 -16.01
CA THR D 194 29.59 55.42 -16.81
C THR D 194 29.12 55.86 -18.19
N LYS D 195 28.12 55.16 -18.73
CA LYS D 195 27.49 55.52 -20.01
C LYS D 195 27.00 56.96 -20.00
N MET D 196 26.44 57.34 -18.86
CA MET D 196 25.79 58.62 -18.65
C MET D 196 26.74 59.69 -18.11
N GLY D 197 28.01 59.36 -18.00
CA GLY D 197 29.02 60.32 -17.57
C GLY D 197 29.05 60.60 -16.08
N MET D 198 28.57 59.64 -15.30
CA MET D 198 28.51 59.79 -13.84
C MET D 198 29.78 59.28 -13.18
N ASN D 199 29.79 59.37 -11.86
CA ASN D 199 30.91 58.88 -11.08
C ASN D 199 30.53 57.59 -10.39
N PHE D 200 31.07 56.48 -10.88
CA PHE D 200 30.76 55.17 -10.35
C PHE D 200 31.88 54.66 -9.45
N VAL D 201 31.53 53.77 -8.53
CA VAL D 201 32.50 53.10 -7.68
C VAL D 201 31.89 51.83 -7.15
N HIS D 202 32.61 50.72 -7.35
CA HIS D 202 32.26 49.48 -6.72
C HIS D 202 33.27 49.31 -5.64
N PHE D 203 32.83 49.29 -4.39
CA PHE D 203 33.73 48.87 -3.31
C PHE D 203 33.30 47.50 -2.83
N GLY D 204 34.27 46.68 -2.49
CA GLY D 204 33.98 45.28 -2.23
C GLY D 204 35.27 44.58 -1.97
N PRO D 205 35.19 43.39 -1.36
CA PRO D 205 36.28 42.59 -0.82
C PRO D 205 37.28 42.21 -1.90
N GLU D 206 38.57 42.15 -1.55
CA GLU D 206 39.62 41.87 -2.54
C GLU D 206 39.20 40.75 -3.47
N GLY D 207 38.44 39.80 -2.92
CA GLY D 207 38.06 38.63 -3.69
C GLY D 207 36.88 38.81 -4.63
N PHE D 208 36.07 39.82 -4.38
CA PHE D 208 34.80 39.94 -5.10
C PHE D 208 34.58 41.28 -5.80
N GLN D 209 35.65 41.86 -6.32
CA GLN D 209 35.56 43.11 -7.05
C GLN D 209 35.32 42.82 -8.53
N LEU D 210 34.84 43.81 -9.27
CA LEU D 210 34.72 43.66 -10.71
C LEU D 210 36.10 43.42 -11.31
N ASN D 211 36.20 42.49 -12.25
CA ASN D 211 37.51 42.14 -12.80
C ASN D 211 38.03 43.12 -13.85
N GLU D 212 39.32 43.03 -14.12
CA GLU D 212 39.97 43.91 -15.09
C GLU D 212 39.29 43.87 -16.46
N GLU D 213 38.83 42.68 -16.86
CA GLU D 213 38.12 42.52 -18.14
C GLU D 213 36.82 43.33 -18.11
N HIS D 214 36.24 43.46 -16.92
CA HIS D 214 35.00 44.20 -16.75
C HIS D 214 35.28 45.68 -16.63
N GLN D 215 36.31 46.04 -15.86
CA GLN D 215 36.71 47.43 -15.69
C GLN D 215 37.17 47.99 -17.02
N ALA D 216 37.76 47.13 -17.84
CA ALA D 216 38.15 47.49 -19.19
C ALA D 216 37.00 48.16 -19.93
N LYS D 217 35.82 47.56 -19.80
CA LYS D 217 34.60 48.05 -20.42
C LYS D 217 34.14 49.36 -19.78
N LEU D 218 34.16 49.42 -18.46
CA LEU D 218 33.85 50.66 -17.74
C LEU D 218 34.78 51.79 -18.17
N ALA D 219 36.08 51.50 -18.19
CA ALA D 219 37.05 52.50 -18.61
C ALA D 219 36.67 53.03 -19.98
N LYS D 220 36.46 52.14 -20.94
CA LYS D 220 36.09 52.52 -22.30
C LYS D 220 34.91 53.47 -22.30
N ASN D 221 33.93 53.21 -21.44
CA ASN D 221 32.76 54.08 -21.30
C ASN D 221 33.09 55.53 -20.92
N CYS D 222 34.00 55.70 -19.98
CA CYS D 222 34.36 57.01 -19.47
C CYS D 222 35.29 57.78 -20.41
N GLU D 223 36.02 57.05 -21.24
CA GLU D 223 36.85 57.70 -22.25
C GLU D 223 35.97 58.43 -23.24
N VAL D 224 34.66 58.33 -23.01
CA VAL D 224 33.70 58.89 -23.94
C VAL D 224 32.73 59.82 -23.22
N SER D 225 32.55 59.64 -21.92
CA SER D 225 31.49 60.31 -21.17
C SER D 225 31.97 61.20 -20.03
N GLY D 226 33.16 60.95 -19.51
CA GLY D 226 33.67 61.69 -18.36
C GLY D 226 33.24 61.11 -17.02
N GLY D 227 33.49 59.81 -16.83
CA GLY D 227 32.98 59.10 -15.66
C GLY D 227 34.07 58.76 -14.68
N SER D 228 34.04 57.55 -14.10
CA SER D 228 35.05 57.17 -13.10
C SER D 228 34.72 55.82 -12.48
N PHE D 229 35.63 55.24 -11.67
CA PHE D 229 35.29 54.03 -10.89
C PHE D 229 36.24 53.45 -9.78
N LEU D 230 35.62 52.72 -8.83
CA LEU D 230 36.25 51.68 -7.97
C LEU D 230 37.17 52.13 -6.81
N VAL D 231 37.20 51.26 -5.77
CA VAL D 231 38.22 51.08 -4.70
C VAL D 231 37.97 49.76 -3.91
N THR D 232 38.72 49.54 -2.83
CA THR D 232 38.51 48.38 -1.94
C THR D 232 38.25 48.77 -0.49
N ASP D 233 38.87 49.87 -0.05
CA ASP D 233 38.74 50.34 1.31
C ASP D 233 37.42 51.07 1.50
N ASP D 234 36.51 50.47 2.27
CA ASP D 234 35.18 51.03 2.44
C ASP D 234 35.16 52.40 3.07
N ALA D 235 34.40 52.53 4.14
CA ALA D 235 34.37 53.74 4.96
C ALA D 235 35.25 54.88 4.44
N SER D 236 35.04 55.24 3.17
CA SER D 236 35.74 56.39 2.59
C SER D 236 35.30 56.59 1.17
N SER D 237 34.99 55.50 0.47
CA SER D 237 34.49 55.63 -0.90
C SER D 237 33.00 55.86 -0.92
N VAL D 238 32.33 55.55 0.18
CA VAL D 238 30.93 55.88 0.35
C VAL D 238 30.73 57.38 0.57
N GLU D 239 31.77 58.04 1.06
CA GLU D 239 31.68 59.45 1.35
C GLU D 239 31.25 60.21 0.09
N GLY D 240 30.30 61.13 0.26
CA GLY D 240 29.86 62.00 -0.82
C GLY D 240 29.05 61.28 -1.88
N ALA D 241 28.65 60.05 -1.58
CA ALA D 241 27.79 59.31 -2.49
C ALA D 241 26.40 59.91 -2.49
N ASP D 242 25.80 59.94 -3.67
CA ASP D 242 24.45 60.46 -3.83
C ASP D 242 23.48 59.29 -3.83
N PHE D 243 23.99 58.15 -4.27
CA PHE D 243 23.23 56.92 -4.32
C PHE D 243 24.05 55.74 -3.82
N LEU D 244 23.49 55.01 -2.86
CA LEU D 244 24.15 53.82 -2.33
C LEU D 244 23.33 52.60 -2.73
N TYR D 245 23.98 51.66 -3.40
CA TYR D 245 23.28 50.57 -4.07
C TYR D 245 23.90 49.25 -3.68
N THR D 246 23.07 48.26 -3.35
CA THR D 246 23.59 46.93 -3.00
C THR D 246 22.68 45.83 -3.54
N ASP D 247 23.25 44.63 -3.63
CA ASP D 247 22.52 43.42 -4.02
C ASP D 247 22.82 42.37 -2.95
N VAL D 248 22.52 41.11 -3.21
CA VAL D 248 22.67 40.09 -2.19
C VAL D 248 24.03 39.38 -2.26
N TRP D 249 24.38 38.67 -1.18
CA TRP D 249 25.70 38.11 -1.05
C TRP D 249 25.83 36.67 -1.55
N TYR D 250 24.72 35.98 -1.75
CA TYR D 250 24.78 34.63 -2.34
C TYR D 250 25.71 34.68 -3.53
N GLY D 251 26.21 33.52 -3.93
CA GLY D 251 27.11 33.45 -5.07
C GLY D 251 26.39 33.43 -6.42
N LEU D 252 26.92 32.61 -7.32
CA LEU D 252 26.44 32.55 -8.69
C LEU D 252 25.53 31.35 -8.95
N TYR D 253 24.32 31.39 -8.41
CA TYR D 253 23.33 30.30 -8.54
C TYR D 253 23.89 28.95 -8.97
N GLU D 254 24.98 28.53 -8.32
CA GLU D 254 25.67 27.29 -8.62
C GLU D 254 26.77 27.05 -7.58
N ALA D 255 27.44 28.12 -7.19
CA ALA D 255 28.30 28.12 -6.03
C ALA D 255 27.61 29.19 -5.21
N GLU D 256 26.34 28.87 -4.95
CA GLU D 256 25.44 29.73 -4.20
C GLU D 256 25.91 29.57 -2.76
N LEU D 257 26.78 30.49 -2.37
CA LEU D 257 27.94 30.25 -1.50
C LEU D 257 28.02 29.21 -0.33
N SER D 258 27.10 29.25 0.64
CA SER D 258 27.45 28.92 2.02
C SER D 258 26.70 29.92 2.88
N GLU D 259 26.12 29.47 3.98
CA GLU D 259 25.35 30.36 4.83
C GLU D 259 26.24 31.28 5.63
N GLU D 260 26.94 30.72 6.62
CA GLU D 260 27.82 31.51 7.49
C GLU D 260 29.16 31.80 6.82
N GLU D 261 29.30 31.37 5.56
CA GLU D 261 30.49 31.70 4.77
C GLU D 261 30.34 33.04 4.01
N ARG D 262 29.12 33.33 3.57
CA ARG D 262 28.81 34.67 3.11
C ARG D 262 29.12 35.65 4.22
N MET D 263 28.54 35.41 5.40
CA MET D 263 28.76 36.28 6.53
C MET D 263 30.24 36.48 6.82
N LYS D 264 31.02 35.42 6.66
CA LYS D 264 32.45 35.46 6.94
C LYS D 264 33.14 36.56 6.16
N VAL D 265 32.89 36.61 4.86
CA VAL D 265 33.53 37.58 3.98
C VAL D 265 32.98 39.01 4.03
N PHE D 266 31.65 39.14 4.11
CA PHE D 266 31.01 40.44 4.01
C PHE D 266 30.59 41.12 5.33
N TYR D 267 30.24 40.35 6.37
CA TYR D 267 29.69 40.95 7.58
C TYR D 267 30.65 41.79 8.46
N PRO D 268 31.93 41.86 8.10
CA PRO D 268 32.55 43.05 8.69
C PRO D 268 31.79 44.29 8.18
N LYS D 269 32.42 45.00 7.26
CA LYS D 269 31.82 46.15 6.64
C LYS D 269 30.73 45.69 5.69
N TYR D 270 30.83 46.13 4.45
CA TYR D 270 29.98 45.68 3.34
C TYR D 270 28.46 45.55 3.59
N GLN D 271 28.02 45.71 4.84
CA GLN D 271 26.60 45.76 5.15
C GLN D 271 26.14 47.21 5.24
N VAL D 272 25.01 47.50 4.60
CA VAL D 272 24.48 48.85 4.59
C VAL D 272 23.58 49.11 5.81
N ASN D 273 24.10 49.85 6.77
CA ASN D 273 23.37 50.17 7.99
C ASN D 273 23.30 51.69 8.07
N GLN D 274 22.61 52.22 9.07
CA GLN D 274 22.49 53.66 9.19
C GLN D 274 23.85 54.34 9.28
N GLU D 275 24.77 53.75 10.02
CA GLU D 275 26.09 54.34 10.18
C GLU D 275 26.72 54.48 8.81
N MET D 276 26.65 53.42 8.02
CA MET D 276 27.19 53.42 6.66
C MET D 276 26.50 54.46 5.81
N MET D 277 25.20 54.59 6.01
CA MET D 277 24.40 55.56 5.30
C MET D 277 24.84 56.99 5.63
N ASP D 278 24.94 57.29 6.93
CA ASP D 278 25.33 58.59 7.41
C ASP D 278 26.72 58.95 6.88
N ARG D 279 27.58 57.95 6.84
CA ARG D 279 28.96 58.14 6.40
C ARG D 279 29.00 58.60 4.96
N ALA D 280 28.00 58.17 4.19
CA ALA D 280 27.91 58.51 2.78
C ALA D 280 27.49 59.97 2.56
N GLY D 281 26.41 60.37 3.23
CA GLY D 281 25.88 61.70 3.04
C GLY D 281 24.58 61.87 3.79
N ALA D 282 24.25 63.13 4.05
CA ALA D 282 23.04 63.44 4.77
C ALA D 282 21.82 62.89 4.03
N ASN D 283 21.72 63.15 2.73
CA ASN D 283 20.56 62.72 1.95
C ASN D 283 20.96 61.79 0.80
N CYS D 284 21.87 60.87 1.10
CA CYS D 284 22.19 59.82 0.16
C CYS D 284 21.01 58.86 0.10
N LYS D 285 20.43 58.68 -1.08
CA LYS D 285 19.30 57.77 -1.23
C LYS D 285 19.80 56.33 -1.35
N PHE D 286 19.01 55.37 -0.85
CA PHE D 286 19.38 53.96 -0.88
C PHE D 286 18.66 53.15 -1.96
N MET D 287 19.43 52.34 -2.68
CA MET D 287 18.89 51.51 -3.76
C MET D 287 19.25 50.02 -3.63
N HIS D 288 18.28 49.18 -4.00
CA HIS D 288 18.43 47.74 -3.95
C HIS D 288 17.53 47.15 -5.01
N CYS D 289 18.08 46.29 -5.86
CA CYS D 289 17.30 45.70 -6.95
C CYS D 289 16.31 44.66 -6.46
N LEU D 290 16.45 44.29 -5.19
CA LEU D 290 15.58 43.31 -4.56
C LEU D 290 15.71 41.95 -5.26
N PRO D 291 15.46 40.86 -4.53
CA PRO D 291 14.90 40.82 -3.18
C PRO D 291 15.97 41.06 -2.13
N ALA D 292 15.58 41.55 -0.97
CA ALA D 292 16.58 41.84 0.05
C ALA D 292 16.52 40.87 1.23
N THR D 293 17.65 40.26 1.54
CA THR D 293 17.78 39.55 2.81
C THR D 293 18.11 40.54 3.92
N ARG D 294 17.06 41.05 4.56
CA ARG D 294 17.24 42.01 5.62
C ARG D 294 18.16 41.46 6.74
N GLY D 295 19.02 42.30 7.28
CA GLY D 295 19.96 41.86 8.31
C GLY D 295 21.32 41.55 7.74
N GLU D 296 21.35 41.06 6.50
CA GLU D 296 22.61 40.80 5.83
C GLU D 296 23.22 42.01 5.11
N GLU D 297 22.88 42.19 3.83
CA GLU D 297 23.46 43.31 3.06
C GLU D 297 22.88 44.70 3.40
N VAL D 298 21.79 44.72 4.18
CA VAL D 298 21.23 45.98 4.61
C VAL D 298 20.36 45.80 5.85
N THR D 299 20.50 46.69 6.83
CA THR D 299 19.65 46.66 8.01
C THR D 299 18.25 47.18 7.66
N ASP D 300 17.25 46.81 8.45
CA ASP D 300 15.88 47.27 8.21
C ASP D 300 15.72 48.80 8.34
N GLU D 301 16.38 49.41 9.33
CA GLU D 301 16.26 50.85 9.54
C GLU D 301 16.64 51.65 8.30
N VAL D 302 17.45 51.04 7.43
CA VAL D 302 17.90 51.70 6.20
C VAL D 302 16.92 51.52 5.06
N ILE D 303 16.64 50.25 4.75
CA ILE D 303 15.74 49.92 3.67
C ILE D 303 14.32 50.43 3.88
N ASP D 304 13.87 50.49 5.13
CA ASP D 304 12.57 51.06 5.41
C ASP D 304 12.68 52.53 5.80
N GLY D 305 13.86 53.11 5.60
CA GLY D 305 14.14 54.50 5.96
C GLY D 305 13.65 55.56 5.00
N LYS D 306 13.69 56.80 5.48
CA LYS D 306 13.19 57.95 4.73
C LYS D 306 13.97 58.14 3.43
N ASN D 307 15.18 57.60 3.40
CA ASN D 307 16.05 57.80 2.25
C ASN D 307 16.12 56.60 1.32
N SER D 308 15.25 55.62 1.57
CA SER D 308 15.21 54.45 0.70
C SER D 308 14.26 54.68 -0.46
N ILE D 309 14.73 54.36 -1.67
CA ILE D 309 13.90 54.53 -2.85
C ILE D 309 13.79 53.20 -3.54
N CYS D 310 14.17 52.14 -2.83
CA CYS D 310 14.28 50.83 -3.47
C CYS D 310 12.93 50.34 -4.02
N PHE D 311 11.83 50.88 -3.50
CA PHE D 311 10.52 50.48 -3.98
C PHE D 311 10.02 51.31 -5.17
N ASP D 312 10.40 52.59 -5.23
CA ASP D 312 10.17 53.35 -6.45
C ASP D 312 10.96 52.66 -7.57
N GLU D 313 12.22 52.41 -7.30
CA GLU D 313 13.11 51.67 -8.19
C GLU D 313 12.44 50.40 -8.71
N ALA D 314 11.82 49.67 -7.79
CA ALA D 314 11.09 48.45 -8.14
C ALA D 314 9.95 48.74 -9.11
N GLU D 315 9.12 49.72 -8.79
CA GLU D 315 8.05 50.11 -9.71
C GLU D 315 8.64 50.47 -11.06
N ASN D 316 9.76 51.18 -11.05
CA ASN D 316 10.42 51.54 -12.29
C ASN D 316 10.93 50.38 -13.15
N ARG D 317 11.06 49.19 -12.57
CA ARG D 317 11.40 48.02 -13.36
C ARG D 317 10.39 47.87 -14.49
N LEU D 318 9.13 48.14 -14.15
CA LEU D 318 8.03 48.20 -15.11
C LEU D 318 8.06 49.48 -15.96
N THR D 319 8.14 50.63 -15.28
CA THR D 319 8.25 51.91 -15.96
C THR D 319 9.13 51.85 -17.20
N SER D 320 10.25 51.16 -17.08
CA SER D 320 11.28 51.07 -18.12
C SER D 320 10.99 49.98 -19.15
N ILE D 321 10.48 48.83 -18.73
CA ILE D 321 10.19 47.79 -19.72
C ILE D 321 8.98 48.27 -20.54
N ARG D 322 8.11 49.03 -19.90
CA ARG D 322 6.98 49.65 -20.57
C ARG D 322 7.49 50.43 -21.77
N GLY D 323 8.51 51.26 -21.55
CA GLY D 323 9.03 52.10 -22.63
C GLY D 323 9.95 51.36 -23.58
N LEU D 324 10.66 50.38 -23.05
CA LEU D 324 11.62 49.65 -23.84
C LEU D 324 10.89 48.89 -24.94
N LEU D 325 9.75 48.27 -24.57
CA LEU D 325 8.89 47.54 -25.51
C LEU D 325 8.35 48.43 -26.63
N VAL D 326 7.85 49.59 -26.25
CA VAL D 326 7.40 50.57 -27.21
C VAL D 326 8.51 50.93 -28.20
N TYR D 327 9.69 51.32 -27.70
CA TYR D 327 10.81 51.64 -28.60
C TYR D 327 11.07 50.52 -29.62
N LEU D 328 11.36 49.34 -29.13
CA LEU D 328 11.78 48.27 -30.01
C LEU D 328 10.78 48.01 -31.11
N MET D 329 9.51 48.08 -30.74
CA MET D 329 8.39 47.80 -31.64
C MET D 329 8.19 48.90 -32.68
N ASN D 330 8.13 50.15 -32.21
CA ASN D 330 8.07 51.30 -33.10
C ASN D 330 9.22 51.24 -34.09
N ASP D 331 10.42 51.01 -33.57
CA ASP D 331 11.59 50.89 -34.42
C ASP D 331 11.39 49.79 -35.42
N TYR D 332 10.86 48.66 -34.95
CA TYR D 332 10.63 47.53 -35.84
C TYR D 332 9.65 47.88 -36.94
N GLU D 333 8.69 48.74 -36.65
CA GLU D 333 7.66 49.07 -37.65
C GLU D 333 8.17 49.98 -38.76
N ALA D 334 8.86 51.06 -38.38
CA ALA D 334 9.72 51.69 -39.34
C ALA D 334 10.59 50.53 -39.67
N LYS D 335 11.11 50.46 -40.88
CA LYS D 335 11.99 49.36 -41.27
C LYS D 335 11.17 48.25 -41.87
N ASN D 336 9.96 48.09 -41.34
CA ASN D 336 9.07 47.01 -41.74
C ASN D 336 7.62 47.47 -41.79
N PRO D 337 7.37 48.52 -42.56
CA PRO D 337 6.15 49.30 -42.48
C PRO D 337 5.09 48.68 -43.35
N TYR D 338 3.83 48.77 -42.93
CA TYR D 338 2.75 48.12 -43.67
C TYR D 338 2.36 48.89 -44.93
N ASP D 339 2.06 48.16 -45.99
CA ASP D 339 1.47 48.77 -47.17
C ASP D 339 0.01 49.16 -46.90
N LEU D 340 -0.24 50.44 -46.62
CA LEU D 340 -1.59 50.84 -46.26
C LEU D 340 -2.61 50.41 -47.28
N ILE D 341 -2.18 50.30 -48.54
CA ILE D 341 -3.03 49.89 -49.64
C ILE D 341 -3.37 48.42 -49.54
N LYS D 342 -2.33 47.59 -49.60
CA LYS D 342 -2.47 46.14 -49.38
C LYS D 342 -3.28 45.85 -48.15
N GLN D 343 -3.06 46.62 -47.10
CA GLN D 343 -3.79 46.48 -45.86
C GLN D 343 -5.26 46.76 -46.11
N ALA D 344 -5.56 47.89 -46.72
CA ALA D 344 -6.95 48.24 -46.95
C ALA D 344 -7.67 47.16 -47.75
N GLU D 345 -7.00 46.57 -48.72
CA GLU D 345 -7.64 45.60 -49.62
C GLU D 345 -7.85 44.31 -48.86
N ALA D 346 -6.81 43.91 -48.15
CA ALA D 346 -6.85 42.71 -47.32
C ALA D 346 -8.03 42.77 -46.38
N LYS D 347 -8.27 43.93 -45.81
CA LYS D 347 -9.41 44.12 -44.93
C LYS D 347 -10.72 44.00 -45.70
N LYS D 348 -10.87 44.69 -46.84
CA LYS D 348 -12.12 44.60 -47.61
C LYS D 348 -12.34 43.17 -48.05
N GLU D 349 -11.29 42.53 -48.53
CA GLU D 349 -11.37 41.14 -48.97
C GLU D 349 -11.92 40.25 -47.84
N LEU D 350 -11.40 40.45 -46.64
CA LEU D 350 -11.89 39.69 -45.53
C LEU D 350 -13.36 39.96 -45.24
N GLU D 351 -13.74 41.25 -45.14
CA GLU D 351 -15.12 41.68 -44.89
C GLU D 351 -16.07 41.00 -45.85
N VAL D 352 -15.74 41.07 -47.15
CA VAL D 352 -16.60 40.51 -48.17
C VAL D 352 -16.77 39.04 -47.94
N PHE D 353 -15.64 38.34 -47.77
CA PHE D 353 -15.64 36.91 -47.51
C PHE D 353 -16.56 36.55 -46.34
N LEU D 354 -16.36 37.21 -45.22
CA LEU D 354 -17.23 36.97 -44.07
C LEU D 354 -18.71 37.33 -44.28
N ASP D 355 -18.98 38.37 -45.10
CA ASP D 355 -20.33 38.85 -45.34
C ASP D 355 -21.10 37.93 -46.27
N THR D 356 -20.37 37.11 -47.03
CA THR D 356 -20.98 36.42 -48.15
C THR D 356 -20.81 34.89 -48.18
N GLN D 357 -19.76 34.40 -47.54
CA GLN D 357 -19.44 32.97 -47.61
C GLN D 357 -19.75 32.28 -46.29
N SER D 358 -20.13 31.00 -46.37
CA SER D 358 -20.39 30.21 -45.17
C SER D 358 -20.32 28.72 -45.47
N ILE D 359 -20.35 27.92 -44.40
CA ILE D 359 -20.50 26.46 -44.52
C ILE D 359 -21.47 25.87 -43.50
N HIS E 8 -25.19 -2.67 -20.84
CA HIS E 8 -24.96 -2.17 -22.20
C HIS E 8 -25.49 -0.77 -22.22
N HIS E 9 -25.00 0.03 -23.16
CA HIS E 9 -25.00 1.46 -22.95
C HIS E 9 -24.32 2.24 -24.11
N HIS E 10 -25.04 2.36 -25.23
CA HIS E 10 -24.59 3.00 -26.48
C HIS E 10 -23.11 2.83 -26.79
N SER E 11 -22.66 3.36 -27.93
CA SER E 11 -21.49 2.76 -28.56
C SER E 11 -20.36 3.64 -28.99
N SER E 12 -19.18 3.28 -28.51
CA SER E 12 -17.98 3.45 -29.31
C SER E 12 -17.24 4.71 -29.03
N GLY E 13 -16.42 5.12 -30.02
CA GLY E 13 -15.47 6.23 -29.92
C GLY E 13 -14.60 6.43 -31.17
N LEU E 14 -13.53 7.21 -31.01
CA LEU E 14 -12.69 7.73 -32.10
C LEU E 14 -13.18 9.10 -32.53
N VAL E 15 -14.32 9.12 -33.24
CA VAL E 15 -15.05 10.34 -33.61
C VAL E 15 -16.33 10.61 -32.80
N PRO E 16 -16.48 11.87 -32.34
CA PRO E 16 -17.49 12.45 -31.43
C PRO E 16 -18.90 12.50 -32.00
N ARG E 17 -19.92 12.44 -31.13
CA ARG E 17 -21.32 12.49 -31.57
C ARG E 17 -21.61 13.92 -32.05
N GLY E 18 -22.40 14.03 -33.11
CA GLY E 18 -22.79 15.32 -33.65
C GLY E 18 -23.47 16.21 -32.63
N SER E 19 -23.85 17.41 -33.06
CA SER E 19 -24.58 18.32 -32.19
C SER E 19 -25.27 19.42 -32.98
N HIS E 20 -26.50 19.72 -32.58
CA HIS E 20 -27.30 20.69 -33.32
C HIS E 20 -27.05 22.08 -32.79
N MET E 21 -26.19 22.20 -31.79
CA MET E 21 -25.92 23.55 -31.33
C MET E 21 -24.52 23.81 -30.86
N LYS E 22 -23.58 23.53 -31.76
CA LYS E 22 -22.16 23.75 -31.54
C LYS E 22 -21.45 22.76 -32.43
N ARG E 23 -20.17 22.96 -32.66
CA ARG E 23 -19.41 21.98 -33.43
C ARG E 23 -17.97 21.90 -32.92
N ASP E 24 -17.41 20.70 -32.94
CA ASP E 24 -16.06 20.50 -32.43
C ASP E 24 -15.09 20.29 -33.59
N TYR E 25 -13.80 20.19 -33.25
CA TYR E 25 -12.75 19.89 -34.22
C TYR E 25 -11.85 18.83 -33.64
N VAL E 26 -12.24 17.57 -33.74
CA VAL E 26 -11.48 16.48 -33.15
C VAL E 26 -10.71 15.73 -34.23
N THR E 27 -11.35 15.46 -35.36
CA THR E 27 -10.62 15.03 -36.54
C THR E 27 -11.30 15.46 -37.81
N THR E 28 -10.52 15.56 -38.88
CA THR E 28 -11.04 16.05 -40.15
C THR E 28 -11.89 15.02 -40.84
N GLU E 29 -12.16 13.94 -40.14
CA GLU E 29 -12.97 12.89 -40.72
C GLU E 29 -14.39 13.37 -40.74
N THR E 30 -14.69 14.35 -39.89
CA THR E 30 -16.04 14.89 -39.78
C THR E 30 -16.27 16.09 -40.70
N TYR E 31 -15.24 16.51 -41.43
CA TYR E 31 -15.33 17.67 -42.34
C TYR E 31 -15.20 17.25 -43.78
N THR E 32 -15.99 17.90 -44.64
CA THR E 32 -16.01 17.57 -46.06
C THR E 32 -14.89 18.34 -46.73
N LYS E 33 -14.53 17.93 -47.95
CA LYS E 33 -13.52 18.66 -48.71
C LYS E 33 -13.85 20.16 -48.81
N GLU E 34 -15.12 20.46 -49.05
CA GLU E 34 -15.55 21.84 -49.22
C GLU E 34 -15.38 22.59 -47.92
N GLU E 35 -15.74 21.95 -46.81
CA GLU E 35 -15.64 22.62 -45.52
C GLU E 35 -14.17 22.95 -45.25
N MET E 36 -13.28 22.04 -45.61
CA MET E 36 -11.86 22.29 -45.37
C MET E 36 -11.45 23.44 -46.22
N HIS E 37 -11.92 23.46 -47.47
CA HIS E 37 -11.61 24.58 -48.37
C HIS E 37 -12.02 25.90 -47.71
N TYR E 38 -13.26 25.98 -47.23
CA TYR E 38 -13.72 27.14 -46.46
C TYR E 38 -12.71 27.55 -45.41
N LEU E 39 -12.36 26.62 -44.56
CA LEU E 39 -11.37 26.86 -43.51
C LEU E 39 -10.04 27.43 -44.02
N VAL E 40 -9.45 26.81 -45.03
CA VAL E 40 -8.23 27.35 -45.63
C VAL E 40 -8.38 28.80 -46.12
N ASP E 41 -9.46 29.08 -46.85
CA ASP E 41 -9.76 30.44 -47.31
C ASP E 41 -9.93 31.43 -46.15
N LEU E 42 -10.80 31.13 -45.20
CA LEU E 42 -10.94 31.94 -44.01
C LEU E 42 -9.59 32.19 -43.34
N SER E 43 -8.87 31.11 -43.04
CA SER E 43 -7.56 31.17 -42.40
C SER E 43 -6.61 32.10 -43.10
N LEU E 44 -6.56 31.94 -44.41
CA LEU E 44 -5.67 32.72 -45.27
C LEU E 44 -6.07 34.20 -45.44
N LYS E 45 -7.37 34.48 -45.56
CA LYS E 45 -7.87 35.86 -45.66
C LYS E 45 -7.48 36.63 -44.41
N ILE E 46 -7.61 35.95 -43.26
CA ILE E 46 -7.21 36.49 -41.97
C ILE E 46 -5.71 36.68 -41.92
N LYS E 47 -4.96 35.71 -42.40
CA LYS E 47 -3.52 35.87 -42.42
C LYS E 47 -3.13 37.15 -43.15
N GLU E 48 -3.73 37.37 -44.32
CA GLU E 48 -3.34 38.50 -45.14
C GLU E 48 -3.66 39.84 -44.49
N ALA E 49 -4.75 39.89 -43.73
CA ALA E 49 -5.12 41.08 -42.98
C ALA E 49 -4.11 41.37 -41.92
N ILE E 50 -3.77 40.35 -41.14
CA ILE E 50 -2.84 40.52 -40.04
C ILE E 50 -1.42 40.74 -40.56
N LYS E 51 -1.09 40.05 -41.65
CA LYS E 51 0.20 40.26 -42.28
C LYS E 51 0.39 41.73 -42.63
N ASN E 52 -0.72 42.45 -42.80
CA ASN E 52 -0.67 43.83 -43.26
C ASN E 52 -1.19 44.88 -42.27
N GLY E 53 -1.30 44.49 -41.01
CA GLY E 53 -1.50 45.48 -39.98
C GLY E 53 -2.93 45.63 -39.53
N TYR E 54 -3.82 44.84 -40.10
CA TYR E 54 -5.20 44.87 -39.66
C TYR E 54 -5.44 43.67 -38.77
N TYR E 55 -5.77 43.92 -37.51
CA TYR E 55 -6.09 42.82 -36.63
C TYR E 55 -7.61 42.69 -36.43
N PRO E 56 -8.23 41.78 -37.19
CA PRO E 56 -9.66 41.46 -37.12
C PRO E 56 -10.07 41.03 -35.73
N GLN E 57 -10.81 41.87 -35.03
CA GLN E 57 -11.24 41.53 -33.68
C GLN E 57 -12.50 40.66 -33.69
N LEU E 58 -12.40 39.46 -34.24
CA LEU E 58 -13.56 38.60 -34.38
C LEU E 58 -13.92 37.89 -33.07
N LEU E 59 -12.99 37.86 -32.13
CA LEU E 59 -13.17 37.13 -30.89
C LEU E 59 -13.12 38.01 -29.63
N LYS E 60 -13.59 39.25 -29.74
CA LYS E 60 -13.51 40.20 -28.62
C LYS E 60 -14.05 39.59 -27.32
N ASN E 61 -13.23 39.63 -26.27
CA ASN E 61 -13.67 39.26 -24.92
C ASN E 61 -13.92 37.77 -24.71
N LYS E 62 -13.69 36.98 -25.75
CA LYS E 62 -13.92 35.54 -25.67
C LYS E 62 -12.75 34.84 -24.99
N SER E 63 -13.06 33.91 -24.10
CA SER E 63 -12.04 33.18 -23.35
C SER E 63 -11.86 31.76 -23.85
N LEU E 64 -10.62 31.40 -24.19
CA LEU E 64 -10.30 30.04 -24.59
C LEU E 64 -9.56 29.32 -23.48
N GLY E 65 -10.05 28.14 -23.09
CA GLY E 65 -9.35 27.33 -22.12
C GLY E 65 -8.45 26.32 -22.79
N MET E 66 -7.15 26.36 -22.47
CA MET E 66 -6.19 25.43 -23.04
C MET E 66 -5.77 24.39 -22.01
N ILE E 67 -6.02 23.13 -22.34
CA ILE E 67 -5.67 22.02 -21.48
C ILE E 67 -4.52 21.22 -22.07
N PHE E 68 -3.37 21.29 -21.41
CA PHE E 68 -2.22 20.48 -21.84
C PHE E 68 -1.95 19.34 -20.84
N GLN E 69 -1.74 18.13 -21.35
CA GLN E 69 -1.35 17.02 -20.53
C GLN E 69 0.11 16.71 -20.81
N GLN E 70 0.59 17.23 -21.92
CA GLN E 70 2.00 17.17 -22.26
C GLN E 70 2.37 18.55 -22.79
N SER E 71 3.22 19.27 -22.06
CA SER E 71 3.54 20.64 -22.44
C SER E 71 3.90 20.73 -23.91
N SER E 72 3.49 21.81 -24.57
CA SER E 72 3.87 22.03 -25.96
C SER E 72 3.92 23.50 -26.33
N THR E 73 5.11 24.08 -26.19
CA THR E 73 5.30 25.50 -26.44
C THR E 73 4.78 25.96 -27.80
N ARG E 74 5.23 25.33 -28.87
CA ARG E 74 4.74 25.69 -30.21
C ARG E 74 3.21 25.76 -30.27
N THR E 75 2.54 24.74 -29.74
CA THR E 75 1.08 24.73 -29.73
C THR E 75 0.48 25.75 -28.75
N ARG E 76 1.07 25.89 -27.57
CA ARG E 76 0.59 26.87 -26.60
C ARG E 76 0.67 28.31 -27.13
N VAL E 77 1.86 28.76 -27.53
CA VAL E 77 2.01 30.16 -27.91
C VAL E 77 1.22 30.43 -29.16
N SER E 78 1.02 29.41 -29.97
CA SER E 78 0.22 29.58 -31.17
C SER E 78 -1.19 30.00 -30.78
N PHE E 79 -1.82 29.27 -29.86
CA PHE E 79 -3.18 29.59 -29.44
C PHE E 79 -3.23 30.87 -28.65
N GLU E 80 -2.31 31.01 -27.70
CA GLU E 80 -2.28 32.14 -26.79
C GLU E 80 -2.22 33.43 -27.62
N THR E 81 -1.41 33.38 -28.67
CA THR E 81 -1.25 34.48 -29.62
C THR E 81 -2.48 34.68 -30.54
N ALA E 82 -2.91 33.64 -31.22
CA ALA E 82 -4.11 33.70 -32.05
C ALA E 82 -5.23 34.43 -31.34
N MET E 83 -5.49 34.05 -30.10
CA MET E 83 -6.51 34.72 -29.29
C MET E 83 -6.25 36.21 -29.12
N GLU E 84 -5.05 36.60 -28.74
CA GLU E 84 -4.74 38.02 -28.54
C GLU E 84 -5.00 38.85 -29.79
N GLN E 85 -4.59 38.33 -30.94
CA GLN E 85 -4.72 39.07 -32.20
C GLN E 85 -6.17 39.33 -32.53
N LEU E 86 -7.02 38.38 -32.19
CA LEU E 86 -8.44 38.48 -32.48
C LEU E 86 -9.27 39.11 -31.37
N GLY E 87 -8.63 39.69 -30.38
CA GLY E 87 -9.33 40.36 -29.29
C GLY E 87 -9.74 39.49 -28.10
N GLY E 88 -9.14 38.32 -27.97
CA GLY E 88 -9.49 37.43 -26.89
C GLY E 88 -8.32 37.10 -25.97
N HIS E 89 -8.48 35.99 -25.25
CA HIS E 89 -7.48 35.56 -24.30
C HIS E 89 -7.37 34.05 -24.29
N GLY E 90 -6.15 33.55 -24.14
CA GLY E 90 -5.91 32.12 -23.94
C GLY E 90 -5.48 31.76 -22.51
N GLU E 91 -6.28 30.92 -21.88
CA GLU E 91 -6.01 30.49 -20.51
C GLU E 91 -5.29 29.13 -20.46
N TYR E 92 -4.11 29.12 -19.85
CA TYR E 92 -3.28 27.93 -19.82
C TYR E 92 -3.49 27.12 -18.54
N LEU E 93 -4.05 25.93 -18.70
CA LEU E 93 -4.17 24.99 -17.62
C LEU E 93 -3.05 23.96 -17.73
N ALA E 94 -1.91 24.28 -17.10
CA ALA E 94 -0.72 23.44 -17.20
C ALA E 94 -1.02 21.96 -16.95
N PRO E 95 -0.16 21.07 -17.47
CA PRO E 95 -0.31 19.62 -17.35
C PRO E 95 -0.87 19.14 -16.00
N GLY E 96 -0.29 19.63 -14.90
CA GLY E 96 -0.77 19.30 -13.57
C GLY E 96 -1.93 20.16 -13.14
N GLN E 97 -1.93 21.43 -13.54
CA GLN E 97 -2.98 22.36 -13.16
C GLN E 97 -4.36 21.69 -13.32
N ILE E 98 -4.59 21.09 -14.47
CA ILE E 98 -5.87 20.43 -14.74
C ILE E 98 -6.01 19.09 -14.05
N GLN E 99 -7.13 18.43 -14.33
CA GLN E 99 -7.39 17.06 -13.89
C GLN E 99 -7.73 16.15 -15.08
N LEU E 100 -8.57 16.65 -15.99
CA LEU E 100 -9.19 15.86 -17.08
C LEU E 100 -9.75 14.52 -16.59
N GLY E 101 -8.90 13.51 -16.47
CA GLY E 101 -9.28 12.25 -15.86
C GLY E 101 -9.64 12.46 -14.40
N GLY E 102 -8.63 12.72 -13.58
CA GLY E 102 -8.78 13.16 -12.19
C GLY E 102 -9.72 12.39 -11.29
N HIS E 103 -9.85 12.85 -10.05
CA HIS E 103 -10.83 12.31 -9.12
C HIS E 103 -12.20 12.93 -9.38
N GLU E 104 -12.28 13.63 -10.52
CA GLU E 104 -13.49 14.31 -10.99
C GLU E 104 -13.76 13.85 -12.42
N THR E 105 -14.90 13.21 -12.65
CA THR E 105 -15.19 12.62 -13.96
C THR E 105 -15.17 13.66 -15.08
N ILE E 106 -14.74 13.24 -16.26
CA ILE E 106 -14.76 14.13 -17.40
C ILE E 106 -16.14 14.75 -17.56
N GLU E 107 -17.20 14.00 -17.26
CA GLU E 107 -18.57 14.54 -17.31
C GLU E 107 -18.68 15.83 -16.49
N ASP E 108 -18.15 15.80 -15.26
CA ASP E 108 -18.12 16.96 -14.38
C ASP E 108 -17.19 18.04 -14.93
N THR E 109 -15.92 17.73 -15.11
CA THR E 109 -14.99 18.70 -15.67
C THR E 109 -15.54 19.38 -16.94
N SER E 110 -16.11 18.60 -17.85
CA SER E 110 -16.69 19.16 -19.07
C SER E 110 -17.82 20.11 -18.76
N ARG E 111 -18.71 19.69 -17.89
CA ARG E 111 -19.88 20.49 -17.59
C ARG E 111 -19.51 21.87 -17.00
N VAL E 112 -18.54 21.91 -16.10
CA VAL E 112 -18.23 23.16 -15.42
C VAL E 112 -17.27 24.05 -16.22
N LEU E 113 -16.38 23.43 -16.98
CA LEU E 113 -15.56 24.20 -17.92
C LEU E 113 -16.44 24.96 -18.93
N SER E 114 -17.61 24.40 -19.25
CA SER E 114 -18.50 25.00 -20.23
C SER E 114 -19.11 26.29 -19.71
N ARG E 115 -19.10 26.45 -18.38
CA ARG E 115 -19.65 27.65 -17.77
C ARG E 115 -18.60 28.70 -17.52
N LEU E 116 -17.34 28.42 -17.83
CA LEU E 116 -16.27 29.33 -17.46
C LEU E 116 -15.45 29.84 -18.63
N VAL E 117 -15.51 29.14 -19.75
CA VAL E 117 -14.85 29.63 -20.95
C VAL E 117 -15.75 29.44 -22.16
N ASP E 118 -15.38 30.08 -23.26
CA ASP E 118 -16.22 30.17 -24.43
C ASP E 118 -15.91 29.04 -25.40
N ILE E 119 -14.69 28.54 -25.34
CA ILE E 119 -14.25 27.47 -26.25
C ILE E 119 -13.07 26.70 -25.62
N LEU E 120 -12.84 25.46 -26.08
CA LEU E 120 -11.86 24.58 -25.45
C LEU E 120 -10.91 23.91 -26.41
N MET E 121 -9.65 23.85 -26.00
CA MET E 121 -8.62 23.10 -26.72
C MET E 121 -7.89 22.17 -25.75
N ALA E 122 -7.48 21.00 -26.22
CA ALA E 122 -6.82 20.08 -25.32
C ALA E 122 -5.78 19.22 -26.02
N ARG E 123 -4.53 19.29 -25.54
CA ARG E 123 -3.45 18.40 -25.98
C ARG E 123 -3.48 17.21 -25.04
N VAL E 124 -4.21 16.17 -25.44
CA VAL E 124 -4.46 15.07 -24.55
C VAL E 124 -3.54 13.88 -24.86
N GLU E 125 -3.29 13.01 -23.87
CA GLU E 125 -2.37 11.89 -24.04
C GLU E 125 -3.06 10.79 -24.80
N ARG E 126 -4.21 10.39 -24.29
CA ARG E 126 -5.01 9.37 -24.95
C ARG E 126 -6.19 9.99 -25.70
N HIS E 127 -6.31 9.73 -26.98
CA HIS E 127 -7.35 10.35 -27.80
C HIS E 127 -8.73 10.13 -27.21
N HIS E 128 -8.98 8.95 -26.67
CA HIS E 128 -10.32 8.69 -26.17
C HIS E 128 -10.83 9.86 -25.34
N SER E 129 -9.96 10.49 -24.54
CA SER E 129 -10.41 11.49 -23.58
C SER E 129 -10.62 12.87 -24.21
N ILE E 130 -9.99 13.12 -25.34
CA ILE E 130 -10.28 14.36 -26.07
C ILE E 130 -11.68 14.36 -26.65
N VAL E 131 -12.16 13.19 -27.08
CA VAL E 131 -13.51 13.10 -27.61
C VAL E 131 -14.55 13.02 -26.51
N ASP E 132 -14.25 12.30 -25.43
CA ASP E 132 -15.07 12.33 -24.23
C ASP E 132 -15.34 13.78 -23.83
N LEU E 133 -14.32 14.61 -23.92
CA LEU E 133 -14.43 16.03 -23.61
C LEU E 133 -15.32 16.76 -24.61
N ALA E 134 -15.09 16.53 -25.88
CA ALA E 134 -15.91 17.11 -26.92
C ALA E 134 -17.37 16.70 -26.78
N ASN E 135 -17.62 15.50 -26.30
CA ASN E 135 -18.98 14.98 -26.22
C ASN E 135 -19.74 15.54 -25.04
N CYS E 136 -19.02 15.85 -23.97
CA CYS E 136 -19.66 16.24 -22.72
C CYS E 136 -19.68 17.74 -22.52
N ALA E 137 -18.92 18.47 -23.32
CA ALA E 137 -18.88 19.91 -23.21
C ALA E 137 -19.95 20.49 -24.10
N THR E 138 -20.47 21.66 -23.72
CA THR E 138 -21.53 22.32 -24.48
C THR E 138 -20.92 23.35 -25.40
N ILE E 139 -19.63 23.62 -25.19
CA ILE E 139 -18.88 24.58 -26.00
C ILE E 139 -17.96 23.85 -26.96
N PRO E 140 -17.58 24.48 -28.07
CA PRO E 140 -16.74 23.81 -29.06
C PRO E 140 -15.43 23.33 -28.45
N VAL E 141 -14.98 22.15 -28.89
CA VAL E 141 -13.71 21.60 -28.42
C VAL E 141 -12.76 21.38 -29.61
N ILE E 142 -11.50 21.76 -29.41
CA ILE E 142 -10.47 21.57 -30.41
C ILE E 142 -9.38 20.61 -29.95
N ASN E 143 -8.98 19.70 -30.83
CA ASN E 143 -7.98 18.68 -30.51
C ASN E 143 -6.56 19.17 -30.78
N GLY E 144 -5.91 19.64 -29.73
CA GLY E 144 -4.52 20.10 -29.82
C GLY E 144 -3.54 19.07 -30.34
N MET E 145 -3.85 17.80 -30.06
CA MET E 145 -3.16 16.65 -30.59
C MET E 145 -3.30 15.51 -29.61
N SER E 146 -3.65 14.33 -30.12
CA SER E 146 -3.76 13.16 -29.27
C SER E 146 -2.76 12.13 -29.71
N ASP E 147 -2.93 10.91 -29.21
CA ASP E 147 -2.07 9.82 -29.62
C ASP E 147 -2.49 9.31 -30.99
N TYR E 148 -3.60 9.83 -31.49
CA TYR E 148 -4.24 9.33 -32.71
C TYR E 148 -4.04 10.21 -33.94
N ASN E 149 -4.32 11.49 -33.80
CA ASN E 149 -4.13 12.41 -34.90
C ASN E 149 -3.74 13.79 -34.42
N HIS E 150 -3.51 14.69 -35.37
CA HIS E 150 -3.10 16.05 -35.08
C HIS E 150 -3.78 16.97 -36.07
N PRO E 151 -5.05 17.31 -35.81
CA PRO E 151 -5.92 17.86 -36.85
C PRO E 151 -5.66 19.35 -37.07
N THR E 152 -5.22 20.00 -36.03
CA THR E 152 -4.86 21.40 -36.11
C THR E 152 -3.56 21.56 -36.89
N GLN E 153 -2.88 20.45 -37.16
CA GLN E 153 -1.69 20.46 -38.01
C GLN E 153 -2.09 20.06 -39.43
N GLU E 154 -3.06 19.15 -39.57
CA GLU E 154 -3.53 18.81 -40.90
C GLU E 154 -3.86 20.13 -41.63
N LEU E 155 -4.50 21.05 -40.93
CA LEU E 155 -4.97 22.29 -41.54
C LEU E 155 -3.84 23.29 -41.76
N GLY E 156 -2.93 23.38 -40.82
CA GLY E 156 -1.79 24.27 -40.98
C GLY E 156 -0.96 23.84 -42.17
N ASP E 157 -0.91 22.56 -42.42
CA ASP E 157 -0.11 22.07 -43.52
C ASP E 157 -0.83 22.22 -44.83
N LEU E 158 -2.16 22.09 -44.82
CA LEU E 158 -2.96 22.31 -46.03
C LEU E 158 -2.73 23.73 -46.51
N CYS E 159 -2.87 24.70 -45.60
CA CYS E 159 -2.63 26.10 -45.94
C CYS E 159 -1.27 26.26 -46.58
N THR E 160 -0.27 25.62 -46.00
CA THR E 160 1.10 25.75 -46.47
C THR E 160 1.27 25.23 -47.89
N MET E 161 0.65 24.10 -48.19
CA MET E 161 0.77 23.51 -49.52
C MET E 161 0.06 24.39 -50.56
N VAL E 162 -1.09 24.93 -50.20
CA VAL E 162 -1.83 25.83 -51.06
C VAL E 162 -0.97 27.00 -51.48
N GLU E 163 -0.35 27.61 -50.49
CA GLU E 163 0.59 28.71 -50.71
C GLU E 163 1.80 28.36 -51.57
N HIS E 164 1.98 27.09 -51.88
CA HIS E 164 3.20 26.65 -52.54
C HIS E 164 2.99 25.60 -53.65
N LEU E 165 2.13 25.85 -54.64
CA LEU E 165 1.84 24.80 -55.64
C LEU E 165 2.85 24.60 -56.79
N PRO E 166 3.77 25.57 -56.98
CA PRO E 166 4.44 25.81 -58.26
C PRO E 166 3.77 25.25 -59.52
N GLU E 167 3.45 26.18 -60.43
CA GLU E 167 3.19 25.91 -61.84
C GLU E 167 2.02 25.01 -62.19
N GLY E 168 0.85 25.61 -62.35
CA GLY E 168 -0.27 24.95 -62.98
C GLY E 168 -0.56 23.55 -62.55
N LYS E 169 0.01 23.16 -61.41
CA LYS E 169 -0.49 21.99 -60.71
C LYS E 169 -1.56 22.57 -59.81
N LYS E 170 -2.69 21.87 -59.67
CA LYS E 170 -3.86 22.45 -59.00
C LYS E 170 -4.13 21.90 -57.59
N LEU E 171 -3.19 21.14 -57.05
CA LEU E 171 -3.31 20.49 -55.74
C LEU E 171 -3.86 19.07 -55.86
N GLU E 172 -5.08 18.94 -56.34
CA GLU E 172 -5.70 17.65 -56.56
C GLU E 172 -4.79 16.70 -57.31
N ASP E 173 -3.76 17.25 -57.96
CA ASP E 173 -2.81 16.44 -58.71
C ASP E 173 -1.36 16.62 -58.25
N CYS E 174 -1.19 17.04 -57.01
CA CYS E 174 0.13 17.08 -56.41
C CYS E 174 0.39 15.77 -55.69
N LYS E 175 1.67 15.41 -55.54
CA LYS E 175 2.07 14.19 -54.85
C LYS E 175 2.75 14.55 -53.54
N VAL E 176 2.17 14.09 -52.44
CA VAL E 176 2.71 14.34 -51.12
C VAL E 176 3.27 13.04 -50.57
N VAL E 177 4.53 13.05 -50.18
CA VAL E 177 5.19 11.83 -49.68
C VAL E 177 5.69 12.02 -48.27
N PHE E 178 5.32 11.09 -47.39
CA PHE E 178 5.81 11.10 -46.03
C PHE E 178 6.86 10.00 -45.79
N VAL E 179 8.05 10.38 -45.33
CA VAL E 179 9.11 9.42 -45.02
C VAL E 179 9.34 9.20 -43.53
N GLY E 180 9.35 7.94 -43.14
CA GLY E 180 9.68 7.58 -41.78
C GLY E 180 8.60 6.82 -41.03
N ASP E 181 8.54 7.07 -39.73
CA ASP E 181 7.66 6.37 -38.82
C ASP E 181 6.17 6.75 -39.02
N ALA E 182 5.27 5.81 -38.79
CA ALA E 182 3.84 6.11 -38.88
C ALA E 182 3.30 6.86 -37.65
N THR E 183 3.77 8.08 -37.43
CA THR E 183 3.34 8.91 -36.30
C THR E 183 1.96 9.50 -36.58
N GLN E 184 1.33 10.11 -35.59
CA GLN E 184 -0.01 10.67 -35.80
C GLN E 184 0.05 11.80 -36.80
N VAL E 185 1.17 12.52 -36.78
CA VAL E 185 1.42 13.53 -37.76
C VAL E 185 1.35 12.90 -39.13
N CYS E 186 2.00 11.76 -39.30
CA CYS E 186 1.96 11.02 -40.54
C CYS E 186 0.53 10.70 -40.95
N PHE E 187 -0.19 10.01 -40.07
CA PHE E 187 -1.57 9.62 -40.34
C PHE E 187 -2.43 10.82 -40.69
N SER E 188 -2.30 11.89 -39.91
CA SER E 188 -3.06 13.08 -40.19
C SER E 188 -2.80 13.63 -41.59
N LEU E 189 -1.54 13.65 -42.01
CA LEU E 189 -1.18 14.12 -43.35
C LEU E 189 -1.93 13.35 -44.41
N GLY E 190 -2.04 12.04 -44.24
CA GLY E 190 -2.70 11.22 -45.24
C GLY E 190 -4.19 11.46 -45.19
N LEU E 191 -4.66 11.64 -43.97
CA LEU E 191 -6.07 11.84 -43.72
C LEU E 191 -6.57 13.12 -44.41
N ILE E 192 -5.68 14.10 -44.56
CA ILE E 192 -6.06 15.40 -45.11
C ILE E 192 -5.77 15.49 -46.59
N THR E 193 -4.67 14.90 -47.04
CA THR E 193 -4.37 14.97 -48.45
C THR E 193 -5.36 14.15 -49.27
N THR E 194 -5.72 12.99 -48.74
CA THR E 194 -6.75 12.19 -49.38
C THR E 194 -8.09 12.90 -49.38
N LYS E 195 -8.38 13.62 -48.29
CA LYS E 195 -9.61 14.41 -48.16
C LYS E 195 -9.74 15.35 -49.34
N MET E 196 -8.61 15.89 -49.78
CA MET E 196 -8.57 16.94 -50.80
C MET E 196 -8.33 16.38 -52.19
N GLY E 197 -8.32 15.06 -52.31
CA GLY E 197 -8.23 14.44 -53.61
C GLY E 197 -6.83 14.42 -54.17
N MET E 198 -5.85 14.51 -53.28
CA MET E 198 -4.45 14.46 -53.68
C MET E 198 -3.88 13.06 -53.75
N ASN E 199 -2.60 12.99 -54.10
CA ASN E 199 -1.92 11.71 -54.18
C ASN E 199 -0.98 11.58 -52.99
N PHE E 200 -1.34 10.71 -52.06
CA PHE E 200 -0.54 10.50 -50.85
C PHE E 200 0.26 9.20 -50.94
N VAL E 201 1.31 9.13 -50.16
CA VAL E 201 2.14 7.93 -50.05
C VAL E 201 2.94 8.05 -48.78
N HIS E 202 2.85 7.01 -47.97
CA HIS E 202 3.73 6.87 -46.83
C HIS E 202 4.68 5.77 -47.22
N PHE E 203 5.98 6.09 -47.31
CA PHE E 203 6.96 5.03 -47.44
C PHE E 203 7.74 4.94 -46.17
N GLY E 204 8.12 3.73 -45.80
CA GLY E 204 8.68 3.50 -44.51
C GLY E 204 8.81 2.01 -44.30
N PRO E 205 9.64 1.64 -43.33
CA PRO E 205 10.11 0.30 -43.00
C PRO E 205 8.95 -0.67 -42.77
N GLU E 206 9.12 -1.94 -43.19
CA GLU E 206 8.08 -2.94 -43.05
C GLU E 206 7.40 -2.86 -41.69
N GLY E 207 8.18 -2.53 -40.66
CA GLY E 207 7.68 -2.49 -39.31
C GLY E 207 6.92 -1.25 -38.91
N PHE E 208 7.10 -0.16 -39.64
CA PHE E 208 6.57 1.11 -39.20
C PHE E 208 5.69 1.81 -40.21
N GLN E 209 4.91 1.04 -40.96
CA GLN E 209 3.99 1.60 -41.94
C GLN E 209 2.64 1.82 -41.31
N LEU E 210 1.82 2.68 -41.90
CA LEU E 210 0.46 2.87 -41.44
C LEU E 210 -0.25 1.52 -41.53
N ASN E 211 -1.00 1.15 -40.50
CA ASN E 211 -1.69 -0.14 -40.49
C ASN E 211 -2.96 -0.21 -41.33
N GLU E 212 -3.44 -1.43 -41.56
CA GLU E 212 -4.58 -1.65 -42.43
C GLU E 212 -5.81 -0.94 -41.90
N GLU E 213 -5.90 -0.81 -40.58
CA GLU E 213 -7.04 -0.13 -39.95
C GLU E 213 -6.99 1.35 -40.25
N HIS E 214 -5.77 1.86 -40.43
CA HIS E 214 -5.58 3.25 -40.79
C HIS E 214 -5.77 3.46 -42.29
N GLN E 215 -5.17 2.58 -43.09
CA GLN E 215 -5.29 2.68 -44.54
C GLN E 215 -6.75 2.56 -44.94
N ALA E 216 -7.50 1.79 -44.16
CA ALA E 216 -8.93 1.61 -44.38
C ALA E 216 -9.60 2.98 -44.44
N LYS E 217 -9.18 3.87 -43.54
CA LYS E 217 -9.70 5.23 -43.48
C LYS E 217 -9.24 6.05 -44.67
N LEU E 218 -7.96 5.96 -45.00
CA LEU E 218 -7.42 6.59 -46.20
C LEU E 218 -8.14 6.15 -47.47
N ALA E 219 -8.33 4.84 -47.61
CA ALA E 219 -9.05 4.29 -48.74
C ALA E 219 -10.41 4.95 -48.84
N LYS E 220 -11.17 4.91 -47.75
CA LYS E 220 -12.52 5.49 -47.72
C LYS E 220 -12.50 6.92 -48.23
N ASN E 221 -11.48 7.68 -47.84
CA ASN E 221 -11.33 9.06 -48.27
C ASN E 221 -11.25 9.23 -49.78
N CYS E 222 -10.47 8.36 -50.42
CA CYS E 222 -10.26 8.46 -51.87
C CYS E 222 -11.43 7.91 -52.68
N GLU E 223 -12.23 7.02 -52.09
CA GLU E 223 -13.42 6.53 -52.76
C GLU E 223 -14.39 7.68 -52.94
N VAL E 224 -13.99 8.85 -52.44
CA VAL E 224 -14.83 10.03 -52.45
C VAL E 224 -14.16 11.21 -53.14
N SER E 225 -12.83 11.23 -53.16
CA SER E 225 -12.08 12.40 -53.63
C SER E 225 -11.18 12.18 -54.84
N GLY E 226 -10.71 10.96 -55.06
CA GLY E 226 -9.83 10.67 -56.18
C GLY E 226 -8.38 10.77 -55.78
N GLY E 227 -8.02 10.12 -54.68
CA GLY E 227 -6.67 10.19 -54.15
C GLY E 227 -5.84 8.95 -54.39
N SER E 228 -5.07 8.51 -53.37
CA SER E 228 -4.19 7.35 -53.54
C SER E 228 -3.32 7.16 -52.30
N PHE E 229 -2.56 6.05 -52.23
CA PHE E 229 -1.53 5.91 -51.17
C PHE E 229 -0.48 4.76 -51.18
N LEU E 230 0.65 4.99 -50.50
CA LEU E 230 1.58 3.98 -49.93
C LEU E 230 2.52 3.18 -50.88
N VAL E 231 3.66 2.77 -50.27
CA VAL E 231 4.60 1.68 -50.64
C VAL E 231 5.64 1.43 -49.52
N THR E 232 6.63 0.58 -49.77
CA THR E 232 7.72 0.31 -48.82
C THR E 232 9.09 0.57 -49.40
N ASP E 233 9.23 0.36 -50.70
CA ASP E 233 10.52 0.53 -51.37
C ASP E 233 10.76 2.00 -51.65
N ASP E 234 11.70 2.60 -50.94
CA ASP E 234 11.98 4.02 -51.08
C ASP E 234 12.40 4.42 -52.48
N ALA E 235 13.52 5.14 -52.57
CA ALA E 235 14.13 5.51 -53.84
C ALA E 235 13.30 5.11 -55.06
N SER E 236 12.02 5.50 -55.07
CA SER E 236 11.17 5.30 -56.24
C SER E 236 9.80 5.91 -56.02
N SER E 237 9.33 5.87 -54.78
CA SER E 237 8.04 6.48 -54.47
C SER E 237 8.21 7.96 -54.22
N VAL E 238 9.45 8.38 -53.93
CA VAL E 238 9.73 9.78 -53.79
C VAL E 238 9.72 10.46 -55.15
N GLU E 239 9.96 9.69 -56.19
CA GLU E 239 10.02 10.26 -57.53
C GLU E 239 8.73 11.02 -57.84
N GLY E 240 8.87 12.20 -58.41
CA GLY E 240 7.73 12.98 -58.85
C GLY E 240 6.93 13.56 -57.72
N ALA E 241 7.47 13.52 -56.51
CA ALA E 241 6.81 14.12 -55.36
C ALA E 241 6.88 15.62 -55.46
N ASP E 242 5.80 16.29 -55.07
CA ASP E 242 5.74 17.75 -55.08
C ASP E 242 6.08 18.27 -53.69
N PHE E 243 5.79 17.43 -52.70
CA PHE E 243 6.08 17.72 -51.31
C PHE E 243 6.65 16.50 -50.59
N LEU E 244 7.79 16.68 -49.93
CA LEU E 244 8.41 15.62 -49.16
C LEU E 244 8.36 15.97 -47.69
N TYR E 245 7.75 15.10 -46.89
CA TYR E 245 7.38 15.43 -45.51
C TYR E 245 7.92 14.39 -44.56
N THR E 246 8.54 14.81 -43.46
CA THR E 246 9.00 13.85 -42.46
C THR E 246 8.77 14.35 -41.02
N ASP E 247 8.83 13.45 -40.07
CA ASP E 247 8.72 13.74 -38.65
C ASP E 247 9.90 13.03 -38.01
N VAL E 248 9.91 12.89 -36.69
CA VAL E 248 11.07 12.31 -36.03
C VAL E 248 10.92 10.81 -35.79
N TRP E 249 12.02 10.15 -35.44
CA TRP E 249 12.06 8.69 -35.35
C TRP E 249 11.84 8.13 -33.93
N GLU E 259 18.35 4.95 -28.57
CA GLU E 259 19.12 5.95 -29.29
C GLU E 259 19.67 5.38 -30.61
N GLU E 260 20.61 4.46 -30.52
CA GLU E 260 21.21 3.86 -31.71
C GLU E 260 20.33 2.75 -32.27
N GLU E 261 19.17 2.54 -31.65
CA GLU E 261 18.18 1.59 -32.15
C GLU E 261 17.26 2.23 -33.21
N ARG E 262 16.94 3.51 -33.01
CA ARG E 262 16.29 4.31 -34.05
C ARG E 262 17.16 4.30 -35.31
N MET E 263 18.43 4.65 -35.15
CA MET E 263 19.38 4.66 -36.26
C MET E 263 19.45 3.31 -36.97
N LYS E 264 19.35 2.23 -36.19
CA LYS E 264 19.41 0.89 -36.75
C LYS E 264 18.37 0.70 -37.86
N VAL E 265 17.13 1.05 -37.55
CA VAL E 265 16.01 0.80 -38.48
C VAL E 265 15.90 1.81 -39.63
N PHE E 266 16.14 3.09 -39.33
CA PHE E 266 15.89 4.16 -40.29
C PHE E 266 17.11 4.70 -41.07
N TYR E 267 18.30 4.69 -40.48
CA TYR E 267 19.45 5.34 -41.11
C TYR E 267 20.04 4.67 -42.36
N PRO E 268 19.50 3.51 -42.75
CA PRO E 268 19.79 3.27 -44.16
C PRO E 268 19.23 4.45 -44.99
N LYS E 269 18.10 4.20 -45.64
CA LYS E 269 17.38 5.22 -46.41
C LYS E 269 16.67 6.15 -45.47
N TYR E 270 15.37 6.29 -45.68
CA TYR E 270 14.49 6.99 -44.73
C TYR E 270 14.96 8.35 -44.18
N GLN E 271 16.21 8.70 -44.44
CA GLN E 271 16.72 10.03 -44.09
C GLN E 271 16.62 10.93 -45.29
N VAL E 272 16.09 12.13 -45.08
CA VAL E 272 15.93 13.09 -46.17
C VAL E 272 17.15 13.95 -46.31
N ASN E 273 17.94 13.66 -47.35
CA ASN E 273 19.19 14.34 -47.65
C ASN E 273 19.04 14.92 -49.04
N GLN E 274 20.04 15.66 -49.52
CA GLN E 274 19.92 16.28 -50.84
C GLN E 274 19.71 15.23 -51.92
N GLU E 275 20.42 14.12 -51.83
CA GLU E 275 20.27 13.08 -52.82
C GLU E 275 18.81 12.67 -52.86
N MET E 276 18.24 12.37 -51.70
CA MET E 276 16.84 11.98 -51.60
C MET E 276 15.93 13.04 -52.20
N MET E 277 16.29 14.29 -51.96
CA MET E 277 15.51 15.45 -52.42
C MET E 277 15.53 15.53 -53.94
N ASP E 278 16.73 15.43 -54.51
CA ASP E 278 16.92 15.47 -55.95
C ASP E 278 16.15 14.34 -56.59
N ARG E 279 16.20 13.17 -55.96
CA ARG E 279 15.53 11.99 -56.48
C ARG E 279 14.05 12.21 -56.63
N ALA E 280 13.51 13.08 -55.77
CA ALA E 280 12.09 13.36 -55.76
C ALA E 280 11.68 14.26 -56.91
N GLY E 281 12.42 15.34 -57.10
CA GLY E 281 12.07 16.33 -58.08
C GLY E 281 12.95 17.56 -57.98
N ALA E 282 13.02 18.28 -59.07
CA ALA E 282 13.86 19.46 -59.11
C ALA E 282 13.39 20.46 -58.07
N ASN E 283 12.08 20.71 -58.02
CA ASN E 283 11.55 21.70 -57.09
C ASN E 283 10.53 21.10 -56.15
N CYS E 284 10.87 19.94 -55.62
CA CYS E 284 10.08 19.35 -54.57
C CYS E 284 10.36 20.12 -53.30
N LYS E 285 9.32 20.68 -52.68
CA LYS E 285 9.47 21.46 -51.45
C LYS E 285 9.53 20.52 -50.23
N PHE E 286 10.30 20.88 -49.21
CA PHE E 286 10.45 20.02 -48.03
C PHE E 286 9.63 20.51 -46.85
N MET E 287 9.00 19.57 -46.15
CA MET E 287 8.16 19.88 -45.01
C MET E 287 8.51 19.06 -43.77
N HIS E 288 8.37 19.67 -42.61
CA HIS E 288 8.64 19.03 -41.34
C HIS E 288 7.82 19.73 -40.27
N CYS E 289 7.11 18.99 -39.45
CA CYS E 289 6.20 19.60 -38.47
C CYS E 289 6.97 20.14 -37.29
N LEU E 290 8.25 19.79 -37.25
CA LEU E 290 9.15 20.22 -36.20
C LEU E 290 8.70 19.65 -34.85
N PRO E 291 9.65 19.45 -33.92
CA PRO E 291 11.06 19.87 -33.96
C PRO E 291 11.87 18.88 -34.71
N ALA E 292 12.98 19.32 -35.29
CA ALA E 292 13.76 18.42 -36.12
C ALA E 292 15.09 18.09 -35.46
N THR E 293 15.37 16.80 -35.35
CA THR E 293 16.68 16.35 -34.97
C THR E 293 17.53 16.30 -36.24
N ARG E 294 18.25 17.40 -36.50
CA ARG E 294 19.10 17.49 -37.68
C ARG E 294 20.16 16.40 -37.69
N GLY E 295 20.42 15.82 -38.86
CA GLY E 295 21.36 14.72 -38.97
C GLY E 295 20.67 13.37 -38.99
N GLU E 296 19.56 13.25 -38.29
CA GLU E 296 18.79 12.01 -38.28
C GLU E 296 17.80 11.93 -39.43
N GLU E 297 16.57 12.44 -39.25
CA GLU E 297 15.54 12.30 -40.29
C GLU E 297 15.72 13.23 -41.48
N VAL E 298 16.64 14.20 -41.35
CA VAL E 298 16.90 15.16 -42.41
C VAL E 298 18.24 15.82 -42.19
N THR E 299 19.01 15.99 -43.27
CA THR E 299 20.30 16.68 -43.21
C THR E 299 20.11 18.18 -43.22
N ASP E 300 21.09 18.92 -42.72
CA ASP E 300 20.96 20.36 -42.61
C ASP E 300 20.85 21.03 -43.96
N GLU E 301 21.59 20.53 -44.95
CA GLU E 301 21.56 21.14 -46.28
C GLU E 301 20.17 21.13 -46.90
N VAL E 302 19.32 20.24 -46.43
CA VAL E 302 17.94 20.16 -46.92
C VAL E 302 17.01 21.11 -46.17
N ILE E 303 16.96 20.97 -44.86
CA ILE E 303 16.05 21.75 -44.04
C ILE E 303 16.36 23.25 -44.12
N ASP E 304 17.62 23.58 -44.27
CA ASP E 304 18.01 24.99 -44.44
C ASP E 304 18.14 25.37 -45.91
N GLY E 305 17.71 24.48 -46.80
CA GLY E 305 17.82 24.69 -48.23
C GLY E 305 16.76 25.57 -48.87
N LYS E 306 16.97 25.90 -50.13
CA LYS E 306 16.10 26.80 -50.89
C LYS E 306 14.71 26.22 -51.06
N ASN E 307 14.58 24.92 -50.95
CA ASN E 307 13.30 24.28 -51.17
C ASN E 307 12.59 23.90 -49.88
N SER E 308 13.12 24.35 -48.75
CA SER E 308 12.49 24.05 -47.47
C SER E 308 11.44 25.07 -47.14
N ILE E 309 10.26 24.59 -46.75
CA ILE E 309 9.17 25.50 -46.39
C ILE E 309 8.75 25.20 -44.97
N CYS E 310 9.58 24.48 -44.24
CA CYS E 310 9.15 23.97 -42.96
C CYS E 310 8.86 25.11 -41.97
N PHE E 311 9.43 26.28 -42.22
CA PHE E 311 9.22 27.39 -41.31
C PHE E 311 7.99 28.21 -41.66
N ASP E 312 7.67 28.31 -42.95
CA ASP E 312 6.38 28.88 -43.34
C ASP E 312 5.32 27.99 -42.74
N GLU E 313 5.50 26.68 -42.92
CA GLU E 313 4.60 25.69 -42.38
C GLU E 313 4.37 25.92 -40.91
N ALA E 314 5.45 26.28 -40.22
CA ALA E 314 5.42 26.52 -38.78
C ALA E 314 4.57 27.72 -38.44
N GLU E 315 4.85 28.84 -39.09
CA GLU E 315 4.02 30.02 -38.95
C GLU E 315 2.55 29.65 -39.19
N ASN E 316 2.30 28.82 -40.21
CA ASN E 316 0.93 28.43 -40.55
C ASN E 316 0.25 27.61 -39.48
N ARG E 317 1.01 27.11 -38.51
CA ARG E 317 0.39 26.41 -37.39
C ARG E 317 -0.58 27.36 -36.73
N LEU E 318 -0.11 28.61 -36.60
CA LEU E 318 -0.91 29.73 -36.13
C LEU E 318 -1.95 30.18 -37.15
N THR E 319 -1.52 30.42 -38.39
CA THR E 319 -2.40 30.82 -39.48
C THR E 319 -3.72 30.09 -39.46
N SER E 320 -3.65 28.80 -39.15
CA SER E 320 -4.78 27.90 -39.23
C SER E 320 -5.57 27.87 -37.93
N ILE E 321 -4.92 27.95 -36.77
CA ILE E 321 -5.69 27.93 -35.52
C ILE E 321 -6.39 29.27 -35.38
N ARG E 322 -5.75 30.30 -35.93
CA ARG E 322 -6.37 31.62 -36.01
C ARG E 322 -7.74 31.44 -36.66
N GLY E 323 -7.80 30.82 -37.82
CA GLY E 323 -9.07 30.70 -38.53
C GLY E 323 -10.00 29.64 -37.97
N LEU E 324 -9.42 28.63 -37.36
CA LEU E 324 -10.19 27.53 -36.83
C LEU E 324 -11.02 28.03 -35.65
N LEU E 325 -10.43 28.88 -34.83
CA LEU E 325 -11.10 29.47 -33.67
C LEU E 325 -12.25 30.35 -34.09
N VAL E 326 -12.02 31.16 -35.10
CA VAL E 326 -13.05 32.02 -35.68
C VAL E 326 -14.22 31.19 -36.18
N TYR E 327 -13.98 30.21 -37.05
CA TYR E 327 -15.06 29.33 -37.52
C TYR E 327 -15.90 28.77 -36.38
N LEU E 328 -15.26 28.09 -35.42
CA LEU E 328 -16.00 27.38 -34.41
C LEU E 328 -16.87 28.31 -33.63
N MET E 329 -16.37 29.51 -33.38
CA MET E 329 -17.04 30.53 -32.58
C MET E 329 -18.20 31.18 -33.29
N ASN E 330 -17.96 31.57 -34.54
CA ASN E 330 -19.01 32.09 -35.39
C ASN E 330 -20.14 31.09 -35.51
N ASP E 331 -19.77 29.84 -35.76
CA ASP E 331 -20.72 28.75 -35.86
C ASP E 331 -21.48 28.64 -34.57
N TYR E 332 -20.77 28.73 -33.45
CA TYR E 332 -21.43 28.62 -32.16
C TYR E 332 -22.42 29.74 -31.94
N GLU E 333 -22.17 30.91 -32.51
CA GLU E 333 -23.04 32.05 -32.27
C GLU E 333 -24.33 31.96 -33.07
N ALA E 334 -24.24 31.66 -34.36
CA ALA E 334 -25.40 31.10 -35.04
C ALA E 334 -25.67 29.93 -34.17
N LYS E 335 -26.92 29.51 -34.06
CA LYS E 335 -27.22 28.36 -33.21
C LYS E 335 -27.49 28.76 -31.78
N ASN E 336 -26.78 29.81 -31.35
CA ASN E 336 -26.88 30.31 -29.98
C ASN E 336 -26.82 31.83 -29.91
N PRO E 337 -27.71 32.49 -30.68
CA PRO E 337 -27.60 33.90 -31.02
C PRO E 337 -28.19 34.76 -29.94
N TYR E 338 -27.64 35.95 -29.72
CA TYR E 338 -28.06 36.78 -28.61
C TYR E 338 -29.36 37.51 -28.93
N ASP E 339 -30.23 37.65 -27.93
CA ASP E 339 -31.44 38.47 -28.08
C ASP E 339 -31.06 39.94 -28.02
N LEU E 340 -31.07 40.62 -29.17
CA LEU E 340 -30.53 41.95 -29.21
C LEU E 340 -31.28 42.84 -28.26
N ILE E 341 -32.54 42.48 -28.04
CA ILE E 341 -33.42 43.22 -27.14
C ILE E 341 -33.02 43.02 -25.69
N LYS E 342 -33.14 41.78 -25.26
CA LYS E 342 -32.66 41.37 -23.95
C LYS E 342 -31.30 41.98 -23.65
N GLN E 343 -30.41 41.95 -24.65
CA GLN E 343 -29.07 42.49 -24.53
C GLN E 343 -29.13 43.99 -24.26
N ALA E 344 -29.91 44.70 -25.06
CA ALA E 344 -30.04 46.14 -24.91
C ALA E 344 -30.54 46.53 -23.51
N GLU E 345 -31.54 45.81 -23.03
CA GLU E 345 -32.09 46.10 -21.71
C GLU E 345 -31.07 45.80 -20.63
N ALA E 346 -30.46 44.62 -20.73
CA ALA E 346 -29.47 44.18 -19.78
C ALA E 346 -28.40 45.24 -19.63
N LYS E 347 -28.05 45.86 -20.76
CA LYS E 347 -27.04 46.91 -20.76
C LYS E 347 -27.56 48.18 -20.08
N LYS E 348 -28.76 48.60 -20.43
CA LYS E 348 -29.34 49.78 -19.75
C LYS E 348 -29.48 49.53 -18.26
N GLU E 349 -30.05 48.39 -17.91
CA GLU E 349 -30.20 48.01 -16.51
C GLU E 349 -28.88 48.17 -15.76
N LEU E 350 -27.80 47.66 -16.34
CA LEU E 350 -26.48 47.74 -15.70
C LEU E 350 -26.03 49.19 -15.56
N GLU E 351 -26.20 49.97 -16.62
CA GLU E 351 -25.81 51.37 -16.62
C GLU E 351 -26.49 52.12 -15.48
N VAL E 352 -27.80 51.95 -15.39
CA VAL E 352 -28.59 52.63 -14.40
C VAL E 352 -28.10 52.24 -13.02
N PHE E 353 -27.99 50.94 -12.78
CA PHE E 353 -27.45 50.44 -11.53
C PHE E 353 -26.13 51.12 -11.14
N LEU E 354 -25.17 51.10 -12.04
CA LEU E 354 -23.88 51.70 -11.78
C LEU E 354 -23.96 53.22 -11.57
N ASP E 355 -24.87 53.87 -12.28
CA ASP E 355 -25.01 55.33 -12.23
C ASP E 355 -25.66 55.81 -10.93
N THR E 356 -26.34 54.90 -10.24
CA THR E 356 -27.26 55.31 -9.18
C THR E 356 -27.07 54.62 -7.83
N GLN E 357 -26.50 53.43 -7.85
CA GLN E 357 -26.36 52.64 -6.63
C GLN E 357 -24.92 52.62 -6.14
N SER E 358 -24.74 52.53 -4.83
CA SER E 358 -23.40 52.41 -4.25
C SER E 358 -23.43 51.84 -2.84
N ILE E 359 -22.26 51.56 -2.30
CA ILE E 359 -22.13 51.19 -0.88
C ILE E 359 -20.90 51.83 -0.23
N HIS F 20 -7.41 51.83 4.76
CA HIS F 20 -7.39 53.25 4.40
C HIS F 20 -7.19 53.44 2.89
N MET F 21 -8.12 54.16 2.25
CA MET F 21 -8.07 54.42 0.80
C MET F 21 -7.87 53.16 -0.03
N LYS F 22 -8.83 52.24 0.07
CA LYS F 22 -8.85 50.96 -0.61
C LYS F 22 -9.65 50.02 0.28
N ARG F 23 -10.07 48.90 -0.29
CA ARG F 23 -10.77 47.91 0.53
C ARG F 23 -10.45 46.50 0.06
N ASP F 24 -10.34 45.57 1.01
CA ASP F 24 -10.02 44.19 0.69
C ASP F 24 -11.27 43.32 0.78
N TYR F 25 -11.11 42.04 0.43
CA TYR F 25 -12.18 41.06 0.58
C TYR F 25 -11.57 39.77 1.15
N VAL F 26 -11.33 39.75 2.45
CA VAL F 26 -10.72 38.61 3.14
C VAL F 26 -11.74 37.71 3.82
N THR F 27 -12.72 38.32 4.48
CA THR F 27 -13.91 37.58 4.89
C THR F 27 -15.14 38.46 4.91
N THR F 28 -16.30 37.84 4.80
CA THR F 28 -17.55 38.58 4.78
C THR F 28 -17.91 39.10 6.16
N GLU F 29 -17.02 38.92 7.10
CA GLU F 29 -17.29 39.37 8.45
C GLU F 29 -17.17 40.88 8.48
N THR F 30 -16.46 41.43 7.48
CA THR F 30 -16.25 42.88 7.39
C THR F 30 -17.34 43.57 6.53
N TYR F 31 -18.26 42.79 5.97
CA TYR F 31 -19.33 43.35 5.13
C TYR F 31 -20.69 43.21 5.80
N THR F 32 -21.52 44.24 5.63
CA THR F 32 -22.86 44.26 6.19
C THR F 32 -23.80 43.54 5.25
N LYS F 33 -24.98 43.16 5.75
CA LYS F 33 -25.98 42.52 4.91
C LYS F 33 -26.27 43.33 3.67
N GLU F 34 -26.39 44.64 3.84
CA GLU F 34 -26.72 45.53 2.74
C GLU F 34 -25.60 45.52 1.70
N GLU F 35 -24.35 45.60 2.18
CA GLU F 35 -23.20 45.56 1.29
C GLU F 35 -23.21 44.28 0.46
N MET F 36 -23.50 43.15 1.10
CA MET F 36 -23.54 41.88 0.37
C MET F 36 -24.65 41.94 -0.67
N HIS F 37 -25.81 42.48 -0.27
CA HIS F 37 -26.90 42.64 -1.22
C HIS F 37 -26.42 43.43 -2.46
N TYR F 38 -25.78 44.58 -2.21
CA TYR F 38 -25.19 45.36 -3.30
C TYR F 38 -24.40 44.45 -4.25
N LEU F 39 -23.45 43.73 -3.67
CA LEU F 39 -22.59 42.84 -4.41
C LEU F 39 -23.40 41.87 -5.25
N VAL F 40 -24.35 41.17 -4.64
CA VAL F 40 -25.20 40.24 -5.40
C VAL F 40 -25.89 40.91 -6.62
N ASP F 41 -26.49 42.09 -6.38
CA ASP F 41 -27.12 42.85 -7.45
C ASP F 41 -26.12 43.22 -8.55
N LEU F 42 -25.01 43.85 -8.18
CA LEU F 42 -23.99 44.18 -9.14
C LEU F 42 -23.56 42.93 -9.94
N SER F 43 -23.18 41.88 -9.24
CA SER F 43 -22.77 40.64 -9.88
C SER F 43 -23.79 40.14 -10.88
N LEU F 44 -25.05 40.16 -10.47
CA LEU F 44 -26.09 39.63 -11.31
C LEU F 44 -26.43 40.52 -12.52
N LYS F 45 -26.40 41.84 -12.33
CA LYS F 45 -26.67 42.77 -13.44
C LYS F 45 -25.64 42.58 -14.56
N ILE F 46 -24.40 42.38 -14.12
CA ILE F 46 -23.28 42.10 -15.01
C ILE F 46 -23.49 40.75 -15.66
N LYS F 47 -23.89 39.75 -14.88
CA LYS F 47 -24.16 38.45 -15.45
C LYS F 47 -25.16 38.59 -16.60
N GLU F 48 -26.23 39.36 -16.40
CA GLU F 48 -27.29 39.41 -17.39
C GLU F 48 -26.83 40.10 -18.67
N ALA F 49 -25.93 41.05 -18.51
CA ALA F 49 -25.34 41.73 -19.66
C ALA F 49 -24.51 40.75 -20.49
N ILE F 50 -23.58 40.10 -19.84
CA ILE F 50 -22.69 39.22 -20.54
C ILE F 50 -23.48 38.05 -21.08
N LYS F 51 -24.46 37.56 -20.32
CA LYS F 51 -25.28 36.44 -20.76
C LYS F 51 -25.87 36.78 -22.10
N ASN F 52 -26.01 38.07 -22.39
CA ASN F 52 -26.72 38.49 -23.57
C ASN F 52 -25.87 39.25 -24.58
N GLY F 53 -24.56 39.13 -24.44
CA GLY F 53 -23.65 39.56 -25.49
C GLY F 53 -23.02 40.91 -25.25
N TYR F 54 -23.36 41.55 -24.15
CA TYR F 54 -22.74 42.83 -23.85
C TYR F 54 -21.64 42.60 -22.83
N TYR F 55 -20.41 42.91 -23.21
CA TYR F 55 -19.29 42.73 -22.30
C TYR F 55 -18.86 44.09 -21.74
N PRO F 56 -19.40 44.44 -20.56
CA PRO F 56 -19.08 45.69 -19.84
C PRO F 56 -17.60 45.84 -19.58
N GLN F 57 -16.94 46.78 -20.23
CA GLN F 57 -15.50 46.95 -20.06
C GLN F 57 -15.15 47.82 -18.85
N LEU F 58 -15.50 47.34 -17.67
CA LEU F 58 -15.33 48.12 -16.47
C LEU F 58 -13.89 48.10 -15.95
N LEU F 59 -13.10 47.14 -16.42
CA LEU F 59 -11.72 47.00 -15.95
C LEU F 59 -10.66 47.13 -17.05
N LYS F 60 -10.93 47.97 -18.07
CA LYS F 60 -9.98 48.16 -19.18
C LYS F 60 -8.53 48.35 -18.70
N ASN F 61 -7.63 47.53 -19.22
CA ASN F 61 -6.20 47.73 -19.00
C ASN F 61 -5.70 47.44 -17.57
N LYS F 62 -6.63 47.07 -16.70
CA LYS F 62 -6.28 46.77 -15.34
C LYS F 62 -5.64 45.38 -15.21
N SER F 63 -4.58 45.29 -14.42
CA SER F 63 -3.89 44.03 -14.22
C SER F 63 -4.15 43.42 -12.84
N LEU F 64 -4.59 42.16 -12.83
CA LEU F 64 -4.82 41.42 -11.59
C LEU F 64 -3.73 40.39 -11.37
N GLY F 65 -3.10 40.42 -10.21
CA GLY F 65 -2.13 39.39 -9.88
C GLY F 65 -2.72 38.25 -9.08
N MET F 66 -2.61 37.03 -9.61
CA MET F 66 -3.15 35.84 -8.94
C MET F 66 -2.05 35.00 -8.32
N ILE F 67 -2.12 34.83 -7.01
CA ILE F 67 -1.09 34.08 -6.28
C ILE F 67 -1.71 32.79 -5.80
N PHE F 68 -1.23 31.66 -6.32
CA PHE F 68 -1.70 30.38 -5.86
C PHE F 68 -0.59 29.65 -5.11
N GLN F 69 -0.92 29.06 -3.97
CA GLN F 69 0.06 28.28 -3.23
C GLN F 69 -0.36 26.83 -3.34
N GLN F 70 -1.61 26.64 -3.79
CA GLN F 70 -2.14 25.33 -4.09
C GLN F 70 -2.95 25.50 -5.35
N SER F 71 -2.48 24.90 -6.43
CA SER F 71 -3.14 25.07 -7.73
C SER F 71 -4.64 24.85 -7.63
N SER F 72 -5.41 25.66 -8.35
CA SER F 72 -6.85 25.50 -8.38
C SER F 72 -7.44 25.98 -9.68
N THR F 73 -7.54 25.08 -10.64
CA THR F 73 -8.07 25.40 -11.96
C THR F 73 -9.41 26.15 -11.95
N ARG F 74 -10.44 25.60 -11.30
CA ARG F 74 -11.73 26.29 -11.22
C ARG F 74 -11.57 27.74 -10.76
N THR F 75 -10.79 27.98 -9.72
CA THR F 75 -10.57 29.33 -9.23
C THR F 75 -9.72 30.17 -10.21
N ARG F 76 -8.66 29.56 -10.75
CA ARG F 76 -7.81 30.26 -11.71
C ARG F 76 -8.59 30.72 -12.93
N VAL F 77 -9.19 29.79 -13.68
CA VAL F 77 -9.82 30.17 -14.93
C VAL F 77 -11.00 31.09 -14.66
N SER F 78 -11.56 31.01 -13.48
CA SER F 78 -12.66 31.92 -13.13
C SER F 78 -12.16 33.35 -13.12
N PHE F 79 -11.05 33.61 -12.46
CA PHE F 79 -10.46 34.97 -12.43
C PHE F 79 -9.90 35.39 -13.77
N GLU F 80 -9.06 34.54 -14.35
CA GLU F 80 -8.44 34.80 -15.63
C GLU F 80 -9.51 35.24 -16.63
N THR F 81 -10.64 34.53 -16.63
CA THR F 81 -11.78 34.83 -17.51
C THR F 81 -12.52 36.11 -17.15
N ALA F 82 -12.93 36.23 -15.90
CA ALA F 82 -13.59 37.43 -15.41
C ALA F 82 -12.86 38.67 -15.88
N MET F 83 -11.55 38.69 -15.68
CA MET F 83 -10.73 39.80 -16.16
C MET F 83 -10.89 40.05 -17.68
N GLU F 84 -10.68 39.03 -18.51
CA GLU F 84 -10.80 39.22 -19.94
C GLU F 84 -12.13 39.86 -20.36
N GLN F 85 -13.23 39.36 -19.80
CA GLN F 85 -14.54 39.83 -20.18
C GLN F 85 -14.68 41.31 -19.88
N LEU F 86 -14.00 41.76 -18.83
CA LEU F 86 -14.16 43.13 -18.37
C LEU F 86 -13.08 44.05 -18.94
N GLY F 87 -12.28 43.53 -19.86
CA GLY F 87 -11.26 44.34 -20.51
C GLY F 87 -9.91 44.34 -19.83
N GLY F 88 -9.70 43.39 -18.93
CA GLY F 88 -8.46 43.31 -18.19
C GLY F 88 -7.66 42.05 -18.45
N HIS F 89 -6.75 41.76 -17.52
CA HIS F 89 -5.86 40.62 -17.66
C HIS F 89 -5.61 40.02 -16.30
N GLY F 90 -5.52 38.69 -16.28
CA GLY F 90 -5.14 37.97 -15.09
C GLY F 90 -3.77 37.33 -15.16
N GLU F 91 -2.90 37.74 -14.25
CA GLU F 91 -1.54 37.23 -14.22
C GLU F 91 -1.38 36.10 -13.20
N TYR F 92 -0.95 34.94 -13.68
CA TYR F 92 -0.80 33.73 -12.85
C TYR F 92 0.60 33.54 -12.29
N LEU F 93 0.72 33.68 -10.98
CA LEU F 93 1.97 33.39 -10.30
C LEU F 93 1.85 32.01 -9.68
N ALA F 94 2.23 31.00 -10.45
CA ALA F 94 2.12 29.61 -10.04
C ALA F 94 2.65 29.37 -8.62
N PRO F 95 2.18 28.28 -7.97
CA PRO F 95 2.57 27.92 -6.61
C PRO F 95 4.04 28.21 -6.27
N GLY F 96 4.95 27.74 -7.11
CA GLY F 96 6.36 27.99 -6.93
C GLY F 96 6.82 29.33 -7.46
N GLN F 97 6.24 29.76 -8.56
CA GLN F 97 6.61 31.03 -9.17
C GLN F 97 6.72 32.10 -8.09
N ILE F 98 5.70 32.20 -7.25
CA ILE F 98 5.71 33.20 -6.18
C ILE F 98 6.93 32.95 -5.33
N GLN F 99 7.75 34.00 -5.33
CA GLN F 99 9.11 34.00 -4.79
C GLN F 99 8.96 34.10 -3.28
N LEU F 100 7.73 34.38 -2.86
CA LEU F 100 7.34 34.25 -1.46
C LEU F 100 7.98 33.00 -0.89
N GLY F 101 8.06 31.98 -1.74
CA GLY F 101 8.75 30.75 -1.44
C GLY F 101 10.25 31.01 -1.40
N GLY F 102 10.63 31.96 -0.56
CA GLY F 102 12.02 32.30 -0.34
C GLY F 102 12.14 32.92 1.02
N HIS F 103 12.83 34.06 1.10
CA HIS F 103 13.04 34.75 2.37
C HIS F 103 12.86 36.25 2.22
N GLU F 104 11.94 36.62 1.33
CA GLU F 104 11.50 38.00 1.14
C GLU F 104 10.22 38.21 1.96
N THR F 105 10.31 39.02 3.02
CA THR F 105 9.17 39.26 3.91
C THR F 105 7.90 39.67 3.16
N ILE F 106 6.76 39.23 3.65
CA ILE F 106 5.51 39.63 3.06
C ILE F 106 5.48 41.17 2.94
N GLU F 107 6.03 41.87 3.93
CA GLU F 107 6.07 43.34 3.88
C GLU F 107 6.67 43.79 2.54
N ASP F 108 7.78 43.16 2.16
CA ASP F 108 8.46 43.46 0.90
C ASP F 108 7.60 43.04 -0.29
N THR F 109 7.30 41.75 -0.36
CA THR F 109 6.46 41.25 -1.45
C THR F 109 5.19 42.09 -1.67
N SER F 110 4.47 42.42 -0.60
CA SER F 110 3.27 43.25 -0.68
C SER F 110 3.58 44.60 -1.25
N ARG F 111 4.66 45.23 -0.77
CA ARG F 111 4.98 46.57 -1.17
C ARG F 111 5.26 46.68 -2.68
N VAL F 112 6.00 45.72 -3.21
CA VAL F 112 6.40 45.78 -4.61
C VAL F 112 5.34 45.24 -5.56
N LEU F 113 4.57 44.27 -5.12
CA LEU F 113 3.41 43.85 -5.91
C LEU F 113 2.43 45.00 -6.10
N SER F 114 2.38 45.93 -5.15
CA SER F 114 1.45 47.05 -5.22
C SER F 114 1.84 48.02 -6.33
N ARG F 115 3.10 47.98 -6.75
CA ARG F 115 3.57 48.84 -7.83
C ARG F 115 3.49 48.17 -9.19
N LEU F 116 3.07 46.91 -9.24
CA LEU F 116 3.11 46.18 -10.50
C LEU F 116 1.76 45.66 -10.98
N VAL F 117 0.79 45.59 -10.08
CA VAL F 117 -0.55 45.24 -10.51
C VAL F 117 -1.56 46.15 -9.83
N ASP F 118 -2.80 46.09 -10.33
CA ASP F 118 -3.86 46.98 -9.89
C ASP F 118 -4.64 46.41 -8.71
N ILE F 119 -4.66 45.08 -8.63
CA ILE F 119 -5.42 44.36 -7.63
C ILE F 119 -4.85 42.93 -7.40
N LEU F 120 -5.09 42.35 -6.23
CA LEU F 120 -4.47 41.09 -5.88
C LEU F 120 -5.46 40.03 -5.38
N MET F 121 -5.24 38.79 -5.81
CA MET F 121 -5.98 37.65 -5.29
C MET F 121 -4.97 36.59 -4.85
N ALA F 122 -5.29 35.83 -3.80
CA ALA F 122 -4.36 34.81 -3.31
C ALA F 122 -5.07 33.60 -2.69
N ARG F 123 -4.78 32.42 -3.23
CA ARG F 123 -5.22 31.14 -2.67
C ARG F 123 -4.08 30.69 -1.78
N VAL F 124 -4.17 31.06 -0.51
CA VAL F 124 -3.07 30.83 0.40
C VAL F 124 -3.35 29.59 1.25
N GLU F 125 -2.26 28.99 1.76
CA GLU F 125 -2.38 27.78 2.57
C GLU F 125 -2.86 28.13 3.97
N ARG F 126 -2.14 29.05 4.59
CA ARG F 126 -2.48 29.48 5.94
C ARG F 126 -3.14 30.84 5.89
N HIS F 127 -4.35 30.95 6.43
CA HIS F 127 -5.09 32.21 6.38
C HIS F 127 -4.29 33.41 6.86
N HIS F 128 -3.53 33.23 7.94
CA HIS F 128 -2.77 34.33 8.51
C HIS F 128 -2.05 35.15 7.42
N SER F 129 -1.47 34.47 6.43
CA SER F 129 -0.66 35.17 5.43
C SER F 129 -1.50 35.90 4.37
N ILE F 130 -2.74 35.46 4.16
CA ILE F 130 -3.62 36.18 3.23
C ILE F 130 -3.95 37.55 3.79
N VAL F 131 -4.14 37.64 5.11
CA VAL F 131 -4.44 38.92 5.74
C VAL F 131 -3.19 39.80 5.92
N ASP F 132 -2.07 39.16 6.24
CA ASP F 132 -0.79 39.86 6.23
C ASP F 132 -0.62 40.59 4.90
N LEU F 133 -1.00 39.89 3.83
CA LEU F 133 -0.89 40.45 2.49
C LEU F 133 -1.85 41.61 2.30
N ALA F 134 -3.10 41.42 2.71
CA ALA F 134 -4.10 42.46 2.63
C ALA F 134 -3.72 43.69 3.45
N ASN F 135 -2.99 43.47 4.54
CA ASN F 135 -2.61 44.56 5.43
C ASN F 135 -1.46 45.38 4.86
N CYS F 136 -0.55 44.72 4.18
CA CYS F 136 0.70 45.36 3.76
C CYS F 136 0.64 45.88 2.33
N ALA F 137 -0.37 45.45 1.58
CA ALA F 137 -0.53 45.90 0.21
C ALA F 137 -1.35 47.18 0.19
N THR F 138 -1.09 48.04 -0.80
CA THR F 138 -1.81 49.30 -0.92
C THR F 138 -2.97 49.15 -1.91
N ILE F 139 -2.99 48.01 -2.60
CA ILE F 139 -4.05 47.70 -3.54
C ILE F 139 -4.99 46.67 -2.95
N PRO F 140 -6.24 46.63 -3.43
CA PRO F 140 -7.22 45.69 -2.91
C PRO F 140 -6.72 44.25 -2.98
N VAL F 141 -7.01 43.47 -1.95
CA VAL F 141 -6.65 42.06 -1.93
C VAL F 141 -7.91 41.20 -1.81
N ILE F 142 -7.94 40.10 -2.56
CA ILE F 142 -9.05 39.15 -2.49
C ILE F 142 -8.57 37.78 -1.99
N ASN F 143 -9.39 37.15 -1.15
CA ASN F 143 -9.04 35.86 -0.59
C ASN F 143 -9.59 34.71 -1.46
N GLY F 144 -8.71 34.14 -2.29
CA GLY F 144 -9.07 33.02 -3.16
C GLY F 144 -9.58 31.81 -2.40
N MET F 145 -9.03 31.63 -1.19
CA MET F 145 -9.45 30.64 -0.22
C MET F 145 -8.27 30.29 0.68
N SER F 146 -8.50 30.27 1.98
CA SER F 146 -7.46 29.91 2.92
C SER F 146 -7.86 28.66 3.65
N ASP F 147 -7.15 28.36 4.73
CA ASP F 147 -7.50 27.21 5.55
C ASP F 147 -8.71 27.53 6.43
N TYR F 148 -9.12 28.80 6.41
CA TYR F 148 -10.12 29.35 7.32
C TYR F 148 -11.50 29.52 6.71
N ASN F 149 -11.54 30.24 5.59
CA ASN F 149 -12.80 30.46 4.89
C ASN F 149 -12.62 30.50 3.39
N HIS F 150 -13.73 30.65 2.70
CA HIS F 150 -13.76 30.73 1.25
C HIS F 150 -14.78 31.79 0.85
N PRO F 151 -14.40 33.06 0.90
CA PRO F 151 -15.38 34.15 0.85
C PRO F 151 -15.91 34.43 -0.56
N THR F 152 -15.04 34.18 -1.53
CA THR F 152 -15.39 34.33 -2.92
C THR F 152 -16.39 33.24 -3.31
N GLN F 153 -16.53 32.22 -2.47
CA GLN F 153 -17.52 31.16 -2.68
C GLN F 153 -18.79 31.52 -1.93
N GLU F 154 -18.65 32.12 -0.75
CA GLU F 154 -19.82 32.55 -0.01
C GLU F 154 -20.70 33.36 -0.97
N LEU F 155 -20.07 34.23 -1.76
CA LEU F 155 -20.83 35.14 -2.61
C LEU F 155 -21.38 34.44 -3.85
N GLY F 156 -20.58 33.55 -4.42
CA GLY F 156 -21.06 32.80 -5.56
C GLY F 156 -22.31 32.03 -5.19
N ASP F 157 -22.31 31.47 -3.99
CA ASP F 157 -23.42 30.65 -3.56
C ASP F 157 -24.63 31.50 -3.15
N LEU F 158 -24.39 32.69 -2.61
CA LEU F 158 -25.48 33.60 -2.31
C LEU F 158 -26.23 33.91 -3.60
N CYS F 159 -25.49 34.29 -4.64
CA CYS F 159 -26.09 34.56 -5.95
C CYS F 159 -26.94 33.39 -6.42
N THR F 160 -26.38 32.20 -6.29
CA THR F 160 -27.07 30.99 -6.72
C THR F 160 -28.42 30.80 -6.02
N MET F 161 -28.44 30.99 -4.70
CA MET F 161 -29.66 30.79 -3.92
C MET F 161 -30.70 31.84 -4.29
N VAL F 162 -30.26 33.07 -4.45
CA VAL F 162 -31.13 34.14 -4.91
C VAL F 162 -31.87 33.73 -6.20
N GLU F 163 -31.10 33.32 -7.20
CA GLU F 163 -31.66 32.85 -8.47
C GLU F 163 -32.57 31.63 -8.34
N HIS F 164 -32.69 31.05 -7.14
CA HIS F 164 -33.44 29.80 -6.98
C HIS F 164 -34.31 29.73 -5.72
N LEU F 165 -35.21 30.68 -5.50
CA LEU F 165 -35.96 30.71 -4.23
C LEU F 165 -37.21 29.80 -4.11
N PRO F 166 -37.68 29.26 -5.25
CA PRO F 166 -39.06 28.81 -5.42
C PRO F 166 -40.10 29.35 -4.44
N GLU F 167 -41.08 30.04 -5.02
CA GLU F 167 -42.37 30.30 -4.38
C GLU F 167 -42.39 31.13 -3.09
N GLY F 168 -42.46 32.45 -3.27
CA GLY F 168 -42.74 33.36 -2.18
C GLY F 168 -42.10 33.07 -0.84
N LYS F 169 -41.03 32.30 -0.87
CA LYS F 169 -40.07 32.33 0.21
C LYS F 169 -39.11 33.46 -0.18
N LYS F 170 -38.74 34.28 0.80
CA LYS F 170 -38.02 35.52 0.51
C LYS F 170 -36.53 35.48 0.83
N LEU F 171 -36.03 34.29 1.14
CA LEU F 171 -34.62 34.06 1.47
C LEU F 171 -34.40 34.11 2.98
N GLU F 172 -34.70 35.26 3.58
CA GLU F 172 -34.57 35.42 5.02
C GLU F 172 -35.25 34.28 5.77
N ASP F 173 -36.11 33.56 5.07
CA ASP F 173 -36.87 32.46 5.68
C ASP F 173 -36.67 31.12 4.95
N CYS F 174 -35.58 31.02 4.22
CA CYS F 174 -35.16 29.74 3.65
C CYS F 174 -34.28 29.00 4.66
N LYS F 175 -34.25 27.67 4.54
CA LYS F 175 -33.43 26.82 5.40
C LYS F 175 -32.30 26.21 4.59
N VAL F 176 -31.07 26.50 5.01
CA VAL F 176 -29.91 25.99 4.32
C VAL F 176 -29.24 24.98 5.23
N VAL F 177 -29.06 23.77 4.72
CA VAL F 177 -28.46 22.70 5.53
C VAL F 177 -27.18 22.19 4.89
N PHE F 178 -26.12 22.13 5.70
CA PHE F 178 -24.85 21.57 5.25
C PHE F 178 -24.58 20.19 5.88
N VAL F 179 -24.37 19.19 5.04
CA VAL F 179 -24.07 17.85 5.55
C VAL F 179 -22.59 17.44 5.38
N GLY F 180 -22.01 16.94 6.47
CA GLY F 180 -20.66 16.42 6.43
C GLY F 180 -19.65 17.12 7.31
N ASP F 181 -18.42 17.18 6.82
CA ASP F 181 -17.27 17.69 7.56
C ASP F 181 -17.33 19.22 7.71
N ALA F 182 -16.79 19.72 8.82
CA ALA F 182 -16.73 21.16 9.04
C ALA F 182 -15.56 21.80 8.28
N THR F 183 -15.67 21.80 6.95
CA THR F 183 -14.64 22.40 6.07
C THR F 183 -14.79 23.92 6.05
N GLN F 184 -13.81 24.63 5.50
CA GLN F 184 -13.94 26.10 5.41
C GLN F 184 -15.13 26.51 4.53
N VAL F 185 -15.43 25.67 3.55
CA VAL F 185 -16.59 25.87 2.71
C VAL F 185 -17.83 25.85 3.59
N CYS F 186 -17.90 24.82 4.42
CA CYS F 186 -18.97 24.72 5.41
C CYS F 186 -19.09 25.98 6.27
N PHE F 187 -18.04 26.33 6.99
CA PHE F 187 -18.02 27.53 7.82
C PHE F 187 -18.42 28.78 7.04
N SER F 188 -17.84 28.95 5.86
CA SER F 188 -18.21 30.09 5.01
C SER F 188 -19.71 30.14 4.70
N LEU F 189 -20.30 29.00 4.34
CA LEU F 189 -21.74 28.93 4.10
C LEU F 189 -22.58 29.45 5.29
N GLY F 190 -22.18 29.11 6.51
CA GLY F 190 -22.91 29.53 7.69
C GLY F 190 -22.67 31.00 7.95
N LEU F 191 -21.44 31.41 7.71
CA LEU F 191 -21.05 32.79 7.89
C LEU F 191 -21.87 33.73 6.98
N ILE F 192 -22.28 33.24 5.82
CA ILE F 192 -22.96 34.09 4.84
C ILE F 192 -24.47 34.00 5.00
N THR F 193 -24.97 32.80 5.31
CA THR F 193 -26.41 32.62 5.41
C THR F 193 -26.93 33.33 6.66
N THR F 194 -26.15 33.26 7.73
CA THR F 194 -26.50 33.98 8.95
C THR F 194 -26.43 35.50 8.71
N LYS F 195 -25.42 35.93 7.94
CA LYS F 195 -25.28 37.33 7.52
C LYS F 195 -26.57 37.87 6.93
N MET F 196 -27.23 37.03 6.13
CA MET F 196 -28.41 37.42 5.38
C MET F 196 -29.72 37.13 6.13
N GLY F 197 -29.59 36.67 7.38
CA GLY F 197 -30.74 36.44 8.24
C GLY F 197 -31.52 35.18 7.91
N MET F 198 -30.83 34.19 7.33
CA MET F 198 -31.45 32.94 6.97
C MET F 198 -31.35 31.94 8.11
N ASN F 199 -31.88 30.75 7.85
CA ASN F 199 -31.83 29.67 8.82
C ASN F 199 -30.80 28.66 8.41
N PHE F 200 -29.69 28.64 9.14
CA PHE F 200 -28.57 27.75 8.84
C PHE F 200 -28.55 26.56 9.77
N VAL F 201 -27.97 25.46 9.30
CA VAL F 201 -27.73 24.29 10.14
C VAL F 201 -26.63 23.45 9.52
N HIS F 202 -25.64 23.13 10.35
CA HIS F 202 -24.62 22.16 10.00
C HIS F 202 -24.95 20.94 10.80
N PHE F 203 -25.30 19.85 10.11
CA PHE F 203 -25.38 18.58 10.81
C PHE F 203 -24.20 17.73 10.37
N GLY F 204 -23.69 16.93 11.30
CA GLY F 204 -22.43 16.27 11.09
C GLY F 204 -22.03 15.59 12.37
N PRO F 205 -21.12 14.62 12.26
CA PRO F 205 -20.70 13.67 13.28
C PRO F 205 -20.15 14.40 14.49
N GLU F 206 -20.35 13.84 15.68
CA GLU F 206 -19.89 14.48 16.91
C GLU F 206 -18.47 15.02 16.77
N GLY F 207 -17.63 14.31 16.02
CA GLY F 207 -16.23 14.69 15.86
C GLY F 207 -15.96 15.82 14.87
N PHE F 208 -16.88 16.06 13.94
CA PHE F 208 -16.59 16.97 12.84
C PHE F 208 -17.61 18.10 12.67
N GLN F 209 -18.10 18.61 13.81
CA GLN F 209 -19.00 19.75 13.77
C GLN F 209 -18.21 21.05 13.86
N LEU F 210 -18.84 22.15 13.46
CA LEU F 210 -18.23 23.46 13.63
C LEU F 210 -17.98 23.66 15.14
N ASN F 211 -16.80 24.17 15.49
CA ASN F 211 -16.49 24.36 16.90
C ASN F 211 -17.13 25.60 17.54
N GLU F 212 -17.09 25.65 18.87
CA GLU F 212 -17.72 26.74 19.62
C GLU F 212 -17.14 28.08 19.22
N GLU F 213 -15.84 28.13 18.92
CA GLU F 213 -15.19 29.36 18.52
C GLU F 213 -15.78 29.83 17.19
N HIS F 214 -16.19 28.87 16.36
CA HIS F 214 -16.80 29.17 15.07
C HIS F 214 -18.28 29.54 15.22
N GLN F 215 -19.00 28.77 16.02
CA GLN F 215 -20.41 29.04 16.29
C GLN F 215 -20.58 30.39 16.97
N ALA F 216 -19.57 30.75 17.76
CA ALA F 216 -19.51 32.07 18.38
C ALA F 216 -19.73 33.15 17.35
N LYS F 217 -19.03 33.01 16.23
CA LYS F 217 -19.14 33.93 15.10
C LYS F 217 -20.52 33.87 14.47
N LEU F 218 -21.00 32.65 14.23
CA LEU F 218 -22.36 32.46 13.71
C LEU F 218 -23.43 33.10 14.59
N ALA F 219 -23.31 32.84 15.89
CA ALA F 219 -24.20 33.44 16.87
C ALA F 219 -24.22 34.94 16.71
N LYS F 220 -23.04 35.56 16.78
CA LYS F 220 -22.90 37.00 16.61
C LYS F 220 -23.66 37.53 15.39
N ASN F 221 -23.52 36.81 14.27
CA ASN F 221 -24.23 37.15 13.04
C ASN F 221 -25.75 37.25 13.20
N CYS F 222 -26.33 36.28 13.90
CA CYS F 222 -27.79 36.19 14.01
C CYS F 222 -28.33 37.19 15.02
N GLU F 223 -27.49 37.57 15.98
CA GLU F 223 -27.89 38.57 16.95
C GLU F 223 -28.12 39.91 16.23
N VAL F 224 -27.88 39.90 14.92
CA VAL F 224 -28.00 41.11 14.11
C VAL F 224 -28.95 40.91 12.95
N SER F 225 -29.17 39.66 12.54
CA SER F 225 -29.91 39.38 11.31
C SER F 225 -31.21 38.57 11.48
N GLY F 226 -31.29 37.77 12.55
CA GLY F 226 -32.46 36.92 12.77
C GLY F 226 -32.30 35.56 12.13
N GLY F 227 -31.17 34.91 12.41
CA GLY F 227 -30.79 33.65 11.77
C GLY F 227 -30.98 32.45 12.67
N SER F 228 -30.04 31.50 12.64
CA SER F 228 -30.13 30.26 13.44
C SER F 228 -29.03 29.27 13.09
N PHE F 229 -28.91 28.18 13.84
CA PHE F 229 -27.95 27.11 13.45
C PHE F 229 -27.88 25.75 14.21
N LEU F 230 -27.43 24.70 13.49
CA LEU F 230 -26.84 23.44 14.04
C LEU F 230 -27.74 22.35 14.67
N VAL F 231 -27.26 21.10 14.50
CA VAL F 231 -27.59 19.89 15.31
C VAL F 231 -26.60 18.77 15.00
N THR F 232 -26.85 17.57 15.51
CA THR F 232 -26.03 16.37 15.23
C THR F 232 -26.83 15.22 14.64
N ASP F 233 -28.08 15.09 15.08
CA ASP F 233 -28.95 14.00 14.65
C ASP F 233 -29.51 14.30 13.28
N ASP F 234 -29.07 13.54 12.28
CA ASP F 234 -29.46 13.80 10.89
C ASP F 234 -30.96 13.68 10.68
N ALA F 235 -31.32 12.87 9.68
CA ALA F 235 -32.71 12.52 9.41
C ALA F 235 -33.73 13.26 10.29
N SER F 236 -33.66 14.58 10.30
CA SER F 236 -34.62 15.41 11.01
C SER F 236 -34.32 16.90 10.84
N SER F 237 -33.03 17.22 10.79
CA SER F 237 -32.64 18.61 10.58
C SER F 237 -32.66 18.92 9.09
N VAL F 238 -32.64 17.89 8.26
CA VAL F 238 -32.78 18.06 6.83
C VAL F 238 -34.20 18.41 6.47
N GLU F 239 -35.14 18.00 7.32
CA GLU F 239 -36.54 18.25 7.07
C GLU F 239 -36.80 19.73 6.89
N GLY F 240 -37.59 20.07 5.86
CA GLY F 240 -37.96 21.45 5.58
C GLY F 240 -36.84 22.31 5.01
N ALA F 241 -35.73 21.66 4.63
CA ALA F 241 -34.60 22.37 4.05
C ALA F 241 -34.98 22.82 2.65
N ASP F 242 -34.55 24.04 2.29
CA ASP F 242 -34.79 24.59 0.96
C ASP F 242 -33.57 24.32 0.09
N PHE F 243 -32.42 24.25 0.76
CA PHE F 243 -31.15 23.98 0.12
C PHE F 243 -30.35 22.98 0.94
N LEU F 244 -29.90 21.93 0.26
CA LEU F 244 -29.03 20.91 0.86
C LEU F 244 -27.65 20.99 0.23
N TYR F 245 -26.64 21.22 1.07
CA TYR F 245 -25.30 21.58 0.61
C TYR F 245 -24.27 20.63 1.21
N THR F 246 -23.35 20.12 0.40
CA THR F 246 -22.29 19.27 0.94
C THR F 246 -20.95 19.52 0.24
N ASP F 247 -19.87 19.11 0.91
CA ASP F 247 -18.52 19.18 0.38
C ASP F 247 -17.94 17.76 0.50
N VAL F 248 -16.64 17.61 0.35
CA VAL F 248 -16.03 16.28 0.40
C VAL F 248 -15.54 15.89 1.81
N TRP F 249 -15.25 14.60 1.98
CA TRP F 249 -14.93 14.07 3.31
C TRP F 249 -13.46 14.00 3.66
N TYR F 250 -12.57 14.11 2.66
CA TYR F 250 -11.14 14.20 2.92
C TYR F 250 -10.90 15.20 4.05
N GLY F 251 -9.76 15.08 4.72
CA GLY F 251 -9.46 15.94 5.84
C GLY F 251 -8.88 17.27 5.41
N LEU F 252 -7.91 17.75 6.18
CA LEU F 252 -7.33 19.09 5.99
C LEU F 252 -6.00 19.06 5.23
N TYR F 253 -6.06 18.76 3.93
CA TYR F 253 -4.88 18.69 3.05
C TYR F 253 -3.55 18.53 3.80
N GLU F 254 -3.53 17.61 4.76
CA GLU F 254 -2.35 17.34 5.59
C GLU F 254 -2.61 16.12 6.44
N ALA F 255 -3.83 16.03 6.96
CA ALA F 255 -4.31 14.80 7.57
C ALA F 255 -5.51 14.50 6.67
N GLU F 256 -5.18 14.27 5.39
CA GLU F 256 -6.19 13.90 4.41
C GLU F 256 -6.70 12.63 5.02
N LEU F 257 -5.74 11.95 5.64
CA LEU F 257 -5.95 10.69 6.32
C LEU F 257 -7.24 9.96 5.92
N SER F 258 -7.04 9.03 5.00
CA SER F 258 -7.64 7.70 5.09
C SER F 258 -8.73 7.44 4.09
N GLU F 259 -8.60 6.36 3.35
CA GLU F 259 -9.59 6.02 2.33
C GLU F 259 -10.83 5.44 2.99
N GLU F 260 -10.73 4.23 3.50
CA GLU F 260 -11.87 3.57 4.12
C GLU F 260 -12.12 4.11 5.52
N GLU F 261 -11.32 5.08 5.96
CA GLU F 261 -11.50 5.68 7.27
C GLU F 261 -12.49 6.82 7.19
N ARG F 262 -12.47 7.54 6.06
CA ARG F 262 -13.52 8.51 5.74
C ARG F 262 -14.87 7.82 5.73
N MET F 263 -14.94 6.71 4.99
CA MET F 263 -16.16 5.92 4.90
C MET F 263 -16.65 5.49 6.29
N LYS F 264 -15.70 5.11 7.15
CA LYS F 264 -16.03 4.64 8.49
C LYS F 264 -16.93 5.65 9.21
N VAL F 265 -16.52 6.92 9.20
CA VAL F 265 -17.20 7.95 9.99
C VAL F 265 -18.48 8.48 9.34
N PHE F 266 -18.45 8.68 8.02
CA PHE F 266 -19.54 9.37 7.32
C PHE F 266 -20.55 8.46 6.58
N TYR F 267 -20.13 7.29 6.10
CA TYR F 267 -21.02 6.47 5.25
C TYR F 267 -22.22 5.78 5.95
N PRO F 268 -22.31 5.90 7.28
CA PRO F 268 -23.70 5.68 7.69
C PRO F 268 -24.61 6.68 6.94
N LYS F 269 -25.07 7.70 7.67
CA LYS F 269 -25.90 8.76 7.12
C LYS F 269 -25.04 9.66 6.25
N TYR F 270 -25.05 10.95 6.58
CA TYR F 270 -24.13 11.98 6.04
C TYR F 270 -23.90 11.94 4.51
N GLN F 271 -24.36 10.88 3.86
CA GLN F 271 -24.33 10.82 2.39
C GLN F 271 -25.65 11.33 1.82
N VAL F 272 -25.56 12.22 0.84
CA VAL F 272 -26.76 12.79 0.25
C VAL F 272 -27.24 11.94 -0.92
N ASN F 273 -28.29 11.18 -0.66
CA ASN F 273 -28.87 10.29 -1.65
C ASN F 273 -30.29 10.75 -1.87
N GLN F 274 -31.02 10.09 -2.77
CA GLN F 274 -32.41 10.50 -3.03
C GLN F 274 -33.27 10.42 -1.77
N GLU F 275 -33.11 9.36 -0.99
CA GLU F 275 -33.87 9.23 0.23
C GLU F 275 -33.64 10.46 1.12
N MET F 276 -32.36 10.78 1.34
CA MET F 276 -31.98 11.97 2.11
C MET F 276 -32.64 13.22 1.53
N MET F 277 -32.67 13.29 0.19
CA MET F 277 -33.21 14.43 -0.54
C MET F 277 -34.71 14.57 -0.29
N ASP F 278 -35.40 13.45 -0.46
CA ASP F 278 -36.84 13.40 -0.24
C ASP F 278 -37.18 13.79 1.17
N ARG F 279 -36.38 13.29 2.11
CA ARG F 279 -36.58 13.57 3.52
C ARG F 279 -36.54 15.08 3.82
N ALA F 280 -35.79 15.80 3.00
CA ALA F 280 -35.59 17.23 3.18
C ALA F 280 -36.82 18.00 2.71
N GLY F 281 -37.25 17.71 1.49
CA GLY F 281 -38.36 18.43 0.91
C GLY F 281 -38.60 18.03 -0.51
N ALA F 282 -39.81 18.29 -0.99
CA ALA F 282 -40.18 17.92 -2.35
C ALA F 282 -39.26 18.60 -3.36
N ASN F 283 -39.07 19.91 -3.21
CA ASN F 283 -38.23 20.66 -4.14
C ASN F 283 -37.05 21.33 -3.46
N CYS F 284 -36.41 20.60 -2.57
CA CYS F 284 -35.17 21.06 -1.97
C CYS F 284 -34.09 20.96 -3.05
N LYS F 285 -33.44 22.08 -3.35
CA LYS F 285 -32.38 22.09 -4.36
C LYS F 285 -31.06 21.66 -3.75
N PHE F 286 -30.25 20.95 -4.53
CA PHE F 286 -28.96 20.43 -4.05
C PHE F 286 -27.77 21.26 -4.48
N MET F 287 -26.86 21.51 -3.53
CA MET F 287 -25.67 22.31 -3.81
C MET F 287 -24.37 21.62 -3.37
N HIS F 288 -23.33 21.83 -4.19
CA HIS F 288 -22.01 21.27 -3.94
C HIS F 288 -20.99 22.21 -4.55
N CYS F 289 -19.99 22.61 -3.78
CA CYS F 289 -18.97 23.54 -4.29
C CYS F 289 -18.03 22.89 -5.30
N LEU F 290 -18.11 21.57 -5.40
CA LEU F 290 -17.27 20.80 -6.30
C LEU F 290 -15.79 20.93 -5.92
N PRO F 291 -14.98 19.90 -6.22
CA PRO F 291 -15.32 18.73 -7.04
C PRO F 291 -16.02 17.70 -6.21
N ALA F 292 -16.83 16.87 -6.85
CA ALA F 292 -17.56 15.85 -6.11
C ALA F 292 -17.03 14.43 -6.35
N THR F 293 -16.74 13.73 -5.25
CA THR F 293 -16.50 12.31 -5.31
C THR F 293 -17.85 11.57 -5.28
N ARG F 294 -18.40 11.33 -6.46
CA ARG F 294 -19.68 10.63 -6.59
C ARG F 294 -19.64 9.27 -5.91
N GLY F 295 -20.72 8.91 -5.24
CA GLY F 295 -20.76 7.68 -4.48
C GLY F 295 -20.47 7.88 -3.00
N GLU F 296 -19.61 8.85 -2.70
CA GLU F 296 -19.30 9.17 -1.31
C GLU F 296 -20.28 10.16 -0.66
N GLU F 297 -19.99 11.45 -0.73
CA GLU F 297 -20.85 12.45 -0.09
C GLU F 297 -22.18 12.71 -0.81
N VAL F 298 -22.34 12.14 -2.00
CA VAL F 298 -23.58 12.29 -2.77
C VAL F 298 -23.67 11.23 -3.88
N THR F 299 -24.85 10.64 -4.04
CA THR F 299 -25.09 9.65 -5.09
C THR F 299 -25.31 10.38 -6.40
N ASP F 300 -25.09 9.68 -7.50
CA ASP F 300 -25.22 10.27 -8.82
C ASP F 300 -26.64 10.72 -9.13
N GLU F 301 -27.63 9.92 -8.71
CA GLU F 301 -29.03 10.25 -8.99
C GLU F 301 -29.43 11.61 -8.41
N VAL F 302 -28.71 12.07 -7.40
CA VAL F 302 -28.99 13.36 -6.78
C VAL F 302 -28.29 14.50 -7.50
N ILE F 303 -26.97 14.39 -7.62
CA ILE F 303 -26.19 15.45 -8.25
C ILE F 303 -26.57 15.67 -9.70
N ASP F 304 -26.95 14.61 -10.40
CA ASP F 304 -27.37 14.74 -11.78
C ASP F 304 -28.89 14.88 -11.88
N GLY F 305 -29.52 15.05 -10.71
CA GLY F 305 -30.98 15.14 -10.65
C GLY F 305 -31.60 16.49 -11.00
N LYS F 306 -32.92 16.46 -11.16
CA LYS F 306 -33.68 17.63 -11.56
C LYS F 306 -33.55 18.75 -10.54
N ASN F 307 -33.21 18.40 -9.30
CA ASN F 307 -33.14 19.40 -8.25
C ASN F 307 -31.73 19.86 -7.95
N SER F 308 -30.78 19.43 -8.78
CA SER F 308 -29.38 19.80 -8.58
C SER F 308 -29.09 21.12 -9.25
N ILE F 309 -28.51 22.05 -8.52
CA ILE F 309 -28.12 23.35 -9.07
C ILE F 309 -26.61 23.54 -8.96
N CYS F 310 -25.90 22.45 -8.67
CA CYS F 310 -24.49 22.56 -8.34
C CYS F 310 -23.68 23.16 -9.49
N PHE F 311 -24.20 23.01 -10.72
CA PHE F 311 -23.48 23.53 -11.87
C PHE F 311 -23.77 24.98 -12.16
N ASP F 312 -25.01 25.42 -11.92
CA ASP F 312 -25.32 26.85 -11.93
C ASP F 312 -24.42 27.51 -10.89
N GLU F 313 -24.42 26.94 -9.70
CA GLU F 313 -23.56 27.38 -8.62
C GLU F 313 -22.12 27.53 -9.06
N ALA F 314 -21.65 26.53 -9.82
CA ALA F 314 -20.29 26.55 -10.37
C ALA F 314 -20.06 27.75 -11.27
N GLU F 315 -20.96 27.96 -12.24
CA GLU F 315 -20.89 29.11 -13.11
C GLU F 315 -20.88 30.40 -12.28
N ASN F 316 -21.68 30.41 -11.23
CA ASN F 316 -21.74 31.59 -10.37
C ASN F 316 -20.45 31.88 -9.61
N ARG F 317 -19.53 30.93 -9.57
CA ARG F 317 -18.23 31.20 -8.97
C ARG F 317 -17.60 32.37 -9.70
N LEU F 318 -17.79 32.36 -11.03
CA LEU F 318 -17.34 33.42 -11.90
C LEU F 318 -18.28 34.63 -11.78
N THR F 319 -19.58 34.40 -11.92
CA THR F 319 -20.60 35.45 -11.78
C THR F 319 -20.26 36.45 -10.68
N SER F 320 -19.78 35.91 -9.56
CA SER F 320 -19.49 36.68 -8.34
C SER F 320 -18.10 37.30 -8.30
N ILE F 321 -17.09 36.59 -8.80
CA ILE F 321 -15.76 37.22 -8.83
C ILE F 321 -15.77 38.30 -9.89
N ARG F 322 -16.56 38.11 -10.95
CA ARG F 322 -16.78 39.13 -11.95
C ARG F 322 -17.18 40.43 -11.23
N GLY F 323 -18.21 40.36 -10.41
CA GLY F 323 -18.74 41.55 -9.74
C GLY F 323 -17.87 42.03 -8.59
N LEU F 324 -17.20 41.10 -7.93
CA LEU F 324 -16.38 41.41 -6.77
C LEU F 324 -15.20 42.29 -7.21
N LEU F 325 -14.64 41.95 -8.38
CA LEU F 325 -13.50 42.66 -8.95
C LEU F 325 -13.87 44.07 -9.30
N VAL F 326 -15.02 44.23 -9.94
CA VAL F 326 -15.57 45.55 -10.28
C VAL F 326 -15.74 46.43 -9.02
N TYR F 327 -16.47 45.92 -8.01
CA TYR F 327 -16.62 46.66 -6.75
C TYR F 327 -15.30 47.17 -6.21
N LEU F 328 -14.37 46.26 -5.95
CA LEU F 328 -13.13 46.63 -5.29
C LEU F 328 -12.37 47.71 -6.04
N MET F 329 -12.45 47.64 -7.36
CA MET F 329 -11.71 48.53 -8.24
C MET F 329 -12.38 49.89 -8.29
N ASN F 330 -13.69 49.88 -8.52
CA ASN F 330 -14.47 51.12 -8.51
C ASN F 330 -14.25 51.84 -7.19
N ASP F 331 -14.34 51.07 -6.10
CA ASP F 331 -14.12 51.61 -4.78
C ASP F 331 -12.72 52.20 -4.72
N TYR F 332 -11.75 51.48 -5.26
CA TYR F 332 -10.39 51.95 -5.19
C TYR F 332 -10.23 53.26 -5.94
N GLU F 333 -11.01 53.45 -7.00
CA GLU F 333 -10.86 54.64 -7.84
C GLU F 333 -11.45 55.90 -7.22
N ALA F 334 -12.67 55.81 -6.71
CA ALA F 334 -13.05 56.78 -5.69
C ALA F 334 -11.95 56.54 -4.68
N LYS F 335 -11.58 57.56 -3.92
CA LYS F 335 -10.52 57.40 -2.91
C LYS F 335 -9.16 57.69 -3.51
N ASN F 336 -9.02 57.36 -4.79
CA ASN F 336 -7.75 57.48 -5.51
C ASN F 336 -7.98 57.93 -6.95
N PRO F 337 -8.74 59.01 -7.11
CA PRO F 337 -9.30 59.44 -8.39
C PRO F 337 -8.27 60.19 -9.20
N TYR F 338 -8.35 60.08 -10.53
CA TYR F 338 -7.35 60.67 -11.41
C TYR F 338 -7.61 62.14 -11.65
N ASP F 339 -6.54 62.93 -11.69
CA ASP F 339 -6.66 64.35 -12.01
C ASP F 339 -6.87 64.48 -13.50
N LEU F 340 -8.11 64.75 -13.92
CA LEU F 340 -8.43 64.74 -15.35
C LEU F 340 -7.58 65.72 -16.13
N ILE F 341 -7.16 66.77 -15.47
CA ILE F 341 -6.27 67.76 -16.06
C ILE F 341 -4.89 67.17 -16.25
N LYS F 342 -4.24 66.81 -15.13
CA LYS F 342 -2.94 66.15 -15.17
C LYS F 342 -2.95 65.07 -16.24
N GLN F 343 -4.03 64.30 -16.27
CA GLN F 343 -4.22 63.23 -17.23
C GLN F 343 -4.21 63.77 -18.66
N ALA F 344 -5.03 64.77 -18.93
CA ALA F 344 -5.07 65.36 -20.24
C ALA F 344 -3.69 65.85 -20.72
N GLU F 345 -2.95 66.52 -19.84
CA GLU F 345 -1.64 67.05 -20.21
C GLU F 345 -0.70 65.90 -20.49
N ALA F 346 -0.67 64.93 -19.56
CA ALA F 346 0.20 63.76 -19.64
C ALA F 346 0.02 63.10 -20.99
N LYS F 347 -1.22 63.09 -21.46
CA LYS F 347 -1.52 62.51 -22.74
C LYS F 347 -0.98 63.37 -23.88
N LYS F 348 -1.20 64.68 -23.80
CA LYS F 348 -0.70 65.53 -24.87
C LYS F 348 0.81 65.44 -24.88
N GLU F 349 1.41 65.59 -23.72
CA GLU F 349 2.85 65.53 -23.63
C GLU F 349 3.37 64.28 -24.35
N LEU F 350 2.73 63.14 -24.09
CA LEU F 350 3.15 61.89 -24.70
C LEU F 350 3.00 61.94 -26.21
N GLU F 351 1.85 62.42 -26.68
CA GLU F 351 1.57 62.53 -28.11
C GLU F 351 2.64 63.35 -28.80
N VAL F 352 2.94 64.50 -28.25
CA VAL F 352 3.92 65.37 -28.84
C VAL F 352 5.25 64.65 -28.92
N PHE F 353 5.70 64.09 -27.80
CA PHE F 353 6.97 63.37 -27.77
C PHE F 353 7.03 62.36 -28.90
N LEU F 354 5.99 61.53 -29.00
CA LEU F 354 5.98 60.47 -30.00
C LEU F 354 5.96 61.05 -31.42
N ASP F 355 5.26 62.18 -31.59
CA ASP F 355 5.08 62.81 -32.89
C ASP F 355 6.36 63.47 -33.39
N THR F 356 7.27 63.76 -32.48
CA THR F 356 8.38 64.66 -32.81
C THR F 356 9.79 64.16 -32.49
N GLN F 357 9.90 63.20 -31.58
CA GLN F 357 11.21 62.72 -31.16
C GLN F 357 11.47 61.32 -31.69
N SER F 358 12.73 61.01 -31.94
CA SER F 358 13.11 59.66 -32.36
C SER F 358 14.59 59.39 -32.11
N ILE F 359 15.00 58.14 -32.30
CA ILE F 359 16.42 57.77 -32.32
C ILE F 359 16.81 56.82 -33.46
N SER G 19 79.00 22.57 -39.76
CA SER G 19 79.30 22.44 -38.33
C SER G 19 80.48 21.53 -38.03
N HIS G 20 81.46 22.09 -37.33
CA HIS G 20 82.66 21.36 -36.94
C HIS G 20 82.39 20.23 -35.94
N MET G 21 81.12 19.90 -35.73
CA MET G 21 80.82 18.74 -34.89
C MET G 21 79.59 17.96 -35.33
N LYS G 22 79.66 17.47 -36.56
CA LYS G 22 78.61 16.69 -37.18
C LYS G 22 78.75 16.92 -38.68
N ARG G 23 78.11 16.10 -39.49
CA ARG G 23 78.09 16.37 -40.91
C ARG G 23 76.77 15.90 -41.53
N ASP G 24 76.29 16.65 -42.51
CA ASP G 24 75.03 16.31 -43.16
C ASP G 24 75.27 15.72 -44.55
N TYR G 25 74.18 15.32 -45.20
CA TYR G 25 74.24 14.82 -46.57
C TYR G 25 73.08 15.44 -47.35
N VAL G 26 73.27 16.68 -47.79
CA VAL G 26 72.21 17.39 -48.52
C VAL G 26 72.43 17.40 -50.02
N THR G 27 73.68 17.60 -50.43
CA THR G 27 74.06 17.30 -51.82
C THR G 27 75.52 16.92 -51.90
N THR G 28 75.84 16.19 -52.97
CA THR G 28 77.19 15.68 -53.17
C THR G 28 78.16 16.77 -53.57
N GLU G 29 77.65 17.99 -53.58
CA GLU G 29 78.48 19.13 -53.94
C GLU G 29 79.48 19.39 -52.82
N THR G 30 79.14 18.92 -51.62
CA THR G 30 79.97 19.15 -50.45
C THR G 30 80.95 17.99 -50.24
N TYR G 31 80.88 16.97 -51.09
CA TYR G 31 81.78 15.81 -50.97
C TYR G 31 82.79 15.75 -52.10
N THR G 32 84.02 15.36 -51.78
CA THR G 32 85.08 15.24 -52.78
C THR G 32 85.00 13.87 -53.45
N LYS G 33 85.64 13.73 -54.60
CA LYS G 33 85.65 12.45 -55.30
C LYS G 33 86.12 11.33 -54.36
N GLU G 34 87.17 11.60 -53.60
CA GLU G 34 87.73 10.60 -52.70
C GLU G 34 86.71 10.21 -51.64
N GLU G 35 86.04 11.21 -51.08
CA GLU G 35 85.02 10.97 -50.06
C GLU G 35 83.92 10.07 -50.62
N MET G 36 83.51 10.32 -51.86
CA MET G 36 82.48 9.50 -52.45
C MET G 36 83.03 8.10 -52.63
N HIS G 37 84.29 8.01 -53.03
CA HIS G 37 84.90 6.70 -53.18
C HIS G 37 84.81 5.93 -51.87
N TYR G 38 85.27 6.54 -50.78
CA TYR G 38 85.09 6.00 -49.43
C TYR G 38 83.69 5.44 -49.22
N LEU G 39 82.68 6.29 -49.41
CA LEU G 39 81.29 5.89 -49.27
C LEU G 39 80.91 4.65 -50.10
N VAL G 40 81.24 4.64 -51.38
CA VAL G 40 81.00 3.45 -52.19
C VAL G 40 81.64 2.18 -51.60
N ASP G 41 82.92 2.25 -51.25
CA ASP G 41 83.62 1.12 -50.61
C ASP G 41 82.97 0.67 -49.31
N LEU G 42 82.73 1.60 -48.40
CA LEU G 42 82.03 1.28 -47.17
C LEU G 42 80.69 0.60 -47.50
N SER G 43 79.86 1.26 -48.28
CA SER G 43 78.54 0.73 -48.65
C SER G 43 78.60 -0.70 -49.17
N LEU G 44 79.57 -0.93 -50.04
CA LEU G 44 79.75 -2.22 -50.70
C LEU G 44 80.30 -3.31 -49.77
N LYS G 45 81.25 -2.96 -48.90
CA LYS G 45 81.82 -3.92 -47.93
C LYS G 45 80.72 -4.42 -47.02
N ILE G 46 79.83 -3.50 -46.64
CA ILE G 46 78.66 -3.80 -45.84
C ILE G 46 77.70 -4.66 -46.64
N LYS G 47 77.45 -4.30 -47.88
CA LYS G 47 76.60 -5.12 -48.71
C LYS G 47 77.09 -6.58 -48.71
N GLU G 48 78.38 -6.79 -48.92
CA GLU G 48 78.90 -8.16 -49.04
C GLU G 48 78.75 -8.97 -47.75
N ALA G 49 78.85 -8.28 -46.62
CA ALA G 49 78.63 -8.92 -45.32
C ALA G 49 77.19 -9.38 -45.20
N ILE G 50 76.28 -8.47 -45.42
CA ILE G 50 74.87 -8.79 -45.26
C ILE G 50 74.46 -9.80 -46.30
N LYS G 51 75.01 -9.67 -47.51
CA LYS G 51 74.70 -10.60 -48.58
C LYS G 51 74.99 -12.00 -48.14
N ASN G 52 75.90 -12.12 -47.19
CA ASN G 52 76.40 -13.43 -46.78
C ASN G 52 76.09 -13.81 -45.34
N GLY G 53 75.14 -13.11 -44.73
CA GLY G 53 74.58 -13.55 -43.48
C GLY G 53 75.15 -12.89 -42.25
N TYR G 54 76.10 -11.99 -42.44
CA TYR G 54 76.62 -11.23 -41.33
C TYR G 54 75.94 -9.86 -41.31
N TYR G 55 75.24 -9.57 -40.23
CA TYR G 55 74.61 -8.26 -40.08
C TYR G 55 75.38 -7.37 -39.11
N PRO G 56 76.30 -6.56 -39.63
CA PRO G 56 77.13 -5.62 -38.87
C PRO G 56 76.28 -4.67 -38.02
N GLN G 57 76.28 -4.86 -36.71
CA GLN G 57 75.48 -4.01 -35.85
C GLN G 57 76.17 -2.69 -35.53
N LEU G 58 76.37 -1.87 -36.55
CA LEU G 58 77.10 -0.61 -36.39
C LEU G 58 76.24 0.50 -35.79
N LEU G 59 74.93 0.31 -35.79
CA LEU G 59 74.02 1.34 -35.30
C LEU G 59 73.14 0.88 -34.14
N LYS G 60 73.69 0.04 -33.25
CA LYS G 60 72.90 -0.50 -32.16
C LYS G 60 72.17 0.59 -31.39
N ASN G 61 70.84 0.46 -31.25
CA ASN G 61 70.04 1.32 -30.36
C ASN G 61 69.84 2.75 -30.87
N LYS G 62 70.40 3.05 -32.03
CA LYS G 62 70.33 4.39 -32.59
C LYS G 62 68.99 4.58 -33.27
N SER G 63 68.39 5.75 -33.05
CA SER G 63 67.08 6.09 -33.61
C SER G 63 67.19 7.08 -34.77
N LEU G 64 66.64 6.70 -35.92
CA LEU G 64 66.56 7.60 -37.07
C LEU G 64 65.14 8.14 -37.26
N GLY G 65 65.02 9.45 -37.35
CA GLY G 65 63.71 10.03 -37.63
C GLY G 65 63.54 10.31 -39.11
N MET G 66 62.48 9.76 -39.69
CA MET G 66 62.22 9.93 -41.12
C MET G 66 61.03 10.87 -41.32
N ILE G 67 61.27 11.96 -42.03
CA ILE G 67 60.25 12.96 -42.29
C ILE G 67 59.88 12.92 -43.76
N PHE G 68 58.64 12.53 -44.07
CA PHE G 68 58.18 12.53 -45.44
C PHE G 68 57.12 13.60 -45.60
N GLN G 69 57.20 14.36 -46.68
CA GLN G 69 56.15 15.35 -46.98
C GLN G 69 55.40 14.86 -48.19
N GLN G 70 55.99 13.86 -48.84
CA GLN G 70 55.37 13.20 -49.96
C GLN G 70 55.73 11.75 -49.78
N SER G 71 54.72 10.92 -49.51
CA SER G 71 54.98 9.50 -49.23
C SER G 71 55.87 8.85 -50.29
N SER G 72 56.77 7.99 -49.83
CA SER G 72 57.64 7.27 -50.75
C SER G 72 58.04 5.94 -50.20
N THR G 73 57.25 4.92 -50.53
CA THR G 73 57.51 3.56 -50.06
C THR G 73 58.95 3.05 -50.31
N ARG G 74 59.40 3.05 -51.57
CA ARG G 74 60.77 2.63 -51.86
C ARG G 74 61.77 3.29 -50.91
N THR G 75 61.67 4.61 -50.76
CA THR G 75 62.56 5.35 -49.87
C THR G 75 62.34 5.00 -48.40
N ARG G 76 61.07 4.90 -48.01
CA ARG G 76 60.75 4.57 -46.63
C ARG G 76 61.29 3.21 -46.21
N VAL G 77 60.91 2.16 -46.93
CA VAL G 77 61.28 0.82 -46.47
C VAL G 77 62.77 0.66 -46.60
N SER G 78 63.38 1.39 -47.52
CA SER G 78 64.83 1.32 -47.65
C SER G 78 65.50 1.72 -46.34
N PHE G 79 65.13 2.87 -45.81
CA PHE G 79 65.68 3.36 -44.55
C PHE G 79 65.27 2.49 -43.35
N GLU G 80 63.97 2.22 -43.24
CA GLU G 80 63.40 1.45 -42.15
C GLU G 80 64.19 0.14 -42.02
N THR G 81 64.46 -0.49 -43.18
CA THR G 81 65.21 -1.74 -43.27
C THR G 81 66.68 -1.56 -42.93
N ALA G 82 67.34 -0.61 -43.59
CA ALA G 82 68.75 -0.36 -43.36
C ALA G 82 69.01 -0.26 -41.85
N MET G 83 68.16 0.48 -41.17
CA MET G 83 68.28 0.63 -39.72
C MET G 83 68.21 -0.71 -39.00
N GLU G 84 67.17 -1.49 -39.26
CA GLU G 84 67.00 -2.79 -38.61
C GLU G 84 68.23 -3.69 -38.78
N GLN G 85 68.76 -3.75 -39.99
CA GLN G 85 69.90 -4.61 -40.27
C GLN G 85 71.12 -4.23 -39.44
N LEU G 86 71.26 -2.94 -39.19
CA LEU G 86 72.40 -2.43 -38.45
C LEU G 86 72.16 -2.29 -36.95
N GLY G 87 71.01 -2.80 -36.48
CA GLY G 87 70.72 -2.80 -35.06
C GLY G 87 70.00 -1.56 -34.56
N GLY G 88 69.41 -0.83 -35.48
CA GLY G 88 68.72 0.40 -35.14
C GLY G 88 67.24 0.34 -35.45
N HIS G 89 66.64 1.53 -35.51
CA HIS G 89 65.20 1.67 -35.74
C HIS G 89 64.92 2.90 -36.57
N GLY G 90 63.97 2.78 -37.49
CA GLY G 90 63.52 3.92 -38.27
C GLY G 90 62.13 4.39 -37.91
N GLU G 91 62.04 5.65 -37.48
CA GLU G 91 60.77 6.22 -37.03
C GLU G 91 60.10 7.03 -38.12
N TYR G 92 58.88 6.65 -38.49
CA TYR G 92 58.18 7.28 -39.62
C TYR G 92 57.24 8.38 -39.19
N LEU G 93 57.57 9.61 -39.55
CA LEU G 93 56.69 10.75 -39.32
C LEU G 93 55.95 11.07 -40.62
N ALA G 94 54.80 10.42 -40.79
CA ALA G 94 54.02 10.53 -42.02
C ALA G 94 53.85 11.98 -42.47
N PRO G 95 53.58 12.20 -43.78
CA PRO G 95 53.41 13.52 -44.38
C PRO G 95 52.70 14.54 -43.50
N GLY G 96 51.55 14.14 -42.94
CA GLY G 96 50.82 15.00 -42.03
C GLY G 96 51.32 14.93 -40.60
N GLN G 97 51.76 13.74 -40.17
CA GLN G 97 52.25 13.55 -38.81
C GLN G 97 53.14 14.72 -38.42
N ILE G 98 54.12 15.03 -39.28
CA ILE G 98 55.06 16.12 -39.01
C ILE G 98 54.42 17.49 -39.22
N GLN G 99 55.23 18.53 -39.09
CA GLN G 99 54.75 19.89 -39.26
C GLN G 99 55.79 20.77 -39.96
N LEU G 100 57.04 20.30 -39.98
CA LEU G 100 58.19 21.07 -40.48
C LEU G 100 58.10 22.57 -40.20
N GLY G 101 57.22 23.26 -40.92
CA GLY G 101 57.00 24.68 -40.71
C GLY G 101 55.55 25.12 -40.77
N GLY G 102 54.65 24.32 -40.20
CA GLY G 102 53.22 24.63 -40.19
C GLY G 102 52.76 25.73 -39.25
N HIS G 103 53.55 26.01 -38.22
CA HIS G 103 53.28 27.10 -37.26
C HIS G 103 54.22 26.97 -36.06
N GLU G 104 55.09 25.96 -36.15
CA GLU G 104 56.27 25.85 -35.31
C GLU G 104 57.49 26.01 -36.24
N THR G 105 58.29 27.05 -36.02
CA THR G 105 59.42 27.34 -36.92
C THR G 105 60.39 26.18 -37.03
N ILE G 106 60.98 26.02 -38.21
CA ILE G 106 61.96 24.96 -38.42
C ILE G 106 63.02 25.04 -37.31
N GLU G 107 63.37 26.26 -36.90
CA GLU G 107 64.34 26.45 -35.81
C GLU G 107 63.94 25.62 -34.59
N ASP G 108 62.67 25.74 -34.19
CA ASP G 108 62.12 24.93 -33.09
C ASP G 108 62.11 23.44 -33.41
N THR G 109 61.40 23.05 -34.47
CA THR G 109 61.32 21.65 -34.87
C THR G 109 62.73 21.00 -34.89
N SER G 110 63.68 21.71 -35.49
CA SER G 110 65.05 21.19 -35.58
C SER G 110 65.66 21.00 -34.19
N ARG G 111 65.47 21.99 -33.34
CA ARG G 111 66.11 21.94 -32.03
C ARG G 111 65.60 20.77 -31.20
N VAL G 112 64.30 20.53 -31.22
CA VAL G 112 63.74 19.48 -30.37
C VAL G 112 63.87 18.07 -30.98
N LEU G 113 63.82 17.98 -32.30
CA LEU G 113 64.08 16.71 -32.97
C LEU G 113 65.49 16.21 -32.62
N SER G 114 66.41 17.15 -32.42
CA SER G 114 67.79 16.81 -32.13
C SER G 114 67.94 16.14 -30.75
N ARG G 115 66.96 16.36 -29.87
CA ARG G 115 66.96 15.77 -28.53
C ARG G 115 66.21 14.45 -28.49
N LEU G 116 65.63 14.03 -29.61
CA LEU G 116 64.77 12.85 -29.60
C LEU G 116 65.21 11.73 -30.51
N VAL G 117 66.04 12.05 -31.50
CA VAL G 117 66.61 11.01 -32.35
C VAL G 117 68.07 11.27 -32.59
N ASP G 118 68.73 10.28 -33.16
CA ASP G 118 70.18 10.29 -33.28
C ASP G 118 70.59 10.87 -34.64
N ILE G 119 69.68 10.76 -35.61
CA ILE G 119 69.96 11.19 -36.98
C ILE G 119 68.65 11.44 -37.72
N LEU G 120 68.71 12.23 -38.79
CA LEU G 120 67.50 12.71 -39.48
C LEU G 120 67.53 12.57 -41.00
N MET G 121 66.42 12.14 -41.56
CA MET G 121 66.27 12.09 -43.00
C MET G 121 64.96 12.78 -43.35
N ALA G 122 64.90 13.43 -44.49
CA ALA G 122 63.69 14.13 -44.88
C ALA G 122 63.49 14.19 -46.38
N ARG G 123 62.34 13.66 -46.82
CA ARG G 123 61.87 13.79 -48.21
C ARG G 123 61.02 15.03 -48.25
N VAL G 124 61.63 16.16 -48.56
CA VAL G 124 60.95 17.44 -48.48
C VAL G 124 60.49 17.93 -49.87
N GLU G 125 59.48 18.78 -49.88
CA GLU G 125 58.91 19.25 -51.12
C GLU G 125 59.82 20.29 -51.73
N ARG G 126 60.12 21.31 -50.92
CA ARG G 126 60.99 22.40 -51.34
C ARG G 126 62.37 22.26 -50.73
N HIS G 127 63.39 22.16 -51.58
CA HIS G 127 64.75 21.96 -51.12
C HIS G 127 65.16 22.92 -50.02
N HIS G 128 64.79 24.19 -50.17
CA HIS G 128 65.20 25.17 -49.18
C HIS G 128 65.02 24.63 -47.75
N SER G 129 63.90 23.96 -47.50
CA SER G 129 63.60 23.57 -46.13
C SER G 129 64.42 22.38 -45.63
N ILE G 130 64.92 21.56 -46.56
CA ILE G 130 65.77 20.42 -46.18
C ILE G 130 67.10 20.93 -45.67
N VAL G 131 67.60 22.02 -46.25
CA VAL G 131 68.84 22.59 -45.77
C VAL G 131 68.63 23.43 -44.51
N ASP G 132 67.54 24.19 -44.45
CA ASP G 132 67.14 24.86 -43.21
C ASP G 132 67.16 23.89 -42.02
N LEU G 133 66.66 22.68 -42.27
CA LEU G 133 66.68 21.63 -41.27
C LEU G 133 68.11 21.21 -40.94
N ALA G 134 68.90 20.93 -41.97
CA ALA G 134 70.29 20.53 -41.81
C ALA G 134 71.09 21.58 -41.06
N ASN G 135 70.71 22.85 -41.22
CA ASN G 135 71.44 23.95 -40.60
C ASN G 135 71.09 24.11 -39.15
N CYS G 136 69.84 23.83 -38.81
CA CYS G 136 69.34 24.11 -37.45
C CYS G 136 69.37 22.90 -36.52
N ALA G 137 69.53 21.72 -37.09
CA ALA G 137 69.67 20.51 -36.28
C ALA G 137 71.13 20.31 -35.86
N THR G 138 71.32 19.69 -34.70
CA THR G 138 72.65 19.41 -34.17
C THR G 138 73.07 17.99 -34.53
N ILE G 139 72.14 17.23 -35.09
CA ILE G 139 72.39 15.86 -35.51
C ILE G 139 72.45 15.81 -37.03
N PRO G 140 73.16 14.81 -37.57
CA PRO G 140 73.29 14.70 -39.02
C PRO G 140 71.93 14.65 -39.70
N VAL G 141 71.83 15.31 -40.85
CA VAL G 141 70.62 15.30 -41.67
C VAL G 141 70.88 14.71 -43.06
N ILE G 142 69.95 13.87 -43.53
CA ILE G 142 70.06 13.29 -44.85
C ILE G 142 68.90 13.73 -45.75
N ASN G 143 69.22 14.05 -46.99
CA ASN G 143 68.23 14.52 -47.95
C ASN G 143 67.59 13.39 -48.73
N GLY G 144 66.38 13.02 -48.32
CA GLY G 144 65.67 11.89 -48.90
C GLY G 144 65.38 12.16 -50.36
N MET G 145 65.17 13.44 -50.66
CA MET G 145 64.98 13.96 -52.01
C MET G 145 64.16 15.21 -51.93
N SER G 146 64.64 16.25 -52.62
CA SER G 146 63.92 17.51 -52.69
C SER G 146 63.48 17.79 -54.12
N ASP G 147 63.04 19.01 -54.36
CA ASP G 147 62.68 19.41 -55.72
C ASP G 147 63.96 19.65 -56.54
N TYR G 148 65.10 19.63 -55.86
CA TYR G 148 66.37 20.07 -56.44
C TYR G 148 67.29 18.92 -56.86
N ASN G 149 67.53 18.01 -55.92
CA ASN G 149 68.39 16.87 -56.18
C ASN G 149 67.95 15.63 -55.40
N HIS G 150 68.64 14.54 -55.63
CA HIS G 150 68.33 13.26 -55.02
C HIS G 150 69.62 12.54 -54.70
N PRO G 151 70.29 12.95 -53.62
CA PRO G 151 71.70 12.63 -53.40
C PRO G 151 71.89 11.21 -52.91
N THR G 152 70.90 10.71 -52.21
CA THR G 152 70.89 9.33 -51.73
C THR G 152 70.71 8.37 -52.93
N GLN G 153 70.31 8.91 -54.07
CA GLN G 153 70.20 8.13 -55.29
C GLN G 153 71.50 8.25 -56.09
N GLU G 154 72.09 9.45 -56.08
CA GLU G 154 73.37 9.62 -56.76
C GLU G 154 74.28 8.48 -56.30
N LEU G 155 74.28 8.19 -55.01
CA LEU G 155 75.21 7.21 -54.44
C LEU G 155 74.79 5.77 -54.73
N GLY G 156 73.48 5.51 -54.68
CA GLY G 156 72.98 4.19 -55.00
C GLY G 156 73.37 3.84 -56.41
N ASP G 157 73.31 4.83 -57.28
CA ASP G 157 73.61 4.59 -58.69
C ASP G 157 75.11 4.48 -58.93
N LEU G 158 75.89 5.25 -58.20
CA LEU G 158 77.33 5.13 -58.29
C LEU G 158 77.73 3.69 -57.98
N CYS G 159 77.23 3.16 -56.87
CA CYS G 159 77.55 1.79 -56.46
C CYS G 159 77.18 0.83 -57.59
N THR G 160 76.02 1.07 -58.20
CA THR G 160 75.52 0.20 -59.25
C THR G 160 76.49 0.16 -60.45
N MET G 161 76.95 1.33 -60.85
CA MET G 161 77.82 1.43 -62.02
C MET G 161 79.15 0.74 -61.73
N VAL G 162 79.66 0.96 -60.52
CA VAL G 162 80.90 0.32 -60.11
C VAL G 162 80.82 -1.20 -60.30
N GLU G 163 79.73 -1.77 -59.78
CA GLU G 163 79.47 -3.21 -59.88
C GLU G 163 79.31 -3.69 -61.31
N HIS G 164 79.25 -2.76 -62.26
CA HIS G 164 78.94 -3.13 -63.64
C HIS G 164 79.78 -2.43 -64.72
N LEU G 165 81.11 -2.49 -64.64
CA LEU G 165 81.97 -1.78 -65.60
C LEU G 165 82.21 -2.38 -67.01
N PRO G 166 81.85 -3.66 -67.20
CA PRO G 166 82.43 -4.50 -68.23
C PRO G 166 83.74 -4.04 -68.87
N GLU G 167 84.75 -4.91 -68.73
CA GLU G 167 85.96 -4.91 -69.55
C GLU G 167 86.88 -3.69 -69.50
N GLY G 168 87.81 -3.70 -68.56
CA GLY G 168 88.92 -2.76 -68.58
C GLY G 168 88.59 -1.32 -68.90
N LYS G 169 87.31 -0.97 -68.79
CA LYS G 169 86.94 0.42 -68.65
C LYS G 169 86.99 0.69 -67.16
N LYS G 170 87.55 1.83 -66.77
CA LYS G 170 87.84 2.07 -65.35
C LYS G 170 86.87 3.03 -64.65
N LEU G 171 85.79 3.40 -65.33
CA LEU G 171 84.78 4.31 -64.80
C LEU G 171 85.04 5.73 -65.28
N GLU G 172 86.16 6.29 -64.87
CA GLU G 172 86.58 7.62 -65.29
C GLU G 172 86.42 7.80 -66.80
N ASP G 173 86.32 6.69 -67.53
CA ASP G 173 86.22 6.74 -68.98
C ASP G 173 84.98 6.01 -69.49
N CYS G 174 84.00 5.84 -68.63
CA CYS G 174 82.69 5.37 -69.07
C CYS G 174 81.80 6.55 -69.48
N LYS G 175 80.86 6.29 -70.40
CA LYS G 175 79.91 7.30 -70.86
C LYS G 175 78.51 7.03 -70.31
N VAL G 176 77.99 7.97 -69.56
CA VAL G 176 76.66 7.86 -68.97
C VAL G 176 75.74 8.83 -69.68
N VAL G 177 74.65 8.31 -70.22
CA VAL G 177 73.70 9.14 -70.97
C VAL G 177 72.31 9.11 -70.35
N PHE G 178 71.77 10.29 -70.10
CA PHE G 178 70.42 10.39 -69.55
C PHE G 178 69.44 10.89 -70.62
N VAL G 179 68.36 10.12 -70.84
CA VAL G 179 67.35 10.49 -71.83
C VAL G 179 66.03 10.99 -71.21
N GLY G 180 65.54 12.12 -71.71
CA GLY G 180 64.27 12.63 -71.27
C GLY G 180 64.34 13.95 -70.52
N ASP G 181 63.43 14.10 -69.56
CA ASP G 181 63.19 15.36 -68.86
C ASP G 181 64.32 15.68 -67.89
N ALA G 182 64.57 16.96 -67.69
CA ALA G 182 65.59 17.38 -66.72
C ALA G 182 65.06 17.34 -65.28
N THR G 183 64.76 16.13 -64.79
CA THR G 183 64.28 15.94 -63.43
C THR G 183 65.45 16.03 -62.42
N GLN G 184 65.15 16.09 -61.13
CA GLN G 184 66.23 16.16 -60.14
C GLN G 184 67.09 14.91 -60.19
N VAL G 185 66.47 13.82 -60.55
CA VAL G 185 67.18 12.56 -60.73
C VAL G 185 68.22 12.78 -61.81
N CYS G 186 67.78 13.34 -62.93
CA CYS G 186 68.68 13.68 -64.01
C CYS G 186 69.86 14.54 -63.54
N PHE G 187 69.54 15.70 -62.97
CA PHE G 187 70.58 16.61 -62.48
C PHE G 187 71.54 15.89 -61.53
N SER G 188 71.00 15.13 -60.59
CA SER G 188 71.83 14.41 -59.63
C SER G 188 72.80 13.47 -60.33
N LEU G 189 72.32 12.77 -61.35
CA LEU G 189 73.16 11.85 -62.11
C LEU G 189 74.37 12.57 -62.70
N GLY G 190 74.15 13.77 -63.23
CA GLY G 190 75.24 14.52 -63.83
C GLY G 190 76.17 15.06 -62.76
N LEU G 191 75.56 15.46 -61.66
CA LEU G 191 76.28 15.99 -60.52
C LEU G 191 77.27 14.95 -59.95
N ILE G 192 76.91 13.67 -60.04
CA ILE G 192 77.74 12.61 -59.46
C ILE G 192 78.73 12.01 -60.46
N THR G 193 78.31 11.85 -61.70
CA THR G 193 79.20 11.32 -62.72
C THR G 193 80.35 12.28 -63.01
N THR G 194 80.04 13.58 -63.06
CA THR G 194 81.08 14.59 -63.27
C THR G 194 82.02 14.60 -62.07
N LYS G 195 81.45 14.43 -60.88
CA LYS G 195 82.22 14.35 -59.64
C LYS G 195 83.33 13.34 -59.75
N MET G 196 83.01 12.22 -60.38
CA MET G 196 83.89 11.05 -60.49
C MET G 196 84.75 11.05 -61.76
N GLY G 197 84.67 12.14 -62.53
CA GLY G 197 85.52 12.28 -63.69
C GLY G 197 85.07 11.48 -64.90
N MET G 198 83.77 11.17 -64.94
CA MET G 198 83.18 10.43 -66.06
C MET G 198 82.70 11.34 -67.16
N ASN G 199 82.17 10.72 -68.20
CA ASN G 199 81.64 11.48 -69.34
C ASN G 199 80.12 11.44 -69.29
N PHE G 200 79.53 12.58 -68.95
CA PHE G 200 78.09 12.69 -68.80
C PHE G 200 77.46 13.36 -70.01
N VAL G 201 76.20 13.06 -70.24
CA VAL G 201 75.45 13.74 -71.29
C VAL G 201 73.98 13.61 -71.00
N HIS G 202 73.30 14.75 -70.99
CA HIS G 202 71.85 14.78 -70.95
C HIS G 202 71.39 15.15 -72.34
N PHE G 203 70.69 14.25 -73.00
CA PHE G 203 70.04 14.63 -74.24
C PHE G 203 68.55 14.67 -74.00
N GLY G 204 67.90 15.62 -74.63
CA GLY G 204 66.52 15.89 -74.31
C GLY G 204 66.11 17.10 -75.10
N PRO G 205 64.79 17.29 -75.22
CA PRO G 205 64.09 18.26 -76.05
C PRO G 205 64.50 19.68 -75.71
N GLU G 206 64.54 20.56 -76.72
CA GLU G 206 64.99 21.94 -76.51
C GLU G 206 64.38 22.54 -75.26
N GLY G 207 63.14 22.18 -74.97
CA GLY G 207 62.45 22.73 -73.81
C GLY G 207 62.78 22.14 -72.45
N PHE G 208 63.36 20.94 -72.43
CA PHE G 208 63.50 20.22 -71.17
C PHE G 208 64.92 19.78 -70.87
N GLN G 209 65.89 20.60 -71.25
CA GLN G 209 67.28 20.32 -70.97
C GLN G 209 67.67 20.92 -69.62
N LEU G 210 68.76 20.44 -69.05
CA LEU G 210 69.29 21.07 -67.85
C LEU G 210 69.67 22.51 -68.19
N ASN G 211 69.30 23.45 -67.31
CA ASN G 211 69.57 24.86 -67.57
C ASN G 211 71.02 25.28 -67.32
N GLU G 212 71.36 26.47 -67.81
CA GLU G 212 72.72 26.98 -67.73
C GLU G 212 73.18 27.09 -66.28
N GLU G 213 72.25 27.43 -65.39
CA GLU G 213 72.57 27.55 -63.96
C GLU G 213 72.96 26.18 -63.43
N HIS G 214 72.37 25.14 -64.00
CA HIS G 214 72.67 23.77 -63.61
C HIS G 214 73.96 23.27 -64.26
N GLN G 215 74.09 23.48 -65.57
CA GLN G 215 75.32 23.10 -66.27
C GLN G 215 76.52 23.80 -65.65
N ALA G 216 76.30 25.02 -65.16
CA ALA G 216 77.34 25.78 -64.48
C ALA G 216 77.98 24.93 -63.40
N LYS G 217 77.14 24.23 -62.67
CA LYS G 217 77.59 23.36 -61.60
C LYS G 217 78.33 22.15 -62.15
N LEU G 218 77.78 21.56 -63.21
CA LEU G 218 78.40 20.43 -63.89
C LEU G 218 79.77 20.81 -64.43
N ALA G 219 79.82 21.97 -65.10
CA ALA G 219 81.09 22.48 -65.60
C ALA G 219 82.12 22.55 -64.47
N LYS G 220 81.74 23.20 -63.38
CA LYS G 220 82.61 23.35 -62.21
C LYS G 220 83.19 22.00 -61.77
N ASN G 221 82.34 20.99 -61.74
CA ASN G 221 82.76 19.62 -61.41
C ASN G 221 83.89 19.07 -62.28
N CYS G 222 83.77 19.24 -63.60
CA CYS G 222 84.75 18.71 -64.52
C CYS G 222 86.05 19.52 -64.56
N GLU G 223 85.97 20.78 -64.16
CA GLU G 223 87.17 21.60 -64.10
C GLU G 223 88.08 21.03 -63.03
N VAL G 224 87.58 19.99 -62.37
CA VAL G 224 88.30 19.41 -61.26
C VAL G 224 88.54 17.92 -61.46
N SER G 225 87.70 17.27 -62.26
CA SER G 225 87.71 15.81 -62.39
C SER G 225 88.06 15.25 -63.79
N GLY G 226 87.84 16.03 -64.84
CA GLY G 226 88.08 15.56 -66.20
C GLY G 226 86.85 14.93 -66.83
N GLY G 227 85.71 15.60 -66.73
CA GLY G 227 84.43 15.06 -67.15
C GLY G 227 83.94 15.62 -68.47
N SER G 228 82.64 15.88 -68.58
CA SER G 228 82.05 16.37 -69.83
C SER G 228 80.53 16.44 -69.74
N PHE G 229 79.85 17.03 -70.74
CA PHE G 229 78.37 16.93 -70.81
C PHE G 229 77.56 17.41 -72.05
N LEU G 230 76.35 16.82 -72.23
CA LEU G 230 75.21 17.40 -72.99
C LEU G 230 75.23 17.42 -74.55
N VAL G 231 74.00 17.34 -75.09
CA VAL G 231 73.57 17.72 -76.47
C VAL G 231 72.03 17.75 -76.55
N THR G 232 71.48 17.93 -77.76
CA THR G 232 70.03 17.90 -78.01
C THR G 232 69.63 16.87 -79.04
N ASP G 233 70.50 16.65 -80.02
CA ASP G 233 70.23 15.72 -81.12
C ASP G 233 70.49 14.28 -80.66
N ASP G 234 69.42 13.51 -80.55
CA ASP G 234 69.51 12.15 -80.01
C ASP G 234 70.37 11.25 -80.87
N ALA G 235 69.82 10.11 -81.26
CA ALA G 235 70.43 9.18 -82.19
C ALA G 235 71.85 9.59 -82.62
N SER G 236 72.72 9.84 -81.64
CA SER G 236 74.13 10.14 -81.92
C SER G 236 74.89 10.33 -80.62
N SER G 237 74.22 10.90 -79.62
CA SER G 237 74.87 11.07 -78.32
C SER G 237 74.76 9.80 -77.49
N VAL G 238 73.82 8.96 -77.86
CA VAL G 238 73.70 7.65 -77.23
C VAL G 238 74.84 6.75 -77.67
N GLU G 239 75.42 7.04 -78.83
CA GLU G 239 76.46 6.19 -79.37
C GLU G 239 77.60 6.08 -78.38
N GLY G 240 78.10 4.86 -78.18
CA GLY G 240 79.24 4.61 -77.32
C GLY G 240 78.95 4.78 -75.84
N ALA G 241 77.67 4.88 -75.50
CA ALA G 241 77.27 4.98 -74.11
C ALA G 241 77.49 3.64 -73.43
N ASP G 242 77.96 3.68 -72.19
CA ASP G 242 78.18 2.50 -71.40
C ASP G 242 76.97 2.27 -70.52
N PHE G 243 76.30 3.36 -70.19
CA PHE G 243 75.11 3.35 -69.36
C PHE G 243 74.05 4.27 -69.94
N LEU G 244 72.85 3.74 -70.14
CA LEU G 244 71.71 4.54 -70.61
C LEU G 244 70.66 4.63 -69.50
N TYR G 245 70.33 5.87 -69.12
CA TYR G 245 69.55 6.13 -67.91
C TYR G 245 68.36 7.01 -68.26
N THR G 246 67.18 6.65 -67.75
CA THR G 246 66.00 7.47 -67.94
C THR G 246 65.12 7.52 -66.69
N ASP G 247 64.24 8.52 -66.65
CA ASP G 247 63.25 8.69 -65.58
C ASP G 247 61.93 8.90 -66.31
N VAL G 248 60.90 9.33 -65.59
CA VAL G 248 59.58 9.48 -66.20
C VAL G 248 59.33 10.88 -66.78
N TRP G 249 58.28 10.98 -67.60
CA TRP G 249 58.03 12.21 -68.34
C TRP G 249 57.05 13.19 -67.67
N TYR G 250 56.31 12.73 -66.68
CA TYR G 250 55.48 13.63 -65.88
C TYR G 250 56.30 14.87 -65.50
N GLY G 251 55.61 15.98 -65.23
CA GLY G 251 56.28 17.22 -64.90
C GLY G 251 56.74 17.29 -63.45
N LEU G 252 56.58 18.48 -62.87
CA LEU G 252 57.06 18.76 -61.53
C LEU G 252 55.95 18.71 -60.46
N TYR G 253 55.47 17.50 -60.15
CA TYR G 253 54.39 17.27 -59.17
C TYR G 253 53.57 18.52 -58.83
N GLU G 254 53.15 19.24 -59.86
CA GLU G 254 52.38 20.46 -59.71
C GLU G 254 51.91 20.91 -61.09
N ALA G 255 52.76 20.68 -62.09
CA ALA G 255 52.40 20.92 -63.49
C ALA G 255 52.75 19.75 -64.40
N GLU G 256 51.91 19.50 -65.40
CA GLU G 256 52.31 18.70 -66.58
C GLU G 256 51.76 17.30 -66.62
N LEU G 257 50.94 16.98 -65.63
CA LEU G 257 50.16 15.76 -65.67
C LEU G 257 49.43 15.60 -67.02
N SER G 258 49.70 16.48 -67.99
CA SER G 258 49.10 16.31 -69.32
C SER G 258 49.41 14.89 -69.76
N GLU G 259 48.39 14.14 -70.12
CA GLU G 259 48.58 12.75 -70.52
C GLU G 259 49.17 12.65 -71.92
N GLU G 260 48.37 13.00 -72.93
CA GLU G 260 48.84 12.92 -74.31
C GLU G 260 49.71 14.12 -74.67
N GLU G 261 49.95 15.00 -73.70
CA GLU G 261 50.83 16.14 -73.91
C GLU G 261 52.28 15.77 -73.62
N ARG G 262 52.47 14.89 -72.64
CA ARG G 262 53.78 14.26 -72.43
C ARG G 262 54.20 13.54 -73.71
N MET G 263 53.30 12.70 -74.21
CA MET G 263 53.56 11.96 -75.45
C MET G 263 53.91 12.88 -76.62
N LYS G 264 53.24 14.03 -76.68
CA LYS G 264 53.48 15.00 -77.75
C LYS G 264 54.96 15.38 -77.86
N VAL G 265 55.56 15.72 -76.73
CA VAL G 265 56.94 16.20 -76.70
C VAL G 265 58.03 15.12 -76.77
N PHE G 266 57.80 13.99 -76.09
CA PHE G 266 58.83 12.96 -75.95
C PHE G 266 58.72 11.73 -76.85
N TYR G 267 57.50 11.34 -77.26
CA TYR G 267 57.34 10.08 -78.01
C TYR G 267 57.84 10.07 -79.47
N PRO G 268 58.32 11.20 -79.97
CA PRO G 268 59.19 10.89 -81.10
C PRO G 268 60.32 9.94 -80.64
N LYS G 269 61.52 10.51 -80.48
CA LYS G 269 62.68 9.80 -79.95
C LYS G 269 62.52 9.58 -78.46
N TYR G 270 63.51 10.05 -77.70
CA TYR G 270 63.45 10.11 -76.23
C TYR G 270 62.88 8.90 -75.47
N GLN G 271 62.31 7.93 -76.21
CA GLN G 271 61.88 6.64 -75.63
C GLN G 271 62.96 5.60 -75.81
N VAL G 272 63.30 4.91 -74.73
CA VAL G 272 64.36 3.92 -74.77
C VAL G 272 63.82 2.56 -75.18
N ASN G 273 64.08 2.20 -76.43
CA ASN G 273 63.60 0.95 -76.99
C ASN G 273 64.82 0.16 -77.39
N GLN G 274 64.64 -1.06 -77.89
CA GLN G 274 65.79 -1.86 -78.29
C GLN G 274 66.63 -1.15 -79.34
N GLU G 275 65.98 -0.56 -80.34
CA GLU G 275 66.69 0.16 -81.38
C GLU G 275 67.62 1.20 -80.75
N MET G 276 67.04 2.03 -79.87
CA MET G 276 67.80 3.04 -79.14
C MET G 276 68.95 2.39 -78.37
N MET G 277 68.69 1.21 -77.81
CA MET G 277 69.65 0.49 -77.00
C MET G 277 70.82 0.05 -77.86
N ASP G 278 70.49 -0.58 -78.99
CA ASP G 278 71.47 -1.08 -79.94
C ASP G 278 72.32 0.07 -80.45
N ARG G 279 71.67 1.20 -80.73
CA ARG G 279 72.35 2.39 -81.22
C ARG G 279 73.44 2.86 -80.28
N ALA G 280 73.21 2.64 -78.99
CA ALA G 280 74.14 3.05 -77.95
C ALA G 280 75.39 2.17 -77.93
N GLY G 281 75.17 0.86 -77.89
CA GLY G 281 76.29 -0.06 -77.75
C GLY G 281 75.82 -1.48 -77.58
N ALA G 282 76.69 -2.41 -77.91
CA ALA G 282 76.35 -3.82 -77.83
C ALA G 282 75.96 -4.16 -76.40
N ASN G 283 76.77 -3.75 -75.44
CA ASN G 283 76.50 -4.10 -74.05
C ASN G 283 76.33 -2.88 -73.18
N CYS G 284 75.59 -1.92 -73.70
CA CYS G 284 75.24 -0.77 -72.90
C CYS G 284 74.19 -1.24 -71.91
N LYS G 285 74.47 -1.06 -70.62
CA LYS G 285 73.51 -1.43 -69.56
C LYS G 285 72.44 -0.35 -69.36
N PHE G 286 71.21 -0.76 -69.05
CA PHE G 286 70.10 0.18 -68.89
C PHE G 286 69.78 0.46 -67.42
N MET G 287 69.55 1.74 -67.11
CA MET G 287 69.24 2.16 -65.75
C MET G 287 67.98 3.03 -65.67
N HIS G 288 67.23 2.85 -64.59
CA HIS G 288 66.01 3.59 -64.34
C HIS G 288 65.79 3.65 -62.84
N CYS G 289 65.59 4.85 -62.30
CA CYS G 289 65.44 5.01 -60.85
C CYS G 289 64.11 4.47 -60.35
N LEU G 290 63.23 4.15 -61.30
CA LEU G 290 61.89 3.64 -60.99
C LEU G 290 61.11 4.66 -60.19
N PRO G 291 59.77 4.62 -60.30
CA PRO G 291 58.99 3.59 -60.98
C PRO G 291 58.94 3.85 -62.46
N ALA G 292 58.74 2.82 -63.26
CA ALA G 292 58.71 3.01 -64.70
C ALA G 292 57.31 2.85 -65.30
N THR G 293 56.90 3.85 -66.07
CA THR G 293 55.72 3.71 -66.92
C THR G 293 56.13 3.04 -68.22
N ARG G 294 56.02 1.71 -68.25
CA ARG G 294 56.41 0.91 -69.41
C ARG G 294 55.59 1.32 -70.63
N GLY G 295 56.25 1.36 -71.79
CA GLY G 295 55.59 1.83 -73.00
C GLY G 295 55.85 3.30 -73.30
N GLU G 296 56.05 4.10 -72.26
CA GLU G 296 56.42 5.51 -72.42
C GLU G 296 57.93 5.75 -72.54
N GLU G 297 58.63 5.96 -71.42
CA GLU G 297 60.06 6.29 -71.47
C GLU G 297 60.96 5.10 -71.79
N VAL G 298 60.37 3.91 -71.79
CA VAL G 298 61.12 2.68 -72.08
C VAL G 298 60.16 1.55 -72.43
N THR G 299 60.53 0.77 -73.45
CA THR G 299 59.75 -0.41 -73.84
C THR G 299 60.08 -1.58 -72.93
N ASP G 300 59.16 -2.53 -72.86
CA ASP G 300 59.33 -3.67 -71.96
C ASP G 300 60.54 -4.54 -72.33
N GLU G 301 60.77 -4.74 -73.62
CA GLU G 301 61.88 -5.57 -74.10
C GLU G 301 63.24 -5.06 -73.61
N VAL G 302 63.31 -3.77 -73.29
CA VAL G 302 64.55 -3.18 -72.78
C VAL G 302 64.68 -3.38 -71.28
N ILE G 303 63.71 -2.86 -70.53
CA ILE G 303 63.74 -2.90 -69.07
C ILE G 303 63.80 -4.33 -68.54
N ASP G 304 63.14 -5.25 -69.23
CA ASP G 304 63.16 -6.65 -68.81
C ASP G 304 64.26 -7.40 -69.56
N GLY G 305 65.08 -6.66 -70.29
CA GLY G 305 66.16 -7.24 -71.09
C GLY G 305 67.41 -7.70 -70.34
N LYS G 306 68.27 -8.42 -71.06
CA LYS G 306 69.51 -8.96 -70.51
C LYS G 306 70.45 -7.85 -70.03
N ASN G 307 70.29 -6.66 -70.60
CA ASN G 307 71.19 -5.56 -70.28
C ASN G 307 70.62 -4.58 -69.26
N SER G 308 69.48 -4.93 -68.69
CA SER G 308 68.86 -4.06 -67.70
C SER G 308 69.44 -4.35 -66.32
N ILE G 309 69.85 -3.29 -65.62
CA ILE G 309 70.33 -3.44 -64.25
C ILE G 309 69.48 -2.61 -63.31
N CYS G 310 68.32 -2.17 -63.79
CA CYS G 310 67.52 -1.21 -63.05
C CYS G 310 67.08 -1.77 -61.70
N PHE G 311 67.06 -3.09 -61.59
CA PHE G 311 66.66 -3.74 -60.35
C PHE G 311 67.79 -3.94 -59.36
N ASP G 312 69.00 -4.17 -59.87
CA ASP G 312 70.18 -4.14 -59.01
C ASP G 312 70.30 -2.73 -58.46
N GLU G 313 70.19 -1.76 -59.35
CA GLU G 313 70.20 -0.36 -58.99
C GLU G 313 69.23 -0.08 -57.85
N ALA G 314 68.01 -0.62 -57.99
CA ALA G 314 66.98 -0.50 -56.97
C ALA G 314 67.42 -1.05 -55.62
N GLU G 315 67.93 -2.27 -55.61
CA GLU G 315 68.50 -2.85 -54.39
C GLU G 315 69.57 -1.94 -53.82
N ASN G 316 70.38 -1.36 -54.70
CA ASN G 316 71.44 -0.48 -54.27
C ASN G 316 70.99 0.82 -53.61
N ARG G 317 69.72 1.16 -53.78
CA ARG G 317 69.15 2.30 -53.09
C ARG G 317 69.34 2.10 -51.60
N LEU G 318 69.13 0.86 -51.18
CA LEU G 318 69.38 0.42 -49.81
C LEU G 318 70.88 0.27 -49.54
N THR G 319 71.56 -0.48 -50.40
CA THR G 319 73.01 -0.66 -50.30
C THR G 319 73.74 0.59 -49.87
N SER G 320 73.32 1.71 -50.44
CA SER G 320 73.96 2.99 -50.24
C SER G 320 73.47 3.75 -49.00
N ILE G 321 72.17 3.68 -48.70
CA ILE G 321 71.68 4.37 -47.49
C ILE G 321 72.18 3.61 -46.27
N ARG G 322 72.38 2.30 -46.45
CA ARG G 322 72.97 1.45 -45.43
C ARG G 322 74.33 2.07 -45.02
N GLY G 323 75.19 2.34 -46.00
CA GLY G 323 76.52 2.83 -45.70
C GLY G 323 76.52 4.30 -45.34
N LEU G 324 75.60 5.04 -45.91
CA LEU G 324 75.54 6.47 -45.70
C LEU G 324 75.23 6.78 -44.25
N LEU G 325 74.32 6.00 -43.68
CA LEU G 325 73.92 6.11 -42.27
C LEU G 325 75.11 5.81 -41.34
N VAL G 326 75.80 4.73 -41.64
CA VAL G 326 77.00 4.35 -40.91
C VAL G 326 78.03 5.50 -40.91
N TYR G 327 78.41 5.98 -42.10
CA TYR G 327 79.35 7.09 -42.18
C TYR G 327 78.95 8.26 -41.25
N LEU G 328 77.75 8.79 -41.45
CA LEU G 328 77.34 10.00 -40.75
C LEU G 328 77.41 9.83 -39.25
N MET G 329 77.05 8.64 -38.80
CA MET G 329 76.98 8.31 -37.37
C MET G 329 78.35 8.15 -36.80
N ASN G 330 79.17 7.34 -37.46
CA ASN G 330 80.56 7.15 -37.04
C ASN G 330 81.25 8.51 -36.95
N ASP G 331 81.05 9.32 -37.99
CA ASP G 331 81.59 10.66 -38.02
C ASP G 331 81.08 11.46 -36.86
N TYR G 332 79.78 11.35 -36.59
CA TYR G 332 79.20 12.08 -35.48
C TYR G 332 79.81 11.66 -34.15
N GLU G 333 80.24 10.40 -34.04
CA GLU G 333 80.75 9.90 -32.76
C GLU G 333 82.16 10.36 -32.45
N ALA G 334 83.05 10.25 -33.42
CA ALA G 334 84.24 11.09 -33.40
C ALA G 334 83.58 12.44 -33.34
N LYS G 335 84.23 13.40 -32.71
CA LYS G 335 83.66 14.75 -32.66
C LYS G 335 82.80 14.88 -31.41
N ASN G 336 82.17 13.78 -31.04
CA ASN G 336 81.20 13.75 -29.94
C ASN G 336 81.31 12.44 -29.18
N PRO G 337 82.53 12.10 -28.77
CA PRO G 337 82.90 10.78 -28.26
C PRO G 337 82.54 10.63 -26.79
N TYR G 338 82.18 9.41 -26.39
CA TYR G 338 81.72 9.17 -25.02
C TYR G 338 82.87 9.10 -24.01
N ASP G 339 82.67 9.69 -22.84
CA ASP G 339 83.63 9.52 -21.76
C ASP G 339 83.50 8.12 -21.20
N LEU G 340 84.44 7.25 -21.53
CA LEU G 340 84.29 5.86 -21.15
C LEU G 340 84.20 5.69 -19.65
N ILE G 341 84.83 6.60 -18.92
CA ILE G 341 84.76 6.63 -17.47
C ILE G 341 83.36 7.02 -16.99
N LYS G 342 82.94 8.22 -17.37
CA LYS G 342 81.61 8.70 -17.05
C LYS G 342 80.60 7.62 -17.40
N GLN G 343 80.84 6.97 -18.53
CA GLN G 343 79.97 5.92 -19.03
C GLN G 343 79.94 4.75 -18.06
N ALA G 344 81.12 4.27 -17.69
CA ALA G 344 81.23 3.18 -16.75
C ALA G 344 80.52 3.48 -15.40
N GLU G 345 80.69 4.69 -14.88
CA GLU G 345 80.08 5.04 -13.59
C GLU G 345 78.58 5.10 -13.75
N ALA G 346 78.15 5.77 -14.81
CA ALA G 346 76.73 5.92 -15.11
C ALA G 346 76.05 4.56 -15.08
N LYS G 347 76.78 3.57 -15.59
CA LYS G 347 76.25 2.22 -15.70
C LYS G 347 76.20 1.57 -14.33
N LYS G 348 77.28 1.71 -13.56
CA LYS G 348 77.29 1.14 -12.21
C LYS G 348 76.20 1.80 -11.37
N GLU G 349 76.15 3.12 -11.43
CA GLU G 349 75.17 3.87 -10.68
C GLU G 349 73.78 3.30 -10.96
N LEU G 350 73.49 3.05 -12.23
CA LEU G 350 72.17 2.55 -12.62
C LEU G 350 71.93 1.16 -12.05
N GLU G 351 72.94 0.29 -12.18
CA GLU G 351 72.86 -1.08 -11.66
C GLU G 351 72.50 -1.07 -10.19
N VAL G 352 73.26 -0.29 -9.43
CA VAL G 352 73.06 -0.22 -7.99
C VAL G 352 71.66 0.23 -7.68
N PHE G 353 71.22 1.29 -8.34
CA PHE G 353 69.88 1.82 -8.13
C PHE G 353 68.84 0.73 -8.36
N LEU G 354 68.95 0.06 -9.51
CA LEU G 354 68.01 -1.00 -9.85
C LEU G 354 68.07 -2.19 -8.88
N ASP G 355 69.28 -2.52 -8.42
CA ASP G 355 69.48 -3.65 -7.51
C ASP G 355 68.96 -3.40 -6.10
N THR G 356 68.78 -2.13 -5.72
CA THR G 356 68.61 -1.77 -4.31
C THR G 356 67.37 -0.95 -3.99
N GLN G 357 66.85 -0.21 -4.98
CA GLN G 357 65.74 0.71 -4.75
C GLN G 357 64.46 0.18 -5.38
N SER G 358 63.33 0.46 -4.73
CA SER G 358 62.03 0.10 -5.30
C SER G 358 60.90 0.97 -4.74
N ILE G 359 59.70 0.81 -5.31
CA ILE G 359 58.49 1.41 -4.73
C ILE G 359 57.28 0.47 -4.73
N SER H 19 44.43 -2.37 -9.71
CA SER H 19 44.73 -3.80 -9.79
C SER H 19 45.83 -4.26 -8.84
N HIS H 20 45.83 -5.55 -8.56
CA HIS H 20 46.75 -6.17 -7.63
C HIS H 20 47.83 -6.91 -8.39
N MET H 21 47.68 -6.99 -9.71
CA MET H 21 48.70 -7.63 -10.55
C MET H 21 49.04 -6.87 -11.81
N LYS H 22 49.45 -5.62 -11.62
CA LYS H 22 49.83 -4.70 -12.68
C LYS H 22 49.57 -3.32 -12.13
N ARG H 23 50.13 -2.31 -12.78
CA ARG H 23 49.83 -0.92 -12.39
C ARG H 23 49.76 0.00 -13.62
N ASP H 24 48.87 0.98 -13.59
CA ASP H 24 48.75 1.92 -14.72
C ASP H 24 49.36 3.25 -14.36
N TYR H 25 49.35 4.17 -15.32
CA TYR H 25 49.80 5.54 -15.10
C TYR H 25 48.82 6.50 -15.79
N VAL H 26 47.68 6.73 -15.15
CA VAL H 26 46.62 7.57 -15.73
C VAL H 26 46.64 8.98 -15.18
N THR H 27 46.82 9.12 -13.86
CA THR H 27 47.16 10.40 -13.27
C THR H 27 48.02 10.22 -12.04
N THR H 28 48.78 11.28 -11.70
CA THR H 28 49.70 11.23 -10.57
C THR H 28 48.97 11.31 -9.24
N GLU H 29 47.65 11.29 -9.32
CA GLU H 29 46.83 11.36 -8.12
C GLU H 29 46.93 10.02 -7.40
N THR H 30 47.30 8.98 -8.15
CA THR H 30 47.43 7.63 -7.60
C THR H 30 48.86 7.35 -7.09
N TYR H 31 49.78 8.30 -7.28
CA TYR H 31 51.16 8.13 -6.82
C TYR H 31 51.52 9.04 -5.66
N THR H 32 52.29 8.51 -4.72
CA THR H 32 52.71 9.28 -3.55
C THR H 32 53.94 10.11 -3.91
N LYS H 33 54.25 11.10 -3.07
CA LYS H 33 55.45 11.90 -3.28
C LYS H 33 56.69 11.02 -3.44
N GLU H 34 56.81 10.04 -2.55
CA GLU H 34 57.96 9.14 -2.57
C GLU H 34 58.03 8.34 -3.86
N GLU H 35 56.89 7.81 -4.31
CA GLU H 35 56.84 7.09 -5.57
C GLU H 35 57.28 7.96 -6.74
N MET H 36 56.86 9.23 -6.74
CA MET H 36 57.29 10.14 -7.81
C MET H 36 58.79 10.35 -7.70
N HIS H 37 59.29 10.49 -6.48
CA HIS H 37 60.72 10.65 -6.32
C HIS H 37 61.46 9.47 -6.95
N TYR H 38 61.05 8.26 -6.60
CA TYR H 38 61.56 7.04 -7.23
C TYR H 38 61.65 7.19 -8.75
N LEU H 39 60.51 7.47 -9.36
CA LEU H 39 60.45 7.65 -10.80
C LEU H 39 61.48 8.67 -11.33
N VAL H 40 61.54 9.85 -10.72
CA VAL H 40 62.53 10.83 -11.12
C VAL H 40 63.94 10.27 -11.06
N ASP H 41 64.30 9.64 -9.94
CA ASP H 41 65.63 9.02 -9.80
C ASP H 41 65.90 7.95 -10.86
N LEU H 42 64.96 7.02 -11.02
CA LEU H 42 65.08 6.02 -12.05
C LEU H 42 65.27 6.66 -13.42
N SER H 43 64.35 7.54 -13.79
CA SER H 43 64.42 8.23 -15.07
C SER H 43 65.78 8.90 -15.34
N LEU H 44 66.28 9.59 -14.33
CA LEU H 44 67.53 10.31 -14.42
C LEU H 44 68.75 9.39 -14.45
N LYS H 45 68.72 8.30 -13.69
CA LYS H 45 69.87 7.36 -13.67
C LYS H 45 70.05 6.75 -15.06
N ILE H 46 68.90 6.43 -15.67
CA ILE H 46 68.85 5.93 -17.03
C ILE H 46 69.32 6.99 -17.99
N LYS H 47 68.85 8.22 -17.81
CA LYS H 47 69.28 9.32 -18.67
C LYS H 47 70.81 9.40 -18.68
N GLU H 48 71.43 9.35 -17.50
CA GLU H 48 72.88 9.52 -17.41
C GLU H 48 73.64 8.40 -18.11
N ALA H 49 73.06 7.20 -18.07
CA ALA H 49 73.66 6.04 -18.75
C ALA H 49 73.64 6.29 -20.24
N ILE H 50 72.46 6.56 -20.76
CA ILE H 50 72.31 6.72 -22.19
C ILE H 50 73.09 7.91 -22.67
N LYS H 51 73.09 8.98 -21.87
CA LYS H 51 73.83 10.20 -22.21
C LYS H 51 75.27 9.84 -22.46
N ASN H 52 75.72 8.76 -21.85
CA ASN H 52 77.13 8.43 -21.91
C ASN H 52 77.43 7.14 -22.65
N GLY H 53 76.47 6.67 -23.43
CA GLY H 53 76.75 5.62 -24.40
C GLY H 53 76.35 4.23 -23.96
N TYR H 54 75.83 4.11 -22.75
CA TYR H 54 75.35 2.82 -22.29
C TYR H 54 73.84 2.78 -22.51
N TYR H 55 73.38 1.84 -23.32
CA TYR H 55 71.95 1.69 -23.52
C TYR H 55 71.38 0.50 -22.76
N PRO H 56 70.85 0.74 -21.54
CA PRO H 56 70.26 -0.27 -20.65
C PRO H 56 69.13 -1.03 -21.34
N GLN H 57 69.34 -2.30 -21.66
CA GLN H 57 68.33 -3.07 -22.35
C GLN H 57 67.32 -3.66 -21.36
N LEU H 58 66.59 -2.78 -20.70
CA LEU H 58 65.65 -3.22 -19.67
C LEU H 58 64.34 -3.76 -20.24
N LEU H 59 64.08 -3.45 -21.51
CA LEU H 59 62.84 -3.87 -22.15
C LEU H 59 63.04 -4.75 -23.40
N LYS H 60 64.06 -5.60 -23.38
CA LYS H 60 64.34 -6.46 -24.53
C LYS H 60 63.09 -7.20 -25.02
N ASN H 61 62.78 -7.03 -26.30
CA ASN H 61 61.75 -7.81 -26.98
C ASN H 61 60.32 -7.43 -26.61
N LYS H 62 60.19 -6.46 -25.71
CA LYS H 62 58.88 -6.04 -25.21
C LYS H 62 58.22 -5.14 -26.25
N SER H 63 56.92 -5.36 -26.48
CA SER H 63 56.14 -4.59 -27.45
C SER H 63 55.16 -3.61 -26.78
N LEU H 64 55.30 -2.34 -27.13
CA LEU H 64 54.42 -1.29 -26.64
C LEU H 64 53.44 -0.86 -27.73
N GLY H 65 52.16 -0.89 -27.42
CA GLY H 65 51.15 -0.42 -28.36
C GLY H 65 50.81 1.03 -28.10
N MET H 66 50.96 1.86 -29.13
CA MET H 66 50.65 3.29 -29.00
C MET H 66 49.36 3.61 -29.75
N ILE H 67 48.38 4.13 -29.02
CA ILE H 67 47.10 4.50 -29.59
C ILE H 67 46.95 6.00 -29.60
N PHE H 68 46.91 6.60 -30.79
CA PHE H 68 46.68 8.04 -30.89
C PHE H 68 45.31 8.30 -31.49
N GLN H 69 44.57 9.25 -30.92
CA GLN H 69 43.29 9.65 -31.51
C GLN H 69 43.47 11.03 -32.06
N GLN H 70 44.56 11.66 -31.66
CA GLN H 70 44.97 12.95 -32.20
C GLN H 70 46.47 12.87 -32.38
N SER H 71 46.93 12.88 -33.63
CA SER H 71 48.35 12.71 -33.90
C SER H 71 49.22 13.64 -33.04
N SER H 72 50.35 13.11 -32.58
CA SER H 72 51.27 13.91 -31.77
C SER H 72 52.70 13.42 -31.95
N THR H 73 53.38 14.02 -32.93
CA THR H 73 54.76 13.66 -33.22
C THR H 73 55.71 13.67 -32.01
N ARG H 74 55.80 14.78 -31.29
CA ARG H 74 56.64 14.83 -30.08
C ARG H 74 56.39 13.63 -29.16
N THR H 75 55.12 13.35 -28.88
CA THR H 75 54.74 12.23 -28.04
C THR H 75 55.04 10.88 -28.70
N ARG H 76 54.71 10.75 -29.99
CA ARG H 76 55.00 9.51 -30.73
C ARG H 76 56.48 9.15 -30.78
N VAL H 77 57.33 10.03 -31.33
CA VAL H 77 58.73 9.67 -31.45
C VAL H 77 59.40 9.54 -30.09
N SER H 78 58.87 10.24 -29.09
CA SER H 78 59.40 10.07 -27.74
C SER H 78 59.29 8.63 -27.32
N PHE H 79 58.09 8.05 -27.42
CA PHE H 79 57.84 6.64 -27.07
C PHE H 79 58.58 5.66 -27.98
N GLU H 80 58.38 5.84 -29.29
CA GLU H 80 58.98 5.00 -30.30
C GLU H 80 60.49 4.85 -30.05
N THR H 81 61.13 5.96 -29.71
CA THR H 81 62.55 6.01 -29.39
C THR H 81 62.85 5.35 -28.04
N ALA H 82 62.16 5.76 -26.99
CA ALA H 82 62.40 5.24 -25.66
C ALA H 82 62.46 3.73 -25.71
N MET H 83 61.51 3.15 -26.46
CA MET H 83 61.46 1.70 -26.63
C MET H 83 62.72 1.16 -27.29
N GLU H 84 63.08 1.68 -28.47
CA GLU H 84 64.30 1.24 -29.14
C GLU H 84 65.56 1.25 -28.25
N GLN H 85 65.78 2.33 -27.51
CA GLN H 85 66.95 2.45 -26.67
C GLN H 85 67.00 1.34 -25.62
N LEU H 86 65.83 0.92 -25.16
CA LEU H 86 65.75 -0.07 -24.09
C LEU H 86 65.61 -1.50 -24.61
N GLY H 87 65.73 -1.65 -25.93
CA GLY H 87 65.67 -2.95 -26.57
C GLY H 87 64.29 -3.43 -26.95
N GLY H 88 63.36 -2.50 -27.07
CA GLY H 88 62.00 -2.85 -27.41
C GLY H 88 61.55 -2.23 -28.71
N HIS H 89 60.23 -2.20 -28.89
CA HIS H 89 59.61 -1.67 -30.08
C HIS H 89 58.34 -0.89 -29.75
N GLY H 90 58.11 0.21 -30.44
CA GLY H 90 56.85 0.92 -30.32
C GLY H 90 55.96 0.79 -31.54
N GLU H 91 54.76 0.26 -31.33
CA GLU H 91 53.81 0.04 -32.42
C GLU H 91 52.78 1.16 -32.51
N TYR H 92 52.72 1.81 -33.68
CA TYR H 92 51.86 2.98 -33.88
C TYR H 92 50.52 2.61 -34.50
N LEU H 93 49.46 2.75 -33.72
CA LEU H 93 48.10 2.59 -34.24
C LEU H 93 47.53 3.99 -34.52
N ALA H 94 47.76 4.47 -35.74
CA ALA H 94 47.35 5.81 -36.15
C ALA H 94 45.90 6.12 -35.74
N PRO H 95 45.56 7.42 -35.61
CA PRO H 95 44.24 7.89 -35.20
C PRO H 95 43.07 7.06 -35.74
N GLY H 96 43.08 6.79 -37.05
CA GLY H 96 42.06 5.96 -37.67
C GLY H 96 42.36 4.47 -37.57
N GLN H 97 43.63 4.12 -37.64
CA GLN H 97 44.03 2.73 -37.58
C GLN H 97 43.24 2.04 -36.47
N ILE H 98 43.24 2.63 -35.27
CA ILE H 98 42.50 2.05 -34.14
C ILE H 98 41.02 2.39 -34.21
N GLN H 99 40.36 2.37 -33.05
CA GLN H 99 39.01 2.92 -32.90
C GLN H 99 38.44 2.55 -31.53
N LEU H 100 39.06 3.06 -30.48
CA LEU H 100 38.76 2.60 -29.12
C LEU H 100 37.26 2.48 -28.81
N GLY H 101 36.53 3.59 -28.91
CA GLY H 101 35.10 3.57 -28.63
C GLY H 101 34.20 3.67 -29.85
N GLY H 102 34.38 2.78 -30.83
CA GLY H 102 33.59 2.86 -32.05
C GLY H 102 33.14 1.54 -32.68
N HIS H 103 32.12 0.93 -32.08
CA HIS H 103 31.51 -0.32 -32.56
C HIS H 103 31.99 -1.58 -31.79
N GLU H 104 33.30 -1.81 -31.72
CA GLU H 104 33.86 -2.83 -30.84
C GLU H 104 34.10 -2.23 -29.45
N THR H 105 33.38 -2.71 -28.45
CA THR H 105 33.45 -2.12 -27.10
C THR H 105 34.87 -2.08 -26.57
N ILE H 106 35.18 -1.04 -25.82
CA ILE H 106 36.47 -0.94 -25.18
C ILE H 106 36.79 -2.25 -24.42
N GLU H 107 35.77 -2.87 -23.83
CA GLU H 107 35.95 -4.14 -23.13
C GLU H 107 36.64 -5.16 -24.04
N ASP H 108 36.14 -5.26 -25.27
CA ASP H 108 36.73 -6.14 -26.27
C ASP H 108 38.12 -5.67 -26.67
N THR H 109 38.22 -4.45 -27.20
CA THR H 109 39.51 -3.91 -27.60
C THR H 109 40.58 -4.10 -26.52
N SER H 110 40.23 -3.77 -25.28
CA SER H 110 41.14 -3.92 -24.15
C SER H 110 41.60 -5.36 -23.99
N ARG H 111 40.64 -6.27 -24.03
CA ARG H 111 40.93 -7.67 -23.76
C ARG H 111 41.88 -8.27 -24.81
N VAL H 112 41.69 -7.90 -26.07
CA VAL H 112 42.51 -8.50 -27.12
C VAL H 112 43.86 -7.80 -27.29
N LEU H 113 43.88 -6.50 -27.04
CA LEU H 113 45.14 -5.78 -27.03
C LEU H 113 46.09 -6.36 -25.96
N SER H 114 45.51 -6.88 -24.89
CA SER H 114 46.30 -7.38 -23.78
C SER H 114 47.03 -8.68 -24.16
N ARG H 115 46.54 -9.32 -25.22
CA ARG H 115 47.15 -10.55 -25.70
C ARG H 115 48.17 -10.28 -26.80
N LEU H 116 48.28 -9.03 -27.25
CA LEU H 116 49.12 -8.71 -28.41
C LEU H 116 50.28 -7.78 -28.15
N VAL H 117 50.21 -7.04 -27.05
CA VAL H 117 51.36 -6.24 -26.65
C VAL H 117 51.60 -6.33 -25.16
N ASP H 118 52.75 -5.79 -24.73
CA ASP H 118 53.22 -5.98 -23.37
C ASP H 118 52.75 -4.83 -22.47
N ILE H 119 52.48 -3.70 -23.10
CA ILE H 119 52.12 -2.48 -22.39
C ILE H 119 51.42 -1.49 -23.36
N LEU H 120 50.66 -0.57 -22.80
CA LEU H 120 49.82 0.31 -23.63
C LEU H 120 49.93 1.77 -23.26
N MET H 121 49.94 2.61 -24.30
CA MET H 121 49.88 4.03 -24.12
C MET H 121 48.77 4.57 -25.04
N ALA H 122 48.09 5.63 -24.60
CA ALA H 122 47.01 6.17 -25.42
C ALA H 122 46.83 7.68 -25.26
N ARG H 123 46.95 8.40 -26.37
CA ARG H 123 46.61 9.83 -26.44
C ARG H 123 45.15 9.91 -26.84
N VAL H 124 44.28 9.96 -25.84
CA VAL H 124 42.86 9.88 -26.08
C VAL H 124 42.21 11.27 -26.03
N GLU H 125 41.06 11.41 -26.71
CA GLU H 125 40.38 12.67 -26.79
C GLU H 125 39.68 12.94 -25.48
N ARG H 126 38.83 12.00 -25.08
CA ARG H 126 38.08 12.13 -23.83
C ARG H 126 38.73 11.28 -22.76
N HIS H 127 39.13 11.91 -21.66
CA HIS H 127 39.77 11.18 -20.56
C HIS H 127 39.03 9.89 -20.14
N HIS H 128 37.70 9.96 -20.00
CA HIS H 128 36.92 8.80 -19.58
C HIS H 128 37.42 7.50 -20.25
N SER H 129 37.74 7.56 -21.55
CA SER H 129 38.04 6.34 -22.27
C SER H 129 39.48 5.85 -22.04
N ILE H 130 40.36 6.75 -21.63
CA ILE H 130 41.72 6.34 -21.28
C ILE H 130 41.69 5.48 -20.01
N VAL H 131 40.80 5.82 -19.07
CA VAL H 131 40.70 5.02 -17.85
C VAL H 131 39.88 3.76 -18.07
N ASP H 132 38.82 3.84 -18.87
CA ASP H 132 38.11 2.64 -19.32
C ASP H 132 39.10 1.58 -19.86
N LEU H 133 40.06 2.07 -20.62
CA LEU H 133 41.08 1.23 -21.18
C LEU H 133 41.96 0.65 -20.07
N ALA H 134 42.44 1.53 -19.18
CA ALA H 134 43.27 1.13 -18.06
C ALA H 134 42.56 0.10 -17.17
N ASN H 135 41.24 0.21 -17.09
CA ASN H 135 40.46 -0.68 -16.21
C ASN H 135 40.23 -2.05 -16.83
N CYS H 136 40.08 -2.08 -18.15
CA CYS H 136 39.72 -3.32 -18.82
C CYS H 136 40.91 -4.10 -19.39
N ALA H 137 42.08 -3.45 -19.45
CA ALA H 137 43.29 -4.09 -19.93
C ALA H 137 43.99 -4.80 -18.78
N THR H 138 44.67 -5.90 -19.09
CA THR H 138 45.37 -6.67 -18.07
C THR H 138 46.83 -6.22 -18.02
N ILE H 139 47.21 -5.41 -19.00
CA ILE H 139 48.58 -4.92 -19.09
C ILE H 139 48.60 -3.45 -18.70
N PRO H 140 49.77 -2.96 -18.23
CA PRO H 140 49.87 -1.56 -17.79
C PRO H 140 49.43 -0.61 -18.88
N VAL H 141 48.75 0.46 -18.49
CA VAL H 141 48.30 1.47 -19.43
C VAL H 141 48.89 2.84 -19.06
N ILE H 142 49.34 3.58 -20.06
CA ILE H 142 49.90 4.91 -19.83
C ILE H 142 49.08 5.96 -20.56
N ASN H 143 48.82 7.07 -19.87
CA ASN H 143 48.02 8.16 -20.42
C ASN H 143 48.88 9.18 -21.19
N GLY H 144 48.90 9.02 -22.51
CA GLY H 144 49.64 9.92 -23.37
C GLY H 144 49.25 11.37 -23.20
N MET H 145 47.96 11.58 -22.91
CA MET H 145 47.36 12.88 -22.61
C MET H 145 45.89 12.85 -23.01
N SER H 146 45.04 13.30 -22.09
CA SER H 146 43.61 13.35 -22.35
C SER H 146 43.17 14.80 -22.34
N ASP H 147 41.85 15.01 -22.31
CA ASP H 147 41.29 16.36 -22.18
C ASP H 147 41.43 16.86 -20.74
N TYR H 148 41.87 15.97 -19.83
CA TYR H 148 41.87 16.21 -18.39
C TYR H 148 43.25 16.53 -17.84
N ASN H 149 44.21 15.67 -18.12
CA ASN H 149 45.56 15.88 -17.65
C ASN H 149 46.60 15.35 -18.61
N HIS H 150 47.86 15.59 -18.26
CA HIS H 150 48.99 15.19 -19.07
C HIS H 150 50.09 14.69 -18.12
N PRO H 151 49.95 13.43 -17.66
CA PRO H 151 50.75 12.95 -16.52
C PRO H 151 52.18 12.61 -16.90
N THR H 152 52.35 12.18 -18.16
CA THR H 152 53.67 11.87 -18.71
C THR H 152 54.48 13.16 -18.90
N GLN H 153 53.78 14.29 -18.88
CA GLN H 153 54.44 15.60 -18.91
C GLN H 153 54.69 16.10 -17.48
N GLU H 154 53.78 15.83 -16.55
CA GLU H 154 54.03 16.19 -15.16
C GLU H 154 55.41 15.68 -14.77
N LEU H 155 55.71 14.44 -15.17
CA LEU H 155 56.98 13.80 -14.78
C LEU H 155 58.19 14.34 -15.54
N GLY H 156 58.02 14.55 -16.84
CA GLY H 156 59.06 15.15 -17.65
C GLY H 156 59.48 16.49 -17.09
N ASP H 157 58.50 17.24 -16.60
CA ASP H 157 58.77 18.58 -16.08
C ASP H 157 59.35 18.52 -14.67
N LEU H 158 58.93 17.53 -13.88
CA LEU H 158 59.51 17.34 -12.56
C LEU H 158 61.01 17.13 -12.69
N CYS H 159 61.39 16.20 -13.57
CA CYS H 159 62.81 15.91 -13.83
C CYS H 159 63.55 17.19 -14.20
N THR H 160 62.93 17.99 -15.06
CA THR H 160 63.53 19.20 -15.54
C THR H 160 63.83 20.17 -14.41
N MET H 161 62.87 20.34 -13.50
CA MET H 161 63.02 21.29 -12.39
C MET H 161 64.09 20.83 -11.41
N VAL H 162 64.11 19.53 -11.16
CA VAL H 162 65.16 18.92 -10.33
C VAL H 162 66.57 19.25 -10.85
N GLU H 163 66.77 19.03 -12.16
CA GLU H 163 68.02 19.36 -12.83
C GLU H 163 68.38 20.87 -12.80
N HIS H 164 67.47 21.71 -12.32
CA HIS H 164 67.67 23.16 -12.40
C HIS H 164 67.22 23.91 -11.15
N LEU H 165 67.73 23.58 -9.97
CA LEU H 165 67.27 24.25 -8.73
C LEU H 165 67.85 25.63 -8.37
N PRO H 166 68.95 26.03 -9.05
CA PRO H 166 69.91 27.01 -8.54
C PRO H 166 69.89 27.29 -7.04
N GLU H 167 71.04 27.04 -6.42
CA GLU H 167 71.41 27.58 -5.11
C GLU H 167 70.54 27.22 -3.91
N GLY H 168 70.89 26.12 -3.26
CA GLY H 168 70.38 25.81 -1.93
C GLY H 168 68.91 26.05 -1.71
N LYS H 169 68.15 26.15 -2.80
CA LYS H 169 66.71 25.94 -2.72
C LYS H 169 66.52 24.45 -2.95
N LYS H 170 65.63 23.83 -2.17
CA LYS H 170 65.56 22.37 -2.16
C LYS H 170 64.37 21.78 -2.91
N LEU H 171 63.65 22.63 -3.62
CA LEU H 171 62.50 22.23 -4.42
C LEU H 171 61.22 22.46 -3.64
N GLU H 172 61.10 21.78 -2.50
CA GLU H 172 59.94 21.95 -1.62
C GLU H 172 59.65 23.43 -1.34
N ASP H 173 60.63 24.29 -1.61
CA ASP H 173 60.50 25.72 -1.34
C ASP H 173 60.78 26.55 -2.59
N CYS H 174 60.61 25.93 -3.75
CA CYS H 174 60.63 26.66 -5.02
C CYS H 174 59.21 27.14 -5.37
N LYS H 175 59.13 28.24 -6.14
CA LYS H 175 57.84 28.77 -6.58
C LYS H 175 57.68 28.55 -8.08
N VAL H 176 56.60 27.86 -8.43
CA VAL H 176 56.32 27.56 -9.82
C VAL H 176 55.09 28.32 -10.22
N VAL H 177 55.20 29.14 -11.25
CA VAL H 177 54.08 29.96 -11.69
C VAL H 177 53.67 29.64 -13.12
N PHE H 178 52.38 29.37 -13.30
CA PHE H 178 51.82 29.14 -14.63
C PHE H 178 50.99 30.35 -15.14
N VAL H 179 51.39 30.89 -16.30
CA VAL H 179 50.66 32.01 -16.90
C VAL H 179 49.79 31.60 -18.09
N GLY H 180 48.54 32.02 -18.08
CA GLY H 180 47.66 31.80 -19.21
C GLY H 180 46.45 30.95 -18.92
N ASP H 181 46.06 30.20 -19.94
CA ASP H 181 44.82 29.44 -19.94
C ASP H 181 44.92 28.22 -19.00
N ALA H 182 43.80 27.80 -18.43
CA ALA H 182 43.77 26.61 -17.59
C ALA H 182 43.67 25.35 -18.44
N THR H 183 44.73 25.07 -19.20
CA THR H 183 44.81 23.86 -20.03
C THR H 183 45.14 22.65 -19.16
N GLN H 184 45.05 21.44 -19.72
CA GLN H 184 45.36 20.25 -18.92
C GLN H 184 46.82 20.24 -18.48
N VAL H 185 47.66 20.80 -19.33
CA VAL H 185 49.06 20.98 -19.02
C VAL H 185 49.14 21.79 -17.73
N CYS H 186 48.45 22.94 -17.72
CA CYS H 186 48.35 23.77 -16.53
C CYS H 186 47.97 22.95 -15.29
N PHE H 187 46.80 22.33 -15.33
CA PHE H 187 46.29 21.54 -14.22
C PHE H 187 47.30 20.50 -13.77
N SER H 188 47.87 19.78 -14.72
CA SER H 188 48.86 18.77 -14.39
C SER H 188 50.03 19.38 -13.63
N LEU H 189 50.52 20.54 -14.09
CA LEU H 189 51.63 21.20 -13.41
C LEU H 189 51.34 21.47 -11.94
N GLY H 190 50.11 21.88 -11.64
CA GLY H 190 49.73 22.14 -10.27
C GLY H 190 49.57 20.85 -9.49
N LEU H 191 49.04 19.86 -10.19
CA LEU H 191 48.83 18.55 -9.61
C LEU H 191 50.15 17.91 -9.14
N ILE H 192 51.24 18.21 -9.84
CA ILE H 192 52.53 17.58 -9.56
C ILE H 192 53.35 18.41 -8.57
N THR H 193 53.31 19.72 -8.72
CA THR H 193 54.11 20.58 -7.86
C THR H 193 53.58 20.54 -6.42
N THR H 194 52.27 20.49 -6.29
CA THR H 194 51.65 20.39 -4.97
C THR H 194 51.97 19.03 -4.38
N LYS H 195 52.00 18.00 -5.24
CA LYS H 195 52.37 16.63 -4.86
C LYS H 195 53.70 16.61 -4.12
N MET H 196 54.64 17.40 -4.62
CA MET H 196 56.01 17.45 -4.12
C MET H 196 56.22 18.51 -3.03
N GLY H 197 55.14 19.15 -2.62
CA GLY H 197 55.21 20.10 -1.52
C GLY H 197 55.77 21.44 -1.90
N MET H 198 55.64 21.79 -3.18
CA MET H 198 56.12 23.08 -3.68
C MET H 198 55.08 24.18 -3.59
N ASN H 199 55.46 25.37 -4.03
CA ASN H 199 54.54 26.49 -4.03
C ASN H 199 54.09 26.78 -5.45
N PHE H 200 52.83 26.42 -5.72
CA PHE H 200 52.24 26.58 -7.04
C PHE H 200 51.37 27.83 -7.10
N VAL H 201 51.20 28.35 -8.31
CA VAL H 201 50.28 29.46 -8.57
C VAL H 201 49.94 29.47 -10.04
N HIS H 202 48.64 29.45 -10.31
CA HIS H 202 48.16 29.72 -11.65
C HIS H 202 47.62 31.13 -11.62
N PHE H 203 48.22 32.04 -12.38
CA PHE H 203 47.58 33.33 -12.58
C PHE H 203 47.04 33.39 -13.99
N GLY H 204 45.90 34.03 -14.15
CA GLY H 204 45.20 33.96 -15.41
C GLY H 204 43.89 34.67 -15.25
N PRO H 205 43.28 35.05 -16.37
CA PRO H 205 42.10 35.90 -16.53
C PRO H 205 40.89 35.34 -15.80
N GLU H 206 40.07 36.21 -15.22
CA GLU H 206 38.92 35.77 -14.43
C GLU H 206 38.19 34.60 -15.08
N GLY H 207 38.17 34.58 -16.41
CA GLY H 207 37.43 33.58 -17.13
C GLY H 207 38.13 32.25 -17.32
N PHE H 208 39.45 32.25 -17.22
CA PHE H 208 40.23 31.07 -17.58
C PHE H 208 41.13 30.55 -16.48
N GLN H 209 40.65 30.61 -15.24
CA GLN H 209 41.40 30.09 -14.11
C GLN H 209 41.01 28.63 -13.87
N LEU H 210 41.84 27.91 -13.13
CA LEU H 210 41.49 26.55 -12.74
C LEU H 210 40.23 26.63 -11.89
N ASN H 211 39.27 25.76 -12.15
CA ASN H 211 38.00 25.79 -11.40
C ASN H 211 38.08 25.22 -9.98
N GLU H 212 37.06 25.51 -9.18
CA GLU H 212 37.02 25.08 -7.77
C GLU H 212 37.10 23.55 -7.64
N GLU H 213 36.50 22.83 -8.60
CA GLU H 213 36.56 21.38 -8.60
C GLU H 213 38.01 20.91 -8.79
N HIS H 214 38.78 21.71 -9.53
CA HIS H 214 40.20 21.42 -9.77
C HIS H 214 41.07 21.84 -8.59
N GLN H 215 40.85 23.06 -8.09
CA GLN H 215 41.57 23.55 -6.91
C GLN H 215 41.31 22.66 -5.71
N ALA H 216 40.11 22.10 -5.64
CA ALA H 216 39.75 21.09 -4.63
C ALA H 216 40.81 20.00 -4.56
N LYS H 217 41.20 19.52 -5.74
CA LYS H 217 42.24 18.51 -5.85
C LYS H 217 43.62 19.04 -5.42
N LEU H 218 43.96 20.24 -5.88
CA LEU H 218 45.21 20.89 -5.48
C LEU H 218 45.29 21.08 -3.98
N ALA H 219 44.19 21.58 -3.41
CA ALA H 219 44.08 21.76 -1.97
C ALA H 219 44.39 20.45 -1.25
N LYS H 220 43.69 19.39 -1.63
CA LYS H 220 43.89 18.06 -1.05
C LYS H 220 45.36 17.66 -1.05
N ASN H 221 46.04 17.93 -2.16
CA ASN H 221 47.47 17.67 -2.27
C ASN H 221 48.31 18.35 -1.20
N CYS H 222 48.06 19.62 -0.96
CA CYS H 222 48.87 20.39 -0.03
C CYS H 222 48.57 20.06 1.43
N GLU H 223 47.35 19.57 1.67
CA GLU H 223 46.98 19.14 3.02
C GLU H 223 47.84 17.96 3.43
N VAL H 224 48.69 17.54 2.51
CA VAL H 224 49.53 16.38 2.70
C VAL H 224 51.01 16.70 2.51
N SER H 225 51.31 17.73 1.74
CA SER H 225 52.68 18.00 1.31
C SER H 225 53.27 19.33 1.80
N GLY H 226 52.41 20.33 2.09
CA GLY H 226 52.86 21.66 2.46
C GLY H 226 53.07 22.58 1.26
N GLY H 227 52.06 22.64 0.40
CA GLY H 227 52.16 23.38 -0.84
C GLY H 227 51.46 24.72 -0.82
N SER H 228 50.75 25.06 -1.91
CA SER H 228 50.06 26.35 -2.03
C SER H 228 49.48 26.57 -3.43
N PHE H 229 48.69 27.64 -3.64
CA PHE H 229 48.25 28.01 -5.00
C PHE H 229 47.47 29.33 -5.31
N LEU H 230 47.61 29.80 -6.56
CA LEU H 230 46.66 30.70 -7.25
C LEU H 230 46.62 32.22 -6.88
N VAL H 231 46.28 33.02 -7.90
CA VAL H 231 45.71 34.39 -7.86
C VAL H 231 45.19 34.78 -9.25
N THR H 232 44.79 36.05 -9.41
CA THR H 232 44.32 36.62 -10.69
C THR H 232 45.15 37.83 -11.13
N ASP H 233 45.59 38.64 -10.16
CA ASP H 233 46.35 39.85 -10.45
C ASP H 233 47.79 39.50 -10.78
N ASP H 234 48.17 39.71 -12.03
CA ASP H 234 49.49 39.32 -12.50
C ASP H 234 50.61 40.05 -11.76
N ALA H 235 51.48 40.69 -12.55
CA ALA H 235 52.53 41.56 -12.05
C ALA H 235 52.59 41.65 -10.53
N SER H 236 52.67 40.49 -9.88
CA SER H 236 52.85 40.43 -8.43
C SER H 236 52.97 39.00 -7.97
N SER H 237 52.25 38.10 -8.63
CA SER H 237 52.34 36.67 -8.31
C SER H 237 53.54 36.03 -8.99
N VAL H 238 54.04 36.67 -10.04
CA VAL H 238 55.24 36.23 -10.71
C VAL H 238 56.46 36.51 -9.83
N GLU H 239 56.34 37.49 -8.95
CA GLU H 239 57.46 37.89 -8.11
C GLU H 239 57.97 36.69 -7.32
N GLY H 240 59.28 36.53 -7.29
CA GLY H 240 59.91 35.49 -6.50
C GLY H 240 59.71 34.10 -7.06
N ALA H 241 59.21 34.02 -8.29
CA ALA H 241 59.03 32.74 -8.94
C ALA H 241 60.39 32.18 -9.32
N ASP H 242 60.54 30.87 -9.18
CA ASP H 242 61.78 30.19 -9.54
C ASP H 242 61.64 29.59 -10.93
N PHE H 243 60.39 29.29 -11.27
CA PHE H 243 60.04 28.77 -12.58
C PHE H 243 58.78 29.45 -13.13
N LEU H 244 58.88 29.96 -14.36
CA LEU H 244 57.75 30.56 -15.03
C LEU H 244 57.37 29.69 -16.22
N TYR H 245 56.12 29.25 -16.24
CA TYR H 245 55.68 28.21 -17.17
C TYR H 245 54.43 28.67 -17.90
N THR H 246 54.38 28.45 -19.22
CA THR H 246 53.21 28.81 -20.00
C THR H 246 52.92 27.80 -21.10
N ASP H 247 51.69 27.83 -21.60
CA ASP H 247 51.25 26.99 -22.70
C ASP H 247 50.59 27.95 -23.71
N VAL H 248 49.86 27.42 -24.68
CA VAL H 248 49.27 28.26 -25.70
C VAL H 248 47.84 28.70 -25.36
N TRP H 249 47.36 29.70 -26.10
CA TRP H 249 46.09 30.35 -25.78
C TRP H 249 44.87 29.80 -26.52
N TYR H 250 45.10 29.02 -27.57
CA TYR H 250 43.99 28.34 -28.25
C TYR H 250 43.10 27.69 -27.19
N GLY H 251 41.84 27.44 -27.55
CA GLY H 251 40.90 26.84 -26.63
C GLY H 251 41.03 25.34 -26.53
N LEU H 252 39.89 24.66 -26.46
CA LEU H 252 39.85 23.23 -26.24
C LEU H 252 39.58 22.45 -27.53
N SER H 258 39.25 31.29 -32.10
CA SER H 258 39.27 32.70 -32.49
C SER H 258 40.70 33.18 -32.55
N GLU H 259 41.05 33.87 -33.65
CA GLU H 259 42.41 34.38 -33.83
C GLU H 259 42.66 35.63 -32.98
N GLU H 260 42.03 36.74 -33.37
CA GLU H 260 42.20 37.99 -32.63
C GLU H 260 41.32 38.05 -31.37
N GLU H 261 40.59 36.96 -31.10
CA GLU H 261 39.80 36.85 -29.89
C GLU H 261 40.65 36.31 -28.73
N ARG H 262 41.60 35.43 -29.05
CA ARG H 262 42.62 35.00 -28.10
C ARG H 262 43.40 36.22 -27.65
N MET H 263 43.88 36.98 -28.61
CA MET H 263 44.60 38.22 -28.32
C MET H 263 43.80 39.16 -27.42
N LYS H 264 42.49 39.23 -27.67
CA LYS H 264 41.63 40.13 -26.91
C LYS H 264 41.77 39.90 -25.41
N VAL H 265 41.69 38.63 -25.00
CA VAL H 265 41.66 38.29 -23.59
C VAL H 265 43.04 38.27 -22.91
N PHE H 266 44.05 37.78 -23.63
CA PHE H 266 45.36 37.52 -23.02
C PHE H 266 46.45 38.57 -23.30
N TYR H 267 46.40 39.24 -24.46
CA TYR H 267 47.51 40.15 -24.84
C TYR H 267 47.63 41.47 -24.05
N PRO H 268 46.72 41.71 -23.12
CA PRO H 268 47.25 42.66 -22.14
C PRO H 268 48.51 42.06 -21.50
N LYS H 269 48.36 41.60 -20.26
CA LYS H 269 49.44 40.94 -19.55
C LYS H 269 49.68 39.55 -20.12
N TYR H 270 49.60 38.55 -19.24
CA TYR H 270 49.56 37.13 -19.61
C TYR H 270 50.56 36.67 -20.70
N GLN H 271 51.25 37.61 -21.33
CA GLN H 271 52.33 37.27 -22.26
C GLN H 271 53.66 37.33 -21.53
N VAL H 272 54.46 36.27 -21.70
CA VAL H 272 55.75 36.19 -21.04
C VAL H 272 56.85 36.84 -21.87
N ASN H 273 57.21 38.07 -21.48
CA ASN H 273 58.24 38.86 -22.16
C ASN H 273 59.36 39.10 -21.17
N GLN H 274 60.45 39.74 -21.61
CA GLN H 274 61.57 39.99 -20.71
C GLN H 274 61.14 40.76 -19.47
N GLU H 275 60.32 41.78 -19.66
CA GLU H 275 59.84 42.55 -18.52
C GLU H 275 59.20 41.62 -17.51
N MET H 276 58.26 40.81 -17.97
CA MET H 276 57.58 39.83 -17.12
C MET H 276 58.59 38.91 -16.43
N MET H 277 59.63 38.56 -17.17
CA MET H 277 60.67 37.66 -16.70
C MET H 277 61.44 38.31 -15.57
N ASP H 278 61.89 39.53 -15.82
CA ASP H 278 62.64 40.29 -14.85
C ASP H 278 61.80 40.44 -13.58
N ARG H 279 60.51 40.70 -13.77
CA ARG H 279 59.61 40.95 -12.66
C ARG H 279 59.57 39.75 -11.72
N ALA H 280 59.74 38.58 -12.30
CA ALA H 280 59.69 37.34 -11.55
C ALA H 280 60.93 37.16 -10.67
N GLY H 281 62.10 37.32 -11.27
CA GLY H 281 63.34 37.10 -10.57
C GLY H 281 64.52 37.21 -11.51
N ALA H 282 65.69 37.44 -10.94
CA ALA H 282 66.92 37.56 -11.71
C ALA H 282 67.21 36.30 -12.51
N ASN H 283 67.12 35.14 -11.86
CA ASN H 283 67.39 33.86 -12.52
C ASN H 283 66.20 32.90 -12.48
N CYS H 284 65.01 33.45 -12.71
CA CYS H 284 63.84 32.63 -12.90
C CYS H 284 63.95 31.92 -14.25
N LYS H 285 63.92 30.60 -14.24
CA LYS H 285 64.01 29.83 -15.49
C LYS H 285 62.65 29.76 -16.18
N PHE H 286 62.65 29.75 -17.52
CA PHE H 286 61.39 29.71 -18.29
C PHE H 286 61.08 28.32 -18.84
N MET H 287 59.81 27.91 -18.71
CA MET H 287 59.36 26.60 -19.19
C MET H 287 58.13 26.69 -20.08
N HIS H 288 58.11 25.83 -21.09
CA HIS H 288 57.02 25.76 -22.05
C HIS H 288 56.95 24.32 -22.58
N CYS H 289 55.76 23.73 -22.54
CA CYS H 289 55.62 22.33 -22.95
C CYS H 289 55.72 22.18 -24.46
N LEU H 290 55.69 23.31 -25.16
CA LEU H 290 55.73 23.34 -26.61
C LEU H 290 54.53 22.61 -27.21
N PRO H 291 54.11 23.02 -28.42
CA PRO H 291 54.80 23.97 -29.31
C PRO H 291 54.47 25.40 -28.92
N ALA H 292 55.37 26.32 -29.23
CA ALA H 292 55.14 27.70 -28.87
C ALA H 292 54.80 28.58 -30.07
N THR H 293 53.70 29.31 -29.97
CA THR H 293 53.41 30.40 -30.89
C THR H 293 54.15 31.66 -30.42
N ARG H 294 55.37 31.83 -30.93
CA ARG H 294 56.20 32.98 -30.57
C ARG H 294 55.48 34.30 -30.89
N GLY H 295 55.59 35.27 -29.99
CA GLY H 295 54.89 36.52 -30.17
C GLY H 295 53.62 36.58 -29.35
N GLU H 296 52.96 35.44 -29.20
CA GLU H 296 51.74 35.39 -28.40
C GLU H 296 52.02 35.16 -26.92
N GLU H 297 52.07 33.91 -26.48
CA GLU H 297 52.23 33.65 -25.04
C GLU H 297 53.63 33.93 -24.51
N VAL H 298 54.58 34.16 -25.43
CA VAL H 298 55.96 34.40 -25.04
C VAL H 298 56.71 35.06 -26.18
N THR H 299 57.53 36.06 -25.86
CA THR H 299 58.37 36.74 -26.85
C THR H 299 59.61 35.90 -27.13
N ASP H 300 60.20 36.13 -28.30
CA ASP H 300 61.36 35.35 -28.69
C ASP H 300 62.56 35.57 -27.76
N GLU H 301 62.76 36.81 -27.32
CA GLU H 301 63.91 37.11 -26.46
C GLU H 301 63.91 36.29 -25.17
N VAL H 302 62.73 35.81 -24.77
CA VAL H 302 62.59 35.01 -23.55
C VAL H 302 62.86 33.53 -23.80
N ILE H 303 62.10 32.96 -24.74
CA ILE H 303 62.20 31.54 -25.06
C ILE H 303 63.60 31.17 -25.58
N ASP H 304 64.24 32.08 -26.32
CA ASP H 304 65.59 31.82 -26.83
C ASP H 304 66.63 32.42 -25.89
N GLY H 305 66.17 32.87 -24.72
CA GLY H 305 67.05 33.50 -23.74
C GLY H 305 67.89 32.55 -22.89
N LYS H 306 68.82 33.13 -22.15
CA LYS H 306 69.75 32.38 -21.31
C LYS H 306 69.05 31.63 -20.17
N ASN H 307 67.85 32.08 -19.82
CA ASN H 307 67.12 31.47 -18.73
C ASN H 307 66.02 30.51 -19.20
N SER H 308 66.01 30.22 -20.49
CA SER H 308 65.03 29.30 -21.03
C SER H 308 65.54 27.85 -20.92
N ILE H 309 64.71 26.97 -20.39
CA ILE H 309 65.06 25.56 -20.29
C ILE H 309 64.05 24.72 -21.03
N CYS H 310 63.23 25.37 -21.84
CA CYS H 310 62.09 24.71 -22.45
C CYS H 310 62.52 23.56 -23.37
N PHE H 311 63.77 23.60 -23.83
CA PHE H 311 64.27 22.54 -24.70
C PHE H 311 64.88 21.35 -23.93
N ASP H 312 65.49 21.63 -22.78
CA ASP H 312 65.89 20.57 -21.88
C ASP H 312 64.61 19.85 -21.46
N GLU H 313 63.63 20.64 -21.03
CA GLU H 313 62.31 20.13 -20.68
C GLU H 313 61.74 19.19 -21.75
N ALA H 314 61.86 19.63 -23.01
CA ALA H 314 61.47 18.83 -24.17
C ALA H 314 62.19 17.49 -24.24
N GLU H 315 63.52 17.52 -24.19
CA GLU H 315 64.29 16.28 -24.12
C GLU H 315 63.79 15.39 -22.97
N ASN H 316 63.51 16.00 -21.83
CA ASN H 316 63.03 15.27 -20.67
C ASN H 316 61.68 14.59 -20.86
N ARG H 317 60.93 15.00 -21.89
CA ARG H 317 59.68 14.31 -22.20
C ARG H 317 59.99 12.86 -22.43
N LEU H 318 61.12 12.62 -23.09
CA LEU H 318 61.64 11.29 -23.33
C LEU H 318 62.31 10.71 -22.08
N THR H 319 63.24 11.46 -21.50
CA THR H 319 63.87 11.10 -20.22
C THR H 319 62.94 10.41 -19.22
N SER H 320 61.71 10.93 -19.15
CA SER H 320 60.70 10.45 -18.21
C SER H 320 59.86 9.27 -18.71
N ILE H 321 59.54 9.23 -20.00
CA ILE H 321 58.78 8.09 -20.51
C ILE H 321 59.71 6.91 -20.58
N ARG H 322 61.00 7.19 -20.78
CA ARG H 322 62.04 6.16 -20.71
C ARG H 322 61.88 5.45 -19.38
N GLY H 323 61.89 6.21 -18.28
CA GLY H 323 61.86 5.61 -16.96
C GLY H 323 60.50 5.06 -16.56
N LEU H 324 59.48 5.71 -17.07
CA LEU H 324 58.11 5.34 -16.72
C LEU H 324 57.81 3.94 -17.25
N LEU H 325 58.27 3.66 -18.47
CA LEU H 325 58.08 2.38 -19.13
C LEU H 325 58.77 1.28 -18.35
N VAL H 326 60.02 1.54 -17.98
CA VAL H 326 60.79 0.61 -17.16
C VAL H 326 60.03 0.30 -15.86
N TYR H 327 59.61 1.33 -15.13
CA TYR H 327 58.88 1.09 -13.87
C TYR H 327 57.68 0.16 -14.06
N LEU H 328 56.79 0.53 -14.95
CA LEU H 328 55.55 -0.20 -15.12
C LEU H 328 55.78 -1.66 -15.46
N MET H 329 56.80 -1.90 -16.28
CA MET H 329 57.16 -3.22 -16.77
C MET H 329 57.80 -4.08 -15.71
N ASN H 330 58.82 -3.52 -15.05
CA ASN H 330 59.43 -4.17 -13.89
C ASN H 330 58.38 -4.56 -12.86
N ASP H 331 57.53 -3.60 -12.53
CA ASP H 331 56.41 -3.82 -11.62
C ASP H 331 55.55 -4.95 -12.14
N TYR H 332 55.27 -4.93 -13.43
CA TYR H 332 54.40 -5.96 -13.99
C TYR H 332 55.04 -7.34 -13.87
N GLU H 333 56.37 -7.40 -13.92
CA GLU H 333 57.05 -8.69 -13.89
C GLU H 333 57.09 -9.30 -12.51
N ALA H 334 57.48 -8.51 -11.52
CA ALA H 334 57.07 -8.83 -10.17
C ALA H 334 55.58 -8.94 -10.35
N LYS H 335 54.91 -9.80 -9.59
CA LYS H 335 53.46 -9.92 -9.73
C LYS H 335 53.08 -10.96 -10.75
N ASN H 336 53.93 -11.09 -11.77
CA ASN H 336 53.67 -11.98 -12.89
C ASN H 336 54.97 -12.57 -13.39
N PRO H 337 55.72 -13.17 -12.47
CA PRO H 337 57.11 -13.58 -12.66
C PRO H 337 57.19 -14.92 -13.38
N TYR H 338 58.23 -15.11 -14.19
CA TYR H 338 58.33 -16.32 -14.98
C TYR H 338 58.82 -17.52 -14.18
N ASP H 339 58.26 -18.69 -14.44
CA ASP H 339 58.79 -19.93 -13.86
C ASP H 339 60.09 -20.31 -14.58
N LEU H 340 61.21 -20.07 -13.92
CA LEU H 340 62.50 -20.25 -14.57
C LEU H 340 62.66 -21.67 -15.06
N ILE H 341 62.05 -22.60 -14.35
CA ILE H 341 62.05 -24.00 -14.75
C ILE H 341 61.24 -24.19 -16.04
N LYS H 342 59.95 -23.85 -15.96
CA LYS H 342 59.05 -23.96 -17.11
C LYS H 342 59.72 -23.31 -18.31
N GLN H 343 60.35 -22.17 -18.02
CA GLN H 343 61.09 -21.43 -19.02
C GLN H 343 62.23 -22.26 -19.62
N ALA H 344 63.08 -22.78 -18.76
CA ALA H 344 64.17 -23.59 -19.23
C ALA H 344 63.69 -24.75 -20.12
N GLU H 345 62.62 -25.42 -19.71
CA GLU H 345 62.14 -26.60 -20.45
C GLU H 345 61.60 -26.13 -21.80
N ALA H 346 60.79 -25.08 -21.74
CA ALA H 346 60.15 -24.54 -22.94
C ALA H 346 61.20 -24.28 -23.97
N LYS H 347 62.35 -23.83 -23.48
CA LYS H 347 63.46 -23.49 -24.35
C LYS H 347 64.08 -24.74 -24.94
N LYS H 348 64.40 -25.71 -24.08
CA LYS H 348 64.98 -26.97 -24.58
C LYS H 348 64.01 -27.63 -25.55
N GLU H 349 62.74 -27.68 -25.17
CA GLU H 349 61.72 -28.29 -26.03
C GLU H 349 61.79 -27.66 -27.42
N LEU H 350 61.88 -26.34 -27.45
CA LEU H 350 61.95 -25.62 -28.71
C LEU H 350 63.20 -25.98 -29.51
N GLU H 351 64.35 -25.97 -28.83
CA GLU H 351 65.62 -26.35 -29.44
C GLU H 351 65.55 -27.70 -30.11
N VAL H 352 65.09 -28.68 -29.36
CA VAL H 352 65.00 -30.03 -29.87
C VAL H 352 64.14 -30.06 -31.11
N PHE H 353 62.94 -29.49 -30.99
CA PHE H 353 62.01 -29.44 -32.12
C PHE H 353 62.70 -28.92 -33.37
N LEU H 354 63.33 -27.75 -33.22
CA LEU H 354 64.01 -27.10 -34.32
C LEU H 354 65.18 -27.91 -34.86
N ASP H 355 65.90 -28.59 -33.96
CA ASP H 355 67.07 -29.39 -34.31
C ASP H 355 66.74 -30.70 -35.02
N THR H 356 65.49 -31.16 -34.88
CA THR H 356 65.14 -32.51 -35.30
C THR H 356 63.97 -32.64 -36.26
N GLN H 357 63.06 -31.67 -36.27
CA GLN H 357 61.84 -31.78 -37.06
C GLN H 357 61.89 -30.87 -38.27
N SER H 358 61.24 -31.28 -39.37
CA SER H 358 61.14 -30.42 -40.55
C SER H 358 59.97 -30.81 -41.45
N ILE H 359 59.73 -29.99 -42.48
CA ILE H 359 58.78 -30.37 -43.54
C ILE H 359 59.29 -30.03 -44.95
N SER I 19 58.16 -21.27 -56.92
CA SER I 19 59.59 -21.49 -56.69
C SER I 19 59.85 -22.72 -55.82
N HIS I 20 60.92 -23.44 -56.13
CA HIS I 20 61.41 -24.51 -55.26
C HIS I 20 62.67 -24.04 -54.53
N MET I 21 62.94 -22.74 -54.57
CA MET I 21 63.90 -22.13 -53.68
C MET I 21 63.26 -21.04 -52.83
N LYS I 22 62.20 -21.42 -52.11
CA LYS I 22 61.42 -20.54 -51.25
C LYS I 22 60.04 -21.16 -51.16
N ARG I 23 59.25 -20.73 -50.20
CA ARG I 23 57.86 -21.17 -50.14
C ARG I 23 56.95 -20.07 -49.64
N ASP I 24 55.73 -20.01 -50.17
CA ASP I 24 54.74 -19.00 -49.76
C ASP I 24 53.66 -19.60 -48.87
N TYR I 25 52.77 -18.73 -48.40
CA TYR I 25 51.64 -19.16 -47.59
C TYR I 25 50.41 -18.39 -48.06
N VAL I 26 49.81 -18.85 -49.14
CA VAL I 26 48.67 -18.15 -49.73
C VAL I 26 47.36 -18.83 -49.39
N THR I 27 47.36 -20.17 -49.46
CA THR I 27 46.27 -20.94 -48.88
C THR I 27 46.77 -22.28 -48.38
N THR I 28 46.04 -22.84 -47.41
CA THR I 28 46.42 -24.12 -46.81
C THR I 28 46.15 -25.27 -47.74
N GLU I 29 45.70 -24.97 -48.94
CA GLU I 29 45.41 -26.01 -49.90
C GLU I 29 46.73 -26.61 -50.37
N THR I 30 47.81 -25.85 -50.22
CA THR I 30 49.14 -26.27 -50.65
C THR I 30 49.91 -26.99 -49.53
N TYR I 31 49.30 -27.09 -48.35
CA TYR I 31 49.92 -27.78 -47.22
C TYR I 31 49.22 -29.08 -46.85
N THR I 32 50.00 -30.08 -46.47
CA THR I 32 49.45 -31.37 -46.09
C THR I 32 49.08 -31.34 -44.62
N LYS I 33 48.26 -32.29 -44.19
CA LYS I 33 47.88 -32.37 -42.78
C LYS I 33 49.12 -32.36 -41.89
N GLU I 34 50.13 -33.13 -42.28
CA GLU I 34 51.32 -33.27 -41.46
C GLU I 34 52.06 -31.95 -41.37
N GLU I 35 52.14 -31.24 -42.49
CA GLU I 35 52.80 -29.94 -42.53
C GLU I 35 52.10 -28.98 -41.59
N MET I 36 50.76 -28.96 -41.62
CA MET I 36 50.02 -28.10 -40.71
C MET I 36 50.30 -28.49 -39.28
N HIS I 37 50.36 -29.80 -39.00
CA HIS I 37 50.71 -30.27 -37.66
C HIS I 37 52.06 -29.70 -37.23
N TYR I 38 53.06 -29.82 -38.08
CA TYR I 38 54.36 -29.21 -37.83
C TYR I 38 54.19 -27.78 -37.37
N LEU I 39 53.53 -26.98 -38.21
CA LEU I 39 53.27 -25.58 -37.94
C LEU I 39 52.64 -25.34 -36.57
N VAL I 40 51.55 -26.02 -36.26
CA VAL I 40 50.96 -25.90 -34.92
C VAL I 40 51.96 -26.18 -33.79
N ASP I 41 52.70 -27.28 -33.89
CA ASP I 41 53.72 -27.61 -32.89
C ASP I 41 54.75 -26.49 -32.78
N LEU I 42 55.35 -26.11 -33.90
CA LEU I 42 56.32 -25.03 -33.88
C LEU I 42 55.74 -23.78 -33.20
N SER I 43 54.57 -23.36 -33.68
CA SER I 43 53.89 -22.19 -33.17
C SER I 43 53.73 -22.24 -31.67
N LEU I 44 53.26 -23.39 -31.19
CA LEU I 44 52.98 -23.57 -29.78
C LEU I 44 54.23 -23.68 -28.91
N LYS I 45 55.29 -24.32 -29.43
CA LYS I 45 56.55 -24.46 -28.69
C LYS I 45 57.12 -23.07 -28.44
N ILE I 46 57.03 -22.25 -29.47
CA ILE I 46 57.43 -20.85 -29.40
C ILE I 46 56.55 -20.10 -28.42
N LYS I 47 55.25 -20.34 -28.50
CA LYS I 47 54.34 -19.68 -27.58
C LYS I 47 54.77 -19.94 -26.14
N GLU I 48 55.10 -21.20 -25.84
CA GLU I 48 55.42 -21.58 -24.47
C GLU I 48 56.72 -20.96 -23.96
N ALA I 49 57.66 -20.74 -24.89
CA ALA I 49 58.90 -20.06 -24.58
C ALA I 49 58.62 -18.62 -24.20
N ILE I 50 57.92 -17.93 -25.09
CA ILE I 50 57.67 -16.54 -24.87
C ILE I 50 56.76 -16.34 -23.66
N LYS I 51 55.79 -17.24 -23.52
CA LYS I 51 54.89 -17.19 -22.37
C LYS I 51 55.69 -17.16 -21.08
N ASN I 52 56.90 -17.71 -21.14
CA ASN I 52 57.69 -17.89 -19.92
C ASN I 52 58.99 -17.10 -19.88
N GLY I 53 59.11 -16.12 -20.75
CA GLY I 53 60.19 -15.17 -20.59
C GLY I 53 61.37 -15.39 -21.48
N TYR I 54 61.32 -16.43 -22.28
CA TYR I 54 62.38 -16.65 -23.25
C TYR I 54 61.92 -16.19 -24.63
N TYR I 55 62.62 -15.21 -25.19
CA TYR I 55 62.28 -14.71 -26.51
C TYR I 55 63.26 -15.23 -27.56
N PRO I 56 62.89 -16.33 -28.22
CA PRO I 56 63.66 -16.98 -29.28
C PRO I 56 63.99 -16.03 -30.42
N GLN I 57 65.24 -15.64 -30.54
CA GLN I 57 65.63 -14.71 -31.58
C GLN I 57 65.88 -15.42 -32.88
N LEU I 58 64.84 -16.01 -33.45
CA LEU I 58 64.99 -16.80 -34.68
C LEU I 58 65.06 -15.93 -35.94
N LEU I 59 64.64 -14.67 -35.82
CA LEU I 59 64.59 -13.78 -36.98
C LEU I 59 65.46 -12.53 -36.83
N LYS I 60 66.62 -12.65 -36.18
CA LYS I 60 67.49 -11.50 -35.94
C LYS I 60 67.74 -10.70 -37.23
N ASN I 61 67.45 -9.40 -37.18
CA ASN I 61 67.82 -8.48 -38.25
C ASN I 61 67.04 -8.63 -39.54
N LYS I 62 66.07 -9.55 -39.54
CA LYS I 62 65.24 -9.80 -40.70
C LYS I 62 64.11 -8.77 -40.81
N SER I 63 63.88 -8.31 -42.04
CA SER I 63 62.89 -7.28 -42.29
C SER I 63 61.68 -7.86 -43.00
N LEU I 64 60.51 -7.66 -42.41
CA LEU I 64 59.24 -8.06 -43.02
C LEU I 64 58.47 -6.85 -43.58
N GLY I 65 58.11 -6.91 -44.85
CA GLY I 65 57.30 -5.87 -45.44
C GLY I 65 55.82 -6.20 -45.38
N MET I 66 55.06 -5.31 -44.74
CA MET I 66 53.62 -5.49 -44.60
C MET I 66 52.86 -4.57 -45.55
N ILE I 67 52.09 -5.16 -46.44
CA ILE I 67 51.30 -4.39 -47.39
C ILE I 67 49.82 -4.52 -47.05
N PHE I 68 49.19 -3.41 -46.67
CA PHE I 68 47.76 -3.42 -46.41
C PHE I 68 47.04 -2.59 -47.46
N GLN I 69 45.93 -3.10 -47.98
CA GLN I 69 45.11 -2.32 -48.90
C GLN I 69 43.83 -1.94 -48.20
N GLN I 70 43.63 -2.58 -47.05
CA GLN I 70 42.52 -2.27 -46.16
C GLN I 70 43.10 -2.37 -44.76
N SER I 71 43.20 -1.23 -44.08
CA SER I 71 43.80 -1.20 -42.75
C SER I 71 43.24 -2.31 -41.85
N SER I 72 44.11 -2.94 -41.06
CA SER I 72 43.68 -3.95 -40.12
C SER I 72 44.59 -3.99 -38.92
N THR I 73 44.24 -3.23 -37.91
CA THR I 73 45.02 -3.16 -36.67
C THR I 73 45.36 -4.53 -36.02
N ARG I 74 44.37 -5.36 -35.75
CA ARG I 74 44.65 -6.70 -35.20
C ARG I 74 45.73 -7.42 -36.01
N THR I 75 45.58 -7.43 -37.33
CA THR I 75 46.55 -8.06 -38.21
C THR I 75 47.90 -7.34 -38.24
N ARG I 76 47.88 -6.02 -38.29
CA ARG I 76 49.13 -5.26 -38.28
C ARG I 76 49.95 -5.46 -36.99
N VAL I 77 49.36 -5.19 -35.83
CA VAL I 77 50.12 -5.26 -34.59
C VAL I 77 50.52 -6.67 -34.28
N SER I 78 49.75 -7.63 -34.77
CA SER I 78 50.16 -9.03 -34.63
C SER I 78 51.52 -9.28 -35.30
N PHE I 79 51.64 -8.90 -36.56
CA PHE I 79 52.88 -9.09 -37.29
C PHE I 79 54.00 -8.25 -36.68
N GLU I 80 53.71 -6.96 -36.52
CA GLU I 80 54.69 -5.97 -36.07
C GLU I 80 55.34 -6.50 -34.79
N THR I 81 54.50 -7.08 -33.93
CA THR I 81 54.91 -7.64 -32.65
C THR I 81 55.65 -8.95 -32.82
N ALA I 82 55.05 -9.89 -33.54
CA ALA I 82 55.71 -11.15 -33.82
C ALA I 82 57.17 -10.92 -34.20
N MET I 83 57.39 -10.02 -35.15
CA MET I 83 58.74 -9.72 -35.59
C MET I 83 59.65 -9.23 -34.45
N GLU I 84 59.21 -8.24 -33.68
CA GLU I 84 60.01 -7.72 -32.57
C GLU I 84 60.46 -8.82 -31.60
N GLN I 85 59.53 -9.69 -31.23
CA GLN I 85 59.81 -10.75 -30.26
C GLN I 85 60.91 -11.67 -30.77
N LEU I 86 60.94 -11.87 -32.08
CA LEU I 86 61.88 -12.80 -32.68
C LEU I 86 63.16 -12.12 -33.13
N GLY I 87 63.32 -10.85 -32.78
CA GLY I 87 64.52 -10.10 -33.14
C GLY I 87 64.50 -9.38 -34.49
N GLY I 88 63.32 -9.20 -35.05
CA GLY I 88 63.21 -8.58 -36.36
C GLY I 88 62.42 -7.29 -36.33
N HIS I 89 61.95 -6.90 -37.51
CA HIS I 89 61.20 -5.66 -37.66
C HIS I 89 60.09 -5.81 -38.68
N GLY I 90 58.93 -5.22 -38.38
CA GLY I 90 57.84 -5.16 -39.33
C GLY I 90 57.61 -3.78 -39.94
N GLU I 91 57.71 -3.70 -41.26
CA GLU I 91 57.60 -2.44 -41.96
C GLU I 91 56.21 -2.26 -42.55
N TYR I 92 55.54 -1.16 -42.17
CA TYR I 92 54.16 -0.93 -42.57
C TYR I 92 54.03 -0.04 -43.79
N LEU I 93 53.56 -0.64 -44.89
CA LEU I 93 53.27 0.12 -46.09
C LEU I 93 51.77 0.39 -46.12
N ALA I 94 51.35 1.49 -45.51
CA ALA I 94 49.94 1.84 -45.39
C ALA I 94 49.18 1.68 -46.72
N PRO I 95 47.85 1.49 -46.64
CA PRO I 95 46.98 1.30 -47.82
C PRO I 95 47.37 2.14 -49.04
N GLY I 96 47.57 3.44 -48.84
CA GLY I 96 48.00 4.31 -49.92
C GLY I 96 49.50 4.30 -50.13
N GLN I 97 50.25 4.16 -49.05
CA GLN I 97 51.71 4.17 -49.14
C GLN I 97 52.13 3.31 -50.32
N ILE I 98 51.59 2.09 -50.39
CA ILE I 98 51.95 1.16 -51.45
C ILE I 98 51.30 1.48 -52.77
N GLN I 99 51.56 0.57 -53.72
CA GLN I 99 50.89 0.50 -55.00
C GLN I 99 50.34 -0.94 -55.11
N LEU I 100 50.44 -1.53 -56.29
CA LEU I 100 49.97 -2.89 -56.58
C LEU I 100 50.04 -3.11 -58.08
N GLY I 101 49.09 -2.54 -58.80
CA GLY I 101 49.16 -2.46 -60.25
C GLY I 101 48.84 -1.03 -60.72
N GLY I 102 48.94 -0.08 -59.80
CA GLY I 102 48.48 1.30 -60.01
C GLY I 102 49.05 2.02 -61.21
N HIS I 103 50.30 1.74 -61.54
CA HIS I 103 50.96 2.24 -62.74
C HIS I 103 52.30 1.53 -62.85
N GLU I 104 52.70 0.88 -61.76
CA GLU I 104 53.87 0.00 -61.72
C GLU I 104 53.40 -1.44 -61.59
N THR I 105 53.66 -2.27 -62.61
CA THR I 105 53.16 -3.64 -62.64
C THR I 105 53.60 -4.45 -61.45
N ILE I 106 52.75 -5.36 -61.01
CA ILE I 106 53.10 -6.22 -59.88
C ILE I 106 54.46 -6.88 -60.13
N GLU I 107 54.75 -7.22 -61.39
CA GLU I 107 56.03 -7.82 -61.76
C GLU I 107 57.18 -6.95 -61.26
N ASP I 108 57.08 -5.64 -61.50
CA ASP I 108 58.06 -4.67 -61.02
C ASP I 108 58.04 -4.58 -59.49
N THR I 109 56.90 -4.23 -58.92
CA THR I 109 56.79 -4.11 -57.47
C THR I 109 57.35 -5.35 -56.75
N SER I 110 56.99 -6.53 -57.24
CA SER I 110 57.47 -7.78 -56.66
C SER I 110 58.98 -7.88 -56.75
N ARG I 111 59.51 -7.58 -57.92
CA ARG I 111 60.94 -7.75 -58.13
C ARG I 111 61.77 -6.87 -57.21
N VAL I 112 61.34 -5.63 -57.01
CA VAL I 112 62.15 -4.70 -56.23
C VAL I 112 61.89 -4.81 -54.72
N LEU I 113 60.69 -5.22 -54.35
CA LEU I 113 60.42 -5.52 -52.96
C LEU I 113 61.31 -6.67 -52.47
N SER I 114 61.62 -7.59 -53.37
CA SER I 114 62.43 -8.75 -53.04
C SER I 114 63.87 -8.39 -52.70
N ARG I 115 64.31 -7.19 -53.14
CA ARG I 115 65.65 -6.70 -52.87
C ARG I 115 65.70 -5.83 -51.63
N LEU I 116 64.56 -5.58 -51.01
CA LEU I 116 64.51 -4.64 -49.90
C LEU I 116 63.99 -5.18 -48.58
N VAL I 117 63.30 -6.32 -48.64
CA VAL I 117 62.92 -7.01 -47.43
C VAL I 117 63.14 -8.50 -47.55
N ASP I 118 63.09 -9.17 -46.41
CA ASP I 118 63.43 -10.58 -46.31
C ASP I 118 62.21 -11.48 -46.59
N ILE I 119 61.03 -10.95 -46.29
CA ILE I 119 59.77 -11.67 -46.40
C ILE I 119 58.60 -10.68 -46.55
N LEU I 120 57.48 -11.17 -47.09
CA LEU I 120 56.37 -10.28 -47.44
C LEU I 120 55.03 -10.79 -46.95
N MET I 121 54.23 -9.87 -46.43
CA MET I 121 52.84 -10.16 -46.09
C MET I 121 51.92 -9.14 -46.76
N ALA I 122 50.73 -9.56 -47.18
CA ALA I 122 49.84 -8.60 -47.82
C ALA I 122 48.35 -8.88 -47.56
N ARG I 123 47.66 -7.90 -47.00
CA ARG I 123 46.21 -7.92 -46.83
C ARG I 123 45.62 -7.27 -48.08
N VAL I 124 45.33 -8.08 -49.07
CA VAL I 124 44.94 -7.55 -50.35
C VAL I 124 43.42 -7.61 -50.53
N GLU I 125 42.90 -6.77 -51.41
CA GLU I 125 41.46 -6.69 -51.64
C GLU I 125 41.01 -7.85 -52.47
N ARG I 126 41.63 -8.01 -53.64
CA ARG I 126 41.32 -9.09 -54.55
C ARG I 126 42.37 -10.18 -54.45
N HIS I 127 41.96 -11.40 -54.13
CA HIS I 127 42.90 -12.52 -53.97
C HIS I 127 43.87 -12.65 -55.13
N HIS I 128 43.36 -12.51 -56.36
CA HIS I 128 44.21 -12.71 -57.53
C HIS I 128 45.57 -12.03 -57.35
N SER I 129 45.58 -10.81 -56.81
CA SER I 129 46.83 -10.04 -56.73
C SER I 129 47.76 -10.50 -55.61
N ILE I 130 47.21 -11.14 -54.58
CA ILE I 130 48.08 -11.70 -53.53
C ILE I 130 48.92 -12.83 -54.11
N VAL I 131 48.33 -13.61 -55.01
CA VAL I 131 49.07 -14.72 -55.62
C VAL I 131 50.01 -14.23 -56.70
N ASP I 132 49.58 -13.23 -57.46
CA ASP I 132 50.45 -12.58 -58.44
C ASP I 132 51.74 -12.13 -57.75
N LEU I 133 51.58 -11.61 -56.55
CA LEU I 133 52.70 -11.18 -55.74
C LEU I 133 53.57 -12.37 -55.32
N ALA I 134 52.93 -13.40 -54.78
CA ALA I 134 53.61 -14.62 -54.39
C ALA I 134 54.38 -15.26 -55.55
N ASN I 135 53.84 -15.14 -56.76
CA ASN I 135 54.45 -15.75 -57.95
C ASN I 135 55.66 -14.96 -58.44
N CYS I 136 55.59 -13.65 -58.32
CA CYS I 136 56.62 -12.77 -58.90
C CYS I 136 57.73 -12.38 -57.93
N ALA I 137 57.48 -12.58 -56.64
CA ALA I 137 58.50 -12.28 -55.65
C ALA I 137 59.44 -13.48 -55.47
N THR I 138 60.67 -13.18 -55.11
CA THR I 138 61.66 -14.23 -54.88
C THR I 138 61.75 -14.57 -53.40
N ILE I 139 61.06 -13.78 -52.58
CA ILE I 139 61.01 -14.01 -51.14
C ILE I 139 59.64 -14.54 -50.74
N PRO I 140 59.58 -15.23 -49.60
CA PRO I 140 58.31 -15.83 -49.18
C PRO I 140 57.23 -14.79 -49.08
N VAL I 141 56.01 -15.14 -49.50
CA VAL I 141 54.86 -14.25 -49.37
C VAL I 141 53.79 -14.86 -48.46
N ILE I 142 53.23 -14.04 -47.56
CA ILE I 142 52.14 -14.48 -46.70
C ILE I 142 50.83 -13.75 -46.98
N ASN I 143 49.73 -14.49 -47.03
CA ASN I 143 48.44 -13.89 -47.32
C ASN I 143 47.73 -13.38 -46.04
N GLY I 144 47.84 -12.08 -45.79
CA GLY I 144 47.21 -11.45 -44.63
C GLY I 144 45.71 -11.65 -44.57
N MET I 145 45.10 -11.74 -45.76
CA MET I 145 43.69 -12.06 -45.97
C MET I 145 43.21 -11.41 -47.25
N SER I 146 42.52 -12.17 -48.07
CA SER I 146 42.04 -11.68 -49.34
C SER I 146 40.53 -11.74 -49.31
N ASP I 147 39.91 -11.56 -50.47
CA ASP I 147 38.46 -11.72 -50.60
C ASP I 147 38.06 -13.20 -50.59
N TYR I 148 39.06 -14.09 -50.64
CA TYR I 148 38.88 -15.51 -50.88
C TYR I 148 39.04 -16.34 -49.63
N ASN I 149 40.19 -16.17 -48.97
CA ASN I 149 40.45 -16.90 -47.74
C ASN I 149 41.23 -16.10 -46.73
N HIS I 150 41.46 -16.70 -45.57
CA HIS I 150 42.17 -16.07 -44.48
C HIS I 150 43.06 -17.13 -43.80
N PRO I 151 44.18 -17.46 -44.43
CA PRO I 151 44.93 -18.67 -44.07
C PRO I 151 45.69 -18.50 -42.77
N THR I 152 46.13 -17.28 -42.51
CA THR I 152 46.82 -16.95 -41.28
C THR I 152 45.86 -17.06 -40.08
N GLN I 153 44.56 -17.12 -40.38
CA GLN I 153 43.55 -17.30 -39.35
C GLN I 153 43.21 -18.78 -39.25
N GLU I 154 43.21 -19.49 -40.37
CA GLU I 154 42.98 -20.93 -40.32
C GLU I 154 43.92 -21.51 -39.27
N LEU I 155 45.18 -21.04 -39.26
CA LEU I 155 46.21 -21.61 -38.39
C LEU I 155 46.08 -21.14 -36.95
N GLY I 156 45.77 -19.87 -36.77
CA GLY I 156 45.53 -19.35 -35.44
C GLY I 156 44.42 -20.13 -34.75
N ASP I 157 43.41 -20.49 -35.51
CA ASP I 157 42.25 -21.16 -34.94
C ASP I 157 42.52 -22.64 -34.73
N LEU I 158 43.36 -23.23 -35.58
CA LEU I 158 43.77 -24.61 -35.38
C LEU I 158 44.48 -24.73 -34.03
N CYS I 159 45.46 -23.86 -33.79
CA CYS I 159 46.17 -23.84 -32.52
C CYS I 159 45.20 -23.73 -31.35
N THR I 160 44.23 -22.84 -31.48
CA THR I 160 43.23 -22.61 -30.44
C THR I 160 42.42 -23.88 -30.11
N MET I 161 41.97 -24.58 -31.13
CA MET I 161 41.17 -25.78 -30.93
C MET I 161 42.00 -26.88 -30.27
N VAL I 162 43.24 -27.03 -30.73
CA VAL I 162 44.19 -27.96 -30.12
C VAL I 162 44.28 -27.74 -28.61
N GLU I 163 44.50 -26.48 -28.23
CA GLU I 163 44.62 -26.11 -26.82
C GLU I 163 43.34 -26.37 -26.03
N HIS I 164 42.27 -26.73 -26.70
CA HIS I 164 40.96 -26.83 -26.04
C HIS I 164 40.11 -28.04 -26.46
N LEU I 165 40.64 -29.26 -26.32
CA LEU I 165 39.90 -30.45 -26.81
C LEU I 165 38.78 -31.04 -25.93
N PRO I 166 38.74 -30.62 -24.65
CA PRO I 166 38.15 -31.39 -23.56
C PRO I 166 37.93 -32.89 -23.80
N GLU I 167 38.57 -33.68 -22.94
CA GLU I 167 38.22 -35.09 -22.69
C GLU I 167 38.33 -36.09 -23.84
N GLY I 168 39.50 -36.68 -23.99
CA GLY I 168 39.68 -37.83 -24.85
C GLY I 168 38.99 -37.78 -26.19
N LYS I 169 38.60 -36.59 -26.63
CA LYS I 169 38.32 -36.37 -28.03
C LYS I 169 39.67 -35.97 -28.63
N LYS I 170 39.99 -36.50 -29.82
CA LYS I 170 41.34 -36.38 -30.34
C LYS I 170 41.48 -35.37 -31.48
N LEU I 171 40.42 -34.61 -31.73
CA LEU I 171 40.39 -33.58 -32.78
C LEU I 171 39.80 -34.14 -34.05
N GLU I 172 40.44 -35.16 -34.61
CA GLU I 172 39.92 -35.82 -35.80
C GLU I 172 38.43 -36.18 -35.66
N ASP I 173 37.95 -36.17 -34.43
CA ASP I 173 36.56 -36.53 -34.14
C ASP I 173 35.82 -35.45 -33.36
N CYS I 174 36.29 -34.22 -33.48
CA CYS I 174 35.55 -33.07 -32.98
C CYS I 174 34.61 -32.52 -34.06
N LYS I 175 33.53 -31.88 -33.63
CA LYS I 175 32.60 -31.27 -34.57
C LYS I 175 32.69 -29.75 -34.49
N VAL I 176 32.99 -29.13 -35.62
CA VAL I 176 33.14 -27.68 -35.67
C VAL I 176 32.03 -27.13 -36.53
N VAL I 177 31.27 -26.21 -35.97
CA VAL I 177 30.10 -25.67 -36.68
C VAL I 177 30.22 -24.15 -36.85
N PHE I 178 30.05 -23.70 -38.08
CA PHE I 178 30.05 -22.29 -38.36
C PHE I 178 28.65 -21.75 -38.66
N VAL I 179 28.22 -20.74 -37.91
CA VAL I 179 26.90 -20.15 -38.10
C VAL I 179 26.95 -18.78 -38.78
N GLY I 180 26.15 -18.63 -39.82
CA GLY I 180 26.01 -17.34 -40.46
C GLY I 180 26.39 -17.29 -41.92
N ASP I 181 26.97 -16.16 -42.32
CA ASP I 181 27.28 -15.84 -43.71
C ASP I 181 28.49 -16.62 -44.18
N ALA I 182 28.53 -16.96 -45.47
CA ALA I 182 29.68 -17.65 -46.03
C ALA I 182 30.84 -16.69 -46.33
N THR I 183 31.45 -16.15 -45.28
CA THR I 183 32.57 -15.22 -45.42
C THR I 183 33.84 -16.02 -45.67
N GLN I 184 34.94 -15.35 -46.03
CA GLN I 184 36.19 -16.07 -46.28
C GLN I 184 36.68 -16.74 -45.00
N VAL I 185 36.40 -16.10 -43.87
CA VAL I 185 36.71 -16.68 -42.59
C VAL I 185 36.01 -18.02 -42.50
N CYS I 186 34.73 -18.03 -42.86
CA CYS I 186 33.94 -19.27 -42.90
C CYS I 186 34.60 -20.35 -43.76
N PHE I 187 34.79 -20.03 -45.03
CA PHE I 187 35.41 -20.96 -45.96
C PHE I 187 36.76 -21.46 -45.45
N SER I 188 37.59 -20.54 -44.96
CA SER I 188 38.88 -20.95 -44.41
C SER I 188 38.73 -21.97 -43.29
N LEU I 189 37.78 -21.77 -42.39
CA LEU I 189 37.55 -22.68 -41.29
C LEU I 189 37.27 -24.10 -41.80
N GLY I 190 36.50 -24.21 -42.87
CA GLY I 190 36.14 -25.52 -43.39
C GLY I 190 37.33 -26.12 -44.11
N LEU I 191 38.05 -25.25 -44.81
CA LEU I 191 39.24 -25.63 -45.54
C LEU I 191 40.30 -26.25 -44.60
N ILE I 192 40.33 -25.84 -43.34
CA ILE I 192 41.37 -26.28 -42.41
C ILE I 192 40.88 -27.44 -41.56
N THR I 193 39.61 -27.42 -41.17
CA THR I 193 39.09 -28.49 -40.34
C THR I 193 39.00 -29.78 -41.14
N THR I 194 38.62 -29.68 -42.41
CA THR I 194 38.59 -30.86 -43.28
C THR I 194 39.99 -31.36 -43.54
N LYS I 195 40.95 -30.43 -43.65
CA LYS I 195 42.37 -30.75 -43.82
C LYS I 195 42.85 -31.67 -42.74
N MET I 196 42.35 -31.44 -41.52
CA MET I 196 42.76 -32.17 -40.31
C MET I 196 41.85 -33.36 -40.00
N GLY I 197 40.93 -33.68 -40.90
CA GLY I 197 40.12 -34.88 -40.79
C GLY I 197 39.01 -34.76 -39.76
N MET I 198 38.60 -33.52 -39.50
CA MET I 198 37.53 -33.22 -38.55
C MET I 198 36.16 -33.19 -39.20
N ASN I 199 35.15 -32.94 -38.38
CA ASN I 199 33.79 -32.89 -38.85
C ASN I 199 33.35 -31.44 -38.91
N PHE I 200 33.23 -30.93 -40.12
CA PHE I 200 32.84 -29.53 -40.32
C PHE I 200 31.38 -29.43 -40.75
N VAL I 201 30.80 -28.27 -40.50
CA VAL I 201 29.44 -27.98 -40.97
C VAL I 201 29.26 -26.48 -40.97
N HIS I 202 28.81 -25.97 -42.11
CA HIS I 202 28.38 -24.60 -42.20
C HIS I 202 26.88 -24.65 -42.28
N PHE I 203 26.21 -24.10 -41.29
CA PHE I 203 24.77 -23.91 -41.43
C PHE I 203 24.50 -22.43 -41.62
N GLY I 204 23.52 -22.14 -42.46
CA GLY I 204 23.30 -20.77 -42.85
C GLY I 204 22.19 -20.76 -43.86
N PRO I 205 21.62 -19.58 -44.08
CA PRO I 205 20.41 -19.30 -44.88
C PRO I 205 20.59 -19.75 -46.32
N GLU I 206 19.50 -20.23 -46.94
CA GLU I 206 19.55 -20.75 -48.31
C GLU I 206 20.37 -19.86 -49.22
N GLY I 207 20.32 -18.57 -48.96
CA GLY I 207 21.03 -17.62 -49.81
C GLY I 207 22.52 -17.45 -49.53
N PHE I 208 22.95 -17.82 -48.33
CA PHE I 208 24.31 -17.48 -47.91
C PHE I 208 25.15 -18.67 -47.47
N GLN I 209 24.97 -19.79 -48.16
CA GLN I 209 25.74 -20.99 -47.86
C GLN I 209 27.00 -21.01 -48.73
N LEU I 210 28.01 -21.76 -48.33
CA LEU I 210 29.18 -21.97 -49.18
C LEU I 210 28.71 -22.58 -50.50
N ASN I 211 29.25 -22.10 -51.61
CA ASN I 211 28.79 -22.59 -52.91
C ASN I 211 29.43 -23.91 -53.32
N GLU I 212 28.85 -24.55 -54.34
CA GLU I 212 29.27 -25.87 -54.79
C GLU I 212 30.73 -25.87 -55.24
N GLU I 213 31.18 -24.75 -55.81
CA GLU I 213 32.58 -24.60 -56.20
C GLU I 213 33.49 -24.61 -54.98
N HIS I 214 32.97 -24.13 -53.85
CA HIS I 214 33.70 -24.13 -52.58
C HIS I 214 33.61 -25.48 -51.86
N GLN I 215 32.42 -26.08 -51.83
CA GLN I 215 32.23 -27.40 -51.25
C GLN I 215 33.03 -28.45 -52.02
N ALA I 216 33.17 -28.22 -53.32
CA ALA I 216 34.00 -29.06 -54.17
C ALA I 216 35.38 -29.24 -53.52
N LYS I 217 35.94 -28.12 -53.08
CA LYS I 217 37.23 -28.09 -52.42
C LYS I 217 37.20 -28.83 -51.08
N LEU I 218 36.17 -28.55 -50.27
CA LEU I 218 35.99 -29.22 -48.98
C LEU I 218 35.87 -30.72 -49.18
N ALA I 219 35.07 -31.11 -50.15
CA ALA I 219 34.90 -32.51 -50.48
C ALA I 219 36.26 -33.14 -50.73
N LYS I 220 37.01 -32.55 -51.67
CA LYS I 220 38.35 -33.02 -52.01
C LYS I 220 39.20 -33.25 -50.76
N ASN I 221 39.15 -32.32 -49.83
CA ASN I 221 39.87 -32.44 -48.58
C ASN I 221 39.56 -33.71 -47.80
N CYS I 222 38.28 -34.05 -47.71
CA CYS I 222 37.83 -35.18 -46.90
C CYS I 222 38.08 -36.52 -47.60
N GLU I 223 38.17 -36.50 -48.92
CA GLU I 223 38.49 -37.71 -49.67
C GLU I 223 39.89 -38.15 -49.31
N VAL I 224 40.54 -37.36 -48.46
CA VAL I 224 41.92 -37.58 -48.09
C VAL I 224 42.12 -37.66 -46.58
N SER I 225 41.22 -37.06 -45.81
CA SER I 225 41.38 -36.96 -44.36
C SER I 225 40.31 -37.66 -43.50
N GLY I 226 39.12 -37.90 -44.06
CA GLY I 226 38.03 -38.48 -43.30
C GLY I 226 37.20 -37.42 -42.57
N GLY I 227 36.76 -36.41 -43.30
CA GLY I 227 36.03 -35.28 -42.72
C GLY I 227 34.53 -35.29 -42.98
N SER I 228 33.96 -34.11 -43.24
CA SER I 228 32.52 -34.00 -43.50
C SER I 228 32.09 -32.54 -43.66
N PHE I 229 30.81 -32.29 -44.04
CA PHE I 229 30.28 -30.92 -44.04
C PHE I 229 28.75 -30.61 -44.28
N LEU I 230 28.29 -29.48 -43.73
CA LEU I 230 27.11 -28.70 -44.19
C LEU I 230 25.71 -29.22 -43.82
N VAL I 231 24.78 -28.23 -43.70
CA VAL I 231 23.30 -28.31 -43.79
C VAL I 231 22.68 -26.89 -43.89
N THR I 232 21.35 -26.80 -43.82
CA THR I 232 20.64 -25.50 -43.79
C THR I 232 19.74 -25.33 -42.57
N ASP I 233 19.18 -26.44 -42.11
CA ASP I 233 18.27 -26.41 -40.97
C ASP I 233 19.05 -26.34 -39.67
N ASP I 234 18.97 -25.19 -39.01
CA ASP I 234 19.72 -24.96 -37.78
C ASP I 234 19.39 -25.93 -36.66
N ALA I 235 19.10 -25.39 -35.48
CA ALA I 235 18.63 -26.16 -34.34
C ALA I 235 18.63 -27.66 -34.57
N SER I 236 19.77 -28.20 -34.99
CA SER I 236 19.94 -29.64 -35.16
C SER I 236 21.35 -29.98 -35.61
N SER I 237 21.94 -29.14 -36.43
CA SER I 237 23.32 -29.36 -36.86
C SER I 237 24.29 -28.83 -35.81
N VAL I 238 23.82 -27.95 -34.93
CA VAL I 238 24.60 -27.48 -33.80
C VAL I 238 24.74 -28.57 -32.75
N GLU I 239 23.81 -29.50 -32.74
CA GLU I 239 23.83 -30.56 -31.75
C GLU I 239 25.16 -31.34 -31.81
N GLY I 240 25.74 -31.59 -30.65
CA GLY I 240 26.96 -32.38 -30.57
C GLY I 240 28.19 -31.65 -31.06
N ALA I 241 28.06 -30.35 -31.29
CA ALA I 241 29.19 -29.54 -31.73
C ALA I 241 30.15 -29.38 -30.57
N ASP I 242 31.45 -29.43 -30.88
CA ASP I 242 32.46 -29.23 -29.86
C ASP I 242 32.91 -27.79 -29.90
N PHE I 243 32.78 -27.18 -31.08
CA PHE I 243 33.15 -25.80 -31.29
C PHE I 243 32.07 -25.11 -32.11
N LEU I 244 31.60 -23.96 -31.63
CA LEU I 244 30.64 -23.12 -32.35
C LEU I 244 31.28 -21.79 -32.74
N TYR I 245 31.29 -21.51 -34.03
CA TYR I 245 32.10 -20.43 -34.58
C TYR I 245 31.24 -19.53 -35.44
N THR I 246 31.39 -18.22 -35.26
CA THR I 246 30.65 -17.28 -36.10
C THR I 246 31.49 -16.05 -36.48
N ASP I 247 31.04 -15.35 -37.52
CA ASP I 247 31.64 -14.10 -37.95
C ASP I 247 30.48 -13.11 -38.05
N VAL I 248 30.70 -11.96 -38.68
CA VAL I 248 29.68 -10.93 -38.73
C VAL I 248 28.81 -11.04 -39.98
N TRP I 249 27.67 -10.35 -39.95
CA TRP I 249 26.66 -10.47 -41.01
C TRP I 249 26.76 -9.47 -42.15
N TYR I 250 27.50 -8.38 -41.96
CA TYR I 250 27.80 -7.45 -43.05
C TYR I 250 28.15 -8.26 -44.31
N GLY I 251 27.98 -7.66 -45.48
CA GLY I 251 28.26 -8.35 -46.73
C GLY I 251 29.72 -8.31 -47.13
N GLU I 261 18.46 -4.88 -42.91
CA GLU I 261 18.35 -5.91 -43.94
C GLU I 261 19.15 -7.16 -43.55
N ARG I 262 20.30 -6.93 -42.91
CA ARG I 262 21.06 -8.02 -42.31
C ARG I 262 20.17 -8.73 -41.30
N MET I 263 19.55 -7.93 -40.44
CA MET I 263 18.67 -8.47 -39.40
C MET I 263 17.53 -9.28 -40.01
N LYS I 264 17.04 -8.80 -41.15
CA LYS I 264 15.94 -9.48 -41.84
C LYS I 264 16.26 -10.96 -42.09
N VAL I 265 17.42 -11.21 -42.67
CA VAL I 265 17.79 -12.57 -43.08
C VAL I 265 18.30 -13.47 -41.95
N PHE I 266 19.08 -12.91 -41.03
CA PHE I 266 19.76 -13.71 -40.02
C PHE I 266 19.12 -13.76 -38.62
N TYR I 267 18.43 -12.68 -38.20
CA TYR I 267 17.92 -12.59 -36.83
C TYR I 267 16.74 -13.52 -36.44
N PRO I 268 16.21 -14.28 -37.41
CA PRO I 268 15.52 -15.43 -36.81
C PRO I 268 16.52 -16.22 -35.96
N LYS I 269 16.97 -17.36 -36.51
CA LYS I 269 17.97 -18.19 -35.86
C LYS I 269 19.33 -17.54 -35.98
N TYR I 270 20.29 -18.27 -36.55
CA TYR I 270 21.61 -17.77 -36.94
C TYR I 270 22.34 -16.86 -35.94
N GLN I 271 21.66 -16.45 -34.87
CA GLN I 271 22.32 -15.73 -33.79
C GLN I 271 22.72 -16.68 -32.68
N VAL I 272 23.97 -16.57 -32.25
CA VAL I 272 24.48 -17.45 -31.20
C VAL I 272 24.18 -16.90 -29.79
N ASN I 273 23.17 -17.48 -29.16
CA ASN I 273 22.74 -17.08 -27.83
C ASN I 273 22.91 -18.27 -26.92
N GLN I 274 22.61 -18.10 -25.63
CA GLN I 274 22.80 -19.21 -24.69
C GLN I 274 21.98 -20.44 -25.09
N GLU I 275 20.74 -20.21 -25.52
CA GLU I 275 19.87 -21.28 -25.96
C GLU I 275 20.54 -22.08 -27.07
N MET I 276 21.01 -21.37 -28.09
CA MET I 276 21.75 -21.98 -29.19
C MET I 276 22.98 -22.74 -28.68
N MET I 277 23.65 -22.16 -27.68
CA MET I 277 24.84 -22.73 -27.09
C MET I 277 24.49 -24.05 -26.42
N ASP I 278 23.48 -24.00 -25.56
CA ASP I 278 23.03 -25.17 -24.83
C ASP I 278 22.63 -26.27 -25.80
N ARG I 279 21.95 -25.87 -26.87
CA ARG I 279 21.48 -26.82 -27.87
C ARG I 279 22.61 -27.62 -28.48
N ALA I 280 23.78 -26.97 -28.55
CA ALA I 280 24.96 -27.56 -29.15
C ALA I 280 25.58 -28.62 -28.24
N GLY I 281 25.81 -28.25 -26.99
CA GLY I 281 26.47 -29.15 -26.07
C GLY I 281 26.71 -28.48 -24.74
N ALA I 282 26.90 -29.29 -23.71
CA ALA I 282 27.14 -28.77 -22.37
C ALA I 282 28.40 -27.91 -22.33
N ASN I 283 29.49 -28.43 -22.90
CA ASN I 283 30.75 -27.70 -22.92
C ASN I 283 31.25 -27.43 -24.32
N CYS I 284 30.35 -27.02 -25.19
CA CYS I 284 30.73 -26.54 -26.50
C CYS I 284 31.38 -25.17 -26.33
N LYS I 285 32.63 -25.03 -26.76
CA LYS I 285 33.34 -23.77 -26.63
C LYS I 285 32.94 -22.85 -27.80
N PHE I 286 32.93 -21.54 -27.54
CA PHE I 286 32.54 -20.54 -28.55
C PHE I 286 33.72 -19.78 -29.16
N MET I 287 33.69 -19.64 -30.49
CA MET I 287 34.76 -18.99 -31.24
C MET I 287 34.24 -17.91 -32.18
N HIS I 288 35.01 -16.83 -32.27
CA HIS I 288 34.68 -15.68 -33.12
C HIS I 288 36.00 -15.02 -33.51
N CYS I 289 36.18 -14.76 -34.80
CA CYS I 289 37.46 -14.21 -35.28
C CYS I 289 37.58 -12.75 -34.93
N LEU I 290 36.48 -12.17 -34.48
CA LEU I 290 36.41 -10.78 -34.11
C LEU I 290 36.67 -9.90 -35.33
N PRO I 291 36.14 -8.67 -35.33
CA PRO I 291 35.46 -8.03 -34.20
C PRO I 291 34.01 -8.46 -34.13
N ALA I 292 33.41 -8.40 -32.95
CA ALA I 292 32.04 -8.85 -32.82
C ALA I 292 31.05 -7.71 -32.60
N THR I 293 30.00 -7.68 -33.43
CA THR I 293 28.86 -6.82 -33.16
C THR I 293 27.93 -7.53 -32.17
N ARG I 294 28.13 -7.26 -30.88
CA ARG I 294 27.34 -7.89 -29.83
C ARG I 294 25.86 -7.57 -30.00
N GLY I 295 25.00 -8.56 -29.77
CA GLY I 295 23.59 -8.40 -29.99
C GLY I 295 23.13 -8.94 -31.32
N GLU I 296 23.99 -8.86 -32.34
CA GLU I 296 23.67 -9.43 -33.65
C GLU I 296 24.02 -10.92 -33.77
N GLU I 297 25.24 -11.23 -34.20
CA GLU I 297 25.60 -12.64 -34.43
C GLU I 297 25.84 -13.44 -33.15
N VAL I 298 25.88 -12.75 -32.02
CA VAL I 298 26.10 -13.41 -30.74
C VAL I 298 25.68 -12.50 -29.59
N THR I 299 25.01 -13.08 -28.59
CA THR I 299 24.62 -12.33 -27.39
C THR I 299 25.82 -12.20 -26.46
N ASP I 300 25.77 -11.20 -25.58
CA ASP I 300 26.87 -10.93 -24.69
C ASP I 300 27.10 -12.07 -23.69
N GLU I 301 26.01 -12.65 -23.18
CA GLU I 301 26.11 -13.76 -22.21
C GLU I 301 26.91 -14.97 -22.74
N VAL I 302 26.99 -15.09 -24.06
CA VAL I 302 27.75 -16.16 -24.70
C VAL I 302 29.22 -15.79 -24.86
N ILE I 303 29.47 -14.68 -25.54
CA ILE I 303 30.83 -14.26 -25.84
C ILE I 303 31.61 -13.97 -24.57
N ASP I 304 30.93 -13.47 -23.55
CA ASP I 304 31.61 -13.19 -22.29
C ASP I 304 31.43 -14.36 -21.33
N GLY I 305 30.90 -15.46 -21.85
CA GLY I 305 30.63 -16.65 -21.06
C GLY I 305 31.82 -17.55 -20.73
N LYS I 306 31.59 -18.48 -19.81
CA LYS I 306 32.62 -19.41 -19.35
C LYS I 306 33.15 -20.31 -20.48
N ASN I 307 32.35 -20.48 -21.53
CA ASN I 307 32.73 -21.35 -22.63
C ASN I 307 33.25 -20.60 -23.84
N SER I 308 33.47 -19.29 -23.68
CA SER I 308 34.00 -18.50 -24.77
C SER I 308 35.53 -18.53 -24.77
N ILE I 309 36.11 -18.81 -25.93
CA ILE I 309 37.57 -18.86 -26.07
C ILE I 309 38.01 -17.88 -27.13
N CYS I 310 37.10 -17.00 -27.51
CA CYS I 310 37.33 -16.14 -28.65
C CYS I 310 38.54 -15.21 -28.43
N PHE I 311 38.89 -14.99 -27.16
CA PHE I 311 40.03 -14.13 -26.84
C PHE I 311 41.37 -14.88 -26.80
N ASP I 312 41.34 -16.14 -26.39
CA ASP I 312 42.51 -17.01 -26.54
C ASP I 312 42.78 -17.12 -28.03
N GLU I 313 41.73 -17.45 -28.78
CA GLU I 313 41.80 -17.49 -30.24
C GLU I 313 42.45 -16.24 -30.81
N ALA I 314 42.05 -15.09 -30.29
CA ALA I 314 42.60 -13.79 -30.68
C ALA I 314 44.11 -13.72 -30.45
N GLU I 315 44.53 -14.01 -29.22
CA GLU I 315 45.95 -14.08 -28.91
C GLU I 315 46.66 -15.01 -29.89
N ASN I 316 46.03 -16.14 -30.21
CA ASN I 316 46.61 -17.12 -31.11
C ASN I 316 46.78 -16.63 -32.54
N ARG I 317 46.13 -15.53 -32.89
CA ARG I 317 46.36 -14.91 -34.20
C ARG I 317 47.85 -14.59 -34.34
N LEU I 318 48.42 -14.16 -33.22
CA LEU I 318 49.84 -13.89 -33.10
C LEU I 318 50.64 -15.19 -32.92
N THR I 319 50.23 -16.02 -31.95
CA THR I 319 50.84 -17.32 -31.72
C THR I 319 51.22 -18.04 -33.00
N SER I 320 50.36 -17.93 -34.01
CA SER I 320 50.49 -18.63 -35.28
C SER I 320 51.31 -17.88 -36.31
N ILE I 321 51.18 -16.56 -36.38
CA ILE I 321 51.99 -15.81 -37.34
C ILE I 321 53.43 -15.81 -36.83
N ARG I 322 53.58 -15.83 -35.52
CA ARG I 322 54.89 -15.99 -34.87
C ARG I 322 55.59 -17.20 -35.50
N GLY I 323 54.91 -18.34 -35.51
CA GLY I 323 55.52 -19.56 -36.00
C GLY I 323 55.59 -19.62 -37.51
N LEU I 324 54.60 -19.04 -38.16
CA LEU I 324 54.50 -19.12 -39.60
C LEU I 324 55.71 -18.41 -40.22
N LEU I 325 56.09 -17.29 -39.61
CA LEU I 325 57.23 -16.47 -40.06
C LEU I 325 58.52 -17.26 -39.93
N VAL I 326 58.69 -17.87 -38.77
CA VAL I 326 59.84 -18.71 -38.52
C VAL I 326 59.94 -19.82 -39.59
N TYR I 327 58.86 -20.57 -39.79
CA TYR I 327 58.89 -21.62 -40.81
C TYR I 327 59.39 -21.10 -42.16
N LEU I 328 58.69 -20.11 -42.69
CA LEU I 328 58.97 -19.65 -44.04
C LEU I 328 60.41 -19.21 -44.21
N MET I 329 60.96 -18.60 -43.17
CA MET I 329 62.30 -18.04 -43.17
C MET I 329 63.35 -19.11 -43.07
N ASN I 330 63.21 -20.00 -42.09
CA ASN I 330 64.08 -21.16 -41.96
C ASN I 330 64.11 -21.96 -43.26
N ASP I 331 62.93 -22.16 -43.84
CA ASP I 331 62.81 -22.87 -45.09
C ASP I 331 63.52 -22.11 -46.18
N TYR I 332 63.36 -20.79 -46.17
CA TYR I 332 64.06 -20.00 -47.16
C TYR I 332 65.57 -20.11 -47.02
N GLU I 333 66.08 -20.27 -45.80
CA GLU I 333 67.52 -20.31 -45.58
C GLU I 333 68.17 -21.61 -46.01
N ALA I 334 67.59 -22.74 -45.61
CA ALA I 334 67.84 -23.94 -46.39
C ALA I 334 67.40 -23.46 -47.76
N LYS I 335 68.02 -23.96 -48.80
CA LYS I 335 67.63 -23.58 -50.16
C LYS I 335 68.46 -22.42 -50.62
N ASN I 336 68.83 -21.57 -49.65
CA ASN I 336 69.54 -20.33 -49.95
C ASN I 336 70.55 -20.02 -48.84
N PRO I 337 71.40 -20.99 -48.55
CA PRO I 337 72.20 -21.02 -47.33
C PRO I 337 73.46 -20.21 -47.54
N TYR I 338 73.99 -19.62 -46.47
CA TYR I 338 75.12 -18.70 -46.58
C TYR I 338 76.43 -19.45 -46.66
N ASP I 339 77.35 -18.95 -47.47
CA ASP I 339 78.69 -19.52 -47.52
C ASP I 339 79.45 -19.06 -46.29
N LEU I 340 79.59 -19.94 -45.30
CA LEU I 340 80.18 -19.54 -44.05
C LEU I 340 81.56 -18.91 -44.23
N ILE I 341 82.24 -19.36 -45.28
CA ILE I 341 83.58 -18.88 -45.62
C ILE I 341 83.48 -17.48 -46.16
N LYS I 342 82.77 -17.34 -47.27
CA LYS I 342 82.51 -16.03 -47.87
C LYS I 342 82.08 -15.05 -46.79
N GLN I 343 81.25 -15.55 -45.87
CA GLN I 343 80.72 -14.76 -44.77
C GLN I 343 81.84 -14.31 -43.86
N ALA I 344 82.66 -15.26 -43.43
CA ALA I 344 83.78 -14.93 -42.56
C ALA I 344 84.73 -13.90 -43.15
N GLU I 345 85.04 -14.02 -44.45
CA GLU I 345 85.93 -13.07 -45.11
C GLU I 345 85.25 -11.71 -45.18
N ALA I 346 84.01 -11.70 -45.67
CA ALA I 346 83.24 -10.48 -45.80
C ALA I 346 83.29 -9.70 -44.51
N LYS I 347 83.21 -10.43 -43.41
CA LYS I 347 83.23 -9.81 -42.11
C LYS I 347 84.61 -9.24 -41.82
N LYS I 348 85.67 -10.01 -42.07
CA LYS I 348 87.02 -9.53 -41.79
C LYS I 348 87.31 -8.32 -42.67
N GLU I 349 86.96 -8.44 -43.94
CA GLU I 349 87.16 -7.36 -44.89
C GLU I 349 86.55 -6.08 -44.35
N LEU I 350 85.32 -6.19 -43.85
CA LEU I 350 84.64 -5.03 -43.31
C LEU I 350 85.38 -4.47 -42.09
N GLU I 351 85.78 -5.35 -41.17
CA GLU I 351 86.50 -4.94 -39.95
C GLU I 351 87.72 -4.14 -40.30
N VAL I 352 88.52 -4.70 -41.20
CA VAL I 352 89.75 -4.05 -41.60
C VAL I 352 89.48 -2.67 -42.18
N PHE I 353 88.54 -2.61 -43.11
CA PHE I 353 88.17 -1.34 -43.72
C PHE I 353 87.83 -0.31 -42.66
N LEU I 354 86.96 -0.68 -41.74
CA LEU I 354 86.53 0.23 -40.68
C LEU I 354 87.67 0.60 -39.72
N ASP I 355 88.56 -0.35 -39.45
CA ASP I 355 89.68 -0.14 -38.54
C ASP I 355 90.79 0.75 -39.12
N THR I 356 90.81 0.89 -40.45
CA THR I 356 91.97 1.47 -41.13
C THR I 356 91.66 2.64 -42.08
N GLN I 357 90.44 2.70 -42.59
CA GLN I 357 90.11 3.71 -43.58
C GLN I 357 89.24 4.80 -42.97
N SER I 358 89.40 6.03 -43.47
CA SER I 358 88.52 7.14 -43.07
C SER I 358 88.49 8.27 -44.08
N ILE I 359 87.59 9.24 -43.86
CA ILE I 359 87.58 10.50 -44.63
C ILE I 359 87.34 11.74 -43.76
N SER J 19 -23.34 -0.73 80.65
CA SER J 19 -23.40 -1.51 81.88
C SER J 19 -22.15 -2.36 82.09
N HIS J 20 -22.06 -2.95 83.27
CA HIS J 20 -20.95 -3.86 83.60
C HIS J 20 -21.44 -5.29 83.82
N MET J 21 -22.76 -5.48 83.85
CA MET J 21 -23.33 -6.84 83.92
C MET J 21 -24.15 -7.18 82.69
N LYS J 22 -23.48 -7.15 81.55
CA LYS J 22 -24.05 -7.43 80.23
C LYS J 22 -23.27 -6.61 79.24
N ARG J 23 -23.41 -6.92 77.96
CA ARG J 23 -22.75 -6.14 76.94
C ARG J 23 -23.58 -6.12 75.68
N ASP J 24 -23.57 -4.99 74.99
CA ASP J 24 -24.32 -4.84 73.74
C ASP J 24 -23.41 -4.87 72.51
N TYR J 25 -24.02 -4.80 71.34
CA TYR J 25 -23.30 -4.74 70.08
C TYR J 25 -23.98 -3.71 69.19
N VAL J 26 -23.70 -2.44 69.44
CA VAL J 26 -24.32 -1.35 68.70
C VAL J 26 -23.42 -0.78 67.64
N THR J 27 -22.14 -0.60 67.97
CA THR J 27 -21.13 -0.38 66.94
C THR J 27 -19.78 -0.92 67.35
N THR J 28 -18.95 -1.22 66.35
CA THR J 28 -17.65 -1.82 66.60
C THR J 28 -16.67 -0.81 67.19
N GLU J 29 -17.18 0.39 67.46
CA GLU J 29 -16.34 1.44 68.03
C GLU J 29 -16.03 1.09 69.48
N THR J 30 -16.88 0.26 70.08
CA THR J 30 -16.71 -0.16 71.46
C THR J 30 -15.89 -1.46 71.61
N TYR J 31 -15.49 -2.05 70.47
CA TYR J 31 -14.67 -3.28 70.49
C TYR J 31 -13.23 -3.05 70.01
N THR J 32 -12.29 -3.68 70.69
CA THR J 32 -10.89 -3.59 70.31
C THR J 32 -10.57 -4.54 69.17
N LYS J 33 -9.43 -4.31 68.52
CA LYS J 33 -9.02 -5.18 67.43
C LYS J 33 -9.01 -6.64 67.90
N GLU J 34 -8.48 -6.85 69.10
CA GLU J 34 -8.33 -8.21 69.62
C GLU J 34 -9.71 -8.82 69.82
N GLU J 35 -10.61 -8.04 70.40
CA GLU J 35 -11.97 -8.52 70.64
C GLU J 35 -12.60 -8.96 69.33
N MET J 36 -12.43 -8.14 68.29
CA MET J 36 -12.98 -8.49 67.00
C MET J 36 -12.36 -9.80 66.52
N HIS J 37 -11.04 -9.92 66.70
CA HIS J 37 -10.35 -11.14 66.30
C HIS J 37 -11.02 -12.33 67.01
N TYR J 38 -11.22 -12.19 68.32
CA TYR J 38 -11.93 -13.22 69.09
C TYR J 38 -13.20 -13.63 68.36
N LEU J 39 -14.03 -12.62 68.09
CA LEU J 39 -15.31 -12.84 67.43
C LEU J 39 -15.17 -13.62 66.12
N VAL J 40 -14.29 -13.18 65.24
CA VAL J 40 -14.07 -13.90 63.99
C VAL J 40 -13.70 -15.37 64.22
N ASP J 41 -12.76 -15.61 65.14
CA ASP J 41 -12.34 -16.98 65.43
C ASP J 41 -13.54 -17.79 65.93
N LEU J 42 -14.24 -17.26 66.94
CA LEU J 42 -15.42 -17.96 67.46
C LEU J 42 -16.42 -18.26 66.35
N SER J 43 -16.80 -17.21 65.63
CA SER J 43 -17.71 -17.34 64.50
C SER J 43 -17.33 -18.45 63.53
N LEU J 44 -16.06 -18.44 63.14
CA LEU J 44 -15.53 -19.40 62.18
C LEU J 44 -15.41 -20.83 62.72
N LYS J 45 -15.02 -20.99 63.99
CA LYS J 45 -14.93 -22.31 64.61
C LYS J 45 -16.31 -22.97 64.63
N ILE J 46 -17.31 -22.15 64.94
CA ILE J 46 -18.69 -22.57 64.89
C ILE J 46 -19.11 -22.90 63.46
N LYS J 47 -18.71 -22.06 62.52
CA LYS J 47 -19.05 -22.34 61.14
C LYS J 47 -18.55 -23.74 60.75
N GLU J 48 -17.29 -24.03 61.05
CA GLU J 48 -16.70 -25.29 60.62
C GLU J 48 -17.42 -26.50 61.21
N ALA J 49 -17.90 -26.34 62.44
CA ALA J 49 -18.63 -27.39 63.11
C ALA J 49 -19.93 -27.66 62.38
N ILE J 50 -20.67 -26.60 62.13
CA ILE J 50 -21.98 -26.73 61.51
C ILE J 50 -21.82 -27.13 60.06
N LYS J 51 -20.80 -26.59 59.41
CA LYS J 51 -20.51 -27.00 58.04
C LYS J 51 -20.38 -28.52 57.95
N ASN J 52 -19.98 -29.15 59.06
CA ASN J 52 -19.67 -30.56 59.06
C ASN J 52 -20.60 -31.45 59.88
N GLY J 53 -21.78 -30.91 60.21
CA GLY J 53 -22.84 -31.73 60.77
C GLY J 53 -22.97 -31.66 62.27
N TYR J 54 -22.12 -30.88 62.92
CA TYR J 54 -22.19 -30.76 64.36
C TYR J 54 -22.85 -29.45 64.67
N TYR J 55 -24.02 -29.50 65.30
CA TYR J 55 -24.73 -28.30 65.71
C TYR J 55 -24.52 -28.03 67.20
N PRO J 56 -23.56 -27.16 67.52
CA PRO J 56 -23.24 -26.72 68.89
C PRO J 56 -24.44 -26.08 69.58
N GLN J 57 -25.02 -26.77 70.56
CA GLN J 57 -26.20 -26.23 71.23
C GLN J 57 -25.81 -25.28 72.34
N LEU J 58 -25.16 -24.18 71.96
CA LEU J 58 -24.69 -23.20 72.94
C LEU J 58 -25.80 -22.31 73.49
N LEU J 59 -26.93 -22.25 72.79
CA LEU J 59 -28.06 -21.40 73.19
C LEU J 59 -29.37 -22.14 73.50
N LYS J 60 -29.28 -23.33 74.05
CA LYS J 60 -30.46 -24.13 74.35
C LYS J 60 -31.52 -23.31 75.11
N ASN J 61 -32.73 -23.27 74.56
CA ASN J 61 -33.91 -22.74 75.26
C ASN J 61 -33.93 -21.22 75.39
N LYS J 62 -32.89 -20.58 74.87
CA LYS J 62 -32.77 -19.14 74.95
C LYS J 62 -33.63 -18.46 73.88
N SER J 63 -34.30 -17.38 74.27
CA SER J 63 -35.22 -16.68 73.38
C SER J 63 -34.66 -15.35 72.94
N LEU J 64 -34.61 -15.12 71.64
CA LEU J 64 -34.16 -13.86 71.06
C LEU J 64 -35.34 -13.11 70.49
N GLY J 65 -35.49 -11.86 70.92
CA GLY J 65 -36.52 -10.99 70.37
C GLY J 65 -36.00 -10.12 69.24
N MET J 66 -36.62 -10.25 68.06
CA MET J 66 -36.18 -9.50 66.89
C MET J 66 -37.19 -8.40 66.60
N ILE J 67 -36.69 -7.17 66.59
CA ILE J 67 -37.51 -6.00 66.34
C ILE J 67 -37.15 -5.39 65.02
N PHE J 68 -38.06 -5.46 64.05
CA PHE J 68 -37.83 -4.81 62.76
C PHE J 68 -38.74 -3.61 62.63
N GLN J 69 -38.21 -2.50 62.12
CA GLN J 69 -39.04 -1.34 61.81
C GLN J 69 -39.10 -1.20 60.30
N GLN J 70 -38.19 -1.90 59.63
CA GLN J 70 -38.17 -1.99 58.19
C GLN J 70 -37.87 -3.46 57.90
N SER J 71 -38.85 -4.16 57.33
CA SER J 71 -38.67 -5.59 57.07
C SER J 71 -37.34 -5.88 56.36
N SER J 72 -36.70 -6.98 56.76
CA SER J 72 -35.46 -7.40 56.13
C SER J 72 -35.30 -8.91 56.19
N THR J 73 -35.80 -9.58 55.16
CA THR J 73 -35.70 -11.02 55.05
C THR J 73 -34.29 -11.60 55.27
N ARG J 74 -33.30 -11.18 54.48
CA ARG J 74 -31.93 -11.64 54.70
C ARG J 74 -31.54 -11.57 56.20
N THR J 75 -31.78 -10.41 56.82
CA THR J 75 -31.46 -10.22 58.24
C THR J 75 -32.34 -11.06 59.16
N ARG J 76 -33.64 -11.12 58.89
CA ARG J 76 -34.53 -11.95 59.69
C ARG J 76 -34.20 -13.46 59.66
N VAL J 77 -34.16 -14.06 58.48
CA VAL J 77 -33.95 -15.51 58.43
C VAL J 77 -32.56 -15.83 58.93
N SER J 78 -31.63 -14.87 58.80
CA SER J 78 -30.30 -15.10 59.31
C SER J 78 -30.37 -15.37 60.82
N PHE J 79 -30.99 -14.47 61.57
CA PHE J 79 -31.14 -14.63 63.03
C PHE J 79 -32.00 -15.81 63.41
N GLU J 80 -33.18 -15.89 62.82
CA GLU J 80 -34.15 -16.94 63.08
C GLU J 80 -33.47 -18.32 62.93
N THR J 81 -32.65 -18.46 61.90
CA THR J 81 -31.84 -19.65 61.66
C THR J 81 -30.71 -19.84 62.68
N ALA J 82 -29.87 -18.83 62.84
CA ALA J 82 -28.77 -18.91 63.78
C ALA J 82 -29.26 -19.45 65.11
N MET J 83 -30.40 -18.95 65.57
CA MET J 83 -30.96 -19.40 66.83
C MET J 83 -31.30 -20.89 66.80
N GLU J 84 -32.05 -21.33 65.82
CA GLU J 84 -32.41 -22.74 65.70
C GLU J 84 -31.19 -23.69 65.76
N GLN J 85 -30.14 -23.34 65.04
CA GLN J 85 -28.97 -24.21 64.96
C GLN J 85 -28.33 -24.37 66.33
N LEU J 86 -28.39 -23.31 67.12
CA LEU J 86 -27.76 -23.30 68.43
C LEU J 86 -28.71 -23.71 69.56
N GLY J 87 -29.89 -24.20 69.20
CA GLY J 87 -30.84 -24.72 70.17
C GLY J 87 -31.80 -23.71 70.76
N GLY J 88 -31.94 -22.59 70.09
CA GLY J 88 -32.78 -21.51 70.58
C GLY J 88 -33.91 -21.20 69.64
N HIS J 89 -34.49 -20.01 69.82
CA HIS J 89 -35.63 -19.58 69.03
C HIS J 89 -35.52 -18.09 68.76
N GLY J 90 -35.93 -17.70 67.56
CA GLY J 90 -36.05 -16.29 67.23
C GLY J 90 -37.49 -15.80 67.09
N GLU J 91 -37.84 -14.83 67.92
CA GLU J 91 -39.18 -14.26 67.89
C GLU J 91 -39.29 -12.97 67.08
N TYR J 92 -40.17 -12.98 66.08
CA TYR J 92 -40.29 -11.86 65.13
C TYR J 92 -41.37 -10.89 65.51
N LEU J 93 -40.98 -9.69 65.91
CA LEU J 93 -41.94 -8.62 66.15
C LEU J 93 -41.99 -7.73 64.91
N ALA J 94 -42.87 -8.07 63.98
CA ALA J 94 -42.98 -7.35 62.70
C ALA J 94 -43.02 -5.83 62.88
N PRO J 95 -42.64 -5.08 61.81
CA PRO J 95 -42.57 -3.61 61.82
C PRO J 95 -43.68 -2.93 62.63
N GLY J 96 -44.92 -3.33 62.38
CA GLY J 96 -46.06 -2.80 63.12
C GLY J 96 -46.30 -3.52 64.45
N GLN J 97 -46.03 -4.82 64.48
CA GLN J 97 -46.24 -5.61 65.69
C GLN J 97 -45.71 -4.83 66.89
N ILE J 98 -44.46 -4.37 66.80
CA ILE J 98 -43.82 -3.59 67.87
C ILE J 98 -44.44 -2.20 68.04
N GLN J 99 -44.05 -1.48 69.10
CA GLN J 99 -44.56 -0.16 69.43
C GLN J 99 -44.68 0.80 68.25
N LEU J 100 -45.74 0.63 67.44
CA LEU J 100 -45.95 1.46 66.26
C LEU J 100 -46.78 2.70 66.58
N GLY J 101 -47.67 2.58 67.56
CA GLY J 101 -48.48 3.70 67.98
C GLY J 101 -47.61 4.79 68.59
N GLY J 102 -46.46 4.39 69.10
CA GLY J 102 -45.54 5.30 69.76
C GLY J 102 -46.19 6.04 70.92
N HIS J 103 -46.50 5.32 72.00
CA HIS J 103 -47.10 5.91 73.20
C HIS J 103 -46.71 5.15 74.46
N GLU J 104 -45.77 4.19 74.31
CA GLU J 104 -45.11 3.53 75.44
C GLU J 104 -43.62 3.86 75.31
N THR J 105 -43.08 4.59 76.28
CA THR J 105 -41.67 5.02 76.23
C THR J 105 -40.68 3.87 76.08
N ILE J 106 -39.59 4.11 75.35
CA ILE J 106 -38.57 3.09 75.20
C ILE J 106 -38.16 2.57 76.58
N GLU J 107 -38.13 3.44 77.58
CA GLU J 107 -37.80 3.03 78.95
C GLU J 107 -38.69 1.88 79.39
N ASP J 108 -39.99 2.00 79.14
CA ASP J 108 -40.95 0.93 79.44
C ASP J 108 -40.73 -0.30 78.54
N THR J 109 -40.80 -0.09 77.24
CA THR J 109 -40.62 -1.19 76.31
C THR J 109 -39.37 -1.97 76.67
N SER J 110 -38.26 -1.27 76.90
CA SER J 110 -36.98 -1.89 77.25
C SER J 110 -37.08 -2.72 78.53
N ARG J 111 -37.69 -2.13 79.55
CA ARG J 111 -37.77 -2.81 80.83
C ARG J 111 -38.56 -4.13 80.78
N VAL J 112 -39.67 -4.13 80.05
CA VAL J 112 -40.51 -5.33 80.04
C VAL J 112 -40.00 -6.38 79.04
N LEU J 113 -39.43 -5.93 77.93
CA LEU J 113 -38.81 -6.85 77.00
C LEU J 113 -37.72 -7.64 77.71
N SER J 114 -37.08 -7.03 78.69
CA SER J 114 -35.96 -7.66 79.39
C SER J 114 -36.43 -8.83 80.25
N ARG J 115 -37.71 -8.84 80.57
CA ARG J 115 -38.29 -9.91 81.38
C ARG J 115 -38.88 -11.02 80.52
N LEU J 116 -38.87 -10.85 79.20
CA LEU J 116 -39.57 -11.78 78.31
C LEU J 116 -38.69 -12.51 77.29
N VAL J 117 -37.52 -11.95 77.03
CA VAL J 117 -36.55 -12.64 76.21
C VAL J 117 -35.17 -12.56 76.82
N ASP J 118 -34.26 -13.34 76.28
CA ASP J 118 -32.92 -13.47 76.82
C ASP J 118 -31.94 -12.45 76.18
N ILE J 119 -32.27 -12.01 74.98
CA ILE J 119 -31.39 -11.14 74.20
C ILE J 119 -32.22 -10.45 73.11
N LEU J 120 -31.73 -9.31 72.62
CA LEU J 120 -32.51 -8.46 71.72
C LEU J 120 -31.74 -8.01 70.52
N MET J 121 -32.41 -8.00 69.37
CA MET J 121 -31.85 -7.42 68.16
C MET J 121 -32.87 -6.45 67.56
N ALA J 122 -32.40 -5.38 66.93
CA ALA J 122 -33.33 -4.40 66.37
C ALA J 122 -32.80 -3.74 65.10
N ARG J 123 -33.57 -3.87 64.01
CA ARG J 123 -33.31 -3.15 62.77
C ARG J 123 -34.14 -1.87 62.85
N VAL J 124 -33.51 -0.83 63.37
CA VAL J 124 -34.23 0.41 63.67
C VAL J 124 -34.02 1.46 62.56
N GLU J 125 -34.94 2.41 62.46
CA GLU J 125 -34.88 3.41 61.42
C GLU J 125 -33.86 4.47 61.80
N ARG J 126 -34.03 5.01 62.99
CA ARG J 126 -33.13 6.03 63.49
C ARG J 126 -32.20 5.42 64.51
N HIS J 127 -30.89 5.51 64.28
CA HIS J 127 -29.90 4.96 65.20
C HIS J 127 -30.12 5.34 66.67
N HIS J 128 -30.43 6.60 66.93
CA HIS J 128 -30.61 7.05 68.31
C HIS J 128 -31.41 6.01 69.12
N SER J 129 -32.49 5.47 68.54
CA SER J 129 -33.39 4.63 69.30
C SER J 129 -32.84 3.22 69.54
N ILE J 130 -31.93 2.77 68.68
CA ILE J 130 -31.29 1.47 68.89
C ILE J 130 -30.42 1.54 70.15
N VAL J 131 -29.80 2.69 70.39
CA VAL J 131 -28.93 2.80 71.54
C VAL J 131 -29.75 3.09 72.80
N ASP J 132 -30.81 3.87 72.64
CA ASP J 132 -31.75 4.09 73.74
C ASP J 132 -32.22 2.74 74.27
N LEU J 133 -32.46 1.82 73.35
CA LEU J 133 -32.87 0.47 73.68
C LEU J 133 -31.76 -0.28 74.40
N ALA J 134 -30.54 -0.22 73.85
CA ALA J 134 -29.37 -0.85 74.44
C ALA J 134 -29.10 -0.32 75.85
N ASN J 135 -29.42 0.96 76.07
CA ASN J 135 -29.15 1.59 77.35
C ASN J 135 -30.16 1.22 78.42
N CYS J 136 -31.40 1.01 78.00
CA CYS J 136 -32.48 0.81 78.95
C CYS J 136 -32.83 -0.66 79.19
N ALA J 137 -32.34 -1.52 78.32
CA ALA J 137 -32.55 -2.95 78.50
C ALA J 137 -31.48 -3.53 79.42
N THR J 138 -31.83 -4.58 80.14
CA THR J 138 -30.89 -5.25 81.04
C THR J 138 -30.25 -6.46 80.36
N ILE J 139 -30.76 -6.78 79.18
CA ILE J 139 -30.26 -7.88 78.39
C ILE J 139 -29.48 -7.34 77.19
N PRO J 140 -28.56 -8.15 76.68
CA PRO J 140 -27.74 -7.69 75.55
C PRO J 140 -28.62 -7.23 74.39
N VAL J 141 -28.20 -6.18 73.71
CA VAL J 141 -28.88 -5.69 72.51
C VAL J 141 -27.95 -5.70 71.29
N ILE J 142 -28.47 -6.11 70.15
CA ILE J 142 -27.69 -6.15 68.91
C ILE J 142 -28.30 -5.24 67.87
N ASN J 143 -27.46 -4.51 67.16
CA ASN J 143 -27.94 -3.55 66.18
C ASN J 143 -28.06 -4.17 64.79
N GLY J 144 -29.28 -4.54 64.43
CA GLY J 144 -29.55 -5.17 63.15
C GLY J 144 -29.11 -4.32 61.97
N MET J 145 -29.20 -3.01 62.18
CA MET J 145 -28.75 -1.99 61.24
C MET J 145 -29.59 -0.74 61.46
N SER J 146 -28.92 0.39 61.55
CA SER J 146 -29.59 1.67 61.72
C SER J 146 -29.31 2.55 60.51
N ASP J 147 -29.67 3.83 60.62
CA ASP J 147 -29.38 4.79 59.57
C ASP J 147 -27.89 5.14 59.60
N TYR J 148 -27.20 4.68 60.66
CA TYR J 148 -25.83 5.09 60.97
C TYR J 148 -24.76 4.10 60.59
N ASN J 149 -24.94 2.86 61.06
CA ASN J 149 -24.01 1.80 60.74
C ASN J 149 -24.70 0.44 60.62
N HIS J 150 -23.90 -0.57 60.29
CA HIS J 150 -24.40 -1.92 60.10
C HIS J 150 -23.35 -2.87 60.66
N PRO J 151 -23.32 -3.03 61.99
CA PRO J 151 -22.18 -3.66 62.69
C PRO J 151 -22.17 -5.18 62.53
N THR J 152 -23.35 -5.75 62.45
CA THR J 152 -23.50 -7.17 62.22
C THR J 152 -23.03 -7.54 60.81
N GLN J 153 -22.88 -6.52 59.94
CA GLN J 153 -22.33 -6.72 58.61
C GLN J 153 -20.82 -6.48 58.62
N GLU J 154 -20.37 -5.50 59.41
CA GLU J 154 -18.93 -5.30 59.52
C GLU J 154 -18.28 -6.67 59.81
N LEU J 155 -18.90 -7.43 60.73
CA LEU J 155 -18.30 -8.68 61.18
C LEU J 155 -18.44 -9.78 60.15
N GLY J 156 -19.59 -9.87 59.49
CA GLY J 156 -19.79 -10.85 58.44
C GLY J 156 -18.76 -10.68 57.35
N ASP J 157 -18.44 -9.43 57.06
CA ASP J 157 -17.51 -9.13 55.98
C ASP J 157 -16.06 -9.36 56.41
N LEU J 158 -15.77 -9.08 57.68
CA LEU J 158 -14.45 -9.38 58.21
C LEU J 158 -14.15 -10.87 58.04
N CYS J 159 -15.09 -11.70 58.47
CA CYS J 159 -14.93 -13.15 58.35
C CYS J 159 -14.66 -13.50 56.91
N THR J 160 -15.40 -12.86 56.01
CA THR J 160 -15.31 -13.19 54.60
C THR J 160 -13.89 -12.93 54.07
N MET J 161 -13.35 -11.78 54.46
CA MET J 161 -12.04 -11.36 53.97
C MET J 161 -10.96 -12.27 54.50
N VAL J 162 -11.05 -12.59 55.78
CA VAL J 162 -10.17 -13.55 56.40
C VAL J 162 -10.07 -14.85 55.58
N GLU J 163 -11.23 -15.43 55.27
CA GLU J 163 -11.33 -16.63 54.47
C GLU J 163 -10.77 -16.47 53.06
N HIS J 164 -10.42 -15.25 52.65
CA HIS J 164 -10.02 -15.00 51.28
C HIS J 164 -8.81 -14.06 51.11
N LEU J 165 -7.66 -14.37 51.71
CA LEU J 165 -6.52 -13.43 51.67
C LEU J 165 -5.61 -13.44 50.41
N PRO J 166 -5.73 -14.49 49.58
CA PRO J 166 -4.68 -14.94 48.67
C PRO J 166 -3.26 -14.49 48.97
N GLU J 167 -2.41 -15.48 49.19
CA GLU J 167 -0.96 -15.34 49.09
C GLU J 167 -0.26 -14.38 50.04
N GLY J 168 0.12 -14.91 51.20
CA GLY J 168 1.06 -14.25 52.09
C GLY J 168 0.82 -12.76 52.30
N LYS J 169 -0.36 -12.29 51.94
CA LYS J 169 -0.81 -11.01 52.46
C LYS J 169 -1.48 -11.37 53.78
N LYS J 170 -1.23 -10.59 54.82
CA LYS J 170 -1.67 -10.96 56.15
C LYS J 170 -2.92 -10.23 56.66
N LEU J 171 -3.59 -9.49 55.78
CA LEU J 171 -4.78 -8.70 56.13
C LEU J 171 -4.42 -7.26 56.50
N GLU J 172 -3.59 -7.10 57.54
CA GLU J 172 -3.15 -5.78 57.97
C GLU J 172 -2.59 -4.98 56.80
N ASP J 173 -2.27 -5.68 55.72
CA ASP J 173 -1.67 -5.05 54.53
C ASP J 173 -2.46 -5.33 53.25
N CYS J 174 -3.74 -5.63 53.41
CA CYS J 174 -4.65 -5.71 52.28
C CYS J 174 -5.29 -4.34 52.03
N LYS J 175 -5.70 -4.09 50.79
CA LYS J 175 -6.36 -2.85 50.41
C LYS J 175 -7.82 -3.11 50.09
N VAL J 176 -8.69 -2.43 50.83
CA VAL J 176 -10.12 -2.59 50.67
C VAL J 176 -10.68 -1.29 50.11
N VAL J 177 -11.33 -1.39 48.97
CA VAL J 177 -11.86 -0.20 48.30
C VAL J 177 -13.37 -0.25 48.15
N PHE J 178 -14.03 0.80 48.61
CA PHE J 178 -15.48 0.91 48.45
C PHE J 178 -15.86 1.92 47.36
N VAL J 179 -16.64 1.46 46.37
CA VAL J 179 -17.09 2.34 45.30
C VAL J 179 -18.57 2.74 45.39
N GLY J 180 -18.85 4.03 45.29
CA GLY J 180 -20.20 4.52 45.26
C GLY J 180 -20.58 5.44 46.40
N ASP J 181 -21.84 5.34 46.80
CA ASP J 181 -22.46 6.23 47.76
C ASP J 181 -21.95 5.95 49.18
N ALA J 182 -21.87 6.99 50.02
CA ALA J 182 -21.47 6.83 51.40
C ALA J 182 -22.63 6.30 52.28
N THR J 183 -23.02 5.04 52.03
CA THR J 183 -24.09 4.39 52.78
C THR J 183 -23.56 3.93 54.15
N GLN J 184 -24.45 3.53 55.06
CA GLN J 184 -23.98 3.09 56.36
C GLN J 184 -23.11 1.83 56.21
N VAL J 185 -23.42 1.04 55.18
CA VAL J 185 -22.65 -0.14 54.83
C VAL J 185 -21.23 0.31 54.53
N CYS J 186 -21.13 1.35 53.70
CA CYS J 186 -19.85 1.95 53.39
C CYS J 186 -19.07 2.36 54.65
N PHE J 187 -19.67 3.25 55.44
CA PHE J 187 -19.06 3.72 56.68
C PHE J 187 -18.61 2.55 57.58
N SER J 188 -19.51 1.58 57.76
CA SER J 188 -19.20 0.42 58.58
C SER J 188 -17.95 -0.29 58.08
N LEU J 189 -17.85 -0.46 56.76
CA LEU J 189 -16.72 -1.13 56.16
C LEU J 189 -15.41 -0.44 56.54
N GLY J 190 -15.43 0.89 56.55
CA GLY J 190 -14.24 1.66 56.86
C GLY J 190 -13.95 1.55 58.33
N LEU J 191 -15.04 1.56 59.10
CA LEU J 191 -14.96 1.49 60.55
C LEU J 191 -14.31 0.19 61.03
N ILE J 192 -14.47 -0.87 60.25
CA ILE J 192 -13.99 -2.18 60.64
C ILE J 192 -12.61 -2.43 60.06
N THR J 193 -12.39 -2.03 58.82
CA THR J 193 -11.10 -2.30 58.19
C THR J 193 -10.00 -1.51 58.88
N THR J 194 -10.33 -0.27 59.26
CA THR J 194 -9.38 0.58 59.98
C THR J 194 -9.14 0.00 61.36
N LYS J 195 -10.20 -0.54 61.96
CA LYS J 195 -10.10 -1.23 63.25
C LYS J 195 -9.01 -2.29 63.24
N MET J 196 -8.91 -3.01 62.11
CA MET J 196 -8.01 -4.16 61.95
C MET J 196 -6.65 -3.79 61.34
N GLY J 197 -6.42 -2.48 61.16
CA GLY J 197 -5.13 -1.99 60.70
C GLY J 197 -4.90 -2.16 59.21
N MET J 198 -5.99 -2.22 58.44
CA MET J 198 -5.92 -2.41 57.01
C MET J 198 -5.88 -1.08 56.30
N ASN J 199 -5.82 -1.16 54.97
CA ASN J 199 -5.80 0.03 54.16
C ASN J 199 -7.16 0.22 53.49
N PHE J 200 -7.91 1.21 53.97
CA PHE J 200 -9.23 1.49 53.46
C PHE J 200 -9.23 2.68 52.49
N VAL J 201 -10.22 2.70 51.60
CA VAL J 201 -10.44 3.85 50.75
C VAL J 201 -11.89 3.83 50.27
N HIS J 202 -12.54 4.96 50.44
CA HIS J 202 -13.83 5.17 49.82
C HIS J 202 -13.59 6.14 48.68
N PHE J 203 -13.79 5.68 47.45
CA PHE J 203 -13.81 6.64 46.35
C PHE J 203 -15.26 6.82 45.88
N GLY J 204 -15.57 8.03 45.44
CA GLY J 204 -16.95 8.34 45.19
C GLY J 204 -17.04 9.82 44.90
N PRO J 205 -18.16 10.25 44.32
CA PRO J 205 -18.46 11.57 43.76
C PRO J 205 -18.32 12.66 44.82
N GLU J 206 -17.85 13.83 44.42
CA GLU J 206 -17.62 14.93 45.35
C GLU J 206 -18.78 15.06 46.33
N GLY J 207 -19.98 14.80 45.85
CA GLY J 207 -21.18 14.97 46.65
C GLY J 207 -21.50 13.84 47.60
N PHE J 208 -20.92 12.67 47.36
CA PHE J 208 -21.32 11.49 48.10
C PHE J 208 -20.18 10.76 48.79
N GLN J 209 -19.22 11.51 49.29
CA GLN J 209 -18.12 10.92 50.04
C GLN J 209 -18.43 10.91 51.53
N LEU J 210 -17.75 10.05 52.28
CA LEU J 210 -17.90 10.06 53.72
C LEU J 210 -17.51 11.44 54.24
N ASN J 211 -18.29 11.98 55.17
CA ASN J 211 -18.03 13.32 55.68
C ASN J 211 -16.89 13.40 56.70
N GLU J 212 -16.43 14.62 56.96
CA GLU J 212 -15.31 14.86 57.87
C GLU J 212 -15.60 14.33 59.27
N GLU J 213 -16.86 14.44 59.71
CA GLU J 213 -17.26 13.92 61.01
C GLU J 213 -17.09 12.39 61.04
N HIS J 214 -17.28 11.76 59.88
CA HIS J 214 -17.14 10.32 59.72
C HIS J 214 -15.66 9.91 59.59
N GLN J 215 -14.92 10.66 58.76
CA GLN J 215 -13.49 10.41 58.57
C GLN J 215 -12.73 10.64 59.88
N ALA J 216 -13.24 11.58 60.68
CA ALA J 216 -12.71 11.82 62.03
C ALA J 216 -12.60 10.50 62.81
N LYS J 217 -13.68 9.72 62.74
CA LYS J 217 -13.73 8.42 63.39
C LYS J 217 -12.73 7.44 62.77
N LEU J 218 -12.71 7.37 61.44
CA LEU J 218 -11.76 6.53 60.71
C LEU J 218 -10.34 6.89 61.08
N ALA J 219 -10.04 8.19 61.06
CA ALA J 219 -8.73 8.66 61.44
C ALA J 219 -8.36 8.13 62.82
N LYS J 220 -9.25 8.37 63.80
CA LYS J 220 -9.02 7.91 65.16
C LYS J 220 -8.63 6.42 65.20
N ASN J 221 -9.34 5.61 64.40
CA ASN J 221 -9.06 4.18 64.30
C ASN J 221 -7.63 3.85 63.89
N CYS J 222 -7.11 4.57 62.89
CA CYS J 222 -5.79 4.28 62.36
C CYS J 222 -4.69 4.82 63.25
N GLU J 223 -4.99 5.83 64.07
CA GLU J 223 -4.03 6.36 65.04
C GLU J 223 -3.72 5.29 66.08
N VAL J 224 -4.38 4.15 65.93
CA VAL J 224 -4.25 3.06 66.88
C VAL J 224 -3.86 1.75 66.19
N SER J 225 -4.18 1.62 64.90
CA SER J 225 -4.02 0.34 64.19
C SER J 225 -3.02 0.34 63.02
N GLY J 226 -2.77 1.50 62.42
CA GLY J 226 -1.89 1.56 61.26
C GLY J 226 -2.64 1.39 59.96
N GLY J 227 -3.73 2.16 59.81
CA GLY J 227 -4.62 2.03 58.66
C GLY J 227 -4.45 3.13 57.62
N SER J 228 -5.56 3.61 57.06
CA SER J 228 -5.51 4.62 56.00
C SER J 228 -6.91 4.88 55.41
N PHE J 229 -7.03 5.89 54.53
CA PHE J 229 -8.30 6.07 53.79
C PHE J 229 -8.43 7.14 52.65
N LEU J 230 -9.37 6.88 51.73
CA LEU J 230 -10.04 7.89 50.85
C LEU J 230 -9.32 8.47 49.60
N VAL J 231 -10.13 8.83 48.60
CA VAL J 231 -9.87 9.77 47.48
C VAL J 231 -11.18 10.08 46.72
N THR J 232 -11.07 10.80 45.60
CA THR J 232 -12.24 11.11 44.75
C THR J 232 -12.04 10.62 43.32
N ASP J 233 -10.79 10.67 42.85
CA ASP J 233 -10.46 10.33 41.47
C ASP J 233 -10.37 8.82 41.36
N ASP J 234 -11.32 8.22 40.64
CA ASP J 234 -11.41 6.76 40.52
C ASP J 234 -10.17 6.16 39.86
N ALA J 235 -10.43 5.35 38.83
CA ALA J 235 -9.40 4.77 37.99
C ALA J 235 -7.98 5.10 38.47
N SER J 236 -7.69 4.78 39.73
CA SER J 236 -6.36 4.94 40.28
C SER J 236 -6.30 4.50 41.73
N SER J 237 -7.39 4.73 42.46
CA SER J 237 -7.44 4.30 43.85
C SER J 237 -7.85 2.84 43.93
N VAL J 238 -8.43 2.34 42.84
CA VAL J 238 -8.79 0.92 42.73
C VAL J 238 -7.53 0.10 42.50
N GLU J 239 -6.50 0.72 41.97
CA GLU J 239 -5.26 0.01 41.68
C GLU J 239 -4.72 -0.65 42.95
N GLY J 240 -4.31 -1.91 42.83
CA GLY J 240 -3.70 -2.63 43.93
C GLY J 240 -4.67 -3.04 45.03
N ALA J 241 -5.96 -2.89 44.75
CA ALA J 241 -6.98 -3.28 45.72
C ALA J 241 -7.02 -4.79 45.78
N ASP J 242 -7.20 -5.31 46.99
CA ASP J 242 -7.34 -6.75 47.19
C ASP J 242 -8.81 -7.10 47.23
N PHE J 243 -9.61 -6.13 47.68
CA PHE J 243 -11.05 -6.28 47.77
C PHE J 243 -11.76 -5.03 47.22
N LEU J 244 -12.69 -5.26 46.31
CA LEU J 244 -13.49 -4.19 45.74
C LEU J 244 -14.95 -4.38 46.17
N TYR J 245 -15.50 -3.37 46.84
CA TYR J 245 -16.78 -3.49 47.53
C TYR J 245 -17.71 -2.37 47.10
N THR J 246 -18.96 -2.72 46.83
CA THR J 246 -19.96 -1.71 46.49
C THR J 246 -21.34 -2.02 47.09
N ASP J 247 -22.17 -0.99 47.14
CA ASP J 247 -23.56 -1.11 47.59
C ASP J 247 -24.39 -0.45 46.49
N VAL J 248 -25.65 -0.17 46.76
CA VAL J 248 -26.53 0.40 45.75
C VAL J 248 -26.54 1.92 45.79
N TRP J 249 -27.09 2.51 44.72
CA TRP J 249 -27.06 3.96 44.53
C TRP J 249 -28.28 4.73 45.04
N TYR J 250 -29.40 4.05 45.27
CA TYR J 250 -30.55 4.68 45.88
C TYR J 250 -30.07 5.55 47.05
N GLY J 251 -30.88 6.52 47.44
CA GLY J 251 -30.51 7.43 48.52
C GLY J 251 -30.81 6.86 49.90
N LEU J 252 -31.32 7.72 50.78
CA LEU J 252 -31.54 7.36 52.18
C LEU J 252 -33.01 7.06 52.49
N TYR J 253 -33.51 5.92 52.01
CA TYR J 253 -34.91 5.48 52.22
C TYR J 253 -35.86 6.59 52.63
N GLU J 254 -35.77 7.72 51.93
CA GLU J 254 -36.59 8.89 52.20
C GLU J 254 -36.37 9.92 51.09
N ALA J 255 -35.14 9.96 50.59
CA ALA J 255 -34.78 10.82 49.47
C ALA J 255 -33.86 10.19 48.44
N GLU J 256 -33.59 10.97 47.41
CA GLU J 256 -32.39 10.80 46.59
C GLU J 256 -32.49 9.62 45.65
N LEU J 257 -33.51 8.80 45.84
CA LEU J 257 -33.87 7.81 44.84
C LEU J 257 -33.66 8.44 43.44
N SER J 258 -34.71 9.00 42.84
CA SER J 258 -34.66 9.40 41.43
C SER J 258 -34.12 8.24 40.61
N GLU J 259 -34.80 7.88 39.54
CA GLU J 259 -34.35 6.74 38.73
C GLU J 259 -33.15 7.08 37.85
N GLU J 260 -33.37 7.93 36.86
CA GLU J 260 -32.29 8.34 35.96
C GLU J 260 -31.42 9.44 36.57
N GLU J 261 -31.74 9.83 37.81
CA GLU J 261 -30.93 10.82 38.52
C GLU J 261 -29.77 10.14 39.24
N ARG J 262 -30.01 8.93 39.74
CA ARG J 262 -28.94 8.08 40.23
C ARG J 262 -27.92 7.88 39.11
N MET J 263 -28.41 7.44 37.97
CA MET J 263 -27.56 7.21 36.81
C MET J 263 -26.77 8.46 36.45
N LYS J 264 -27.40 9.62 36.58
CA LYS J 264 -26.75 10.87 36.25
C LYS J 264 -25.42 11.01 36.97
N VAL J 265 -25.44 10.79 38.29
CA VAL J 265 -24.27 11.04 39.13
C VAL J 265 -23.22 9.93 39.10
N PHE J 266 -23.66 8.68 39.07
CA PHE J 266 -22.76 7.54 39.23
C PHE J 266 -22.35 6.81 37.94
N TYR J 267 -23.19 6.78 36.91
CA TYR J 267 -22.93 5.95 35.73
C TYR J 267 -21.80 6.41 34.78
N PRO J 268 -21.20 7.57 35.07
CA PRO J 268 -19.87 7.61 34.45
C PRO J 268 -19.05 6.39 34.93
N LYS J 269 -18.13 6.67 35.86
CA LYS J 269 -17.30 5.64 36.48
C LYS J 269 -18.13 4.88 37.49
N TYR J 270 -17.66 4.84 38.72
CA TYR J 270 -18.41 4.36 39.90
C TYR J 270 -19.17 3.02 39.72
N GLN J 271 -19.27 2.54 38.48
CA GLN J 271 -19.85 1.22 38.21
C GLN J 271 -18.75 0.19 38.11
N VAL J 272 -18.93 -0.91 38.82
CA VAL J 272 -17.94 -1.98 38.86
C VAL J 272 -18.16 -2.99 37.73
N ASN J 273 -17.34 -2.86 36.69
CA ASN J 273 -17.39 -3.69 35.51
C ASN J 273 -16.07 -4.43 35.42
N GLN J 274 -15.93 -5.32 34.43
CA GLN J 274 -14.67 -6.06 34.32
C GLN J 274 -13.47 -5.11 34.16
N GLU J 275 -13.63 -4.08 33.35
CA GLU J 275 -12.53 -3.14 33.16
C GLU J 275 -12.09 -2.59 34.52
N MET J 276 -13.06 -2.10 35.28
CA MET J 276 -12.80 -1.59 36.62
C MET J 276 -12.10 -2.65 37.47
N MET J 277 -12.52 -3.90 37.30
CA MET J 277 -12.01 -5.03 38.09
C MET J 277 -10.55 -5.27 37.76
N ASP J 278 -10.27 -5.37 36.46
CA ASP J 278 -8.92 -5.57 35.95
C ASP J 278 -8.00 -4.45 36.42
N ARG J 279 -8.52 -3.22 36.37
CA ARG J 279 -7.75 -2.04 36.76
C ARG J 279 -7.28 -2.17 38.20
N ALA J 280 -8.07 -2.86 39.02
CA ALA J 280 -7.78 -3.02 40.44
C ALA J 280 -6.65 -4.03 40.69
N GLY J 281 -6.78 -5.20 40.10
CA GLY J 281 -5.80 -6.25 40.30
C GLY J 281 -6.22 -7.51 39.60
N ALA J 282 -5.25 -8.37 39.34
CA ALA J 282 -5.51 -9.62 38.65
C ALA J 282 -6.50 -10.47 39.44
N ASN J 283 -6.26 -10.61 40.74
CA ASN J 283 -7.15 -11.41 41.59
C ASN J 283 -7.77 -10.61 42.73
N CYS J 284 -8.22 -9.40 42.40
CA CYS J 284 -9.00 -8.63 43.34
C CYS J 284 -10.37 -9.29 43.43
N LYS J 285 -10.76 -9.69 44.64
CA LYS J 285 -12.07 -10.30 44.86
C LYS J 285 -13.16 -9.22 44.99
N PHE J 286 -14.36 -9.53 44.49
CA PHE J 286 -15.48 -8.57 44.52
C PHE J 286 -16.47 -8.85 45.65
N MET J 287 -16.89 -7.78 46.32
CA MET J 287 -17.83 -7.86 47.45
C MET J 287 -19.04 -6.94 47.28
N HIS J 288 -20.20 -7.41 47.71
CA HIS J 288 -21.44 -6.65 47.66
C HIS J 288 -22.35 -7.14 48.78
N CYS J 289 -22.88 -6.23 49.58
CA CYS J 289 -23.68 -6.64 50.74
C CYS J 289 -25.06 -7.12 50.32
N LEU J 290 -25.36 -6.89 49.04
CA LEU J 290 -26.63 -7.28 48.46
C LEU J 290 -27.76 -6.53 49.17
N PRO J 291 -28.88 -6.32 48.46
CA PRO J 291 -29.18 -6.87 47.13
C PRO J 291 -28.54 -6.04 46.06
N ALA J 292 -28.26 -6.63 44.91
CA ALA J 292 -27.59 -5.91 43.83
C ALA J 292 -28.51 -5.62 42.66
N THR J 293 -28.58 -4.36 42.27
CA THR J 293 -29.24 -3.97 41.04
C THR J 293 -28.22 -4.14 39.92
N ARG J 294 -28.22 -5.32 39.32
CA ARG J 294 -27.31 -5.63 38.21
C ARG J 294 -27.45 -4.63 37.06
N GLY J 295 -26.32 -4.24 36.47
CA GLY J 295 -26.34 -3.24 35.42
C GLY J 295 -26.00 -1.85 35.95
N GLU J 296 -26.41 -1.56 37.18
CA GLU J 296 -26.11 -0.27 37.78
C GLU J 296 -24.74 -0.27 38.45
N GLU J 297 -24.68 -0.62 39.73
CA GLU J 297 -23.43 -0.49 40.49
C GLU J 297 -22.42 -1.59 40.14
N VAL J 298 -22.86 -2.58 39.38
CA VAL J 298 -21.98 -3.68 38.99
C VAL J 298 -22.57 -4.45 37.83
N THR J 299 -21.71 -4.83 36.88
CA THR J 299 -22.15 -5.57 35.71
C THR J 299 -22.20 -7.04 36.05
N ASP J 300 -23.00 -7.80 35.29
CA ASP J 300 -23.23 -9.20 35.60
C ASP J 300 -21.96 -10.03 35.50
N GLU J 301 -21.11 -9.72 34.52
CA GLU J 301 -19.88 -10.50 34.30
C GLU J 301 -18.95 -10.43 35.49
N VAL J 302 -19.10 -9.39 36.33
CA VAL J 302 -18.29 -9.24 37.54
C VAL J 302 -18.88 -10.02 38.73
N ILE J 303 -20.13 -9.71 39.06
CA ILE J 303 -20.79 -10.31 40.21
C ILE J 303 -20.91 -11.82 40.06
N ASP J 304 -21.11 -12.29 38.83
CA ASP J 304 -21.20 -13.73 38.57
C ASP J 304 -19.83 -14.28 38.17
N GLY J 305 -18.80 -13.46 38.29
CA GLY J 305 -17.44 -13.83 37.90
C GLY J 305 -16.69 -14.74 38.87
N LYS J 306 -15.55 -15.23 38.41
CA LYS J 306 -14.70 -16.13 39.18
C LYS J 306 -14.12 -15.44 40.43
N ASN J 307 -14.08 -14.12 40.42
CA ASN J 307 -13.51 -13.39 41.54
C ASN J 307 -14.55 -12.80 42.48
N SER J 308 -15.81 -13.17 42.27
CA SER J 308 -16.88 -12.67 43.12
C SER J 308 -17.05 -13.55 44.36
N ILE J 309 -17.06 -12.95 45.54
CA ILE J 309 -17.27 -13.68 46.78
C ILE J 309 -18.53 -13.18 47.48
N CYS J 310 -19.34 -12.44 46.75
CA CYS J 310 -20.45 -11.74 47.39
C CYS J 310 -21.45 -12.73 48.02
N PHE J 311 -21.43 -13.97 47.55
CA PHE J 311 -22.36 -14.94 48.07
C PHE J 311 -21.81 -15.70 49.28
N ASP J 312 -20.50 -15.92 49.30
CA ASP J 312 -19.87 -16.41 50.52
C ASP J 312 -20.11 -15.37 51.60
N GLU J 313 -19.84 -14.12 51.24
CA GLU J 313 -20.08 -13.00 52.12
C GLU J 313 -21.48 -13.05 52.68
N ALA J 314 -22.44 -13.32 51.80
CA ALA J 314 -23.84 -13.42 52.18
C ALA J 314 -24.06 -14.52 53.23
N GLU J 315 -23.57 -15.72 52.95
CA GLU J 315 -23.63 -16.81 53.93
C GLU J 315 -23.03 -16.33 55.26
N ASN J 316 -21.92 -15.61 55.17
CA ASN J 316 -21.23 -15.14 56.37
C ASN J 316 -21.99 -14.13 57.20
N ARG J 317 -23.06 -13.56 56.63
CA ARG J 317 -23.96 -12.73 57.43
C ARG J 317 -24.48 -13.54 58.60
N LEU J 318 -24.78 -14.81 58.31
CA LEU J 318 -25.21 -15.77 59.32
C LEU J 318 -24.02 -16.23 60.14
N THR J 319 -22.95 -16.65 59.46
CA THR J 319 -21.71 -17.09 60.11
C THR J 319 -21.32 -16.24 61.32
N SER J 320 -21.51 -14.94 61.17
CA SER J 320 -21.13 -13.95 62.16
C SER J 320 -22.20 -13.70 63.22
N ILE J 321 -23.47 -13.69 62.83
CA ILE J 321 -24.51 -13.46 63.83
C ILE J 321 -24.61 -14.70 64.71
N ARG J 322 -24.33 -15.85 64.11
CA ARG J 322 -24.21 -17.12 64.81
C ARG J 322 -23.23 -16.91 66.00
N GLY J 323 -22.03 -16.40 65.71
CA GLY J 323 -21.02 -16.27 66.75
C GLY J 323 -21.26 -15.09 67.66
N LEU J 324 -21.86 -14.05 67.10
CA LEU J 324 -22.12 -12.84 67.85
C LEU J 324 -23.07 -13.13 69.02
N LEU J 325 -24.12 -13.88 68.71
CA LEU J 325 -25.13 -14.29 69.69
C LEU J 325 -24.53 -15.12 70.83
N VAL J 326 -23.72 -16.12 70.48
CA VAL J 326 -22.96 -16.91 71.43
C VAL J 326 -22.11 -16.02 72.35
N TYR J 327 -21.27 -15.16 71.77
CA TYR J 327 -20.49 -14.24 72.61
C TYR J 327 -21.34 -13.48 73.65
N LEU J 328 -22.31 -12.71 73.16
CA LEU J 328 -23.08 -11.86 74.05
C LEU J 328 -23.73 -12.63 75.21
N MET J 329 -24.20 -13.83 74.88
CA MET J 329 -24.90 -14.67 75.85
C MET J 329 -23.95 -15.29 76.87
N ASN J 330 -22.87 -15.89 76.39
CA ASN J 330 -21.83 -16.40 77.27
C ASN J 330 -21.36 -15.31 78.21
N ASP J 331 -21.08 -14.14 77.64
CA ASP J 331 -20.65 -12.99 78.41
C ASP J 331 -21.72 -12.65 79.44
N TYR J 332 -22.98 -12.65 79.00
CA TYR J 332 -24.05 -12.33 79.92
C TYR J 332 -24.12 -13.35 81.07
N GLU J 333 -23.75 -14.61 80.83
CA GLU J 333 -23.90 -15.64 81.86
C GLU J 333 -22.81 -15.57 82.93
N ALA J 334 -21.56 -15.44 82.51
CA ALA J 334 -20.57 -14.87 83.40
C ALA J 334 -21.23 -13.54 83.73
N LYS J 335 -21.01 -13.00 84.91
CA LYS J 335 -21.65 -11.73 85.28
C LYS J 335 -23.01 -11.97 85.92
N ASN J 336 -23.69 -13.02 85.46
CA ASN J 336 -25.05 -13.34 85.90
C ASN J 336 -25.25 -14.85 85.99
N PRO J 337 -24.34 -15.51 86.73
CA PRO J 337 -24.16 -16.96 86.73
C PRO J 337 -25.16 -17.61 87.65
N TYR J 338 -25.61 -18.83 87.30
CA TYR J 338 -26.66 -19.50 88.07
C TYR J 338 -26.12 -20.13 89.35
N ASP J 339 -26.86 -20.02 90.44
CA ASP J 339 -26.51 -20.75 91.65
C ASP J 339 -26.83 -22.23 91.44
N LEU J 340 -25.80 -23.04 91.23
CA LEU J 340 -26.02 -24.45 90.90
C LEU J 340 -26.82 -25.20 91.98
N ILE J 341 -26.65 -24.75 93.22
CA ILE J 341 -27.41 -25.27 94.34
C ILE J 341 -28.89 -24.88 94.24
N LYS J 342 -29.16 -23.58 94.26
CA LYS J 342 -30.52 -23.07 94.10
C LYS J 342 -31.17 -23.77 92.92
N GLN J 343 -30.38 -23.95 91.85
CA GLN J 343 -30.84 -24.59 90.64
C GLN J 343 -31.26 -26.03 90.91
N ALA J 344 -30.35 -26.77 91.54
CA ALA J 344 -30.65 -28.15 91.87
C ALA J 344 -31.92 -28.31 92.72
N GLU J 345 -32.09 -27.47 93.74
CA GLU J 345 -33.27 -27.55 94.60
C GLU J 345 -34.53 -27.19 93.81
N ALA J 346 -34.46 -26.07 93.10
CA ALA J 346 -35.56 -25.61 92.28
C ALA J 346 -36.06 -26.76 91.42
N LYS J 347 -35.13 -27.53 90.89
CA LYS J 347 -35.45 -28.66 90.02
C LYS J 347 -36.13 -29.78 90.79
N LYS J 348 -35.57 -30.15 91.94
CA LYS J 348 -36.16 -31.20 92.77
C LYS J 348 -37.54 -30.77 93.22
N GLU J 349 -37.63 -29.53 93.71
CA GLU J 349 -38.90 -28.99 94.15
C GLU J 349 -39.95 -29.21 93.06
N LEU J 350 -39.60 -28.84 91.83
CA LEU J 350 -40.52 -28.98 90.70
C LEU J 350 -40.90 -30.42 90.46
N GLU J 351 -39.91 -31.30 90.45
CA GLU J 351 -40.14 -32.73 90.27
C GLU J 351 -41.13 -33.29 91.26
N VAL J 352 -40.87 -33.02 92.52
CA VAL J 352 -41.76 -33.48 93.57
C VAL J 352 -43.18 -32.96 93.36
N PHE J 353 -43.31 -31.65 93.15
CA PHE J 353 -44.62 -31.05 92.91
C PHE J 353 -45.35 -31.80 91.79
N LEU J 354 -44.67 -32.01 90.67
CA LEU J 354 -45.29 -32.65 89.52
C LEU J 354 -45.63 -34.10 89.81
N ASP J 355 -44.79 -34.76 90.60
CA ASP J 355 -44.95 -36.18 90.93
C ASP J 355 -46.08 -36.44 91.91
N THR J 356 -46.50 -35.42 92.65
CA THR J 356 -47.36 -35.63 93.81
C THR J 356 -48.64 -34.79 93.85
N GLN J 357 -48.65 -33.67 93.15
CA GLN J 357 -49.80 -32.78 93.22
C GLN J 357 -50.61 -32.84 91.94
N SER J 358 -51.91 -32.65 92.05
CA SER J 358 -52.78 -32.53 90.87
C SER J 358 -54.09 -31.79 91.15
N ILE J 359 -54.86 -31.52 90.09
CA ILE J 359 -56.22 -31.01 90.25
C ILE J 359 -57.22 -31.69 89.30
N SER K 19 -66.68 -31.26 78.08
CA SER K 19 -65.82 -32.35 77.65
C SER K 19 -64.98 -32.90 78.80
N HIS K 20 -65.03 -34.21 78.99
CA HIS K 20 -64.26 -34.86 80.04
C HIS K 20 -62.90 -35.31 79.53
N MET K 21 -62.67 -35.25 78.20
CA MET K 21 -61.37 -35.65 77.67
C MET K 21 -60.53 -34.49 77.15
N LYS K 22 -60.32 -33.50 78.01
CA LYS K 22 -59.55 -32.30 77.72
C LYS K 22 -60.11 -31.22 78.63
N ARG K 23 -59.39 -30.12 78.77
CA ARG K 23 -59.90 -29.00 79.54
C ARG K 23 -59.43 -27.69 78.98
N ASP K 24 -60.29 -26.68 79.00
CA ASP K 24 -59.94 -25.36 78.50
C ASP K 24 -59.68 -24.37 79.61
N TYR K 25 -59.26 -23.16 79.24
CA TYR K 25 -59.04 -22.08 80.18
C TYR K 25 -59.63 -20.79 79.60
N VAL K 26 -60.94 -20.66 79.71
CA VAL K 26 -61.65 -19.50 79.14
C VAL K 26 -62.01 -18.45 80.18
N THR K 27 -62.44 -18.90 81.36
CA THR K 27 -62.48 -18.02 82.53
C THR K 27 -62.28 -18.80 83.80
N THR K 28 -61.83 -18.12 84.85
CA THR K 28 -61.54 -18.75 86.12
C THR K 28 -62.81 -19.08 86.87
N GLU K 29 -63.94 -18.85 86.22
CA GLU K 29 -65.21 -19.18 86.83
C GLU K 29 -65.38 -20.70 86.89
N THR K 30 -64.67 -21.40 86.02
CA THR K 30 -64.75 -22.85 85.95
C THR K 30 -63.69 -23.52 86.85
N TYR K 31 -62.85 -22.72 87.50
CA TYR K 31 -61.82 -23.26 88.41
C TYR K 31 -62.12 -22.98 89.89
N THR K 32 -61.81 -23.94 90.75
CA THR K 32 -62.02 -23.81 92.18
C THR K 32 -60.83 -23.12 92.81
N LYS K 33 -61.00 -22.58 94.01
CA LYS K 33 -59.90 -21.94 94.70
C LYS K 33 -58.67 -22.86 94.75
N GLU K 34 -58.92 -24.13 95.06
CA GLU K 34 -57.85 -25.10 95.21
C GLU K 34 -57.12 -25.28 93.88
N GLU K 35 -57.90 -25.37 92.81
CA GLU K 35 -57.32 -25.56 91.48
C GLU K 35 -56.42 -24.38 91.14
N MET K 36 -56.87 -23.18 91.47
CA MET K 36 -56.04 -22.02 91.18
C MET K 36 -54.79 -22.11 92.02
N HIS K 37 -54.94 -22.54 93.27
CA HIS K 37 -53.77 -22.67 94.12
C HIS K 37 -52.75 -23.61 93.45
N TYR K 38 -53.23 -24.76 92.99
CA TYR K 38 -52.37 -25.70 92.25
C TYR K 38 -51.60 -25.00 91.16
N LEU K 39 -52.33 -24.29 90.30
CA LEU K 39 -51.76 -23.51 89.22
C LEU K 39 -50.65 -22.52 89.65
N VAL K 40 -50.93 -21.70 90.64
CA VAL K 40 -49.91 -20.83 91.20
C VAL K 40 -48.64 -21.60 91.63
N ASP K 41 -48.83 -22.69 92.39
CA ASP K 41 -47.69 -23.48 92.87
C ASP K 41 -46.92 -24.06 91.70
N LEU K 42 -47.62 -24.69 90.77
CA LEU K 42 -46.97 -25.21 89.57
C LEU K 42 -46.20 -24.12 88.82
N SER K 43 -46.89 -23.03 88.53
CA SER K 43 -46.28 -21.89 87.84
C SER K 43 -45.00 -21.41 88.50
N LEU K 44 -45.09 -21.23 89.80
CA LEU K 44 -43.97 -20.75 90.59
C LEU K 44 -42.80 -21.76 90.71
N LYS K 45 -43.09 -23.05 90.83
CA LYS K 45 -42.05 -24.08 90.98
C LYS K 45 -41.24 -24.08 89.70
N ILE K 46 -41.96 -23.90 88.59
CA ILE K 46 -41.36 -23.82 87.27
C ILE K 46 -40.55 -22.55 87.15
N LYS K 47 -41.10 -21.45 87.63
CA LYS K 47 -40.35 -20.21 87.60
C LYS K 47 -39.00 -20.39 88.31
N GLU K 48 -39.00 -20.98 89.50
CA GLU K 48 -37.79 -21.10 90.28
C GLU K 48 -36.73 -21.95 89.57
N ALA K 49 -37.19 -22.95 88.84
CA ALA K 49 -36.30 -23.82 88.08
C ALA K 49 -35.63 -23.00 86.99
N ILE K 50 -36.44 -22.33 86.19
CA ILE K 50 -35.91 -21.61 85.07
C ILE K 50 -35.09 -20.42 85.55
N LYS K 51 -35.52 -19.79 86.63
CA LYS K 51 -34.77 -18.69 87.21
C LYS K 51 -33.35 -19.12 87.53
N ASN K 52 -33.15 -20.41 87.72
CA ASN K 52 -31.86 -20.90 88.15
C ASN K 52 -31.16 -21.81 87.16
N GLY K 53 -31.61 -21.77 85.91
CA GLY K 53 -30.87 -22.42 84.84
C GLY K 53 -31.33 -23.81 84.45
N TYR K 54 -32.38 -24.29 85.09
CA TYR K 54 -32.98 -25.55 84.69
C TYR K 54 -34.21 -25.25 83.83
N TYR K 55 -34.20 -25.75 82.60
CA TYR K 55 -35.34 -25.58 81.72
C TYR K 55 -36.12 -26.89 81.58
N PRO K 56 -37.15 -27.07 82.42
CA PRO K 56 -38.04 -28.24 82.42
C PRO K 56 -38.66 -28.46 81.06
N GLN K 57 -38.23 -29.48 80.32
CA GLN K 57 -38.79 -29.75 79.01
C GLN K 57 -40.09 -30.55 79.10
N LEU K 58 -41.11 -29.92 79.68
CA LEU K 58 -42.38 -30.59 79.88
C LEU K 58 -43.23 -30.63 78.61
N LEU K 59 -42.88 -29.83 77.63
CA LEU K 59 -43.66 -29.74 76.40
C LEU K 59 -42.89 -30.08 75.11
N LYS K 60 -41.92 -30.99 75.22
CA LYS K 60 -41.09 -31.39 74.06
C LYS K 60 -41.92 -31.67 72.81
N ASN K 61 -41.62 -30.94 71.73
CA ASN K 61 -42.17 -31.24 70.41
C ASN K 61 -43.65 -30.82 70.24
N LYS K 62 -44.22 -30.26 71.31
CA LYS K 62 -45.62 -29.88 71.28
C LYS K 62 -45.80 -28.56 70.55
N SER K 63 -46.85 -28.47 69.74
CA SER K 63 -47.09 -27.27 68.96
C SER K 63 -48.30 -26.51 69.47
N LEU K 64 -48.10 -25.23 69.77
CA LEU K 64 -49.17 -24.34 70.20
C LEU K 64 -49.54 -23.36 69.08
N GLY K 65 -50.82 -23.31 68.75
CA GLY K 65 -51.32 -22.36 67.75
C GLY K 65 -51.84 -21.12 68.44
N MET K 66 -51.29 -19.96 68.07
CA MET K 66 -51.69 -18.68 68.65
C MET K 66 -52.49 -17.90 67.62
N ILE K 67 -53.72 -17.58 67.98
CA ILE K 67 -54.62 -16.81 67.11
C ILE K 67 -54.85 -15.41 67.67
N PHE K 68 -54.36 -14.41 66.97
CA PHE K 68 -54.57 -13.04 67.41
C PHE K 68 -55.53 -12.37 66.45
N GLN K 69 -56.51 -11.64 66.98
CA GLN K 69 -57.37 -10.82 66.15
C GLN K 69 -57.03 -9.37 66.36
N GLN K 70 -56.28 -9.12 67.42
CA GLN K 70 -55.76 -7.80 67.71
C GLN K 70 -54.34 -8.05 68.19
N SER K 71 -53.36 -7.61 67.41
CA SER K 71 -51.95 -7.86 67.76
C SER K 71 -51.64 -7.49 69.21
N SER K 72 -50.82 -8.31 69.85
CA SER K 72 -50.43 -8.07 71.22
C SER K 72 -49.06 -8.65 71.49
N THR K 73 -48.04 -7.84 71.26
CA THR K 73 -46.66 -8.24 71.51
C THR K 73 -46.40 -8.86 72.90
N ARG K 74 -46.70 -8.15 74.00
CA ARG K 74 -46.53 -8.71 75.34
C ARG K 74 -47.11 -10.14 75.43
N THR K 75 -48.35 -10.30 74.98
CA THR K 75 -49.02 -11.59 74.98
C THR K 75 -48.37 -12.61 74.02
N ARG K 76 -48.06 -12.17 72.80
CA ARG K 76 -47.40 -13.06 71.84
C ARG K 76 -46.03 -13.58 72.29
N VAL K 77 -45.09 -12.69 72.63
CA VAL K 77 -43.75 -13.15 72.99
C VAL K 77 -43.82 -13.94 74.28
N SER K 78 -44.79 -13.64 75.14
CA SER K 78 -44.93 -14.41 76.36
C SER K 78 -45.13 -15.87 76.03
N PHE K 79 -46.12 -16.16 75.17
CA PHE K 79 -46.41 -17.55 74.77
C PHE K 79 -45.29 -18.17 73.97
N GLU K 80 -44.91 -17.49 72.88
CA GLU K 80 -43.83 -17.93 72.01
C GLU K 80 -42.59 -18.35 72.83
N THR K 81 -42.25 -17.56 73.84
CA THR K 81 -41.16 -17.86 74.77
C THR K 81 -41.48 -19.02 75.71
N ALA K 82 -42.62 -18.97 76.38
CA ALA K 82 -43.01 -20.03 77.29
C ALA K 82 -42.81 -21.39 76.62
N MET K 83 -43.28 -21.48 75.39
CA MET K 83 -43.15 -22.71 74.62
C MET K 83 -41.69 -23.13 74.45
N GLU K 84 -40.85 -22.22 73.94
CA GLU K 84 -39.43 -22.53 73.73
C GLU K 84 -38.73 -23.11 74.97
N GLN K 85 -38.95 -22.46 76.12
CA GLN K 85 -38.32 -22.86 77.36
C GLN K 85 -38.71 -24.28 77.74
N LEU K 86 -39.94 -24.65 77.41
CA LEU K 86 -40.46 -25.96 77.75
C LEU K 86 -40.26 -27.02 76.66
N GLY K 87 -39.48 -26.68 75.63
CA GLY K 87 -39.14 -27.60 74.57
C GLY K 87 -40.14 -27.65 73.43
N GLY K 88 -40.98 -26.63 73.33
CA GLY K 88 -42.02 -26.59 72.32
C GLY K 88 -41.87 -25.44 71.34
N HIS K 89 -42.96 -25.15 70.65
CA HIS K 89 -42.97 -24.09 69.65
C HIS K 89 -44.30 -23.35 69.68
N GLY K 90 -44.26 -22.04 69.51
CA GLY K 90 -45.47 -21.27 69.35
C GLY K 90 -45.65 -20.76 67.92
N GLU K 91 -46.78 -21.13 67.32
CA GLU K 91 -47.08 -20.74 65.95
C GLU K 91 -48.04 -19.53 65.87
N TYR K 92 -47.59 -18.47 65.19
CA TYR K 92 -48.32 -17.20 65.17
C TYR K 92 -49.20 -17.08 63.94
N LEU K 93 -50.51 -17.10 64.15
CA LEU K 93 -51.45 -16.82 63.07
C LEU K 93 -51.90 -15.37 63.18
N ALA K 94 -51.15 -14.47 62.54
CA ALA K 94 -51.41 -13.03 62.61
C ALA K 94 -52.90 -12.70 62.42
N PRO K 95 -53.32 -11.51 62.91
CA PRO K 95 -54.71 -11.04 62.84
C PRO K 95 -55.45 -11.38 61.54
N GLY K 96 -54.81 -11.08 60.40
CA GLY K 96 -55.37 -11.44 59.10
C GLY K 96 -55.07 -12.87 58.67
N GLN K 97 -53.89 -13.37 59.04
CA GLN K 97 -53.51 -14.74 58.69
C GLN K 97 -54.69 -15.68 58.92
N ILE K 98 -55.27 -15.63 60.12
CA ILE K 98 -56.42 -16.47 60.46
C ILE K 98 -57.69 -15.96 59.80
N GLN K 99 -58.84 -16.48 60.20
CA GLN K 99 -60.10 -15.88 59.75
C GLN K 99 -61.21 -15.97 60.80
N LEU K 100 -61.31 -17.12 61.47
CA LEU K 100 -62.36 -17.38 62.46
C LEU K 100 -63.74 -16.80 62.05
N GLY K 101 -63.83 -15.48 61.88
CA GLY K 101 -65.08 -14.82 61.52
C GLY K 101 -65.25 -14.50 60.04
N GLY K 102 -64.66 -15.35 59.19
CA GLY K 102 -64.69 -15.18 57.75
C GLY K 102 -65.86 -15.90 57.10
N HIS K 103 -65.57 -16.97 56.36
CA HIS K 103 -66.60 -17.71 55.63
C HIS K 103 -66.42 -19.22 55.80
N GLU K 104 -65.45 -19.59 56.63
CA GLU K 104 -65.30 -20.96 57.09
C GLU K 104 -65.76 -21.01 58.56
N THR K 105 -66.83 -21.75 58.84
CA THR K 105 -67.43 -21.74 60.18
C THR K 105 -66.45 -22.13 61.27
N ILE K 106 -66.59 -21.54 62.45
CA ILE K 106 -65.74 -21.89 63.57
C ILE K 106 -65.72 -23.41 63.75
N GLU K 107 -66.86 -24.06 63.49
CA GLU K 107 -66.96 -25.51 63.60
C GLU K 107 -65.88 -26.18 62.75
N ASP K 108 -65.75 -25.72 61.51
CA ASP K 108 -64.70 -26.20 60.61
C ASP K 108 -63.28 -25.80 61.10
N THR K 109 -63.04 -24.50 61.26
CA THR K 109 -61.75 -24.03 61.73
C THR K 109 -61.30 -24.79 62.98
N SER K 110 -62.23 -24.97 63.94
CA SER K 110 -61.93 -25.69 65.17
C SER K 110 -61.54 -27.14 64.90
N ARG K 111 -62.29 -27.79 64.03
CA ARG K 111 -62.05 -29.21 63.78
C ARG K 111 -60.69 -29.46 63.15
N VAL K 112 -60.31 -28.65 62.18
CA VAL K 112 -59.05 -28.89 61.49
C VAL K 112 -57.83 -28.37 62.27
N LEU K 113 -58.00 -27.29 63.02
CA LEU K 113 -56.92 -26.83 63.88
C LEU K 113 -56.55 -27.92 64.90
N SER K 114 -57.52 -28.74 65.26
CA SER K 114 -57.31 -29.75 66.29
C SER K 114 -56.43 -30.86 65.77
N ARG K 115 -56.35 -30.99 64.44
CA ARG K 115 -55.49 -31.99 63.82
C ARG K 115 -54.10 -31.45 63.49
N LEU K 116 -53.85 -30.16 63.73
CA LEU K 116 -52.59 -29.58 63.31
C LEU K 116 -51.75 -29.00 64.43
N VAL K 117 -52.36 -28.75 65.57
CA VAL K 117 -51.59 -28.34 66.73
C VAL K 117 -52.06 -29.08 67.97
N ASP K 118 -51.26 -28.99 69.03
CA ASP K 118 -51.49 -29.73 70.26
C ASP K 118 -52.39 -28.96 71.24
N ILE K 119 -52.39 -27.63 71.13
CA ILE K 119 -53.12 -26.77 72.06
C ILE K 119 -53.33 -25.41 71.40
N LEU K 120 -54.32 -24.66 71.86
CA LEU K 120 -54.73 -23.42 71.21
C LEU K 120 -54.88 -22.25 72.16
N MET K 121 -54.46 -21.08 71.71
CA MET K 121 -54.66 -19.84 72.43
C MET K 121 -55.25 -18.80 71.45
N ALA K 122 -56.11 -17.92 71.93
CA ALA K 122 -56.72 -16.93 71.03
C ALA K 122 -57.04 -15.63 71.73
N ARG K 123 -56.47 -14.54 71.22
CA ARG K 123 -56.80 -13.17 71.65
C ARG K 123 -57.92 -12.70 70.73
N VAL K 124 -59.14 -12.94 71.16
CA VAL K 124 -60.27 -12.70 70.29
C VAL K 124 -60.94 -11.34 70.62
N GLU K 125 -61.65 -10.80 69.63
CA GLU K 125 -62.30 -9.50 69.81
C GLU K 125 -63.54 -9.67 70.65
N ARG K 126 -64.41 -10.56 70.21
CA ARG K 126 -65.67 -10.85 70.88
C ARG K 126 -65.57 -12.15 71.64
N HIS K 127 -65.76 -12.09 72.96
CA HIS K 127 -65.64 -13.28 73.81
C HIS K 127 -66.40 -14.49 73.26
N HIS K 128 -67.62 -14.27 72.79
CA HIS K 128 -68.45 -15.36 72.32
C HIS K 128 -67.64 -16.34 71.49
N SER K 129 -66.80 -15.81 70.60
CA SER K 129 -66.09 -16.66 69.65
C SER K 129 -64.90 -17.41 70.25
N ILE K 130 -64.36 -16.91 71.35
CA ILE K 130 -63.33 -17.65 72.06
C ILE K 130 -63.90 -18.94 72.68
N VAL K 131 -65.14 -18.88 73.14
CA VAL K 131 -65.74 -20.07 73.74
C VAL K 131 -66.29 -21.00 72.67
N ASP K 132 -66.84 -20.43 71.61
CA ASP K 132 -67.22 -21.23 70.43
C ASP K 132 -66.04 -22.12 69.99
N LEU K 133 -64.85 -21.54 70.02
CA LEU K 133 -63.63 -22.24 69.69
C LEU K 133 -63.32 -23.33 70.70
N ALA K 134 -63.36 -22.97 71.98
CA ALA K 134 -63.12 -23.91 73.07
C ALA K 134 -64.12 -25.06 73.01
N ASN K 135 -65.33 -24.81 72.54
CA ASN K 135 -66.36 -25.83 72.51
C ASN K 135 -66.21 -26.78 71.35
N CYS K 136 -65.71 -26.26 70.24
CA CYS K 136 -65.66 -27.05 69.01
C CYS K 136 -64.31 -27.71 68.76
N ALA K 137 -63.29 -27.28 69.49
CA ALA K 137 -61.98 -27.91 69.36
C ALA K 137 -61.89 -29.10 70.29
N THR K 138 -61.07 -30.07 69.91
CA THR K 138 -60.86 -31.27 70.71
C THR K 138 -59.60 -31.13 71.56
N ILE K 139 -58.84 -30.07 71.30
CA ILE K 139 -57.63 -29.78 72.06
C ILE K 139 -57.88 -28.61 73.00
N PRO K 140 -57.11 -28.52 74.07
CA PRO K 140 -57.29 -27.45 75.05
C PRO K 140 -57.23 -26.08 74.38
N VAL K 141 -58.09 -25.17 74.83
CA VAL K 141 -58.09 -23.79 74.35
C VAL K 141 -57.84 -22.82 75.50
N ILE K 142 -56.98 -21.83 75.25
CA ILE K 142 -56.69 -20.78 76.24
C ILE K 142 -57.17 -19.42 75.73
N ASN K 143 -57.76 -18.65 76.64
CA ASN K 143 -58.25 -17.31 76.30
C ASN K 143 -57.20 -16.22 76.52
N GLY K 144 -56.54 -15.84 75.44
CA GLY K 144 -55.52 -14.81 75.49
C GLY K 144 -56.04 -13.49 76.02
N MET K 145 -57.32 -13.21 75.75
CA MET K 145 -58.07 -12.07 76.28
C MET K 145 -59.20 -11.75 75.33
N SER K 146 -60.39 -11.54 75.87
CA SER K 146 -61.54 -11.19 75.06
C SER K 146 -62.05 -9.84 75.51
N ASP K 147 -63.23 -9.46 75.01
CA ASP K 147 -63.85 -8.20 75.42
C ASP K 147 -64.43 -8.34 76.83
N TYR K 148 -64.39 -9.57 77.36
CA TYR K 148 -65.09 -9.93 78.60
C TYR K 148 -64.18 -10.07 79.80
N ASN K 149 -63.16 -10.92 79.64
CA ASN K 149 -62.18 -11.11 80.70
C ASN K 149 -60.78 -11.33 80.16
N HIS K 150 -59.85 -11.47 81.10
CA HIS K 150 -58.44 -11.65 80.79
C HIS K 150 -57.89 -12.64 81.80
N PRO K 151 -58.15 -13.95 81.57
CA PRO K 151 -57.95 -14.96 82.61
C PRO K 151 -56.47 -15.33 82.78
N THR K 152 -55.72 -15.23 81.69
CA THR K 152 -54.29 -15.51 81.72
C THR K 152 -53.57 -14.41 82.48
N GLN K 153 -54.27 -13.29 82.70
CA GLN K 153 -53.75 -12.19 83.52
C GLN K 153 -54.20 -12.35 84.97
N GLU K 154 -55.42 -12.83 85.19
CA GLU K 154 -55.87 -13.09 86.55
C GLU K 154 -54.79 -13.92 87.26
N LEU K 155 -54.24 -14.91 86.55
CA LEU K 155 -53.27 -15.85 87.15
C LEU K 155 -51.89 -15.23 87.30
N GLY K 156 -51.45 -14.48 86.29
CA GLY K 156 -50.18 -13.80 86.36
C GLY K 156 -50.15 -12.88 87.57
N ASP K 157 -51.28 -12.25 87.83
CA ASP K 157 -51.36 -11.30 88.94
C ASP K 157 -51.51 -12.00 90.29
N LEU K 158 -52.17 -13.16 90.30
CA LEU K 158 -52.30 -13.92 91.53
C LEU K 158 -50.89 -14.31 92.00
N CYS K 159 -50.10 -14.83 91.07
CA CYS K 159 -48.71 -15.21 91.35
C CYS K 159 -47.96 -14.02 91.94
N THR K 160 -48.14 -12.86 91.31
CA THR K 160 -47.46 -11.65 91.73
C THR K 160 -47.77 -11.28 93.20
N MET K 161 -49.05 -11.36 93.55
CA MET K 161 -49.49 -10.96 94.88
C MET K 161 -48.95 -11.93 95.91
N VAL K 162 -49.00 -13.21 95.56
CA VAL K 162 -48.44 -14.26 96.42
C VAL K 162 -46.99 -13.97 96.78
N GLU K 163 -46.17 -13.72 95.77
CA GLU K 163 -44.77 -13.34 95.94
C GLU K 163 -44.57 -12.04 96.75
N HIS K 164 -45.65 -11.31 97.06
CA HIS K 164 -45.51 -10.01 97.71
C HIS K 164 -46.50 -9.74 98.85
N LEU K 165 -46.57 -10.59 99.87
CA LEU K 165 -47.60 -10.42 100.91
C LEU K 165 -47.34 -9.39 102.04
N PRO K 166 -46.09 -8.92 102.16
CA PRO K 166 -45.54 -8.38 103.41
C PRO K 166 -46.27 -8.74 104.70
N GLU K 167 -45.53 -9.39 105.59
CA GLU K 167 -45.84 -9.48 107.03
C GLU K 167 -47.14 -10.17 107.44
N GLY K 168 -47.05 -11.48 107.63
CA GLY K 168 -48.11 -12.22 108.31
C GLY K 168 -49.53 -11.85 107.92
N LYS K 169 -49.69 -11.19 106.78
CA LYS K 169 -50.98 -11.20 106.12
C LYS K 169 -50.95 -12.44 105.24
N LYS K 170 -52.05 -13.18 105.21
CA LYS K 170 -52.06 -14.49 104.56
C LYS K 170 -52.73 -14.54 103.19
N LEU K 171 -53.11 -13.37 102.67
CA LEU K 171 -53.73 -13.24 101.34
C LEU K 171 -55.23 -13.15 101.49
N GLU K 172 -55.83 -14.20 102.04
CA GLU K 172 -57.26 -14.22 102.29
C GLU K 172 -57.74 -12.95 103.01
N ASP K 173 -56.79 -12.22 103.59
CA ASP K 173 -57.11 -11.01 104.37
C ASP K 173 -56.33 -9.79 103.87
N CYS K 174 -55.90 -9.86 102.61
CA CYS K 174 -55.35 -8.70 101.93
C CYS K 174 -56.47 -7.90 101.22
N LYS K 175 -56.26 -6.59 101.07
CA LYS K 175 -57.21 -5.73 100.39
C LYS K 175 -56.66 -5.29 99.04
N VAL K 176 -57.38 -5.63 97.98
CA VAL K 176 -56.97 -5.31 96.62
C VAL K 176 -57.94 -4.27 96.08
N VAL K 177 -57.41 -3.12 95.66
CA VAL K 177 -58.25 -2.05 95.16
C VAL K 177 -57.91 -1.72 93.73
N PHE K 178 -58.94 -1.68 92.88
CA PHE K 178 -58.77 -1.29 91.49
C PHE K 178 -59.32 0.11 91.22
N VAL K 179 -58.48 1.01 90.70
CA VAL K 179 -58.92 2.39 90.41
C VAL K 179 -59.11 2.68 88.90
N GLY K 180 -60.27 3.23 88.55
CA GLY K 180 -60.51 3.61 87.18
C GLY K 180 -61.67 2.91 86.51
N ASP K 181 -61.52 2.70 85.21
CA ASP K 181 -62.56 2.19 84.33
C ASP K 181 -62.81 0.71 84.58
N ALA K 182 -64.06 0.27 84.41
CA ALA K 182 -64.38 -1.14 84.55
C ALA K 182 -63.98 -1.95 83.30
N THR K 183 -62.68 -2.08 83.08
CA THR K 183 -62.16 -2.82 81.93
C THR K 183 -62.19 -4.30 82.24
N GLN K 184 -61.96 -5.16 81.25
CA GLN K 184 -62.02 -6.60 81.49
C GLN K 184 -60.92 -6.99 82.46
N VAL K 185 -59.82 -6.25 82.41
CA VAL K 185 -58.74 -6.43 83.35
C VAL K 185 -59.29 -6.23 84.76
N CYS K 186 -60.01 -5.12 84.92
CA CYS K 186 -60.66 -4.84 86.20
C CYS K 186 -61.51 -6.00 86.64
N PHE K 187 -62.51 -6.35 85.84
CA PHE K 187 -63.44 -7.44 86.15
C PHE K 187 -62.68 -8.72 86.52
N SER K 188 -61.70 -9.08 85.70
CA SER K 188 -60.93 -10.29 85.95
C SER K 188 -60.29 -10.25 87.33
N LEU K 189 -59.73 -9.08 87.70
CA LEU K 189 -59.08 -8.93 88.99
C LEU K 189 -60.03 -9.25 90.12
N GLY K 190 -61.28 -8.82 89.98
CA GLY K 190 -62.27 -9.03 91.03
C GLY K 190 -62.68 -10.48 91.02
N LEU K 191 -62.75 -11.02 89.83
CA LEU K 191 -63.15 -12.40 89.62
C LEU K 191 -62.17 -13.38 90.27
N ILE K 192 -60.90 -12.98 90.36
CA ILE K 192 -59.87 -13.86 90.90
C ILE K 192 -59.63 -13.62 92.39
N THR K 193 -59.67 -12.37 92.82
CA THR K 193 -59.44 -12.07 94.22
C THR K 193 -60.57 -12.60 95.09
N THR K 194 -61.79 -12.50 94.58
CA THR K 194 -62.95 -13.04 95.28
C THR K 194 -62.89 -14.55 95.31
N LYS K 195 -62.39 -15.14 94.22
CA LYS K 195 -62.17 -16.59 94.11
C LYS K 195 -61.33 -17.10 95.27
N MET K 196 -60.32 -16.30 95.63
CA MET K 196 -59.33 -16.65 96.64
C MET K 196 -59.71 -16.17 98.04
N GLY K 197 -60.89 -15.57 98.19
CA GLY K 197 -61.41 -15.21 99.50
C GLY K 197 -60.79 -13.94 100.03
N MET K 198 -60.33 -13.09 99.12
CA MET K 198 -59.73 -11.82 99.49
C MET K 198 -60.77 -10.70 99.57
N ASN K 199 -60.30 -9.51 99.90
CA ASN K 199 -61.16 -8.34 99.95
C ASN K 199 -60.93 -7.46 98.73
N PHE K 200 -61.91 -7.46 97.82
CA PHE K 200 -61.82 -6.69 96.58
C PHE K 200 -62.64 -5.41 96.65
N VAL K 201 -62.22 -4.42 95.87
CA VAL K 201 -62.98 -3.20 95.73
C VAL K 201 -62.60 -2.52 94.43
N HIS K 202 -63.62 -2.20 93.64
CA HIS K 202 -63.45 -1.36 92.47
C HIS K 202 -64.05 -0.03 92.86
N PHE K 203 -63.22 1.00 92.93
CA PHE K 203 -63.76 2.34 93.02
C PHE K 203 -63.56 3.04 91.69
N GLY K 204 -64.53 3.88 91.32
CA GLY K 204 -64.54 4.47 90.00
C GLY K 204 -65.82 5.23 89.86
N PRO K 205 -65.86 6.10 88.87
CA PRO K 205 -66.90 7.10 88.58
C PRO K 205 -68.26 6.45 88.41
N GLU K 206 -69.32 7.15 88.83
CA GLU K 206 -70.67 6.62 88.76
C GLU K 206 -70.93 5.93 87.43
N GLY K 207 -70.35 6.48 86.37
CA GLY K 207 -70.58 5.98 85.02
C GLY K 207 -69.81 4.74 84.63
N PHE K 208 -68.70 4.48 85.32
CA PHE K 208 -67.76 3.45 84.89
C PHE K 208 -67.46 2.39 85.93
N GLN K 209 -68.47 2.03 86.71
CA GLN K 209 -68.32 0.97 87.70
C GLN K 209 -68.71 -0.39 87.10
N LEU K 210 -68.24 -1.46 87.71
CA LEU K 210 -68.65 -2.79 87.28
C LEU K 210 -70.17 -2.85 87.43
N ASN K 211 -70.86 -3.42 86.44
CA ASN K 211 -72.32 -3.49 86.51
C ASN K 211 -72.89 -4.60 87.41
N GLU K 212 -74.18 -4.52 87.70
CA GLU K 212 -74.83 -5.45 88.62
C GLU K 212 -74.73 -6.87 88.10
N GLU K 213 -74.76 -7.04 86.78
CA GLU K 213 -74.63 -8.36 86.18
C GLU K 213 -73.23 -8.93 86.45
N HIS K 214 -72.26 -8.03 86.57
CA HIS K 214 -70.88 -8.40 86.88
C HIS K 214 -70.68 -8.65 88.38
N GLN K 215 -71.19 -7.73 89.19
CA GLN K 215 -71.11 -7.86 90.65
C GLN K 215 -71.82 -9.12 91.09
N ALA K 216 -72.90 -9.46 90.37
CA ALA K 216 -73.64 -10.70 90.62
C ALA K 216 -72.68 -11.87 90.68
N LYS K 217 -71.76 -11.90 89.71
CA LYS K 217 -70.74 -12.93 89.65
C LYS K 217 -69.76 -12.84 90.83
N LEU K 218 -69.30 -11.63 91.11
CA LEU K 218 -68.43 -11.37 92.24
C LEU K 218 -69.08 -11.83 93.55
N ALA K 219 -70.34 -11.44 93.74
CA ALA K 219 -71.10 -11.84 94.91
C ALA K 219 -71.07 -13.35 95.05
N LYS K 220 -71.47 -14.05 94.00
CA LYS K 220 -71.49 -15.51 93.98
C LYS K 220 -70.16 -16.09 94.47
N ASN K 221 -69.06 -15.53 93.98
CA ASN K 221 -67.73 -15.92 94.42
C ASN K 221 -67.50 -15.87 95.93
N CYS K 222 -67.93 -14.78 96.55
CA CYS K 222 -67.71 -14.57 97.98
C CYS K 222 -68.63 -15.42 98.85
N GLU K 223 -69.79 -15.80 98.31
CA GLU K 223 -70.73 -16.65 99.03
C GLU K 223 -70.08 -18.01 99.22
N VAL K 224 -68.87 -18.15 98.68
CA VAL K 224 -68.14 -19.40 98.71
C VAL K 224 -66.76 -19.26 99.36
N SER K 225 -66.21 -18.05 99.32
CA SER K 225 -64.82 -17.84 99.70
C SER K 225 -64.60 -16.91 100.90
N GLY K 226 -65.54 -16.00 101.15
CA GLY K 226 -65.43 -15.04 102.23
C GLY K 226 -64.72 -13.79 101.77
N GLY K 227 -65.20 -13.23 100.67
CA GLY K 227 -64.59 -12.06 100.04
C GLY K 227 -65.32 -10.77 100.31
N SER K 228 -65.43 -9.90 99.29
CA SER K 228 -66.06 -8.58 99.44
C SER K 228 -65.92 -7.72 98.17
N PHE K 229 -66.59 -6.57 98.14
CA PHE K 229 -66.37 -5.62 97.02
C PHE K 229 -67.02 -4.19 97.00
N LEU K 230 -66.33 -3.26 96.28
CA LEU K 230 -66.89 -2.02 95.70
C LEU K 230 -67.17 -0.79 96.62
N VAL K 231 -67.05 0.40 95.99
CA VAL K 231 -67.63 1.70 96.38
C VAL K 231 -67.46 2.73 95.23
N THR K 232 -67.84 3.99 95.46
CA THR K 232 -67.69 5.08 94.48
C THR K 232 -66.83 6.21 94.99
N ASP K 233 -66.93 6.47 96.29
CA ASP K 233 -66.20 7.57 96.92
C ASP K 233 -64.75 7.19 97.17
N ASP K 234 -63.85 7.80 96.41
CA ASP K 234 -62.43 7.43 96.48
C ASP K 234 -61.85 7.66 97.86
N ALA K 235 -60.73 8.39 97.89
CA ALA K 235 -60.08 8.81 99.12
C ALA K 235 -60.73 8.26 100.39
N SER K 236 -60.89 6.95 100.47
CA SER K 236 -61.40 6.28 101.66
C SER K 236 -61.42 4.77 101.48
N SER K 237 -61.72 4.32 100.26
CA SER K 237 -61.72 2.89 99.97
C SER K 237 -60.32 2.41 99.68
N VAL K 238 -59.43 3.36 99.35
CA VAL K 238 -58.01 3.05 99.15
C VAL K 238 -57.36 2.78 100.50
N GLU K 239 -57.93 3.32 101.55
CA GLU K 239 -57.35 3.16 102.87
C GLU K 239 -57.21 1.68 103.21
N GLY K 240 -56.03 1.32 103.72
CA GLY K 240 -55.80 -0.05 104.17
C GLY K 240 -55.64 -1.05 103.06
N ALA K 241 -55.49 -0.55 101.84
CA ALA K 241 -55.26 -1.41 100.69
C ALA K 241 -53.86 -1.97 100.77
N ASP K 242 -53.72 -3.24 100.39
CA ASP K 242 -52.41 -3.90 100.37
C ASP K 242 -51.85 -3.86 98.96
N PHE K 243 -52.78 -3.77 98.00
CA PHE K 243 -52.47 -3.68 96.59
C PHE K 243 -53.38 -2.66 95.90
N LEU K 244 -52.74 -1.73 95.20
CA LEU K 244 -53.46 -0.74 94.42
C LEU K 244 -53.20 -0.98 92.92
N TYR K 245 -54.26 -1.22 92.17
CA TYR K 245 -54.18 -1.70 90.80
C TYR K 245 -54.95 -0.80 89.85
N THR K 246 -54.34 -0.45 88.71
CA THR K 246 -55.06 0.36 87.73
C THR K 246 -54.75 -0.09 86.29
N ASP K 247 -55.59 0.35 85.36
CA ASP K 247 -55.42 0.11 83.94
C ASP K 247 -55.58 1.48 83.28
N VAL K 248 -55.74 1.51 81.97
CA VAL K 248 -55.85 2.78 81.26
C VAL K 248 -57.31 3.27 81.11
N TRP K 249 -57.44 4.53 80.73
CA TRP K 249 -58.75 5.18 80.66
C TRP K 249 -59.45 5.17 79.29
N TYR K 250 -58.71 4.87 78.24
CA TYR K 250 -59.34 4.69 76.93
C TYR K 250 -60.56 3.80 77.09
N GLY K 251 -61.49 3.91 76.15
CA GLY K 251 -62.71 3.13 76.22
C GLY K 251 -62.57 1.71 75.70
N LEU K 252 -63.58 1.25 74.97
CA LEU K 252 -63.65 -0.13 74.51
C LEU K 252 -63.24 -0.30 73.04
N TYR K 253 -61.95 -0.14 72.75
CA TYR K 253 -61.39 -0.25 71.39
C TYR K 253 -62.43 -0.12 70.27
N GLU K 254 -63.30 0.89 70.39
CA GLU K 254 -64.36 1.15 69.43
C GLU K 254 -65.02 2.49 69.77
N ALA K 255 -65.09 2.77 71.07
CA ALA K 255 -65.60 4.04 71.57
C ALA K 255 -64.82 4.66 72.72
N GLU K 256 -65.21 5.90 73.02
CA GLU K 256 -64.81 6.59 74.24
C GLU K 256 -63.41 7.11 74.12
N LEU K 257 -62.77 6.73 73.02
CA LEU K 257 -61.50 7.28 72.62
C LEU K 257 -61.24 8.61 73.34
N SER K 258 -61.96 9.64 72.94
CA SER K 258 -61.79 11.03 73.38
C SER K 258 -60.52 11.30 74.18
N GLU K 259 -59.74 12.28 73.74
CA GLU K 259 -58.50 12.61 74.42
C GLU K 259 -58.74 13.37 75.73
N GLU K 260 -59.20 14.61 75.62
CA GLU K 260 -59.45 15.43 76.80
C GLU K 260 -60.81 15.09 77.43
N GLU K 261 -61.49 14.11 76.88
CA GLU K 261 -62.76 13.64 77.44
C GLU K 261 -62.52 12.57 78.49
N ARG K 262 -61.50 11.74 78.26
CA ARG K 262 -61.02 10.83 79.30
C ARG K 262 -60.63 11.65 80.53
N MET K 263 -59.80 12.67 80.30
CA MET K 263 -59.32 13.54 81.37
C MET K 263 -60.49 14.17 82.11
N LYS K 264 -61.53 14.53 81.37
CA LYS K 264 -62.71 15.16 81.96
C LYS K 264 -63.27 14.31 83.12
N VAL K 265 -63.48 13.03 82.85
CA VAL K 265 -64.13 12.13 83.81
C VAL K 265 -63.22 11.62 84.94
N PHE K 266 -61.97 11.29 84.61
CA PHE K 266 -61.06 10.63 85.56
C PHE K 266 -60.03 11.53 86.27
N TYR K 267 -59.57 12.60 85.63
CA TYR K 267 -58.47 13.38 86.22
C TYR K 267 -58.79 14.23 87.47
N PRO K 268 -60.06 14.29 87.89
CA PRO K 268 -60.10 14.67 89.30
C PRO K 268 -59.25 13.68 90.11
N LYS K 269 -59.93 12.79 90.82
CA LYS K 269 -59.27 11.73 91.59
C LYS K 269 -58.73 10.66 90.65
N TYR K 270 -59.12 9.41 90.91
CA TYR K 270 -58.91 8.26 90.01
C TYR K 270 -57.51 8.11 89.40
N GLN K 271 -56.65 9.12 89.59
CA GLN K 271 -55.25 9.02 89.19
C GLN K 271 -54.41 8.59 90.35
N VAL K 272 -53.55 7.61 90.12
CA VAL K 272 -52.71 7.07 91.18
C VAL K 272 -51.39 7.83 91.30
N ASN K 273 -51.33 8.70 92.29
CA ASN K 273 -50.16 9.53 92.52
C ASN K 273 -49.64 9.18 93.89
N GLN K 274 -48.53 9.78 94.30
CA GLN K 274 -47.97 9.46 95.63
C GLN K 274 -48.98 9.73 96.75
N GLU K 275 -49.69 10.85 96.67
CA GLU K 275 -50.68 11.17 97.69
C GLU K 275 -51.67 10.02 97.81
N MET K 276 -52.21 9.61 96.67
CA MET K 276 -53.16 8.51 96.62
C MET K 276 -52.55 7.25 97.23
N MET K 277 -51.26 7.05 96.95
CA MET K 277 -50.51 5.88 97.41
C MET K 277 -50.40 5.89 98.92
N ASP K 278 -49.94 7.03 99.45
CA ASP K 278 -49.79 7.23 100.89
C ASP K 278 -51.12 7.05 101.61
N ARG K 279 -52.17 7.57 101.00
CA ARG K 279 -53.52 7.45 101.55
C ARG K 279 -53.91 5.98 101.76
N ALA K 280 -53.41 5.12 100.88
CA ALA K 280 -53.74 3.71 100.90
C ALA K 280 -53.05 3.00 102.06
N GLY K 281 -51.74 3.21 102.18
CA GLY K 281 -50.96 2.52 103.19
C GLY K 281 -49.49 2.79 103.01
N ALA K 282 -48.74 2.60 104.08
CA ALA K 282 -47.31 2.84 104.07
C ALA K 282 -46.60 1.98 103.02
N ASN K 283 -46.92 0.68 103.01
CA ASN K 283 -46.30 -0.25 102.06
C ASN K 283 -47.31 -0.95 101.16
N CYS K 284 -48.27 -0.17 100.67
CA CYS K 284 -49.18 -0.67 99.66
C CYS K 284 -48.41 -0.76 98.34
N LYS K 285 -48.35 -1.96 97.77
CA LYS K 285 -47.65 -2.14 96.50
C LYS K 285 -48.54 -1.74 95.33
N PHE K 286 -47.92 -1.23 94.26
CA PHE K 286 -48.68 -0.76 93.09
C PHE K 286 -48.62 -1.75 91.94
N MET K 287 -49.78 -1.97 91.31
CA MET K 287 -49.90 -2.88 90.17
C MET K 287 -50.59 -2.25 88.95
N HIS K 288 -50.08 -2.62 87.78
CA HIS K 288 -50.58 -2.14 86.50
C HIS K 288 -50.32 -3.22 85.46
N CYS K 289 -51.35 -3.60 84.71
CA CYS K 289 -51.19 -4.66 83.72
C CYS K 289 -50.42 -4.20 82.49
N LEU K 290 -50.19 -2.89 82.43
CA LEU K 290 -49.46 -2.27 81.33
C LEU K 290 -50.21 -2.51 80.02
N PRO K 291 -50.00 -1.62 79.04
CA PRO K 291 -49.02 -0.52 79.05
C PRO K 291 -49.58 0.67 79.81
N ALA K 292 -48.71 1.51 80.33
CA ALA K 292 -49.17 2.64 81.13
C ALA K 292 -48.96 3.98 80.43
N THR K 293 -50.02 4.76 80.34
CA THR K 293 -49.91 6.15 79.93
C THR K 293 -49.55 6.99 81.16
N ARG K 294 -48.25 7.17 81.35
CA ARG K 294 -47.73 7.94 82.47
C ARG K 294 -48.28 9.35 82.47
N GLY K 295 -48.64 9.85 83.65
CA GLY K 295 -49.25 11.16 83.75
C GLY K 295 -50.76 11.09 83.84
N GLU K 296 -51.34 10.08 83.20
CA GLU K 296 -52.79 9.90 83.26
C GLU K 296 -53.23 9.05 84.47
N GLU K 297 -53.29 7.73 84.30
CA GLU K 297 -53.85 6.91 85.38
C GLU K 297 -52.86 6.74 86.54
N VAL K 298 -51.63 7.17 86.34
CA VAL K 298 -50.60 7.02 87.37
C VAL K 298 -49.43 7.95 87.09
N THR K 299 -48.93 8.60 88.14
CA THR K 299 -47.77 9.49 88.01
C THR K 299 -46.49 8.64 87.97
N ASP K 300 -45.44 9.22 87.42
CA ASP K 300 -44.16 8.51 87.26
C ASP K 300 -43.53 8.15 88.62
N GLU K 301 -43.64 9.05 89.58
CA GLU K 301 -43.05 8.81 90.91
C GLU K 301 -43.62 7.56 91.58
N VAL K 302 -44.82 7.15 91.20
CA VAL K 302 -45.46 5.96 91.74
C VAL K 302 -45.01 4.70 91.01
N ILE K 303 -45.23 4.68 89.70
CA ILE K 303 -44.91 3.52 88.88
C ILE K 303 -43.42 3.18 88.90
N ASP K 304 -42.57 4.19 89.02
CA ASP K 304 -41.13 3.95 89.10
C ASP K 304 -40.67 3.93 90.57
N GLY K 305 -41.64 3.96 91.47
CA GLY K 305 -41.38 3.98 92.91
C GLY K 305 -40.95 2.65 93.55
N LYS K 306 -40.52 2.75 94.80
CA LYS K 306 -40.03 1.60 95.56
C LYS K 306 -41.14 0.58 95.81
N ASN K 307 -42.39 1.04 95.76
CA ASN K 307 -43.51 0.14 96.03
C ASN K 307 -44.20 -0.40 94.78
N SER K 308 -43.61 -0.11 93.62
CA SER K 308 -44.17 -0.59 92.36
C SER K 308 -43.68 -2.00 92.04
N ILE K 309 -44.61 -2.88 91.73
CA ILE K 309 -44.27 -4.26 91.38
C ILE K 309 -44.76 -4.58 89.97
N CYS K 310 -45.15 -3.53 89.24
CA CYS K 310 -45.84 -3.72 87.97
C CYS K 310 -44.97 -4.48 86.97
N PHE K 311 -43.65 -4.45 87.19
CA PHE K 311 -42.75 -5.11 86.27
C PHE K 311 -42.52 -6.57 86.64
N ASP K 312 -42.53 -6.85 87.93
CA ASP K 312 -42.53 -8.24 88.35
C ASP K 312 -43.80 -8.86 87.81
N GLU K 313 -44.90 -8.15 88.03
CA GLU K 313 -46.19 -8.58 87.53
C GLU K 313 -46.14 -8.90 86.05
N ALA K 314 -45.43 -8.06 85.30
CA ALA K 314 -45.27 -8.23 83.86
C ALA K 314 -44.54 -9.52 83.55
N GLU K 315 -43.39 -9.74 84.19
CA GLU K 315 -42.66 -10.99 84.03
C GLU K 315 -43.59 -12.16 84.33
N ASN K 316 -44.41 -12.00 85.36
CA ASN K 316 -45.31 -13.06 85.78
C ASN K 316 -46.38 -13.39 84.74
N ARG K 317 -46.54 -12.53 83.74
CA ARG K 317 -47.48 -12.84 82.68
C ARG K 317 -47.04 -14.12 82.03
N LEU K 318 -45.73 -14.24 81.92
CA LEU K 318 -45.08 -15.42 81.38
C LEU K 318 -45.07 -16.52 82.44
N THR K 319 -44.58 -16.20 83.63
CA THR K 319 -44.56 -17.15 84.74
C THR K 319 -45.80 -18.04 84.79
N SER K 320 -46.94 -17.42 84.53
CA SER K 320 -48.25 -18.05 84.63
C SER K 320 -48.68 -18.79 83.37
N ILE K 321 -48.38 -18.24 82.20
CA ILE K 321 -48.73 -18.97 80.98
C ILE K 321 -47.80 -20.19 80.84
N ARG K 322 -46.59 -20.04 81.35
CA ARG K 322 -45.63 -21.13 81.43
C ARG K 322 -46.35 -22.31 82.13
N GLY K 323 -46.89 -22.08 83.30
CA GLY K 323 -47.50 -23.16 84.07
C GLY K 323 -48.85 -23.59 83.52
N LEU K 324 -49.55 -22.64 82.95
CA LEU K 324 -50.90 -22.88 82.50
C LEU K 324 -50.85 -23.88 81.35
N LEU K 325 -49.87 -23.69 80.48
CA LEU K 325 -49.66 -24.59 79.34
C LEU K 325 -49.37 -26.01 79.81
N VAL K 326 -48.44 -26.12 80.75
CA VAL K 326 -48.08 -27.40 81.34
C VAL K 326 -49.33 -28.10 81.88
N TYR K 327 -50.07 -27.43 82.78
CA TYR K 327 -51.30 -28.02 83.29
C TYR K 327 -52.21 -28.59 82.20
N LEU K 328 -52.62 -27.75 81.26
CA LEU K 328 -53.60 -28.14 80.27
C LEU K 328 -53.16 -29.36 79.48
N MET K 329 -51.86 -29.39 79.16
CA MET K 329 -51.27 -30.46 78.37
C MET K 329 -51.15 -31.77 79.16
N ASN K 330 -50.58 -31.68 80.37
CA ASN K 330 -50.52 -32.82 81.26
C ASN K 330 -51.90 -33.42 81.46
N ASP K 331 -52.87 -32.54 81.71
CA ASP K 331 -54.25 -32.95 81.87
C ASP K 331 -54.76 -33.59 80.59
N TYR K 332 -54.39 -33.03 79.45
CA TYR K 332 -54.81 -33.61 78.21
C TYR K 332 -54.22 -35.00 78.01
N GLU K 333 -53.02 -35.24 78.53
CA GLU K 333 -52.36 -36.53 78.30
C GLU K 333 -52.95 -37.66 79.13
N ALA K 334 -53.12 -37.42 80.43
CA ALA K 334 -54.08 -38.22 81.17
C ALA K 334 -55.30 -37.99 80.33
N LYS K 335 -56.21 -38.95 80.28
CA LYS K 335 -57.43 -38.76 79.49
C LYS K 335 -57.18 -39.21 78.07
N ASN K 336 -55.95 -39.01 77.60
CA ASN K 336 -55.58 -39.32 76.22
C ASN K 336 -54.18 -39.91 76.13
N PRO K 337 -53.91 -40.95 76.93
CA PRO K 337 -52.58 -41.46 77.21
C PRO K 337 -52.12 -42.39 76.10
N TYR K 338 -50.82 -42.42 75.86
CA TYR K 338 -50.29 -43.18 74.73
C TYR K 338 -50.14 -44.66 75.07
N ASP K 339 -50.46 -45.52 74.12
CA ASP K 339 -50.20 -46.96 74.29
C ASP K 339 -48.70 -47.23 74.17
N LEU K 340 -48.03 -47.44 75.29
CA LEU K 340 -46.58 -47.55 75.27
C LEU K 340 -46.09 -48.66 74.36
N ILE K 341 -46.92 -49.68 74.22
CA ILE K 341 -46.66 -50.80 73.31
C ILE K 341 -46.78 -50.35 71.85
N LYS K 342 -47.97 -49.89 71.47
CA LYS K 342 -48.22 -49.36 70.13
C LYS K 342 -47.09 -48.40 69.78
N GLN K 343 -46.70 -47.62 70.77
CA GLN K 343 -45.66 -46.62 70.62
C GLN K 343 -44.33 -47.28 70.29
N ALA K 344 -43.95 -48.22 71.12
CA ALA K 344 -42.72 -48.95 70.90
C ALA K 344 -42.65 -49.60 69.50
N GLU K 345 -43.75 -50.20 69.04
CA GLU K 345 -43.77 -50.88 67.76
C GLU K 345 -43.65 -49.85 66.65
N ALA K 346 -44.46 -48.80 66.77
CA ALA K 346 -44.50 -47.73 65.77
C ALA K 346 -43.09 -47.23 65.55
N LYS K 347 -42.34 -47.17 66.64
CA LYS K 347 -40.96 -46.68 66.58
C LYS K 347 -40.06 -47.69 65.88
N LYS K 348 -40.11 -48.95 66.27
CA LYS K 348 -39.32 -49.96 65.58
C LYS K 348 -39.69 -50.01 64.11
N GLU K 349 -41.00 -50.09 63.82
CA GLU K 349 -41.45 -50.13 62.44
C GLU K 349 -40.75 -49.01 61.64
N LEU K 350 -40.71 -47.82 62.24
CA LEU K 350 -40.16 -46.67 61.55
C LEU K 350 -38.68 -46.86 61.32
N GLU K 351 -37.99 -47.30 62.37
CA GLU K 351 -36.55 -47.54 62.32
C GLU K 351 -36.17 -48.49 61.20
N VAL K 352 -36.86 -49.63 61.16
CA VAL K 352 -36.63 -50.62 60.13
C VAL K 352 -36.87 -50.03 58.74
N PHE K 353 -38.02 -49.38 58.55
CA PHE K 353 -38.32 -48.77 57.27
C PHE K 353 -37.16 -47.88 56.84
N LEU K 354 -36.73 -46.99 57.73
CA LEU K 354 -35.66 -46.05 57.43
C LEU K 354 -34.32 -46.74 57.17
N ASP K 355 -34.07 -47.82 57.91
CA ASP K 355 -32.82 -48.59 57.80
C ASP K 355 -32.72 -49.46 56.53
N THR K 356 -33.85 -49.72 55.90
CA THR K 356 -33.91 -50.72 54.84
C THR K 356 -34.52 -50.29 53.50
N GLN K 357 -35.34 -49.25 53.51
CA GLN K 357 -36.03 -48.82 52.31
C GLN K 357 -35.46 -47.53 51.77
N SER K 358 -35.49 -47.36 50.44
CA SER K 358 -35.09 -46.08 49.83
C SER K 358 -35.67 -45.91 48.43
N ILE K 359 -35.46 -44.72 47.86
CA ILE K 359 -35.79 -44.48 46.45
C ILE K 359 -34.72 -43.66 45.72
N SER L 19 -29.33 -31.43 38.50
CA SER L 19 -28.30 -32.44 38.70
C SER L 19 -28.75 -33.48 39.74
N HIS L 20 -27.84 -34.39 40.10
CA HIS L 20 -28.17 -35.38 41.10
C HIS L 20 -27.44 -35.16 42.42
N MET L 21 -27.31 -33.90 42.84
CA MET L 21 -26.89 -33.69 44.22
C MET L 21 -27.94 -32.91 45.01
N LYS L 22 -29.16 -33.43 44.96
CA LYS L 22 -30.33 -32.88 45.64
C LYS L 22 -31.56 -33.28 44.82
N ARG L 23 -32.74 -33.17 45.42
CA ARG L 23 -33.96 -33.44 44.67
C ARG L 23 -35.09 -32.55 45.14
N ASP L 24 -35.93 -32.11 44.20
CA ASP L 24 -37.02 -31.20 44.54
C ASP L 24 -38.33 -31.96 44.53
N TYR L 25 -39.40 -31.27 44.90
CA TYR L 25 -40.76 -31.82 44.81
C TYR L 25 -41.68 -30.76 44.20
N VAL L 26 -41.68 -30.65 42.86
CA VAL L 26 -42.47 -29.64 42.17
C VAL L 26 -43.73 -30.21 41.55
N THR L 27 -43.60 -31.35 40.90
CA THR L 27 -44.78 -32.13 40.58
C THR L 27 -44.49 -33.62 40.62
N THR L 28 -45.54 -34.42 40.81
CA THR L 28 -45.40 -35.86 40.90
C THR L 28 -45.12 -36.50 39.55
N GLU L 29 -44.94 -35.66 38.54
CA GLU L 29 -44.67 -36.17 37.21
C GLU L 29 -43.26 -36.69 37.18
N THR L 30 -42.44 -36.22 38.12
CA THR L 30 -41.03 -36.63 38.21
C THR L 30 -40.84 -37.85 39.11
N TYR L 31 -41.92 -38.30 39.75
CA TYR L 31 -41.85 -39.48 40.64
C TYR L 31 -42.55 -40.70 40.05
N THR L 32 -41.93 -41.87 40.25
CA THR L 32 -42.50 -43.14 39.79
C THR L 32 -43.55 -43.64 40.79
N LYS L 33 -44.41 -44.55 40.35
CA LYS L 33 -45.38 -45.15 41.24
C LYS L 33 -44.71 -45.69 42.50
N GLU L 34 -43.57 -46.37 42.32
CA GLU L 34 -42.87 -46.98 43.43
C GLU L 34 -42.36 -45.91 44.38
N GLU L 35 -41.80 -44.84 43.84
CA GLU L 35 -41.31 -43.77 44.68
C GLU L 35 -42.45 -43.20 45.53
N MET L 36 -43.62 -43.05 44.92
CA MET L 36 -44.75 -42.47 45.64
C MET L 36 -45.11 -43.43 46.74
N HIS L 37 -45.10 -44.72 46.41
CA HIS L 37 -45.41 -45.73 47.41
C HIS L 37 -44.47 -45.55 48.60
N TYR L 38 -43.16 -45.46 48.34
CA TYR L 38 -42.16 -45.22 49.38
C TYR L 38 -42.61 -44.09 50.27
N LEU L 39 -42.91 -42.96 49.64
CA LEU L 39 -43.35 -41.76 50.35
C LEU L 39 -44.57 -42.03 51.26
N VAL L 40 -45.61 -42.67 50.72
CA VAL L 40 -46.76 -43.00 51.54
C VAL L 40 -46.39 -43.83 52.78
N ASP L 41 -45.60 -44.88 52.55
CA ASP L 41 -45.13 -45.72 53.65
C ASP L 41 -44.35 -44.91 54.68
N LEU L 42 -43.33 -44.18 54.23
CA LEU L 42 -42.55 -43.35 55.14
C LEU L 42 -43.44 -42.41 55.93
N SER L 43 -44.28 -41.67 55.20
CA SER L 43 -45.23 -40.74 55.80
C SER L 43 -46.09 -41.36 56.89
N LEU L 44 -46.66 -42.51 56.55
CA LEU L 44 -47.51 -43.24 57.47
C LEU L 44 -46.78 -43.88 58.68
N LYS L 45 -45.57 -44.39 58.47
CA LYS L 45 -44.80 -44.98 59.59
C LYS L 45 -44.50 -43.90 60.60
N ILE L 46 -44.17 -42.72 60.09
CA ILE L 46 -43.96 -41.54 60.92
C ILE L 46 -45.26 -41.11 61.63
N LYS L 47 -46.35 -41.10 60.89
CA LYS L 47 -47.63 -40.77 61.49
C LYS L 47 -47.89 -41.66 62.71
N GLU L 48 -47.67 -42.97 62.56
CA GLU L 48 -48.01 -43.90 63.62
C GLU L 48 -47.13 -43.71 64.86
N ALA L 49 -45.89 -43.32 64.63
CA ALA L 49 -44.99 -43.02 65.73
C ALA L 49 -45.48 -41.83 66.51
N ILE L 50 -45.76 -40.76 65.79
CA ILE L 50 -46.17 -39.52 66.44
C ILE L 50 -47.55 -39.69 67.04
N LYS L 51 -48.42 -40.42 66.35
CA LYS L 51 -49.75 -40.71 66.88
C LYS L 51 -49.64 -41.32 68.27
N ASN L 52 -48.52 -41.98 68.54
CA ASN L 52 -48.39 -42.74 69.77
C ASN L 52 -47.31 -42.22 70.71
N GLY L 53 -46.93 -40.97 70.54
CA GLY L 53 -46.07 -40.33 71.51
C GLY L 53 -44.59 -40.34 71.21
N TYR L 54 -44.20 -40.90 70.08
CA TYR L 54 -42.79 -40.90 69.75
C TYR L 54 -42.60 -39.86 68.67
N TYR L 55 -41.76 -38.86 68.97
CA TYR L 55 -41.47 -37.80 68.01
C TYR L 55 -40.09 -38.00 67.39
N PRO L 56 -40.04 -38.70 66.24
CA PRO L 56 -38.82 -38.96 65.47
C PRO L 56 -38.06 -37.69 65.14
N GLN L 57 -36.93 -37.46 65.77
CA GLN L 57 -36.17 -36.24 65.50
C GLN L 57 -35.28 -36.37 64.29
N LEU L 58 -35.90 -36.53 63.13
CA LEU L 58 -35.14 -36.78 61.91
C LEU L 58 -34.54 -35.51 61.33
N LEU L 59 -35.05 -34.36 61.77
CA LEU L 59 -34.65 -33.07 61.21
C LEU L 59 -34.05 -32.11 62.24
N LYS L 60 -33.32 -32.65 63.23
CA LYS L 60 -32.77 -31.82 64.30
C LYS L 60 -32.01 -30.62 63.75
N ASN L 61 -32.37 -29.42 64.22
CA ASN L 61 -31.61 -28.20 63.92
C ASN L 61 -31.71 -27.70 62.47
N LYS L 62 -32.47 -28.41 61.64
CA LYS L 62 -32.62 -28.05 60.24
C LYS L 62 -33.63 -26.91 60.08
N SER L 63 -33.30 -25.96 59.22
CA SER L 63 -34.15 -24.78 58.99
C SER L 63 -34.86 -24.86 57.63
N LEU L 64 -36.19 -24.74 57.67
CA LEU L 64 -36.98 -24.71 56.46
C LEU L 64 -37.47 -23.29 56.21
N GLY L 65 -37.23 -22.79 55.01
CA GLY L 65 -37.76 -21.49 54.64
C GLY L 65 -39.06 -21.60 53.87
N MET L 66 -40.10 -20.95 54.38
CA MET L 66 -41.41 -20.97 53.75
C MET L 66 -41.70 -19.65 53.09
N ILE L 67 -41.95 -19.71 51.79
CA ILE L 67 -42.25 -18.52 51.00
C ILE L 67 -43.70 -18.54 50.57
N PHE L 68 -44.49 -17.61 51.09
CA PHE L 68 -45.87 -17.52 50.64
C PHE L 68 -46.06 -16.25 49.82
N GLN L 69 -46.77 -16.34 48.70
CA GLN L 69 -47.13 -15.17 47.92
C GLN L 69 -48.61 -14.94 48.06
N GLN L 70 -49.28 -15.95 48.58
CA GLN L 70 -50.69 -15.88 48.93
C GLN L 70 -50.82 -16.62 50.26
N SER L 71 -51.12 -15.88 51.32
CA SER L 71 -51.22 -16.49 52.65
C SER L 71 -52.05 -17.77 52.66
N SER L 72 -51.60 -18.77 53.40
CA SER L 72 -52.35 -20.01 53.52
C SER L 72 -52.10 -20.67 54.86
N THR L 73 -52.93 -20.32 55.83
CA THR L 73 -52.83 -20.88 57.18
C THR L 73 -52.70 -22.42 57.25
N ARG L 74 -53.67 -23.15 56.69
CA ARG L 74 -53.60 -24.62 56.66
C ARG L 74 -52.22 -25.07 56.19
N THR L 75 -51.75 -24.51 55.07
CA THR L 75 -50.44 -24.86 54.54
C THR L 75 -49.29 -24.41 55.45
N ARG L 76 -49.39 -23.20 55.96
CA ARG L 76 -48.36 -22.69 56.86
C ARG L 76 -48.19 -23.47 58.16
N VAL L 77 -49.28 -23.62 58.92
CA VAL L 77 -49.14 -24.30 60.20
C VAL L 77 -48.78 -25.78 59.99
N SER L 78 -49.23 -26.35 58.88
CA SER L 78 -48.84 -27.71 58.57
C SER L 78 -47.32 -27.85 58.56
N PHE L 79 -46.65 -26.98 57.79
CA PHE L 79 -45.18 -27.04 57.69
C PHE L 79 -44.53 -26.67 59.01
N GLU L 80 -44.93 -25.52 59.54
CA GLU L 80 -44.37 -25.00 60.77
C GLU L 80 -44.37 -26.08 61.84
N THR L 81 -45.48 -26.81 61.94
CA THR L 81 -45.65 -27.92 62.87
C THR L 81 -44.82 -29.14 62.51
N ALA L 82 -44.93 -29.61 61.27
CA ALA L 82 -44.14 -30.75 60.80
C ALA L 82 -42.70 -30.59 61.24
N MET L 83 -42.14 -29.42 61.00
CA MET L 83 -40.77 -29.14 61.41
C MET L 83 -40.55 -29.28 62.92
N GLU L 84 -41.36 -28.62 63.74
CA GLU L 84 -41.20 -28.74 65.18
C GLU L 84 -41.16 -30.20 65.66
N GLN L 85 -42.08 -31.02 65.17
CA GLN L 85 -42.19 -32.40 65.61
C GLN L 85 -40.90 -33.18 65.32
N LEU L 86 -40.29 -32.85 64.20
CA LEU L 86 -39.11 -33.56 63.76
C LEU L 86 -37.82 -32.91 64.27
N GLY L 87 -37.92 -31.95 65.17
CA GLY L 87 -36.73 -31.33 65.74
C GLY L 87 -36.18 -30.12 64.99
N GLY L 88 -36.99 -29.56 64.11
CA GLY L 88 -36.55 -28.44 63.31
C GLY L 88 -37.35 -27.17 63.50
N HIS L 89 -37.25 -26.27 62.53
CA HIS L 89 -37.94 -25.00 62.60
C HIS L 89 -38.43 -24.57 61.23
N GLY L 90 -39.60 -23.96 61.20
CA GLY L 90 -40.12 -23.38 59.97
C GLY L 90 -40.12 -21.86 59.99
N GLU L 91 -39.41 -21.27 59.04
CA GLU L 91 -39.32 -19.83 58.94
C GLU L 91 -40.31 -19.22 57.93
N TYR L 92 -41.13 -18.28 58.41
CA TYR L 92 -42.19 -17.71 57.58
C TYR L 92 -41.78 -16.43 56.92
N LEU L 93 -41.63 -16.44 55.60
CA LEU L 93 -41.43 -15.21 54.84
C LEU L 93 -42.76 -14.78 54.24
N ALA L 94 -43.51 -13.98 55.00
CA ALA L 94 -44.84 -13.53 54.61
C ALA L 94 -44.88 -13.01 53.16
N PRO L 95 -46.08 -13.02 52.54
CA PRO L 95 -46.28 -12.59 51.15
C PRO L 95 -45.43 -11.40 50.70
N GLY L 96 -45.42 -10.33 51.50
CA GLY L 96 -44.61 -9.17 51.21
C GLY L 96 -43.18 -9.29 51.73
N GLN L 97 -43.01 -9.96 52.85
CA GLN L 97 -41.70 -10.12 53.45
C GLN L 97 -40.72 -10.49 52.35
N ILE L 98 -41.10 -11.49 51.56
CA ILE L 98 -40.21 -11.96 50.51
C ILE L 98 -39.92 -10.92 49.45
N GLN L 99 -38.65 -11.04 49.02
CA GLN L 99 -37.91 -10.14 48.15
C GLN L 99 -38.34 -10.42 46.72
N LEU L 100 -38.75 -11.66 46.45
CA LEU L 100 -39.32 -12.04 45.16
C LEU L 100 -40.50 -11.10 44.88
N GLY L 101 -40.48 -9.96 45.59
CA GLY L 101 -41.33 -8.80 45.34
C GLY L 101 -40.47 -7.55 45.37
N GLY L 102 -40.01 -7.14 44.19
CA GLY L 102 -39.06 -6.05 44.04
C GLY L 102 -38.35 -6.14 42.69
N HIS L 103 -37.03 -6.34 42.70
CA HIS L 103 -36.31 -6.61 41.44
C HIS L 103 -34.97 -7.37 41.54
N GLU L 104 -34.76 -8.11 42.62
CA GLU L 104 -33.62 -9.04 42.75
C GLU L 104 -33.98 -10.33 42.03
N THR L 105 -33.20 -10.71 41.00
CA THR L 105 -33.54 -11.88 40.17
C THR L 105 -33.65 -13.17 40.95
N ILE L 106 -34.54 -14.06 40.53
CA ILE L 106 -34.70 -15.34 41.19
C ILE L 106 -33.34 -16.01 41.32
N GLU L 107 -32.48 -15.83 40.32
CA GLU L 107 -31.13 -16.39 40.36
C GLU L 107 -30.39 -15.99 41.63
N ASP L 108 -30.44 -14.70 41.97
CA ASP L 108 -29.86 -14.18 43.20
C ASP L 108 -30.61 -14.71 44.43
N THR L 109 -31.91 -14.44 44.52
CA THR L 109 -32.69 -14.90 45.66
C THR L 109 -32.45 -16.38 45.94
N SER L 110 -32.44 -17.19 44.89
CA SER L 110 -32.21 -18.63 45.01
C SER L 110 -30.83 -18.92 45.58
N ARG L 111 -29.83 -18.24 45.06
CA ARG L 111 -28.46 -18.51 45.47
C ARG L 111 -28.21 -18.19 46.95
N VAL L 112 -28.78 -17.09 47.43
CA VAL L 112 -28.51 -16.70 48.80
C VAL L 112 -29.40 -17.40 49.83
N LEU L 113 -30.63 -17.70 49.42
CA LEU L 113 -31.51 -18.52 50.25
C LEU L 113 -30.87 -19.89 50.51
N SER L 114 -30.08 -20.37 49.56
CA SER L 114 -29.45 -21.68 49.69
C SER L 114 -28.38 -21.68 50.77
N ARG L 115 -27.87 -20.50 51.11
CA ARG L 115 -26.84 -20.37 52.15
C ARG L 115 -27.43 -20.10 53.52
N LEU L 116 -28.76 -19.95 53.61
CA LEU L 116 -29.40 -19.53 54.87
C LEU L 116 -30.44 -20.48 55.42
N VAL L 117 -30.92 -21.40 54.60
CA VAL L 117 -31.78 -22.47 55.10
C VAL L 117 -31.39 -23.81 54.49
N ASP L 118 -31.95 -24.88 55.03
CA ASP L 118 -31.57 -26.22 54.65
C ASP L 118 -32.48 -26.75 53.55
N ILE L 119 -33.69 -26.22 53.49
CA ILE L 119 -34.71 -26.66 52.54
C ILE L 119 -35.79 -25.58 52.32
N LEU L 120 -36.46 -25.63 51.18
CA LEU L 120 -37.34 -24.53 50.76
C LEU L 120 -38.71 -24.99 50.29
N MET L 121 -39.72 -24.27 50.73
CA MET L 121 -41.08 -24.48 50.28
C MET L 121 -41.66 -23.14 49.78
N ALA L 122 -42.52 -23.18 48.78
CA ALA L 122 -43.05 -21.94 48.22
C ALA L 122 -44.45 -22.12 47.70
N ARG L 123 -45.38 -21.33 48.22
CA ARG L 123 -46.74 -21.19 47.69
C ARG L 123 -46.74 -20.02 46.72
N VAL L 124 -46.51 -20.31 45.45
CA VAL L 124 -46.27 -19.26 44.49
C VAL L 124 -47.52 -19.02 43.66
N GLU L 125 -47.63 -17.84 43.07
CA GLU L 125 -48.80 -17.49 42.27
C GLU L 125 -48.72 -18.14 40.91
N ARG L 126 -47.62 -17.87 40.22
CA ARG L 126 -47.38 -18.44 38.91
C ARG L 126 -46.42 -19.62 39.03
N HIS L 127 -46.86 -20.79 38.59
CA HIS L 127 -46.02 -21.99 38.64
C HIS L 127 -44.61 -21.75 38.10
N HIS L 128 -44.50 -21.08 36.95
CA HIS L 128 -43.19 -20.89 36.34
C HIS L 128 -42.14 -20.53 37.40
N SER L 129 -42.48 -19.69 38.37
CA SER L 129 -41.46 -19.18 39.30
C SER L 129 -41.12 -20.17 40.40
N ILE L 130 -42.02 -21.10 40.68
CA ILE L 130 -41.70 -22.14 41.64
C ILE L 130 -40.63 -23.06 41.06
N VAL L 131 -40.66 -23.30 39.76
CA VAL L 131 -39.66 -24.14 39.15
C VAL L 131 -38.35 -23.40 38.92
N ASP L 132 -38.44 -22.14 38.53
CA ASP L 132 -37.27 -21.30 38.45
C ASP L 132 -36.49 -21.36 39.76
N LEU L 133 -37.24 -21.32 40.86
CA LEU L 133 -36.65 -21.42 42.19
C LEU L 133 -36.00 -22.80 42.43
N ALA L 134 -36.73 -23.86 42.11
CA ALA L 134 -36.22 -25.22 42.20
C ALA L 134 -34.96 -25.41 41.38
N ASN L 135 -34.90 -24.75 40.23
CA ASN L 135 -33.77 -24.91 39.34
C ASN L 135 -32.53 -24.17 39.82
N CYS L 136 -32.73 -23.02 40.47
CA CYS L 136 -31.62 -22.14 40.80
C CYS L 136 -31.12 -22.33 42.23
N ALA L 137 -31.89 -23.05 43.02
CA ALA L 137 -31.48 -23.32 44.40
C ALA L 137 -30.67 -24.60 44.46
N THR L 138 -29.74 -24.65 45.40
CA THR L 138 -28.89 -25.82 45.56
C THR L 138 -29.48 -26.74 46.62
N ILE L 139 -30.50 -26.25 47.33
CA ILE L 139 -31.18 -27.03 48.34
C ILE L 139 -32.54 -27.48 47.81
N PRO L 140 -33.11 -28.54 48.39
CA PRO L 140 -34.38 -29.08 47.91
C PRO L 140 -35.47 -28.02 47.96
N VAL L 141 -36.34 -28.01 46.95
CA VAL L 141 -37.47 -27.11 46.93
C VAL L 141 -38.79 -27.89 46.88
N ILE L 142 -39.77 -27.42 47.64
CA ILE L 142 -41.11 -28.02 47.67
C ILE L 142 -42.18 -27.04 47.18
N ASN L 143 -43.10 -27.55 46.37
CA ASN L 143 -44.14 -26.71 45.78
C ASN L 143 -45.38 -26.70 46.66
N GLY L 144 -45.50 -25.62 47.45
CA GLY L 144 -46.61 -25.42 48.35
C GLY L 144 -47.95 -25.42 47.64
N MET L 145 -47.93 -24.93 46.40
CA MET L 145 -49.06 -24.96 45.47
C MET L 145 -48.90 -23.80 44.53
N SER L 146 -49.06 -24.07 43.25
CA SER L 146 -49.00 -23.05 42.24
C SER L 146 -50.35 -22.91 41.54
N ASP L 147 -50.36 -22.18 40.43
CA ASP L 147 -51.56 -22.04 39.63
C ASP L 147 -51.79 -23.32 38.82
N TYR L 148 -50.81 -24.23 38.89
CA TYR L 148 -50.76 -25.39 38.00
C TYR L 148 -51.15 -26.68 38.68
N ASN L 149 -50.52 -26.96 39.81
CA ASN L 149 -50.79 -28.17 40.57
C ASN L 149 -50.60 -27.96 42.05
N HIS L 150 -50.92 -29.00 42.81
CA HIS L 150 -50.81 -28.97 44.25
C HIS L 150 -50.27 -30.31 44.72
N PRO L 151 -48.95 -30.49 44.65
CA PRO L 151 -48.36 -31.84 44.73
C PRO L 151 -48.27 -32.35 46.16
N THR L 152 -48.13 -31.42 47.09
CA THR L 152 -48.11 -31.74 48.50
C THR L 152 -49.50 -32.18 48.94
N GLN L 153 -50.51 -31.89 48.14
CA GLN L 153 -51.87 -32.36 48.42
C GLN L 153 -52.09 -33.70 47.74
N GLU L 154 -51.53 -33.89 46.55
CA GLU L 154 -51.66 -35.17 45.86
C GLU L 154 -51.24 -36.25 46.85
N LEU L 155 -50.16 -36.02 47.59
CA LEU L 155 -49.63 -37.04 48.49
C LEU L 155 -50.46 -37.18 49.77
N GLY L 156 -50.92 -36.06 50.32
CA GLY L 156 -51.77 -36.10 51.50
C GLY L 156 -53.02 -36.91 51.22
N ASP L 157 -53.54 -36.77 50.01
CA ASP L 157 -54.77 -37.47 49.63
C ASP L 157 -54.51 -38.93 49.30
N LEU L 158 -53.35 -39.23 48.74
CA LEU L 158 -52.99 -40.62 48.51
C LEU L 158 -52.99 -41.35 49.85
N CYS L 159 -52.30 -40.79 50.84
CA CYS L 159 -52.25 -41.41 52.16
C CYS L 159 -53.64 -41.65 52.67
N THR L 160 -54.51 -40.67 52.46
CA THR L 160 -55.88 -40.74 52.98
C THR L 160 -56.67 -41.90 52.36
N MET L 161 -56.52 -42.08 51.05
CA MET L 161 -57.24 -43.14 50.35
C MET L 161 -56.73 -44.52 50.76
N VAL L 162 -55.41 -44.64 50.90
CA VAL L 162 -54.80 -45.84 51.41
C VAL L 162 -55.45 -46.27 52.74
N GLU L 163 -55.49 -45.34 53.68
CA GLU L 163 -56.08 -45.59 54.99
C GLU L 163 -57.56 -45.93 54.93
N HIS L 164 -58.17 -45.82 53.75
CA HIS L 164 -59.62 -46.01 53.64
C HIS L 164 -60.08 -46.82 52.42
N LEU L 165 -59.61 -48.05 52.24
CA LEU L 165 -59.93 -48.83 51.03
C LEU L 165 -61.28 -49.57 50.98
N PRO L 166 -61.94 -49.72 52.15
CA PRO L 166 -62.91 -50.77 52.42
C PRO L 166 -62.88 -51.98 51.49
N GLU L 167 -62.67 -53.14 52.12
CA GLU L 167 -62.99 -54.45 51.56
C GLU L 167 -62.28 -54.89 50.28
N GLY L 168 -61.13 -55.53 50.43
CA GLY L 168 -60.50 -56.25 49.35
C GLY L 168 -60.49 -55.57 48.01
N LYS L 169 -60.72 -54.26 48.00
CA LYS L 169 -60.34 -53.46 46.85
C LYS L 169 -58.92 -53.05 47.17
N LYS L 170 -58.03 -53.08 46.16
CA LYS L 170 -56.59 -52.93 46.40
C LYS L 170 -56.00 -51.58 46.00
N LEU L 171 -56.86 -50.64 45.65
CA LEU L 171 -56.48 -49.28 45.25
C LEU L 171 -56.39 -49.20 43.74
N GLU L 172 -55.49 -49.99 43.15
CA GLU L 172 -55.35 -50.04 41.71
C GLU L 172 -56.70 -50.21 40.98
N ASP L 173 -57.71 -50.64 41.73
CA ASP L 173 -59.04 -50.87 41.17
C ASP L 173 -60.15 -50.10 41.90
N CYS L 174 -59.76 -49.03 42.60
CA CYS L 174 -60.73 -48.10 43.14
C CYS L 174 -61.07 -47.02 42.10
N LYS L 175 -62.26 -46.45 42.22
CA LYS L 175 -62.72 -45.37 41.32
C LYS L 175 -62.80 -44.04 42.06
N VAL L 176 -62.03 -43.07 41.57
CA VAL L 176 -61.98 -41.77 42.19
C VAL L 176 -62.65 -40.80 41.25
N VAL L 177 -63.65 -40.10 41.75
CA VAL L 177 -64.39 -39.15 40.92
C VAL L 177 -64.32 -37.71 41.45
N PHE L 178 -63.93 -36.80 40.59
CA PHE L 178 -63.87 -35.39 40.97
C PHE L 178 -65.02 -34.59 40.34
N VAL L 179 -65.81 -33.90 41.18
CA VAL L 179 -66.95 -33.11 40.68
C VAL L 179 -66.69 -31.61 40.76
N GLY L 180 -66.96 -30.92 39.65
CA GLY L 180 -66.86 -29.48 39.62
C GLY L 180 -65.83 -28.91 38.67
N ASP L 181 -65.23 -27.80 39.11
CA ASP L 181 -64.32 -27.01 38.29
C ASP L 181 -62.96 -27.71 38.13
N ALA L 182 -62.32 -27.49 36.99
CA ALA L 182 -60.99 -28.04 36.76
C ALA L 182 -59.88 -27.22 37.44
N THR L 183 -59.89 -27.23 38.78
CA THR L 183 -58.90 -26.50 39.58
C THR L 183 -57.59 -27.29 39.61
N GLN L 184 -56.52 -26.69 40.11
CA GLN L 184 -55.24 -27.39 40.16
C GLN L 184 -55.35 -28.60 41.07
N VAL L 185 -56.18 -28.46 42.10
CA VAL L 185 -56.46 -29.56 43.00
C VAL L 185 -57.02 -30.70 42.20
N CYS L 186 -58.02 -30.40 41.38
CA CYS L 186 -58.58 -31.40 40.48
C CYS L 186 -57.49 -32.08 39.64
N PHE L 187 -56.75 -31.29 38.86
CA PHE L 187 -55.71 -31.84 38.00
C PHE L 187 -54.74 -32.70 38.77
N SER L 188 -54.30 -32.21 39.92
CA SER L 188 -53.36 -32.95 40.74
C SER L 188 -53.91 -34.32 41.12
N LEU L 189 -55.19 -34.36 41.50
CA LEU L 189 -55.85 -35.61 41.88
C LEU L 189 -55.80 -36.63 40.75
N GLY L 190 -56.02 -36.18 39.51
CA GLY L 190 -55.96 -37.08 38.38
C GLY L 190 -54.52 -37.49 38.11
N LEU L 191 -53.63 -36.54 38.29
CA LEU L 191 -52.20 -36.77 38.09
C LEU L 191 -51.66 -37.87 39.00
N ILE L 192 -52.24 -37.99 40.20
CA ILE L 192 -51.72 -38.92 41.20
C ILE L 192 -52.44 -40.24 41.19
N THR L 193 -53.73 -40.20 40.92
CA THR L 193 -54.50 -41.44 40.84
C THR L 193 -54.10 -42.28 39.62
N THR L 194 -53.92 -41.62 38.49
CA THR L 194 -53.43 -42.30 37.30
C THR L 194 -52.01 -42.83 37.53
N LYS L 195 -51.20 -42.06 38.25
CA LYS L 195 -49.84 -42.49 38.63
C LYS L 195 -49.87 -43.86 39.28
N MET L 196 -50.89 -44.08 40.11
CA MET L 196 -51.01 -45.28 40.96
C MET L 196 -51.84 -46.39 40.29
N GLY L 197 -52.23 -46.16 39.03
CA GLY L 197 -52.94 -47.17 38.27
C GLY L 197 -54.40 -47.32 38.65
N MET L 198 -54.98 -46.25 39.18
CA MET L 198 -56.38 -46.24 39.57
C MET L 198 -57.29 -45.76 38.44
N ASN L 199 -58.58 -45.74 38.72
CA ASN L 199 -59.56 -45.29 37.76
C ASN L 199 -60.06 -43.89 38.12
N PHE L 200 -59.61 -42.91 37.34
CA PHE L 200 -59.95 -41.52 37.60
C PHE L 200 -61.05 -41.04 36.67
N VAL L 201 -61.79 -40.02 37.11
CA VAL L 201 -62.78 -39.38 36.26
C VAL L 201 -63.05 -38.00 36.81
N HIS L 202 -62.94 -37.01 35.93
CA HIS L 202 -63.39 -35.68 36.23
C HIS L 202 -64.68 -35.50 35.48
N PHE L 203 -65.78 -35.31 36.18
CA PHE L 203 -66.99 -34.87 35.50
C PHE L 203 -67.26 -33.43 35.87
N GLY L 204 -67.76 -32.69 34.90
CA GLY L 204 -67.89 -31.26 35.06
C GLY L 204 -68.40 -30.68 33.75
N PRO L 205 -68.89 -29.44 33.83
CA PRO L 205 -69.58 -28.69 32.79
C PRO L 205 -68.73 -28.57 31.56
N GLU L 206 -69.36 -28.58 30.38
CA GLU L 206 -68.65 -28.50 29.12
C GLU L 206 -67.54 -27.43 29.16
N GLY L 207 -67.81 -26.35 29.89
CA GLY L 207 -66.88 -25.24 29.95
C GLY L 207 -65.72 -25.41 30.90
N PHE L 208 -65.85 -26.30 31.87
CA PHE L 208 -64.88 -26.36 32.95
C PHE L 208 -64.25 -27.72 33.16
N GLN L 209 -64.01 -28.43 32.06
CA GLN L 209 -63.37 -29.74 32.11
C GLN L 209 -61.86 -29.57 31.98
N LEU L 210 -61.11 -30.59 32.43
CA LEU L 210 -59.67 -30.59 32.23
C LEU L 210 -59.41 -30.54 30.74
N ASN L 211 -58.47 -29.70 30.30
CA ASN L 211 -58.21 -29.56 28.87
C ASN L 211 -57.38 -30.70 28.25
N GLU L 212 -57.38 -30.76 26.92
CA GLU L 212 -56.68 -31.81 26.20
C GLU L 212 -55.19 -31.83 26.53
N GLU L 213 -54.60 -30.65 26.75
CA GLU L 213 -53.19 -30.57 27.12
C GLU L 213 -52.98 -31.22 28.48
N HIS L 214 -54.01 -31.15 29.32
CA HIS L 214 -53.94 -31.76 30.64
C HIS L 214 -54.23 -33.25 30.58
N GLN L 215 -55.26 -33.63 29.82
CA GLN L 215 -55.61 -35.05 29.68
C GLN L 215 -54.46 -35.79 29.03
N ALA L 216 -53.75 -35.09 28.15
CA ALA L 216 -52.55 -35.62 27.50
C ALA L 216 -51.60 -36.22 28.55
N LYS L 217 -51.44 -35.48 29.63
CA LYS L 217 -50.59 -35.90 30.74
C LYS L 217 -51.20 -37.10 31.45
N LEU L 218 -52.50 -37.03 31.71
CA LEU L 218 -53.22 -38.14 32.33
C LEU L 218 -53.11 -39.41 31.51
N ALA L 219 -53.35 -39.27 30.21
CA ALA L 219 -53.23 -40.39 29.29
C ALA L 219 -51.86 -41.03 29.41
N LYS L 220 -50.81 -40.21 29.31
CA LYS L 220 -49.43 -40.68 29.42
C LYS L 220 -49.24 -41.51 30.69
N ASN L 221 -49.78 -41.03 31.81
CA ASN L 221 -49.73 -41.75 33.07
C ASN L 221 -50.27 -43.17 33.00
N CYS L 222 -51.44 -43.34 32.37
CA CYS L 222 -52.10 -44.64 32.32
C CYS L 222 -51.46 -45.60 31.33
N GLU L 223 -50.80 -45.05 30.31
CA GLU L 223 -50.08 -45.88 29.35
C GLU L 223 -48.97 -46.61 30.08
N VAL L 224 -48.85 -46.34 31.37
CA VAL L 224 -47.76 -46.91 32.16
C VAL L 224 -48.31 -47.62 33.39
N SER L 225 -49.51 -47.25 33.84
CA SER L 225 -50.03 -47.74 35.12
C SER L 225 -51.32 -48.58 35.04
N GLY L 226 -52.09 -48.39 33.96
CA GLY L 226 -53.36 -49.09 33.82
C GLY L 226 -54.50 -48.33 34.47
N GLY L 227 -54.64 -47.05 34.13
CA GLY L 227 -55.63 -46.19 34.74
C GLY L 227 -56.82 -45.88 33.85
N SER L 228 -57.28 -44.63 33.85
CA SER L 228 -58.45 -44.23 33.06
C SER L 228 -58.86 -42.78 33.35
N PHE L 229 -59.85 -42.26 32.60
CA PHE L 229 -60.42 -40.93 32.95
C PHE L 229 -61.67 -40.36 32.20
N LEU L 230 -62.42 -39.49 32.91
CA LEU L 230 -63.30 -38.43 32.36
C LEU L 230 -64.68 -38.82 31.81
N VAL L 231 -65.61 -37.84 31.91
CA VAL L 231 -66.87 -37.67 31.14
C VAL L 231 -67.47 -36.27 31.39
N THR L 232 -68.69 -36.02 30.88
CA THR L 232 -69.42 -34.77 31.13
C THR L 232 -70.79 -34.99 31.78
N ASP L 233 -71.43 -36.10 31.40
CA ASP L 233 -72.77 -36.41 31.91
C ASP L 233 -72.66 -36.97 33.33
N ASP L 234 -73.15 -36.20 34.29
CA ASP L 234 -73.06 -36.59 35.69
C ASP L 234 -73.80 -37.89 36.00
N ALA L 235 -74.66 -37.82 37.01
CA ALA L 235 -75.55 -38.92 37.37
C ALA L 235 -75.33 -40.19 36.55
N SER L 236 -74.08 -40.66 36.51
CA SER L 236 -73.76 -41.91 35.85
C SER L 236 -72.27 -42.24 35.98
N SER L 237 -71.42 -41.22 35.97
CA SER L 237 -70.00 -41.44 36.15
C SER L 237 -69.66 -41.52 37.63
N VAL L 238 -70.59 -41.05 38.48
CA VAL L 238 -70.44 -41.18 39.93
C VAL L 238 -70.71 -42.61 40.36
N GLU L 239 -71.49 -43.32 39.56
CA GLU L 239 -71.85 -44.70 39.88
C GLU L 239 -70.58 -45.53 40.09
N GLY L 240 -70.58 -46.32 41.16
CA GLY L 240 -69.48 -47.23 41.44
C GLY L 240 -68.21 -46.54 41.92
N ALA L 241 -68.32 -45.25 42.23
CA ALA L 241 -67.19 -44.50 42.76
C ALA L 241 -66.90 -44.95 44.17
N ASP L 242 -65.61 -45.06 44.50
CA ASP L 242 -65.18 -45.43 45.85
C ASP L 242 -64.87 -44.18 46.63
N PHE L 243 -64.48 -43.15 45.89
CA PHE L 243 -64.16 -41.86 46.45
C PHE L 243 -64.77 -40.74 45.61
N LEU L 244 -65.49 -39.83 46.26
CA LEU L 244 -66.08 -38.67 45.60
C LEU L 244 -65.42 -37.42 46.15
N TYR L 245 -64.85 -36.63 45.26
CA TYR L 245 -63.96 -35.55 45.66
C TYR L 245 -64.39 -34.26 44.99
N THR L 246 -64.45 -33.16 45.74
CA THR L 246 -64.78 -31.87 45.16
C THR L 246 -63.96 -30.73 45.78
N ASP L 247 -63.90 -29.61 45.06
CA ASP L 247 -63.26 -28.39 45.52
C ASP L 247 -64.31 -27.28 45.35
N VAL L 248 -63.90 -26.03 45.43
CA VAL L 248 -64.86 -24.93 45.35
C VAL L 248 -65.05 -24.41 43.92
N TRP L 249 -66.10 -23.61 43.74
CA TRP L 249 -66.50 -23.18 42.39
C TRP L 249 -65.93 -21.82 41.95
N TYR L 250 -65.45 -21.01 42.90
CA TYR L 250 -64.77 -19.77 42.57
C TYR L 250 -63.81 -20.03 41.40
N GLY L 251 -63.47 -18.99 40.67
CA GLY L 251 -62.60 -19.13 39.52
C GLY L 251 -61.13 -19.15 39.90
N LEU L 252 -60.32 -18.48 39.09
CA LEU L 252 -58.86 -18.50 39.23
C LEU L 252 -58.30 -17.24 39.91
N TYR L 253 -58.54 -17.10 41.21
CA TYR L 253 -58.08 -15.96 42.01
C TYR L 253 -57.70 -14.72 41.19
N GLU L 254 -58.56 -14.38 40.23
CA GLU L 254 -58.35 -13.25 39.35
C GLU L 254 -59.61 -13.03 38.53
N ALA L 255 -60.27 -14.14 38.18
CA ALA L 255 -61.55 -14.09 37.49
C ALA L 255 -62.64 -15.01 38.04
N GLU L 256 -63.86 -14.72 37.61
CA GLU L 256 -65.03 -15.58 37.82
C GLU L 256 -65.45 -15.59 39.28
N LEU L 257 -65.08 -14.54 39.98
CA LEU L 257 -65.58 -14.29 41.31
C LEU L 257 -67.09 -14.53 41.34
N SER L 258 -67.77 -14.06 40.29
CA SER L 258 -69.24 -13.96 40.23
C SER L 258 -69.94 -14.80 41.29
N GLU L 259 -70.83 -14.17 42.04
CA GLU L 259 -71.54 -14.87 43.11
C GLU L 259 -72.60 -15.80 42.53
N GLU L 260 -73.69 -15.21 42.02
CA GLU L 260 -74.78 -16.01 41.48
C GLU L 260 -74.45 -16.52 40.08
N GLU L 261 -73.25 -16.21 39.59
CA GLU L 261 -72.81 -16.72 38.29
C GLU L 261 -72.17 -18.10 38.43
N ARG L 262 -71.47 -18.31 39.54
CA ARG L 262 -71.02 -19.64 39.91
C ARG L 262 -72.23 -20.57 39.99
N MET L 263 -73.23 -20.14 40.75
CA MET L 263 -74.47 -20.91 40.92
C MET L 263 -75.12 -21.22 39.59
N LYS L 264 -75.07 -20.27 38.67
CA LYS L 264 -75.66 -20.46 37.34
C LYS L 264 -75.16 -21.72 36.65
N VAL L 265 -73.84 -21.87 36.61
CA VAL L 265 -73.21 -22.98 35.90
C VAL L 265 -73.25 -24.34 36.63
N PHE L 266 -73.02 -24.32 37.95
CA PHE L 266 -72.83 -25.53 38.72
C PHE L 266 -74.05 -26.04 39.51
N TYR L 267 -74.92 -25.16 39.97
CA TYR L 267 -76.01 -25.60 40.87
C TYR L 267 -77.17 -26.40 40.23
N PRO L 268 -77.11 -26.63 38.92
CA PRO L 268 -77.91 -27.81 38.60
C PRO L 268 -77.36 -29.01 39.39
N LYS L 269 -76.65 -29.87 38.68
CA LYS L 269 -76.00 -31.03 39.26
C LYS L 269 -74.79 -30.59 40.06
N TYR L 270 -73.64 -31.17 39.73
CA TYR L 270 -72.33 -30.74 40.23
C TYR L 270 -72.20 -30.44 41.74
N GLN L 271 -73.33 -30.39 42.44
CA GLN L 271 -73.32 -30.27 43.91
C GLN L 271 -73.41 -31.64 44.55
N VAL L 272 -72.54 -31.88 45.52
CA VAL L 272 -72.50 -33.17 46.19
C VAL L 272 -73.43 -33.20 47.38
N ASN L 273 -74.57 -33.84 47.18
CA ASN L 273 -75.60 -33.96 48.20
C ASN L 273 -75.79 -35.43 48.47
N GLN L 274 -76.65 -35.78 49.44
CA GLN L 274 -76.86 -37.18 49.80
C GLN L 274 -77.31 -38.00 48.59
N GLU L 275 -78.23 -37.45 47.81
CA GLU L 275 -78.69 -38.15 46.61
C GLU L 275 -77.50 -38.50 45.72
N MET L 276 -76.68 -37.49 45.44
CA MET L 276 -75.48 -37.68 44.64
C MET L 276 -74.59 -38.76 45.26
N MET L 277 -74.50 -38.74 46.59
CA MET L 277 -73.66 -39.68 47.34
C MET L 277 -74.16 -41.11 47.18
N ASP L 278 -75.46 -41.28 47.39
CA ASP L 278 -76.12 -42.56 47.27
C ASP L 278 -75.95 -43.10 45.86
N ARG L 279 -76.14 -42.22 44.89
CA ARG L 279 -76.01 -42.59 43.49
C ARG L 279 -74.64 -43.21 43.20
N ALA L 280 -73.63 -42.75 43.93
CA ALA L 280 -72.27 -43.18 43.73
C ALA L 280 -72.07 -44.60 44.26
N GLY L 281 -72.48 -44.80 45.51
CA GLY L 281 -72.26 -46.08 46.15
C GLY L 281 -72.69 -46.06 47.59
N ALA L 282 -72.95 -47.24 48.13
CA ALA L 282 -73.39 -47.35 49.50
C ALA L 282 -72.35 -46.76 50.44
N ASN L 283 -71.08 -47.15 50.26
CA ASN L 283 -70.02 -46.66 51.14
C ASN L 283 -68.93 -45.92 50.38
N CYS L 284 -69.37 -45.09 49.44
CA CYS L 284 -68.45 -44.16 48.80
C CYS L 284 -68.05 -43.08 49.82
N LYS L 285 -66.75 -42.96 50.10
CA LYS L 285 -66.27 -41.95 51.04
C LYS L 285 -66.14 -40.59 50.37
N PHE L 286 -66.42 -39.52 51.11
CA PHE L 286 -66.36 -38.17 50.55
C PHE L 286 -65.06 -37.42 50.91
N MET L 287 -64.50 -36.74 49.91
CA MET L 287 -63.27 -35.98 50.08
C MET L 287 -63.36 -34.54 49.59
N HIS L 288 -62.70 -33.64 50.31
CA HIS L 288 -62.70 -32.22 50.00
C HIS L 288 -61.40 -31.63 50.56
N CYS L 289 -60.65 -30.91 49.73
CA CYS L 289 -59.36 -30.38 50.16
C CYS L 289 -59.53 -29.21 51.10
N LEU L 290 -60.77 -28.74 51.20
CA LEU L 290 -61.09 -27.61 52.06
C LEU L 290 -60.35 -26.35 51.60
N PRO L 291 -60.92 -25.16 51.87
CA PRO L 291 -62.09 -24.94 52.74
C PRO L 291 -63.36 -25.20 51.95
N ALA L 292 -64.44 -25.54 52.64
CA ALA L 292 -65.67 -25.81 51.93
C ALA L 292 -66.74 -24.73 52.14
N THR L 293 -67.27 -24.21 51.03
CA THR L 293 -68.47 -23.40 51.10
C THR L 293 -69.70 -24.31 51.15
N ARG L 294 -70.11 -24.66 52.37
CA ARG L 294 -71.27 -25.51 52.58
C ARG L 294 -72.52 -24.94 51.91
N GLY L 295 -73.33 -25.80 51.31
CA GLY L 295 -74.51 -25.35 50.58
C GLY L 295 -74.24 -25.24 49.08
N GLU L 296 -73.00 -24.91 48.72
CA GLU L 296 -72.63 -24.81 47.31
C GLU L 296 -72.16 -26.16 46.74
N GLU L 297 -70.87 -26.44 46.80
CA GLU L 297 -70.34 -27.65 46.18
C GLU L 297 -70.65 -28.93 46.96
N VAL L 298 -71.19 -28.78 48.17
CA VAL L 298 -71.55 -29.92 48.99
C VAL L 298 -72.50 -29.50 50.10
N THR L 299 -73.53 -30.32 50.33
CA THR L 299 -74.48 -30.09 51.41
C THR L 299 -73.87 -30.53 52.74
N ASP L 300 -74.39 -29.97 53.82
CA ASP L 300 -73.87 -30.26 55.15
C ASP L 300 -74.06 -31.73 55.54
N GLU L 301 -75.20 -32.32 55.20
CA GLU L 301 -75.46 -33.73 55.54
C GLU L 301 -74.43 -34.69 54.97
N VAL L 302 -73.75 -34.26 53.90
CA VAL L 302 -72.71 -35.08 53.29
C VAL L 302 -71.37 -34.91 53.99
N ILE L 303 -70.89 -33.66 54.02
CA ILE L 303 -69.58 -33.36 54.59
C ILE L 303 -69.48 -33.70 56.08
N ASP L 304 -70.60 -33.57 56.79
CA ASP L 304 -70.62 -33.93 58.20
C ASP L 304 -71.13 -35.37 58.37
N GLY L 305 -71.29 -36.07 57.25
CA GLY L 305 -71.81 -37.43 57.24
C GLY L 305 -70.86 -38.54 57.65
N LYS L 306 -71.41 -39.73 57.84
CA LYS L 306 -70.65 -40.90 58.30
C LYS L 306 -69.60 -41.31 57.27
N ASN L 307 -69.81 -40.91 56.02
CA ASN L 307 -68.90 -41.31 54.97
C ASN L 307 -67.90 -40.24 54.58
N SER L 308 -67.85 -39.16 55.36
CA SER L 308 -66.93 -38.08 55.06
C SER L 308 -65.60 -38.34 55.70
N ILE L 309 -64.53 -38.19 54.93
CA ILE L 309 -63.19 -38.35 55.47
C ILE L 309 -62.39 -37.08 55.26
N CYS L 310 -63.08 -36.01 54.92
CA CYS L 310 -62.40 -34.80 54.51
C CYS L 310 -61.51 -34.24 55.62
N PHE L 311 -61.81 -34.59 56.86
CA PHE L 311 -61.01 -34.09 57.97
C PHE L 311 -59.79 -34.95 58.26
N ASP L 312 -59.91 -36.26 58.07
CA ASP L 312 -58.74 -37.13 58.13
C ASP L 312 -57.81 -36.64 57.04
N GLU L 313 -58.36 -36.49 55.84
CA GLU L 313 -57.62 -35.98 54.70
C GLU L 313 -56.87 -34.72 55.06
N ALA L 314 -57.54 -33.84 55.80
CA ALA L 314 -56.97 -32.59 56.28
C ALA L 314 -55.76 -32.82 57.18
N GLU L 315 -55.93 -33.63 58.22
CA GLU L 315 -54.81 -34.03 59.05
C GLU L 315 -53.66 -34.58 58.20
N ASN L 316 -54.00 -35.40 57.20
CA ASN L 316 -53.00 -35.98 56.33
C ASN L 316 -52.21 -34.98 55.49
N ARG L 317 -52.69 -33.75 55.39
CA ARG L 317 -51.94 -32.71 54.71
C ARG L 317 -50.60 -32.57 55.42
N LEU L 318 -50.66 -32.66 56.75
CA LEU L 318 -49.49 -32.68 57.60
C LEU L 318 -48.77 -34.04 57.52
N THR L 319 -49.51 -35.12 57.73
CA THR L 319 -48.99 -36.49 57.62
C THR L 319 -47.97 -36.65 56.51
N SER L 320 -48.29 -36.03 55.37
CA SER L 320 -47.52 -36.17 54.14
C SER L 320 -46.37 -35.17 54.04
N ILE L 321 -46.57 -33.95 54.50
CA ILE L 321 -45.47 -32.99 54.42
C ILE L 321 -44.43 -33.39 55.46
N ARG L 322 -44.90 -34.01 56.52
CA ARG L 322 -44.04 -34.58 57.54
C ARG L 322 -43.05 -35.49 56.82
N GLY L 323 -43.57 -36.45 56.06
CA GLY L 323 -42.71 -37.45 55.42
C GLY L 323 -41.94 -36.88 54.26
N LEU L 324 -42.54 -35.94 53.58
CA LEU L 324 -41.96 -35.41 52.36
C LEU L 324 -40.65 -34.71 52.73
N LEU L 325 -40.68 -34.01 53.86
CA LEU L 325 -39.54 -33.22 54.33
C LEU L 325 -38.39 -34.16 54.70
N VAL L 326 -38.75 -35.23 55.37
CA VAL L 326 -37.77 -36.25 55.74
C VAL L 326 -37.12 -36.84 54.49
N TYR L 327 -37.90 -37.34 53.55
CA TYR L 327 -37.34 -37.83 52.30
C TYR L 327 -36.30 -36.86 51.68
N LEU L 328 -36.75 -35.65 51.38
CA LEU L 328 -35.91 -34.70 50.65
C LEU L 328 -34.57 -34.45 51.34
N MET L 329 -34.64 -34.39 52.66
CA MET L 329 -33.49 -34.07 53.50
C MET L 329 -32.53 -35.24 53.62
N ASN L 330 -33.07 -36.42 53.89
CA ASN L 330 -32.29 -37.65 53.89
C ASN L 330 -31.59 -37.85 52.54
N ASP L 331 -32.36 -37.72 51.48
CA ASP L 331 -31.82 -37.75 50.13
C ASP L 331 -30.72 -36.72 49.95
N TYR L 332 -30.94 -35.52 50.45
CA TYR L 332 -29.94 -34.48 50.31
C TYR L 332 -28.66 -34.82 51.05
N GLU L 333 -28.77 -35.57 52.15
CA GLU L 333 -27.59 -35.86 52.97
C GLU L 333 -26.71 -36.95 52.37
N ALA L 334 -27.32 -38.05 51.94
CA ALA L 334 -26.68 -38.86 50.92
C ALA L 334 -26.46 -37.83 49.85
N LYS L 335 -25.40 -37.97 49.07
CA LYS L 335 -25.13 -37.00 48.00
C LYS L 335 -24.27 -35.86 48.52
N ASN L 336 -24.43 -35.53 49.80
CA ASN L 336 -23.79 -34.38 50.44
C ASN L 336 -23.47 -34.71 51.88
N PRO L 337 -22.76 -35.82 52.08
CA PRO L 337 -22.59 -36.45 53.38
C PRO L 337 -21.45 -35.80 54.13
N TYR L 338 -21.57 -35.70 55.45
CA TYR L 338 -20.55 -35.04 56.25
C TYR L 338 -19.28 -35.90 56.45
N ASP L 339 -18.12 -35.25 56.39
CA ASP L 339 -16.88 -35.92 56.75
C ASP L 339 -16.79 -36.10 58.27
N LEU L 340 -17.05 -37.32 58.74
CA LEU L 340 -17.18 -37.53 60.17
C LEU L 340 -15.92 -37.09 60.92
N ILE L 341 -14.81 -37.11 60.18
CA ILE L 341 -13.51 -36.75 60.72
C ILE L 341 -13.43 -35.26 60.88
N LYS L 342 -13.57 -34.57 59.75
CA LYS L 342 -13.62 -33.12 59.72
C LYS L 342 -14.58 -32.60 60.77
N GLN L 343 -15.71 -33.29 60.89
CA GLN L 343 -16.74 -32.95 61.87
C GLN L 343 -16.19 -33.09 63.28
N ALA L 344 -15.58 -34.24 63.57
CA ALA L 344 -15.04 -34.49 64.89
C ALA L 344 -14.02 -33.43 65.28
N GLU L 345 -13.13 -33.07 64.35
CA GLU L 345 -12.10 -32.06 64.63
C GLU L 345 -12.74 -30.70 64.84
N ALA L 346 -13.60 -30.33 63.92
CA ALA L 346 -14.32 -29.07 64.00
C ALA L 346 -14.91 -28.92 65.38
N LYS L 347 -15.46 -30.02 65.90
CA LYS L 347 -16.11 -29.99 67.20
C LYS L 347 -15.08 -29.77 68.30
N LYS L 348 -13.97 -30.52 68.26
CA LYS L 348 -12.93 -30.38 69.28
C LYS L 348 -12.35 -28.98 69.22
N GLU L 349 -12.05 -28.54 68.01
CA GLU L 349 -11.50 -27.21 67.82
C GLU L 349 -12.39 -26.20 68.54
N LEU L 350 -13.70 -26.32 68.33
CA LEU L 350 -14.65 -25.39 68.94
C LEU L 350 -14.61 -25.49 70.47
N GLU L 351 -14.66 -26.70 70.98
CA GLU L 351 -14.61 -26.93 72.42
C GLU L 351 -13.40 -26.25 73.04
N VAL L 352 -12.24 -26.52 72.47
CA VAL L 352 -11.01 -25.95 72.98
C VAL L 352 -11.09 -24.43 73.00
N PHE L 353 -11.49 -23.85 71.87
CA PHE L 353 -11.63 -22.40 71.76
C PHE L 353 -12.48 -21.84 72.89
N LEU L 354 -13.65 -22.43 73.06
CA LEU L 354 -14.60 -21.99 74.08
C LEU L 354 -14.05 -22.18 75.50
N ASP L 355 -13.32 -23.26 75.71
CA ASP L 355 -12.78 -23.60 77.02
C ASP L 355 -11.61 -22.72 77.42
N THR L 356 -10.99 -22.06 76.44
CA THR L 356 -9.69 -21.43 76.68
C THR L 356 -9.59 -19.95 76.32
N GLN L 357 -10.43 -19.50 75.39
CA GLN L 357 -10.35 -18.14 74.90
C GLN L 357 -11.49 -17.25 75.42
N SER L 358 -11.20 -15.97 75.62
CA SER L 358 -12.26 -15.04 76.01
C SER L 358 -11.89 -13.59 75.68
N ILE L 359 -12.85 -12.67 75.85
CA ILE L 359 -12.58 -11.24 75.78
C ILE L 359 -13.26 -10.43 76.89
S SO4 M . -20.09 -17.34 8.41
O1 SO4 M . -19.09 -17.40 9.48
O2 SO4 M . -19.37 -17.26 7.14
O3 SO4 M . -20.97 -18.52 8.39
O4 SO4 M . -20.89 -16.13 8.59
S SO4 N . -35.26 -23.05 -21.45
O1 SO4 N . -35.85 -24.14 -20.67
O2 SO4 N . -34.05 -22.62 -20.73
O3 SO4 N . -34.94 -23.52 -22.79
O4 SO4 N . -36.21 -21.95 -21.60
S SO4 O . -14.40 -12.76 -5.57
O1 SO4 O . -13.63 -13.92 -5.10
O2 SO4 O . -13.92 -12.34 -6.88
O3 SO4 O . -15.78 -13.19 -5.70
O4 SO4 O . -14.23 -11.64 -4.63
S SO4 P . -23.60 -9.48 -20.82
O1 SO4 P . -22.18 -9.30 -21.09
O2 SO4 P . -24.30 -8.35 -21.38
O3 SO4 P . -24.08 -10.71 -21.48
O4 SO4 P . -23.84 -9.52 -19.37
S SO4 Q . -25.93 -10.17 -15.67
O1 SO4 Q . -25.42 -11.28 -14.87
O2 SO4 Q . -25.02 -9.95 -16.80
O3 SO4 Q . -27.27 -10.51 -16.15
O4 SO4 Q . -25.99 -8.98 -14.82
S SO4 R . 2.64 -7.86 -3.95
O1 SO4 R . 3.43 -7.50 -2.77
O2 SO4 R . 3.48 -7.77 -5.13
O3 SO4 R . 2.18 -9.24 -3.78
O4 SO4 R . 1.47 -6.97 -4.08
S SO4 S . -0.79 -5.62 -5.92
O1 SO4 S . -1.25 -7.00 -5.79
O2 SO4 S . 0.52 -5.64 -6.55
O3 SO4 S . -1.73 -4.85 -6.74
O4 SO4 S . -0.71 -5.02 -4.58
S SO4 T . 14.32 40.46 -10.51
O1 SO4 T . 15.59 40.43 -9.78
O2 SO4 T . 13.72 41.77 -10.28
O3 SO4 T . 14.61 40.32 -11.94
O4 SO4 T . 13.37 39.40 -10.04
S SO4 U . 12.84 32.60 -41.83
O1 SO4 U . 13.43 31.27 -41.90
O2 SO4 U . 12.19 32.95 -43.09
O3 SO4 U . 11.87 32.64 -40.74
O4 SO4 U . 13.88 33.61 -41.57
S SO4 V . 1.82 28.75 -16.21
O1 SO4 V . 2.39 28.68 -14.87
O2 SO4 V . 2.88 28.46 -17.17
O3 SO4 V . 0.74 27.75 -16.31
O4 SO4 V . 1.29 30.09 -16.48
S SO4 W . 3.60 20.18 -32.26
O1 SO4 W . 3.47 18.71 -32.27
O2 SO4 W . 4.54 20.60 -33.31
O3 SO4 W . 2.30 20.78 -32.54
O4 SO4 W . 4.04 20.64 -30.93
S SO4 X . 7.56 21.70 -28.51
O1 SO4 X . 8.58 20.82 -29.06
O2 SO4 X . 7.79 23.06 -28.99
O3 SO4 X . 6.23 21.28 -28.98
O4 SO4 X . 7.65 21.69 -27.05
S SO4 Y . -10.20 22.71 -8.56
O1 SO4 Y . -9.92 21.75 -7.50
O2 SO4 Y . -8.97 23.41 -8.96
O3 SO4 Y . -10.74 22.02 -9.73
O4 SO4 Y . -11.16 23.69 -8.08
S SO4 Z . -12.96 25.87 -5.58
O1 SO4 Z . -13.48 25.11 -4.43
O2 SO4 Z . -11.96 25.10 -6.31
O3 SO4 Z . -14.09 26.17 -6.47
O4 SO4 Z . -12.35 27.11 -5.10
S SO4 AA . 51.96 5.02 -40.24
O1 SO4 AA . 50.79 4.61 -39.50
O2 SO4 AA . 52.60 3.87 -40.88
O3 SO4 AA . 51.59 5.92 -41.32
O4 SO4 AA . 52.90 5.69 -39.33
S SO4 BA . 57.62 5.92 -54.47
O1 SO4 BA . 58.95 5.53 -53.98
O2 SO4 BA . 57.67 6.01 -55.92
O3 SO4 BA . 56.64 4.90 -54.05
O4 SO4 BA . 57.25 7.22 -53.92
S SO4 CA . 61.96 6.91 -55.38
O1 SO4 CA . 62.35 5.73 -56.15
O2 SO4 CA . 63.14 7.75 -55.19
O3 SO4 CA . 60.92 7.65 -56.08
O4 SO4 CA . 61.42 6.48 -54.09
S SO4 DA . 52.48 17.29 -26.10
O1 SO4 DA . 52.41 15.82 -26.20
O2 SO4 DA . 53.78 17.79 -26.57
O3 SO4 DA . 51.41 17.87 -26.89
O4 SO4 DA . 52.33 17.65 -24.70
S SO4 EA . 52.83 17.67 -31.29
O1 SO4 EA . 53.19 16.86 -32.44
O2 SO4 EA . 53.77 18.78 -31.19
O3 SO4 EA . 51.48 18.20 -31.45
O4 SO4 EA . 52.91 16.85 -30.07
S SO4 FA . 40.64 -4.80 -37.25
O1 SO4 FA . 41.12 -6.14 -37.56
O2 SO4 FA . 41.67 -3.81 -37.52
O3 SO4 FA . 39.46 -4.51 -38.07
O4 SO4 FA . 40.26 -4.73 -35.83
S SO4 GA . 41.70 -9.58 -39.05
O1 SO4 GA . 41.58 -10.14 -37.70
O2 SO4 GA . 43.06 -9.76 -39.55
O3 SO4 GA . 40.76 -10.27 -39.94
O4 SO4 GA . 41.41 -8.15 -39.05
S SO4 HA . -29.34 -6.40 54.38
O1 SO4 HA . -28.39 -7.50 54.14
O2 SO4 HA . -29.58 -5.70 53.11
O3 SO4 HA . -30.60 -6.91 54.88
O4 SO4 HA . -28.76 -5.49 55.36
S SO4 IA . -33.52 -6.95 52.75
O1 SO4 IA . -32.62 -8.00 53.25
O2 SO4 IA . -32.96 -6.42 51.52
O3 SO4 IA . -34.84 -7.53 52.48
O4 SO4 IA . -33.65 -5.88 53.74
S SO4 JA . -50.36 -5.53 74.91
O1 SO4 JA . -50.78 -6.83 75.47
O2 SO4 JA . -49.18 -5.63 74.01
O3 SO4 JA . -51.45 -4.95 74.14
O4 SO4 JA . -50.01 -4.65 76.01
S SO4 KA . -45.50 -12.92 61.02
O1 SO4 KA . -45.31 -14.18 60.28
O2 SO4 KA . -44.37 -12.65 61.91
O3 SO4 KA . -45.62 -11.83 60.05
O4 SO4 KA . -46.71 -12.99 61.82
S SO4 LA . -54.66 -25.47 51.08
O1 SO4 LA . -54.06 -26.33 52.09
O2 SO4 LA . -53.60 -24.87 50.28
O3 SO4 LA . -55.55 -26.26 50.22
O4 SO4 LA . -55.44 -24.41 51.74
S SO4 MA . -55.84 -21.58 53.41
O1 SO4 MA . -56.87 -22.54 53.81
O2 SO4 MA . -54.55 -22.25 53.40
O3 SO4 MA . -56.13 -21.08 52.06
O4 SO4 MA . -55.82 -20.45 54.34
#